data_2MA8
#
_entry.id   2MA8
#
_entity_poly.entity_id   1
_entity_poly.type   'polypeptide(L)'
_entity_poly.pdbx_seq_one_letter_code
;AEQVSKQEISHFKLVKVGTINVSQSGGQISSPSDLREKLSELADAKGGKYYHIIAAREHGPNFEAVAEVYNDATKLEHHH
HHH
;
_entity_poly.pdbx_strand_id   A,B
#
# COMPACT_ATOMS: atom_id res chain seq x y z
N ALA A 1 10.76 2.91 0.89
CA ALA A 1 9.57 3.43 0.17
C ALA A 1 8.37 2.55 0.46
N GLU A 2 7.21 3.19 0.68
CA GLU A 2 5.99 2.46 1.02
C GLU A 2 5.01 2.51 -0.15
N GLN A 3 4.12 1.52 -0.22
CA GLN A 3 3.07 1.55 -1.22
C GLN A 3 1.82 2.21 -0.63
N VAL A 4 1.32 3.20 -1.35
CA VAL A 4 0.11 3.89 -0.94
C VAL A 4 -1.03 3.65 -1.94
N SER A 5 -2.24 3.94 -1.54
CA SER A 5 -3.40 3.79 -2.39
C SER A 5 -3.47 4.94 -3.39
N LYS A 6 -4.13 4.69 -4.52
CA LYS A 6 -4.27 5.68 -5.57
C LYS A 6 -5.02 6.91 -5.04
N GLN A 7 -5.90 6.69 -4.09
CA GLN A 7 -6.65 7.78 -3.47
C GLN A 7 -5.75 8.63 -2.59
N GLU A 8 -4.79 7.99 -1.93
CA GLU A 8 -3.84 8.71 -1.09
C GLU A 8 -2.94 9.59 -1.95
N ILE A 9 -2.46 9.02 -3.05
CA ILE A 9 -1.63 9.74 -4.01
C ILE A 9 -2.34 11.00 -4.49
N SER A 10 -3.63 10.87 -4.75
CA SER A 10 -4.43 11.95 -5.30
C SER A 10 -4.88 12.93 -4.21
N HIS A 11 -4.89 12.47 -2.96
CA HIS A 11 -5.34 13.30 -1.85
C HIS A 11 -4.18 14.13 -1.29
N PHE A 12 -3.01 13.54 -1.26
CA PHE A 12 -1.83 14.22 -0.74
C PHE A 12 -1.07 14.91 -1.87
N LYS A 13 -1.41 14.58 -3.11
CA LYS A 13 -0.75 15.14 -4.29
C LYS A 13 0.72 14.75 -4.34
N LEU A 14 1.00 13.60 -4.93
CA LEU A 14 2.35 13.13 -5.08
C LEU A 14 2.81 13.28 -6.53
N VAL A 15 4.04 13.74 -6.70
CA VAL A 15 4.59 13.95 -8.02
C VAL A 15 5.03 12.62 -8.63
N LYS A 16 4.67 12.42 -9.89
CA LYS A 16 5.03 11.20 -10.60
C LYS A 16 6.50 11.23 -10.96
N VAL A 17 7.28 10.39 -10.32
CA VAL A 17 8.72 10.37 -10.50
C VAL A 17 9.11 9.49 -11.69
N GLY A 18 8.34 8.44 -11.92
CA GLY A 18 8.66 7.53 -13.00
C GLY A 18 7.98 6.19 -12.84
N THR A 19 8.37 5.23 -13.67
CA THR A 19 7.80 3.89 -13.61
C THR A 19 8.91 2.87 -13.36
N ILE A 20 8.61 1.86 -12.54
CA ILE A 20 9.56 0.79 -12.27
C ILE A 20 8.92 -0.56 -12.56
N ASN A 21 9.63 -1.39 -13.31
CA ASN A 21 9.12 -2.69 -13.68
C ASN A 21 10.03 -3.80 -13.17
N VAL A 22 9.47 -4.70 -12.39
CA VAL A 22 10.20 -5.88 -11.98
C VAL A 22 9.76 -7.08 -12.82
N SER A 23 10.59 -7.41 -13.80
CA SER A 23 10.29 -8.52 -14.70
C SER A 23 11.26 -9.66 -14.44
N GLN A 24 10.80 -10.67 -13.71
CA GLN A 24 11.67 -11.76 -13.31
C GLN A 24 11.12 -13.10 -13.75
N SER A 25 12.01 -14.04 -14.02
CA SER A 25 11.64 -15.37 -14.46
C SER A 25 11.46 -16.31 -13.27
N GLY A 26 10.98 -15.76 -12.16
CA GLY A 26 10.79 -16.54 -10.96
C GLY A 26 12.05 -16.63 -10.12
N GLY A 27 11.91 -17.12 -8.90
CA GLY A 27 13.07 -17.28 -8.02
C GLY A 27 13.46 -15.99 -7.33
N GLN A 28 13.60 -14.93 -8.12
CA GLN A 28 13.98 -13.62 -7.59
C GLN A 28 12.86 -13.05 -6.73
N ILE A 29 11.63 -13.36 -7.10
CA ILE A 29 10.45 -12.90 -6.38
C ILE A 29 9.55 -14.08 -6.06
N SER A 30 9.35 -14.36 -4.78
CA SER A 30 8.44 -15.40 -4.36
C SER A 30 7.45 -14.84 -3.34
N SER A 31 7.94 -13.97 -2.49
CA SER A 31 7.12 -13.33 -1.48
C SER A 31 7.03 -11.83 -1.77
N PRO A 32 5.94 -11.18 -1.35
CA PRO A 32 5.81 -9.72 -1.46
C PRO A 32 6.96 -9.01 -0.78
N SER A 33 7.56 -9.68 0.20
CA SER A 33 8.72 -9.15 0.92
C SER A 33 9.90 -8.99 -0.03
N ASP A 34 10.03 -9.90 -1.01
CA ASP A 34 11.07 -9.79 -2.03
C ASP A 34 10.77 -8.60 -2.91
N LEU A 35 9.53 -8.55 -3.38
CA LEU A 35 9.08 -7.52 -4.31
C LEU A 35 9.19 -6.13 -3.69
N ARG A 36 8.87 -6.02 -2.41
CA ARG A 36 8.92 -4.73 -1.71
C ARG A 36 10.31 -4.11 -1.77
N GLU A 37 11.33 -4.89 -1.42
CA GLU A 37 12.68 -4.37 -1.38
C GLU A 37 13.17 -4.01 -2.78
N LYS A 38 12.68 -4.73 -3.78
CA LYS A 38 12.98 -4.41 -5.17
C LYS A 38 12.33 -3.09 -5.57
N LEU A 39 11.03 -2.98 -5.33
CA LEU A 39 10.29 -1.78 -5.68
C LEU A 39 10.83 -0.56 -4.95
N SER A 40 11.10 -0.71 -3.67
CA SER A 40 11.64 0.38 -2.86
C SER A 40 13.02 0.78 -3.38
N GLU A 41 13.80 -0.21 -3.80
CA GLU A 41 15.13 0.02 -4.33
C GLU A 41 15.06 0.87 -5.60
N LEU A 42 14.27 0.41 -6.56
CA LEU A 42 14.15 1.09 -7.84
C LEU A 42 13.54 2.48 -7.67
N ALA A 43 12.59 2.59 -6.75
CA ALA A 43 11.95 3.86 -6.46
C ALA A 43 12.94 4.84 -5.83
N ASP A 44 13.75 4.34 -4.92
CA ASP A 44 14.75 5.16 -4.25
C ASP A 44 15.82 5.63 -5.23
N ALA A 45 16.15 4.76 -6.18
CA ALA A 45 17.12 5.09 -7.22
C ALA A 45 16.67 6.30 -8.03
N LYS A 46 15.38 6.34 -8.35
CA LYS A 46 14.81 7.47 -9.09
C LYS A 46 14.60 8.67 -8.18
N GLY A 47 14.41 8.41 -6.90
CA GLY A 47 14.26 9.49 -5.94
C GLY A 47 12.83 9.63 -5.45
N GLY A 48 12.17 8.51 -5.23
CA GLY A 48 10.81 8.53 -4.72
C GLY A 48 10.70 7.87 -3.37
N LYS A 49 9.71 8.26 -2.59
CA LYS A 49 9.50 7.70 -1.26
C LYS A 49 8.24 6.85 -1.23
N TYR A 50 7.42 6.98 -2.26
CA TYR A 50 6.18 6.23 -2.34
C TYR A 50 6.10 5.54 -3.69
N TYR A 51 5.37 4.43 -3.74
CA TYR A 51 5.12 3.76 -5.00
C TYR A 51 3.76 3.08 -4.97
N HIS A 52 3.29 2.64 -6.12
CA HIS A 52 2.01 1.95 -6.21
C HIS A 52 2.05 0.93 -7.34
N ILE A 53 1.75 -0.32 -7.03
CA ILE A 53 1.68 -1.36 -8.03
C ILE A 53 0.41 -1.19 -8.85
N ILE A 54 0.57 -0.89 -10.12
CA ILE A 54 -0.58 -0.67 -10.98
C ILE A 54 -0.92 -1.92 -11.78
N ALA A 55 0.07 -2.79 -11.95
CA ALA A 55 -0.12 -4.02 -12.69
C ALA A 55 0.91 -5.07 -12.29
N ALA A 56 0.49 -6.00 -11.44
CA ALA A 56 1.32 -7.15 -11.12
C ALA A 56 0.87 -8.33 -11.96
N ARG A 57 1.40 -8.41 -13.18
CA ARG A 57 0.93 -9.37 -14.16
C ARG A 57 1.82 -10.60 -14.18
N GLU A 58 1.20 -11.76 -14.28
CA GLU A 58 1.91 -13.01 -14.30
C GLU A 58 1.81 -13.65 -15.70
N HIS A 59 2.85 -13.48 -16.50
CA HIS A 59 2.88 -14.03 -17.84
C HIS A 59 3.74 -15.28 -17.89
N GLY A 60 3.16 -16.40 -17.48
CA GLY A 60 3.89 -17.65 -17.49
C GLY A 60 4.90 -17.69 -16.35
N PRO A 61 6.19 -17.93 -16.66
CA PRO A 61 7.25 -17.90 -15.67
C PRO A 61 7.78 -16.48 -15.46
N ASN A 62 7.38 -15.57 -16.34
CA ASN A 62 7.82 -14.19 -16.26
C ASN A 62 6.80 -13.35 -15.51
N PHE A 63 7.12 -13.03 -14.28
CA PHE A 63 6.27 -12.19 -13.46
C PHE A 63 6.69 -10.74 -13.64
N GLU A 64 5.77 -9.93 -14.13
CA GLU A 64 6.04 -8.52 -14.36
C GLU A 64 5.29 -7.67 -13.35
N ALA A 65 6.03 -7.06 -12.45
CA ALA A 65 5.42 -6.20 -11.45
C ALA A 65 5.69 -4.75 -11.80
N VAL A 66 4.65 -4.10 -12.32
CA VAL A 66 4.77 -2.73 -12.74
C VAL A 66 4.22 -1.79 -11.67
N ALA A 67 5.10 -0.97 -11.13
CA ALA A 67 4.74 0.00 -10.12
C ALA A 67 5.24 1.37 -10.56
N GLU A 68 4.58 2.41 -10.10
CA GLU A 68 4.99 3.76 -10.45
C GLU A 68 5.46 4.51 -9.22
N VAL A 69 6.48 5.33 -9.38
CA VAL A 69 7.13 6.00 -8.27
C VAL A 69 6.53 7.38 -8.05
N TYR A 70 6.22 7.68 -6.79
CA TYR A 70 5.68 8.98 -6.43
C TYR A 70 6.46 9.57 -5.27
N ASN A 71 6.58 10.88 -5.25
CA ASN A 71 7.26 11.57 -4.16
C ASN A 71 6.79 13.01 -4.10
N ASP A 72 6.99 13.64 -2.95
CA ASP A 72 6.63 15.04 -2.78
C ASP A 72 7.65 15.92 -3.50
N ALA A 73 7.29 17.18 -3.71
CA ALA A 73 8.18 18.10 -4.42
C ALA A 73 9.40 18.46 -3.58
N THR A 74 10.41 17.62 -3.65
CA THR A 74 11.67 17.86 -2.96
C THR A 74 12.84 17.81 -3.96
N LYS A 75 12.51 17.88 -5.24
CA LYS A 75 13.51 17.85 -6.30
C LYS A 75 13.87 19.27 -6.72
N LEU A 76 15.03 19.41 -7.35
CA LEU A 76 15.51 20.70 -7.83
C LEU A 76 16.33 20.50 -9.11
N GLU A 77 16.32 21.51 -9.97
CA GLU A 77 17.13 21.49 -11.17
C GLU A 77 18.61 21.42 -10.80
N HIS A 78 19.39 20.68 -11.58
CA HIS A 78 20.79 20.50 -11.26
C HIS A 78 21.66 21.32 -12.20
N HIS A 79 22.66 21.97 -11.64
CA HIS A 79 23.65 22.71 -12.43
C HIS A 79 24.81 21.77 -12.74
N HIS A 80 24.51 20.48 -12.82
CA HIS A 80 25.49 19.46 -13.09
C HIS A 80 25.22 18.81 -14.45
N HIS A 81 24.92 19.64 -15.44
CA HIS A 81 24.60 19.16 -16.78
C HIS A 81 25.73 18.29 -17.32
N HIS A 82 26.94 18.80 -17.24
CA HIS A 82 28.11 18.09 -17.73
C HIS A 82 29.37 18.77 -17.21
N HIS A 83 29.48 20.05 -17.51
CA HIS A 83 30.58 20.89 -17.02
C HIS A 83 30.37 22.32 -17.49
N ALA B 1 0.75 -4.40 10.30
CA ALA B 1 -0.26 -4.46 9.21
C ALA B 1 0.13 -3.54 8.06
N GLU B 2 0.11 -4.08 6.86
CA GLU B 2 0.43 -3.32 5.66
C GLU B 2 -0.74 -3.38 4.68
N GLN B 3 -0.78 -2.45 3.74
CA GLN B 3 -1.85 -2.45 2.75
C GLN B 3 -1.33 -2.93 1.41
N VAL B 4 -2.17 -3.66 0.70
CA VAL B 4 -1.83 -4.18 -0.60
C VAL B 4 -2.97 -3.90 -1.58
N SER B 5 -2.66 -3.90 -2.86
CA SER B 5 -3.67 -3.67 -3.88
C SER B 5 -4.35 -4.98 -4.24
N LYS B 6 -5.43 -4.92 -5.02
CA LYS B 6 -6.18 -6.11 -5.39
C LYS B 6 -5.27 -7.11 -6.10
N GLN B 7 -4.26 -6.58 -6.77
CA GLN B 7 -3.27 -7.40 -7.45
C GLN B 7 -2.61 -8.37 -6.48
N GLU B 8 -2.16 -7.87 -5.34
CA GLU B 8 -1.55 -8.71 -4.33
C GLU B 8 -2.62 -9.56 -3.63
N ILE B 9 -3.73 -8.93 -3.30
CA ILE B 9 -4.82 -9.59 -2.54
C ILE B 9 -5.27 -10.87 -3.23
N SER B 10 -5.59 -10.78 -4.51
CA SER B 10 -6.14 -11.91 -5.24
C SER B 10 -5.04 -12.86 -5.74
N HIS B 11 -3.78 -12.45 -5.62
CA HIS B 11 -2.68 -13.29 -6.08
C HIS B 11 -2.11 -14.10 -4.92
N PHE B 12 -1.98 -13.47 -3.75
CA PHE B 12 -1.46 -14.16 -2.58
C PHE B 12 -2.59 -14.73 -1.74
N LYS B 13 -3.82 -14.39 -2.15
CA LYS B 13 -5.05 -14.94 -1.56
C LYS B 13 -5.21 -14.53 -0.10
N LEU B 14 -5.87 -13.40 0.10
CA LEU B 14 -6.12 -12.88 1.44
C LEU B 14 -7.59 -13.03 1.83
N VAL B 15 -7.84 -13.21 3.12
CA VAL B 15 -9.20 -13.36 3.63
C VAL B 15 -9.59 -12.11 4.41
N LYS B 16 -10.82 -11.62 4.22
CA LYS B 16 -11.24 -10.40 4.90
C LYS B 16 -11.95 -10.72 6.21
N VAL B 17 -11.49 -10.10 7.29
CA VAL B 17 -12.08 -10.29 8.61
C VAL B 17 -13.23 -9.33 8.83
N GLY B 18 -13.03 -8.10 8.39
CA GLY B 18 -14.04 -7.06 8.56
C GLY B 18 -13.63 -5.78 7.86
N THR B 19 -14.49 -4.78 7.92
CA THR B 19 -14.21 -3.50 7.28
C THR B 19 -14.11 -2.40 8.32
N ILE B 20 -13.05 -1.60 8.25
CA ILE B 20 -12.82 -0.55 9.22
C ILE B 20 -13.05 0.82 8.60
N ASN B 21 -13.45 1.76 9.43
CA ASN B 21 -13.69 3.12 8.98
C ASN B 21 -13.09 4.10 9.98
N VAL B 22 -12.15 4.89 9.51
CA VAL B 22 -11.50 5.87 10.37
C VAL B 22 -12.08 7.25 10.10
N SER B 23 -12.96 7.68 10.98
CA SER B 23 -13.58 8.98 10.87
C SER B 23 -12.99 9.92 11.91
N GLN B 24 -12.29 10.94 11.46
CA GLN B 24 -11.62 11.85 12.36
C GLN B 24 -12.05 13.28 12.10
N SER B 25 -12.63 13.89 13.12
CA SER B 25 -13.13 15.25 13.01
C SER B 25 -11.98 16.25 12.99
N GLY B 26 -11.68 16.75 11.80
CA GLY B 26 -10.68 17.80 11.66
C GLY B 26 -9.27 17.25 11.54
N GLY B 27 -8.31 17.99 12.09
CA GLY B 27 -6.91 17.63 11.97
C GLY B 27 -6.48 16.57 12.97
N GLN B 28 -7.33 15.57 13.18
CA GLN B 28 -6.99 14.46 14.05
C GLN B 28 -5.98 13.56 13.35
N ILE B 29 -6.05 13.57 12.02
CA ILE B 29 -5.06 12.92 11.19
C ILE B 29 -4.29 14.00 10.42
N SER B 30 -2.99 14.02 10.59
CA SER B 30 -2.17 15.07 10.00
C SER B 30 -1.39 14.54 8.79
N SER B 31 -0.65 13.47 9.00
CA SER B 31 0.15 12.87 7.94
C SER B 31 -0.26 11.43 7.70
N PRO B 32 0.21 10.80 6.60
CA PRO B 32 -0.05 9.38 6.32
C PRO B 32 0.34 8.47 7.49
N SER B 33 1.33 8.92 8.27
CA SER B 33 1.76 8.20 9.45
C SER B 33 0.60 8.05 10.44
N ASP B 34 -0.17 9.12 10.63
CA ASP B 34 -1.35 9.08 11.49
C ASP B 34 -2.37 8.10 10.92
N LEU B 35 -2.63 8.24 9.64
CA LEU B 35 -3.61 7.43 8.94
C LEU B 35 -3.29 5.93 9.10
N ARG B 36 -2.09 5.54 8.71
CA ARG B 36 -1.69 4.14 8.74
C ARG B 36 -1.64 3.62 10.18
N GLU B 37 -1.32 4.49 11.12
CA GLU B 37 -1.20 4.10 12.53
C GLU B 37 -2.57 3.70 13.08
N LYS B 38 -3.60 4.42 12.68
CA LYS B 38 -4.95 4.11 13.13
C LYS B 38 -5.51 2.94 12.34
N LEU B 39 -5.13 2.87 11.06
CA LEU B 39 -5.54 1.76 10.21
C LEU B 39 -5.03 0.43 10.75
N SER B 40 -3.75 0.39 11.12
CA SER B 40 -3.16 -0.83 11.65
C SER B 40 -3.76 -1.18 13.01
N GLU B 41 -4.03 -0.15 13.81
CA GLU B 41 -4.64 -0.32 15.13
C GLU B 41 -5.99 -1.01 15.00
N LEU B 42 -6.79 -0.56 14.05
CA LEU B 42 -8.13 -1.11 13.86
C LEU B 42 -8.07 -2.44 13.10
N ALA B 43 -7.16 -2.55 12.16
CA ALA B 43 -6.96 -3.79 11.42
C ALA B 43 -6.53 -4.90 12.37
N ASP B 44 -5.60 -4.57 13.26
CA ASP B 44 -5.10 -5.53 14.24
C ASP B 44 -6.18 -5.85 15.27
N ALA B 45 -7.08 -4.90 15.50
CA ALA B 45 -8.23 -5.12 16.38
C ALA B 45 -9.14 -6.19 15.80
N LYS B 46 -9.34 -6.13 14.49
CA LYS B 46 -10.06 -7.18 13.78
C LYS B 46 -9.25 -8.47 13.79
N GLY B 47 -7.93 -8.32 13.85
CA GLY B 47 -7.04 -9.46 13.89
C GLY B 47 -6.30 -9.64 12.59
N GLY B 48 -6.54 -8.74 11.64
CA GLY B 48 -5.96 -8.86 10.32
C GLY B 48 -4.53 -8.37 10.26
N LYS B 49 -3.82 -8.82 9.24
CA LYS B 49 -2.42 -8.44 9.05
C LYS B 49 -2.28 -7.47 7.89
N TYR B 50 -3.32 -7.42 7.07
CA TYR B 50 -3.32 -6.59 5.87
C TYR B 50 -4.56 -5.73 5.83
N TYR B 51 -4.54 -4.71 5.01
CA TYR B 51 -5.71 -3.89 4.79
C TYR B 51 -5.64 -3.24 3.41
N HIS B 52 -6.74 -2.65 2.99
CA HIS B 52 -6.77 -1.90 1.74
C HIS B 52 -7.82 -0.82 1.81
N ILE B 53 -7.39 0.42 1.65
CA ILE B 53 -8.31 1.55 1.66
C ILE B 53 -9.16 1.55 0.40
N ILE B 54 -10.45 1.33 0.56
CA ILE B 54 -11.36 1.29 -0.57
C ILE B 54 -11.96 2.66 -0.84
N ALA B 55 -12.08 3.47 0.20
CA ALA B 55 -12.65 4.80 0.06
C ALA B 55 -12.01 5.76 1.06
N ALA B 56 -11.12 6.60 0.57
CA ALA B 56 -10.52 7.64 1.40
C ALA B 56 -11.11 8.98 1.00
N ARG B 57 -12.15 9.39 1.70
CA ARG B 57 -12.90 10.55 1.30
C ARG B 57 -12.81 11.67 2.33
N GLU B 58 -13.09 12.87 1.88
CA GLU B 58 -12.98 14.05 2.71
C GLU B 58 -14.37 14.63 2.94
N HIS B 59 -14.95 14.30 4.08
CA HIS B 59 -16.31 14.69 4.42
C HIS B 59 -16.32 16.06 5.08
N GLY B 60 -15.85 17.06 4.34
CA GLY B 60 -15.76 18.39 4.89
C GLY B 60 -14.62 18.49 5.87
N PRO B 61 -14.89 18.83 7.14
CA PRO B 61 -13.88 18.83 8.19
C PRO B 61 -13.54 17.42 8.65
N ASN B 62 -14.49 16.50 8.48
CA ASN B 62 -14.33 15.13 8.96
C ASN B 62 -13.68 14.27 7.88
N PHE B 63 -12.63 13.57 8.23
CA PHE B 63 -11.95 12.70 7.29
C PHE B 63 -12.35 11.26 7.53
N GLU B 64 -12.87 10.60 6.50
CA GLU B 64 -13.32 9.21 6.62
C GLU B 64 -12.51 8.30 5.71
N ALA B 65 -11.73 7.43 6.33
CA ALA B 65 -10.95 6.45 5.61
C ALA B 65 -11.53 5.05 5.79
N VAL B 66 -12.17 4.54 4.74
CA VAL B 66 -12.77 3.22 4.79
C VAL B 66 -11.84 2.19 4.16
N ALA B 67 -11.50 1.16 4.92
CA ALA B 67 -10.58 0.14 4.45
C ALA B 67 -11.07 -1.25 4.84
N GLU B 68 -10.68 -2.26 4.07
CA GLU B 68 -11.05 -3.63 4.37
C GLU B 68 -9.87 -4.35 5.01
N VAL B 69 -10.13 -5.07 6.09
CA VAL B 69 -9.08 -5.74 6.83
C VAL B 69 -8.90 -7.17 6.36
N TYR B 70 -7.70 -7.51 5.92
CA TYR B 70 -7.40 -8.83 5.41
C TYR B 70 -6.48 -9.57 6.37
N ASN B 71 -6.76 -10.84 6.59
CA ASN B 71 -5.95 -11.65 7.48
C ASN B 71 -5.25 -12.75 6.68
N ASP B 72 -4.12 -13.19 7.19
CA ASP B 72 -3.40 -14.33 6.65
C ASP B 72 -4.19 -15.60 6.96
N ALA B 73 -4.17 -16.55 6.04
CA ALA B 73 -4.99 -17.75 6.16
C ALA B 73 -4.48 -18.70 7.24
N THR B 74 -4.68 -18.31 8.49
CA THR B 74 -4.27 -19.11 9.64
C THR B 74 -5.29 -19.02 10.76
N LYS B 75 -6.53 -18.69 10.40
CA LYS B 75 -7.56 -18.48 11.40
C LYS B 75 -8.68 -19.48 11.24
N LEU B 76 -9.24 -19.90 12.37
CA LEU B 76 -10.31 -20.88 12.39
C LEU B 76 -11.25 -20.56 13.56
N GLU B 77 -12.01 -21.56 13.99
CA GLU B 77 -12.99 -21.41 15.06
C GLU B 77 -12.37 -20.78 16.32
N HIS B 78 -13.03 -19.75 16.82
CA HIS B 78 -12.73 -19.21 18.14
C HIS B 78 -13.79 -19.67 19.11
N HIS B 79 -13.63 -20.88 19.62
CA HIS B 79 -14.65 -21.50 20.45
C HIS B 79 -14.81 -20.77 21.79
N HIS B 80 -15.84 -19.95 21.87
CA HIS B 80 -16.16 -19.24 23.09
C HIS B 80 -17.65 -19.36 23.39
N HIS B 81 -18.46 -18.75 22.52
CA HIS B 81 -19.91 -18.70 22.69
C HIS B 81 -20.28 -17.94 23.96
N HIS B 82 -20.22 -18.64 25.08
CA HIS B 82 -20.61 -18.12 26.38
C HIS B 82 -20.28 -19.18 27.42
N HIS B 83 -20.16 -18.79 28.68
CA HIS B 83 -19.94 -19.77 29.73
C HIS B 83 -21.19 -20.61 29.95
N ALA A 1 10.78 3.52 1.85
CA ALA A 1 9.75 3.65 0.79
C ALA A 1 8.56 2.76 1.11
N GLU A 2 7.36 3.28 0.89
CA GLU A 2 6.15 2.52 1.20
C GLU A 2 5.22 2.39 0.00
N GLN A 3 4.30 1.44 0.11
CA GLN A 3 3.29 1.21 -0.91
C GLN A 3 2.12 2.15 -0.67
N VAL A 4 1.82 2.97 -1.65
CA VAL A 4 0.77 3.96 -1.50
C VAL A 4 -0.33 3.77 -2.54
N SER A 5 -1.56 4.08 -2.13
CA SER A 5 -2.69 4.05 -3.04
C SER A 5 -2.80 5.40 -3.73
N LYS A 6 -3.44 5.44 -4.89
CA LYS A 6 -3.49 6.68 -5.65
C LYS A 6 -4.44 7.67 -4.99
N GLN A 7 -5.33 7.15 -4.16
CA GLN A 7 -6.22 7.99 -3.37
C GLN A 7 -5.40 8.90 -2.46
N GLU A 8 -4.31 8.35 -1.94
CA GLU A 8 -3.39 9.11 -1.10
C GLU A 8 -2.63 10.10 -1.96
N ILE A 9 -2.11 9.61 -3.09
CA ILE A 9 -1.33 10.43 -4.02
C ILE A 9 -2.12 11.64 -4.52
N SER A 10 -3.32 11.38 -5.03
CA SER A 10 -4.10 12.41 -5.68
C SER A 10 -4.69 13.42 -4.68
N HIS A 11 -4.85 13.02 -3.43
CA HIS A 11 -5.46 13.91 -2.44
C HIS A 11 -4.42 14.72 -1.68
N PHE A 12 -3.24 14.12 -1.46
CA PHE A 12 -2.18 14.82 -0.74
C PHE A 12 -1.23 15.52 -1.71
N LYS A 13 -1.40 15.24 -3.00
CA LYS A 13 -0.59 15.84 -4.06
C LYS A 13 0.88 15.42 -3.96
N LEU A 14 1.17 14.24 -4.47
CA LEU A 14 2.54 13.75 -4.53
C LEU A 14 3.10 13.94 -5.93
N VAL A 15 4.43 13.98 -6.04
CA VAL A 15 5.08 14.29 -7.30
C VAL A 15 5.60 13.02 -7.97
N LYS A 16 5.16 12.78 -9.20
CA LYS A 16 5.53 11.59 -9.94
C LYS A 16 6.92 11.75 -10.55
N VAL A 17 7.85 10.91 -10.12
CA VAL A 17 9.19 10.91 -10.66
C VAL A 17 9.26 10.00 -11.88
N GLY A 18 8.66 8.83 -11.77
CA GLY A 18 8.69 7.88 -12.87
C GLY A 18 7.79 6.69 -12.63
N THR A 19 8.06 5.62 -13.35
CA THR A 19 7.32 4.38 -13.22
C THR A 19 8.29 3.20 -13.31
N ILE A 20 8.14 2.23 -12.43
CA ILE A 20 9.03 1.08 -12.40
C ILE A 20 8.30 -0.20 -12.77
N ASN A 21 8.99 -1.08 -13.46
CA ASN A 21 8.46 -2.39 -13.79
C ASN A 21 9.42 -3.46 -13.32
N VAL A 22 8.92 -4.35 -12.48
CA VAL A 22 9.74 -5.43 -11.98
C VAL A 22 9.38 -6.70 -12.73
N SER A 23 10.21 -7.07 -13.69
CA SER A 23 10.01 -8.29 -14.45
C SER A 23 10.96 -9.36 -13.96
N GLN A 24 10.40 -10.30 -13.21
CA GLN A 24 11.20 -11.37 -12.63
C GLN A 24 10.76 -12.71 -13.18
N SER A 25 11.65 -13.39 -13.88
CA SER A 25 11.34 -14.67 -14.47
C SER A 25 11.61 -15.80 -13.49
N GLY A 26 10.54 -16.39 -12.99
CA GLY A 26 10.66 -17.53 -12.10
C GLY A 26 10.61 -17.15 -10.64
N GLY A 27 11.24 -17.97 -9.80
CA GLY A 27 11.16 -17.81 -8.37
C GLY A 27 12.07 -16.72 -7.82
N GLN A 28 11.94 -15.52 -8.35
CA GLN A 28 12.64 -14.37 -7.82
C GLN A 28 11.77 -13.69 -6.77
N ILE A 29 10.48 -13.63 -7.05
CA ILE A 29 9.50 -13.09 -6.11
C ILE A 29 8.45 -14.14 -5.83
N SER A 30 8.30 -14.48 -4.56
CA SER A 30 7.34 -15.50 -4.16
C SER A 30 6.34 -14.93 -3.17
N SER A 31 6.84 -14.18 -2.20
CA SER A 31 6.01 -13.58 -1.18
C SER A 31 5.84 -12.08 -1.45
N PRO A 32 4.81 -11.46 -0.84
CA PRO A 32 4.63 -10.00 -0.92
C PRO A 32 5.86 -9.25 -0.41
N SER A 33 6.60 -9.92 0.48
CA SER A 33 7.85 -9.39 1.00
C SER A 33 8.83 -9.14 -0.15
N ASP A 34 9.02 -10.16 -1.00
CA ASP A 34 9.93 -10.05 -2.14
C ASP A 34 9.44 -8.98 -3.10
N LEU A 35 8.12 -8.94 -3.26
CA LEU A 35 7.47 -7.98 -4.14
C LEU A 35 7.77 -6.55 -3.66
N ARG A 36 7.37 -6.25 -2.44
CA ARG A 36 7.58 -4.93 -1.86
C ARG A 36 9.06 -4.59 -1.77
N GLU A 37 9.89 -5.61 -1.57
CA GLU A 37 11.34 -5.43 -1.54
C GLU A 37 11.85 -4.89 -2.87
N LYS A 38 11.55 -5.61 -3.95
CA LYS A 38 11.98 -5.21 -5.29
C LYS A 38 11.38 -3.87 -5.70
N LEU A 39 10.15 -3.63 -5.28
CA LEU A 39 9.48 -2.37 -5.59
C LEU A 39 10.20 -1.19 -4.91
N SER A 40 10.46 -1.32 -3.62
CA SER A 40 11.15 -0.27 -2.89
C SER A 40 12.59 -0.14 -3.37
N GLU A 41 13.17 -1.25 -3.80
CA GLU A 41 14.52 -1.27 -4.35
C GLU A 41 14.60 -0.38 -5.58
N LEU A 42 13.76 -0.66 -6.58
CA LEU A 42 13.79 0.10 -7.83
C LEU A 42 13.28 1.52 -7.64
N ALA A 43 12.35 1.70 -6.71
CA ALA A 43 11.81 3.02 -6.41
C ALA A 43 12.90 3.91 -5.81
N ASP A 44 13.66 3.36 -4.87
CA ASP A 44 14.73 4.10 -4.21
C ASP A 44 15.93 4.25 -5.15
N ALA A 45 16.10 3.27 -6.03
CA ALA A 45 17.16 3.32 -7.04
C ALA A 45 16.96 4.50 -7.98
N LYS A 46 15.71 4.81 -8.28
CA LYS A 46 15.39 6.01 -9.06
C LYS A 46 15.46 7.25 -8.17
N GLY A 47 14.76 7.20 -7.05
CA GLY A 47 14.74 8.33 -6.14
C GLY A 47 13.33 8.69 -5.75
N GLY A 48 12.60 7.72 -5.22
CA GLY A 48 11.25 7.95 -4.79
C GLY A 48 11.05 7.55 -3.34
N LYS A 49 10.00 8.07 -2.73
CA LYS A 49 9.71 7.77 -1.34
C LYS A 49 8.46 6.89 -1.25
N TYR A 50 7.58 7.05 -2.23
CA TYR A 50 6.31 6.34 -2.26
C TYR A 50 6.16 5.63 -3.59
N TYR A 51 5.73 4.38 -3.57
CA TYR A 51 5.48 3.67 -4.81
C TYR A 51 4.05 3.16 -4.87
N HIS A 52 3.41 3.38 -6.00
CA HIS A 52 2.04 2.99 -6.20
C HIS A 52 1.96 1.86 -7.21
N ILE A 53 1.63 0.67 -6.74
CA ILE A 53 1.48 -0.48 -7.63
C ILE A 53 0.24 -0.31 -8.49
N ILE A 54 0.45 -0.17 -9.78
CA ILE A 54 -0.65 0.02 -10.71
C ILE A 54 -1.08 -1.31 -11.33
N ALA A 55 -0.12 -2.23 -11.51
CA ALA A 55 -0.41 -3.52 -12.12
C ALA A 55 0.55 -4.59 -11.64
N ALA A 56 0.09 -5.41 -10.71
CA ALA A 56 0.86 -6.56 -10.26
C ALA A 56 0.29 -7.82 -10.90
N ARG A 57 0.93 -8.27 -11.96
CA ARG A 57 0.39 -9.38 -12.74
C ARG A 57 1.43 -10.45 -12.99
N GLU A 58 0.98 -11.57 -13.53
CA GLU A 58 1.85 -12.70 -13.80
C GLU A 58 1.77 -13.08 -15.27
N HIS A 59 2.85 -12.85 -16.00
CA HIS A 59 2.89 -13.14 -17.42
C HIS A 59 3.65 -14.44 -17.66
N GLY A 60 3.06 -15.55 -17.22
CA GLY A 60 3.70 -16.83 -17.35
C GLY A 60 4.83 -16.98 -16.36
N PRO A 61 6.04 -17.33 -16.83
CA PRO A 61 7.23 -17.39 -16.00
C PRO A 61 7.69 -15.99 -15.60
N ASN A 62 7.27 -15.00 -16.36
CA ASN A 62 7.67 -13.62 -16.13
C ASN A 62 6.68 -12.94 -15.19
N PHE A 63 7.08 -12.77 -13.95
CA PHE A 63 6.26 -12.07 -12.98
C PHE A 63 6.46 -10.57 -13.13
N GLU A 64 5.38 -9.87 -13.47
CA GLU A 64 5.47 -8.47 -13.84
C GLU A 64 4.81 -7.58 -12.79
N ALA A 65 5.62 -6.85 -12.04
CA ALA A 65 5.11 -5.92 -11.05
C ALA A 65 5.35 -4.48 -11.50
N VAL A 66 4.31 -3.83 -11.98
CA VAL A 66 4.41 -2.47 -12.46
C VAL A 66 3.90 -1.49 -11.39
N ALA A 67 4.76 -0.57 -11.00
CA ALA A 67 4.42 0.40 -9.96
C ALA A 67 4.94 1.78 -10.34
N GLU A 68 4.44 2.80 -9.66
CA GLU A 68 4.88 4.17 -9.92
C GLU A 68 5.88 4.62 -8.86
N VAL A 69 6.71 5.58 -9.22
CA VAL A 69 7.66 6.15 -8.28
C VAL A 69 7.31 7.61 -8.00
N TYR A 70 6.92 7.89 -6.77
CA TYR A 70 6.53 9.24 -6.37
C TYR A 70 7.45 9.80 -5.30
N ASN A 71 7.70 11.08 -5.39
CA ASN A 71 8.50 11.79 -4.41
C ASN A 71 7.62 12.85 -3.74
N ASP A 72 8.21 13.69 -2.90
CA ASP A 72 7.45 14.71 -2.21
C ASP A 72 7.30 15.95 -3.08
N ALA A 73 6.34 16.80 -2.75
CA ALA A 73 6.03 17.96 -3.58
C ALA A 73 6.78 19.20 -3.09
N THR A 74 7.63 19.01 -2.08
CA THR A 74 8.36 20.11 -1.49
C THR A 74 9.68 20.39 -2.22
N LYS A 75 9.56 20.71 -3.49
CA LYS A 75 10.71 21.11 -4.30
C LYS A 75 10.38 22.41 -5.02
N LEU A 76 11.19 23.44 -4.80
CA LEU A 76 10.90 24.75 -5.35
C LEU A 76 11.98 25.18 -6.32
N GLU A 77 11.57 25.83 -7.40
CA GLU A 77 12.50 26.29 -8.41
C GLU A 77 13.36 27.42 -7.87
N HIS A 78 14.60 27.09 -7.54
CA HIS A 78 15.58 28.09 -7.12
C HIS A 78 16.72 28.10 -8.13
N HIS A 79 16.45 27.57 -9.32
CA HIS A 79 17.44 27.48 -10.38
C HIS A 79 17.81 28.87 -10.88
N HIS A 80 16.84 29.78 -10.86
CA HIS A 80 17.07 31.15 -11.30
C HIS A 80 17.37 32.07 -10.12
N HIS A 81 17.62 31.50 -8.96
CA HIS A 81 17.95 32.28 -7.78
C HIS A 81 19.21 31.73 -7.12
N HIS A 82 20.29 32.50 -7.17
CA HIS A 82 21.55 32.05 -6.64
C HIS A 82 21.69 32.47 -5.17
N HIS A 83 21.54 31.51 -4.28
CA HIS A 83 21.65 31.77 -2.85
C HIS A 83 22.97 31.24 -2.33
N ALA B 1 0.92 -2.43 10.41
CA ALA B 1 0.39 -3.34 9.38
C ALA B 1 0.87 -2.89 8.01
N GLU B 2 0.90 -3.81 7.05
CA GLU B 2 1.40 -3.51 5.72
C GLU B 2 0.26 -3.28 4.74
N GLN B 3 0.48 -2.38 3.80
CA GLN B 3 -0.55 -2.01 2.82
C GLN B 3 -0.28 -2.68 1.48
N VAL B 4 -1.31 -3.32 0.95
CA VAL B 4 -1.22 -4.02 -0.33
C VAL B 4 -2.40 -3.66 -1.23
N SER B 5 -2.25 -3.90 -2.52
CA SER B 5 -3.30 -3.61 -3.48
C SER B 5 -4.19 -4.85 -3.70
N LYS B 6 -5.36 -4.63 -4.29
CA LYS B 6 -6.32 -5.72 -4.51
C LYS B 6 -5.73 -6.77 -5.44
N GLN B 7 -4.83 -6.31 -6.32
CA GLN B 7 -4.12 -7.19 -7.24
C GLN B 7 -3.23 -8.18 -6.48
N GLU B 8 -2.55 -7.68 -5.46
CA GLU B 8 -1.67 -8.52 -4.64
C GLU B 8 -2.50 -9.51 -3.85
N ILE B 9 -3.59 -9.01 -3.30
CA ILE B 9 -4.52 -9.83 -2.53
C ILE B 9 -5.08 -10.96 -3.37
N SER B 10 -5.26 -10.70 -4.66
CA SER B 10 -5.76 -11.71 -5.58
C SER B 10 -4.67 -12.73 -5.90
N HIS B 11 -3.46 -12.24 -6.15
CA HIS B 11 -2.37 -13.11 -6.57
C HIS B 11 -1.92 -14.04 -5.44
N PHE B 12 -1.86 -13.50 -4.23
CA PHE B 12 -1.40 -14.28 -3.08
C PHE B 12 -2.58 -14.93 -2.35
N LYS B 13 -3.78 -14.46 -2.65
CA LYS B 13 -5.02 -14.94 -2.03
C LYS B 13 -4.99 -14.77 -0.52
N LEU B 14 -5.35 -13.58 -0.08
CA LEU B 14 -5.41 -13.27 1.35
C LEU B 14 -6.84 -13.36 1.85
N VAL B 15 -7.01 -13.73 3.10
CA VAL B 15 -8.34 -13.88 3.70
C VAL B 15 -8.82 -12.55 4.24
N LYS B 16 -10.00 -12.13 3.82
CA LYS B 16 -10.56 -10.86 4.26
C LYS B 16 -11.28 -11.05 5.59
N VAL B 17 -10.70 -10.52 6.64
CA VAL B 17 -11.27 -10.63 7.97
C VAL B 17 -12.49 -9.72 8.09
N GLY B 18 -12.36 -8.51 7.57
CA GLY B 18 -13.42 -7.55 7.66
C GLY B 18 -13.03 -6.22 7.05
N THR B 19 -13.84 -5.20 7.31
CA THR B 19 -13.57 -3.86 6.81
C THR B 19 -13.47 -2.88 7.96
N ILE B 20 -12.46 -2.02 7.92
CA ILE B 20 -12.27 -1.01 8.94
C ILE B 20 -12.50 0.37 8.36
N ASN B 21 -12.87 1.30 9.21
CA ASN B 21 -13.09 2.68 8.78
C ASN B 21 -12.58 3.64 9.84
N VAL B 22 -11.82 4.64 9.41
CA VAL B 22 -11.38 5.68 10.30
C VAL B 22 -12.25 6.91 10.08
N SER B 23 -13.19 7.09 10.97
CA SER B 23 -14.10 8.22 10.89
C SER B 23 -13.75 9.24 11.95
N GLN B 24 -13.15 10.34 11.52
CA GLN B 24 -12.73 11.38 12.45
C GLN B 24 -13.29 12.73 12.03
N SER B 25 -13.41 13.63 12.99
CA SER B 25 -13.85 14.98 12.71
C SER B 25 -12.66 15.92 12.59
N GLY B 26 -12.63 16.69 11.52
CA GLY B 26 -11.57 17.66 11.33
C GLY B 26 -10.24 17.02 10.99
N GLY B 27 -9.16 17.75 11.25
CA GLY B 27 -7.84 17.31 10.87
C GLY B 27 -7.13 16.57 11.98
N GLN B 28 -7.81 15.60 12.58
CA GLN B 28 -7.18 14.73 13.57
C GLN B 28 -6.20 13.79 12.88
N ILE B 29 -6.42 13.62 11.58
CA ILE B 29 -5.44 12.98 10.72
C ILE B 29 -4.89 14.04 9.76
N SER B 30 -3.68 14.49 10.03
CA SER B 30 -3.09 15.56 9.24
C SER B 30 -2.16 15.00 8.17
N SER B 31 -1.49 13.91 8.50
CA SER B 31 -0.55 13.29 7.58
C SER B 31 -0.97 11.87 7.25
N PRO B 32 -0.45 11.30 6.15
CA PRO B 32 -0.68 9.88 5.83
C PRO B 32 -0.21 8.99 6.96
N SER B 33 0.77 9.45 7.72
CA SER B 33 1.27 8.74 8.88
C SER B 33 0.17 8.60 9.94
N ASP B 34 -0.59 9.67 10.16
CA ASP B 34 -1.72 9.62 11.10
C ASP B 34 -2.72 8.58 10.65
N LEU B 35 -3.02 8.59 9.36
CA LEU B 35 -4.00 7.69 8.78
C LEU B 35 -3.57 6.24 8.94
N ARG B 36 -2.36 5.95 8.50
CA ARG B 36 -1.85 4.58 8.53
C ARG B 36 -1.61 4.11 9.96
N GLU B 37 -1.42 5.06 10.87
CA GLU B 37 -1.32 4.75 12.29
C GLU B 37 -2.61 4.09 12.76
N LYS B 38 -3.73 4.72 12.43
CA LYS B 38 -5.04 4.19 12.78
C LYS B 38 -5.38 2.95 11.97
N LEU B 39 -4.93 2.92 10.72
CA LEU B 39 -5.16 1.76 9.87
C LEU B 39 -4.56 0.51 10.49
N SER B 40 -3.32 0.61 10.94
CA SER B 40 -2.66 -0.50 11.61
C SER B 40 -3.32 -0.77 12.96
N GLU B 41 -3.69 0.31 13.65
CA GLU B 41 -4.35 0.23 14.95
C GLU B 41 -5.64 -0.59 14.87
N LEU B 42 -6.51 -0.22 13.93
CA LEU B 42 -7.82 -0.85 13.82
C LEU B 42 -7.69 -2.25 13.20
N ALA B 43 -6.72 -2.44 12.33
CA ALA B 43 -6.47 -3.74 11.71
C ALA B 43 -6.00 -4.73 12.77
N ASP B 44 -5.16 -4.25 13.67
CA ASP B 44 -4.68 -5.05 14.79
C ASP B 44 -5.83 -5.43 15.71
N ALA B 45 -6.74 -4.49 15.92
CA ALA B 45 -7.91 -4.73 16.74
C ALA B 45 -8.78 -5.84 16.17
N LYS B 46 -8.93 -5.83 14.85
CA LYS B 46 -9.68 -6.88 14.15
C LYS B 46 -8.91 -8.20 14.21
N GLY B 47 -7.64 -8.14 13.84
CA GLY B 47 -6.82 -9.32 13.79
C GLY B 47 -6.29 -9.58 12.40
N GLY B 48 -5.83 -8.52 11.74
CA GLY B 48 -5.28 -8.66 10.41
C GLY B 48 -3.83 -8.25 10.34
N LYS B 49 -3.16 -8.67 9.27
CA LYS B 49 -1.75 -8.36 9.07
C LYS B 49 -1.59 -7.30 7.99
N TYR B 50 -2.37 -7.43 6.93
CA TYR B 50 -2.28 -6.54 5.80
C TYR B 50 -3.60 -5.80 5.61
N TYR B 51 -3.55 -4.59 5.08
CA TYR B 51 -4.76 -3.82 4.83
C TYR B 51 -4.73 -3.21 3.44
N HIS B 52 -5.90 -2.88 2.93
CA HIS B 52 -6.01 -2.24 1.62
C HIS B 52 -7.05 -1.13 1.67
N ILE B 53 -6.60 0.11 1.50
CA ILE B 53 -7.49 1.24 1.46
C ILE B 53 -8.34 1.20 0.19
N ILE B 54 -9.66 1.23 0.36
CA ILE B 54 -10.56 1.21 -0.78
C ILE B 54 -11.24 2.56 -0.97
N ALA B 55 -11.36 3.31 0.12
CA ALA B 55 -12.01 4.61 0.06
C ALA B 55 -11.48 5.55 1.12
N ALA B 56 -10.35 6.20 0.82
CA ALA B 56 -9.86 7.28 1.65
C ALA B 56 -10.50 8.58 1.20
N ARG B 57 -11.63 8.91 1.79
CA ARG B 57 -12.44 10.01 1.28
C ARG B 57 -12.69 11.05 2.35
N GLU B 58 -13.15 12.21 1.93
CA GLU B 58 -13.45 13.30 2.83
C GLU B 58 -14.95 13.40 3.03
N HIS B 59 -15.35 13.75 4.23
CA HIS B 59 -16.76 13.79 4.60
C HIS B 59 -17.13 15.21 5.03
N GLY B 60 -16.80 16.17 4.17
CA GLY B 60 -17.04 17.56 4.48
C GLY B 60 -16.04 18.07 5.50
N PRO B 61 -16.50 18.37 6.73
CA PRO B 61 -15.63 18.71 7.83
C PRO B 61 -15.08 17.47 8.53
N ASN B 62 -15.54 16.30 8.09
CA ASN B 62 -15.10 15.04 8.66
C ASN B 62 -14.26 14.27 7.65
N PHE B 63 -13.69 13.16 8.08
CA PHE B 63 -12.89 12.32 7.20
C PHE B 63 -13.28 10.85 7.38
N GLU B 64 -13.37 10.12 6.26
CA GLU B 64 -13.76 8.71 6.28
C GLU B 64 -12.73 7.88 5.53
N ALA B 65 -11.97 7.07 6.25
CA ALA B 65 -11.00 6.19 5.62
C ALA B 65 -11.47 4.74 5.69
N VAL B 66 -11.97 4.24 4.58
CA VAL B 66 -12.46 2.87 4.53
C VAL B 66 -11.39 1.94 3.94
N ALA B 67 -11.03 0.91 4.70
CA ALA B 67 -9.99 -0.01 4.28
C ALA B 67 -10.40 -1.46 4.58
N GLU B 68 -9.76 -2.39 3.89
CA GLU B 68 -10.04 -3.81 4.07
C GLU B 68 -8.95 -4.44 4.92
N VAL B 69 -9.33 -5.41 5.75
CA VAL B 69 -8.38 -6.10 6.62
C VAL B 69 -8.19 -7.54 6.16
N TYR B 70 -6.93 -7.95 5.97
CA TYR B 70 -6.63 -9.29 5.50
C TYR B 70 -5.66 -10.02 6.41
N ASN B 71 -5.80 -11.34 6.44
CA ASN B 71 -4.89 -12.21 7.17
C ASN B 71 -4.50 -13.38 6.26
N ASP B 72 -3.65 -14.26 6.76
CA ASP B 72 -3.14 -15.37 5.95
C ASP B 72 -4.19 -16.47 5.80
N ALA B 73 -4.05 -17.29 4.77
CA ALA B 73 -5.05 -18.29 4.41
C ALA B 73 -4.87 -19.58 5.22
N THR B 74 -4.14 -19.49 6.32
CA THR B 74 -3.88 -20.64 7.16
C THR B 74 -5.02 -20.88 8.16
N LYS B 75 -6.06 -20.07 8.04
CA LYS B 75 -7.19 -20.15 8.95
C LYS B 75 -8.14 -21.28 8.56
N LEU B 76 -7.90 -22.46 9.12
CA LEU B 76 -8.74 -23.62 8.87
C LEU B 76 -9.06 -24.33 10.18
N GLU B 77 -10.23 -24.94 10.24
CA GLU B 77 -10.64 -25.68 11.43
C GLU B 77 -10.32 -27.16 11.24
N HIS B 78 -9.81 -27.78 12.30
CA HIS B 78 -9.33 -29.16 12.22
C HIS B 78 -9.86 -29.98 13.39
N HIS B 79 -10.86 -29.44 14.09
CA HIS B 79 -11.44 -30.13 15.23
C HIS B 79 -12.52 -31.12 14.82
N HIS B 80 -12.10 -32.34 14.50
CA HIS B 80 -13.03 -33.42 14.23
C HIS B 80 -12.54 -34.67 14.95
N HIS B 81 -11.48 -34.49 15.74
CA HIS B 81 -10.87 -35.55 16.53
C HIS B 81 -10.30 -34.94 17.80
N HIS B 82 -10.00 -35.76 18.79
CA HIS B 82 -9.34 -35.26 19.99
C HIS B 82 -7.83 -35.20 19.76
N HIS B 83 -7.25 -34.03 19.92
CA HIS B 83 -5.83 -33.84 19.67
C HIS B 83 -5.23 -32.93 20.75
N ALA A 1 11.32 3.13 1.57
CA ALA A 1 10.27 3.82 0.79
C ALA A 1 8.90 3.31 1.18
N GLU A 2 7.90 4.17 1.09
CA GLU A 2 6.56 3.81 1.53
C GLU A 2 5.64 3.53 0.35
N GLN A 3 4.62 2.73 0.62
CA GLN A 3 3.64 2.35 -0.39
C GLN A 3 2.38 3.20 -0.22
N VAL A 4 1.99 3.91 -1.27
CA VAL A 4 0.86 4.83 -1.17
C VAL A 4 -0.30 4.42 -2.06
N SER A 5 -1.50 4.66 -1.56
CA SER A 5 -2.72 4.41 -2.30
C SER A 5 -3.00 5.57 -3.24
N LYS A 6 -3.82 5.34 -4.27
CA LYS A 6 -4.13 6.41 -5.23
C LYS A 6 -4.87 7.55 -4.53
N GLN A 7 -5.58 7.21 -3.46
CA GLN A 7 -6.28 8.20 -2.65
C GLN A 7 -5.26 9.13 -1.98
N GLU A 8 -4.17 8.57 -1.48
CA GLU A 8 -3.13 9.34 -0.83
C GLU A 8 -2.46 10.28 -1.82
N ILE A 9 -2.15 9.73 -2.99
CA ILE A 9 -1.48 10.47 -4.05
C ILE A 9 -2.26 11.73 -4.44
N SER A 10 -3.56 11.58 -4.61
CA SER A 10 -4.39 12.70 -5.03
C SER A 10 -4.72 13.63 -3.87
N HIS A 11 -4.95 13.05 -2.70
CA HIS A 11 -5.39 13.83 -1.55
C HIS A 11 -4.28 14.75 -1.04
N PHE A 12 -3.06 14.24 -1.01
CA PHE A 12 -1.92 15.03 -0.56
C PHE A 12 -1.23 15.69 -1.76
N LYS A 13 -1.53 15.16 -2.95
CA LYS A 13 -0.95 15.63 -4.20
C LYS A 13 0.56 15.38 -4.24
N LEU A 14 0.92 14.17 -4.66
CA LEU A 14 2.32 13.77 -4.72
C LEU A 14 2.89 14.04 -6.10
N VAL A 15 4.21 14.00 -6.21
CA VAL A 15 4.89 14.27 -7.46
C VAL A 15 5.47 12.98 -8.06
N LYS A 16 5.07 12.66 -9.29
CA LYS A 16 5.54 11.44 -9.93
C LYS A 16 6.91 11.64 -10.56
N VAL A 17 7.79 10.67 -10.33
CA VAL A 17 9.12 10.70 -10.90
C VAL A 17 9.15 9.93 -12.21
N GLY A 18 8.53 8.74 -12.21
CA GLY A 18 8.49 7.92 -13.40
C GLY A 18 7.72 6.64 -13.15
N THR A 19 7.78 5.71 -14.10
CA THR A 19 7.11 4.43 -13.97
C THR A 19 8.12 3.28 -14.03
N ILE A 20 8.03 2.35 -13.09
CA ILE A 20 8.98 1.24 -13.02
C ILE A 20 8.31 -0.09 -13.30
N ASN A 21 9.10 -1.04 -13.76
CA ASN A 21 8.62 -2.38 -14.06
C ASN A 21 9.61 -3.40 -13.51
N VAL A 22 9.16 -4.24 -12.60
CA VAL A 22 9.99 -5.30 -12.08
C VAL A 22 9.61 -6.61 -12.75
N SER A 23 10.40 -7.02 -13.72
CA SER A 23 10.18 -8.26 -14.41
C SER A 23 11.30 -9.23 -14.12
N GLN A 24 11.08 -10.12 -13.17
CA GLN A 24 12.09 -11.08 -12.78
C GLN A 24 11.58 -12.49 -12.99
N SER A 25 12.49 -13.44 -13.13
CA SER A 25 12.13 -14.82 -13.39
C SER A 25 11.77 -15.55 -12.09
N GLY A 26 10.96 -14.91 -11.26
CA GLY A 26 10.45 -15.54 -10.05
C GLY A 26 11.44 -15.53 -8.90
N GLY A 27 12.67 -15.96 -9.17
CA GLY A 27 13.66 -16.15 -8.12
C GLY A 27 13.92 -14.93 -7.25
N GLN A 28 13.70 -13.73 -7.78
CA GLN A 28 13.98 -12.52 -7.02
C GLN A 28 12.76 -12.01 -6.28
N ILE A 29 11.63 -12.69 -6.44
CA ILE A 29 10.44 -12.39 -5.66
C ILE A 29 9.89 -13.68 -5.07
N SER A 30 10.40 -14.06 -3.90
CA SER A 30 10.02 -15.29 -3.26
C SER A 30 8.86 -15.06 -2.29
N SER A 31 8.74 -13.83 -1.82
CA SER A 31 7.67 -13.47 -0.90
C SER A 31 7.29 -12.00 -1.11
N PRO A 32 6.16 -11.55 -0.52
CA PRO A 32 5.70 -10.16 -0.65
C PRO A 32 6.76 -9.14 -0.23
N SER A 33 7.69 -9.56 0.61
CA SER A 33 8.79 -8.71 1.02
C SER A 33 9.67 -8.33 -0.18
N ASP A 34 10.15 -9.34 -0.89
CA ASP A 34 10.99 -9.12 -2.08
C ASP A 34 10.26 -8.23 -3.08
N LEU A 35 8.97 -8.50 -3.25
CA LEU A 35 8.10 -7.73 -4.13
C LEU A 35 8.19 -6.24 -3.82
N ARG A 36 7.90 -5.88 -2.58
CA ARG A 36 7.83 -4.49 -2.18
C ARG A 36 9.22 -3.87 -2.07
N GLU A 37 10.23 -4.71 -1.87
CA GLU A 37 11.60 -4.24 -1.84
C GLU A 37 12.05 -3.78 -3.22
N LYS A 38 11.78 -4.59 -4.24
CA LYS A 38 12.16 -4.25 -5.60
C LYS A 38 11.44 -2.99 -6.08
N LEU A 39 10.18 -2.86 -5.70
CA LEU A 39 9.40 -1.68 -6.07
C LEU A 39 9.97 -0.43 -5.44
N SER A 40 10.35 -0.52 -4.17
CA SER A 40 10.92 0.63 -3.48
C SER A 40 12.36 0.88 -3.91
N GLU A 41 13.06 -0.20 -4.26
CA GLU A 41 14.43 -0.11 -4.76
C GLU A 41 14.48 0.67 -6.06
N LEU A 42 13.69 0.26 -7.04
CA LEU A 42 13.66 0.92 -8.33
C LEU A 42 13.11 2.34 -8.20
N ALA A 43 12.21 2.53 -7.24
CA ALA A 43 11.67 3.85 -6.96
C ALA A 43 12.77 4.76 -6.41
N ASP A 44 13.53 4.25 -5.45
CA ASP A 44 14.64 5.00 -4.86
C ASP A 44 15.65 5.36 -5.92
N ALA A 45 16.00 4.38 -6.74
CA ALA A 45 16.96 4.58 -7.82
C ALA A 45 16.50 5.67 -8.78
N LYS A 46 15.20 5.68 -9.08
CA LYS A 46 14.63 6.72 -9.94
C LYS A 46 14.61 8.08 -9.24
N GLY A 47 14.49 8.04 -7.93
CA GLY A 47 14.53 9.28 -7.16
C GLY A 47 13.22 9.57 -6.45
N GLY A 48 12.55 8.52 -6.03
CA GLY A 48 11.32 8.68 -5.28
C GLY A 48 11.34 7.89 -3.99
N LYS A 49 10.47 8.23 -3.06
CA LYS A 49 10.42 7.55 -1.78
C LYS A 49 9.05 6.92 -1.57
N TYR A 50 8.22 6.98 -2.61
CA TYR A 50 6.90 6.40 -2.58
C TYR A 50 6.63 5.68 -3.90
N TYR A 51 5.84 4.63 -3.86
CA TYR A 51 5.52 3.89 -5.08
C TYR A 51 4.05 3.49 -5.11
N HIS A 52 3.48 3.54 -6.31
CA HIS A 52 2.08 3.21 -6.52
C HIS A 52 1.96 1.99 -7.43
N ILE A 53 1.64 0.85 -6.84
CA ILE A 53 1.46 -0.38 -7.60
C ILE A 53 0.21 -0.27 -8.47
N ILE A 54 0.34 -0.56 -9.75
CA ILE A 54 -0.80 -0.53 -10.65
C ILE A 54 -1.13 -1.92 -11.17
N ALA A 55 -0.11 -2.78 -11.27
CA ALA A 55 -0.30 -4.12 -11.78
C ALA A 55 0.84 -5.05 -11.39
N ALA A 56 0.52 -6.05 -10.59
CA ALA A 56 1.47 -7.09 -10.23
C ALA A 56 1.05 -8.39 -10.89
N ARG A 57 1.38 -8.52 -12.17
CA ARG A 57 0.86 -9.61 -12.98
C ARG A 57 1.83 -10.77 -13.06
N GLU A 58 1.28 -11.97 -13.12
CA GLU A 58 2.04 -13.19 -13.23
C GLU A 58 2.33 -13.48 -14.70
N HIS A 59 3.57 -13.80 -15.01
CA HIS A 59 3.96 -14.05 -16.39
C HIS A 59 4.61 -15.43 -16.48
N GLY A 60 3.86 -16.45 -16.12
CA GLY A 60 4.39 -17.79 -16.09
C GLY A 60 5.33 -17.99 -14.92
N PRO A 61 6.58 -18.38 -15.16
CA PRO A 61 7.60 -18.44 -14.12
C PRO A 61 8.11 -17.06 -13.75
N ASN A 62 7.92 -16.11 -14.67
CA ASN A 62 8.33 -14.74 -14.45
C ASN A 62 7.22 -13.97 -13.75
N PHE A 63 7.58 -12.86 -13.15
CA PHE A 63 6.63 -12.02 -12.45
C PHE A 63 6.87 -10.56 -12.81
N GLU A 64 5.80 -9.84 -13.14
CA GLU A 64 5.93 -8.45 -13.55
C GLU A 64 5.20 -7.53 -12.57
N ALA A 65 5.97 -6.78 -11.81
CA ALA A 65 5.40 -5.82 -10.88
C ALA A 65 5.57 -4.40 -11.42
N VAL A 66 4.45 -3.83 -11.85
CA VAL A 66 4.47 -2.49 -12.42
C VAL A 66 3.99 -1.48 -11.39
N ALA A 67 4.80 -0.45 -11.16
CA ALA A 67 4.48 0.56 -10.18
C ALA A 67 4.93 1.94 -10.65
N GLU A 68 4.32 2.97 -10.11
CA GLU A 68 4.71 4.34 -10.42
C GLU A 68 5.54 4.90 -9.28
N VAL A 69 6.60 5.63 -9.63
CA VAL A 69 7.48 6.22 -8.65
C VAL A 69 7.00 7.61 -8.27
N TYR A 70 6.79 7.83 -6.99
CA TYR A 70 6.34 9.13 -6.51
C TYR A 70 7.30 9.66 -5.44
N ASN A 71 7.44 10.96 -5.39
CA ASN A 71 8.20 11.61 -4.35
C ASN A 71 7.26 12.48 -3.52
N ASP A 72 7.75 12.98 -2.39
CA ASP A 72 6.94 13.79 -1.48
C ASP A 72 6.32 14.99 -2.19
N ALA A 73 7.17 15.92 -2.61
CA ALA A 73 6.71 17.12 -3.31
C ALA A 73 7.91 17.92 -3.81
N THR A 74 8.89 18.06 -2.94
CA THR A 74 10.10 18.78 -3.27
C THR A 74 11.29 17.84 -3.21
N LYS A 75 12.42 18.28 -3.74
CA LYS A 75 13.63 17.46 -3.77
C LYS A 75 14.47 17.77 -2.54
N LEU A 76 13.78 18.01 -1.42
CA LEU A 76 14.40 18.36 -0.14
C LEU A 76 15.06 19.74 -0.20
N GLU A 77 16.26 19.81 -0.77
CA GLU A 77 17.00 21.06 -0.82
C GLU A 77 17.59 21.31 -2.19
N HIS A 78 17.70 22.58 -2.56
CA HIS A 78 18.34 22.98 -3.80
C HIS A 78 19.43 24.00 -3.50
N HIS A 79 20.51 23.98 -4.28
CA HIS A 79 21.58 24.93 -4.09
C HIS A 79 21.25 26.26 -4.75
N HIS A 80 21.40 27.33 -3.99
CA HIS A 80 21.14 28.66 -4.50
C HIS A 80 22.40 29.29 -5.04
N HIS A 81 22.37 29.60 -6.34
CA HIS A 81 23.48 30.33 -6.96
C HIS A 81 23.20 31.82 -6.88
N HIS A 82 24.24 32.61 -6.63
CA HIS A 82 24.06 34.02 -6.34
C HIS A 82 24.28 34.88 -7.58
N HIS A 83 24.55 34.24 -8.70
CA HIS A 83 24.70 34.97 -9.95
C HIS A 83 24.39 34.05 -11.14
N ALA B 1 0.44 -2.59 9.72
CA ALA B 1 -0.09 -3.62 8.80
C ALA B 1 0.27 -3.26 7.36
N GLU B 2 0.20 -4.24 6.48
CA GLU B 2 0.62 -4.04 5.10
C GLU B 2 -0.59 -3.85 4.19
N GLN B 3 -0.44 -3.07 3.14
CA GLN B 3 -1.53 -2.87 2.20
C GLN B 3 -1.21 -3.53 0.86
N VAL B 4 -2.22 -4.16 0.27
CA VAL B 4 -2.08 -4.78 -1.04
C VAL B 4 -3.33 -4.48 -1.87
N SER B 5 -3.27 -4.74 -3.17
CA SER B 5 -4.45 -4.56 -4.01
C SER B 5 -5.09 -5.91 -4.27
N LYS B 6 -6.25 -5.90 -4.94
CA LYS B 6 -7.01 -7.13 -5.17
C LYS B 6 -6.22 -8.15 -5.97
N GLN B 7 -5.14 -7.71 -6.60
CA GLN B 7 -4.29 -8.58 -7.39
C GLN B 7 -3.49 -9.51 -6.47
N GLU B 8 -2.90 -8.94 -5.43
CA GLU B 8 -2.14 -9.72 -4.47
C GLU B 8 -3.09 -10.51 -3.58
N ILE B 9 -4.21 -9.87 -3.24
CA ILE B 9 -5.23 -10.47 -2.39
C ILE B 9 -5.73 -11.80 -2.98
N SER B 10 -5.99 -11.79 -4.27
CA SER B 10 -6.50 -13.00 -4.94
C SER B 10 -5.36 -13.96 -5.27
N HIS B 11 -4.16 -13.41 -5.47
CA HIS B 11 -2.99 -14.23 -5.80
C HIS B 11 -2.57 -15.09 -4.60
N PHE B 12 -2.55 -14.48 -3.43
CA PHE B 12 -2.16 -15.20 -2.21
C PHE B 12 -3.39 -15.76 -1.51
N LYS B 13 -4.56 -15.31 -1.95
CA LYS B 13 -5.85 -15.73 -1.40
C LYS B 13 -5.99 -15.31 0.06
N LEU B 14 -6.35 -14.05 0.25
CA LEU B 14 -6.52 -13.51 1.59
C LEU B 14 -7.99 -13.56 2.01
N VAL B 15 -8.20 -13.60 3.32
CA VAL B 15 -9.56 -13.67 3.87
C VAL B 15 -9.99 -12.32 4.41
N LYS B 16 -11.16 -11.86 3.99
CA LYS B 16 -11.66 -10.56 4.42
C LYS B 16 -12.34 -10.69 5.78
N VAL B 17 -11.76 -10.03 6.77
CA VAL B 17 -12.28 -10.07 8.13
C VAL B 17 -13.43 -9.09 8.28
N GLY B 18 -13.23 -7.88 7.78
CA GLY B 18 -14.25 -6.86 7.86
C GLY B 18 -13.81 -5.57 7.22
N THR B 19 -14.72 -4.61 7.13
CA THR B 19 -14.42 -3.31 6.55
C THR B 19 -14.37 -2.26 7.66
N ILE B 20 -13.27 -1.52 7.72
CA ILE B 20 -13.07 -0.53 8.78
C ILE B 20 -13.13 0.88 8.23
N ASN B 21 -13.56 1.82 9.07
CA ASN B 21 -13.60 3.22 8.68
C ASN B 21 -13.08 4.09 9.82
N VAL B 22 -12.12 4.94 9.51
CA VAL B 22 -11.57 5.88 10.48
C VAL B 22 -12.16 7.26 10.26
N SER B 23 -13.10 7.63 11.12
CA SER B 23 -13.75 8.92 11.02
C SER B 23 -13.27 9.84 12.14
N GLN B 24 -12.60 10.92 11.78
CA GLN B 24 -12.03 11.82 12.78
C GLN B 24 -12.45 13.26 12.52
N SER B 25 -12.58 14.03 13.59
CA SER B 25 -12.99 15.42 13.49
C SER B 25 -11.77 16.33 13.39
N GLY B 26 -11.55 16.87 12.19
CA GLY B 26 -10.45 17.78 12.00
C GLY B 26 -9.14 17.07 11.72
N GLY B 27 -8.03 17.77 11.92
CA GLY B 27 -6.73 17.22 11.63
C GLY B 27 -6.22 16.30 12.72
N GLN B 28 -6.95 15.22 12.99
CA GLN B 28 -6.49 14.21 13.92
C GLN B 28 -5.43 13.35 13.26
N ILE B 29 -5.59 13.10 11.98
CA ILE B 29 -4.58 12.44 11.20
C ILE B 29 -3.56 13.49 10.75
N SER B 30 -2.46 13.58 11.46
CA SER B 30 -1.48 14.62 11.23
C SER B 30 -0.51 14.26 10.11
N SER B 31 -0.39 12.97 9.82
CA SER B 31 0.54 12.52 8.78
C SER B 31 -0.06 11.34 8.03
N PRO B 32 0.40 11.10 6.78
CA PRO B 32 0.00 9.94 6.00
C PRO B 32 0.30 8.64 6.74
N SER B 33 1.34 8.65 7.56
CA SER B 33 1.70 7.48 8.35
C SER B 33 0.63 7.22 9.41
N ASP B 34 0.24 8.27 10.14
CA ASP B 34 -0.80 8.15 11.17
C ASP B 34 -2.08 7.55 10.60
N LEU B 35 -2.42 8.00 9.38
CA LEU B 35 -3.57 7.49 8.66
C LEU B 35 -3.49 5.97 8.50
N ARG B 36 -2.34 5.49 8.04
CA ARG B 36 -2.15 4.07 7.82
C ARG B 36 -2.04 3.32 9.14
N GLU B 37 -1.47 3.99 10.15
CA GLU B 37 -1.35 3.40 11.48
C GLU B 37 -2.72 3.11 12.08
N LYS B 38 -3.65 4.05 11.92
CA LYS B 38 -5.00 3.86 12.39
C LYS B 38 -5.68 2.69 11.69
N LEU B 39 -5.49 2.61 10.37
CA LEU B 39 -6.04 1.50 9.61
C LEU B 39 -5.38 0.20 10.02
N SER B 40 -4.08 0.25 10.30
CA SER B 40 -3.34 -0.92 10.76
C SER B 40 -3.82 -1.35 12.15
N GLU B 41 -4.09 -0.39 13.02
CA GLU B 41 -4.60 -0.67 14.35
C GLU B 41 -5.92 -1.44 14.27
N LEU B 42 -6.85 -0.89 13.50
CA LEU B 42 -8.17 -1.50 13.39
C LEU B 42 -8.09 -2.83 12.65
N ALA B 43 -7.18 -2.94 11.69
CA ALA B 43 -6.99 -4.17 10.93
C ALA B 43 -6.49 -5.29 11.82
N ASP B 44 -5.43 -4.99 12.58
CA ASP B 44 -4.86 -5.97 13.49
C ASP B 44 -5.86 -6.32 14.59
N ALA B 45 -6.63 -5.33 15.02
CA ALA B 45 -7.67 -5.53 16.01
C ALA B 45 -8.74 -6.48 15.48
N LYS B 46 -9.07 -6.36 14.20
CA LYS B 46 -10.00 -7.27 13.56
C LYS B 46 -9.42 -8.68 13.50
N GLY B 47 -8.13 -8.76 13.20
CA GLY B 47 -7.47 -10.03 13.11
C GLY B 47 -6.78 -10.22 11.77
N GLY B 48 -6.46 -9.12 11.11
CA GLY B 48 -5.80 -9.19 9.82
C GLY B 48 -4.47 -8.46 9.84
N LYS B 49 -3.53 -8.94 9.04
CA LYS B 49 -2.21 -8.33 8.97
C LYS B 49 -2.09 -7.51 7.69
N TYR B 50 -3.10 -7.61 6.85
CA TYR B 50 -3.13 -6.89 5.59
C TYR B 50 -4.41 -6.07 5.52
N TYR B 51 -4.36 -4.96 4.80
CA TYR B 51 -5.55 -4.16 4.58
C TYR B 51 -5.55 -3.59 3.17
N HIS B 52 -6.69 -3.05 2.77
CA HIS B 52 -6.83 -2.46 1.45
C HIS B 52 -7.73 -1.24 1.54
N ILE B 53 -7.14 -0.05 1.41
CA ILE B 53 -7.91 1.19 1.47
C ILE B 53 -8.75 1.34 0.21
N ILE B 54 -10.06 1.40 0.38
CA ILE B 54 -10.94 1.52 -0.77
C ILE B 54 -11.31 2.97 -1.03
N ALA B 55 -11.44 3.76 0.02
CA ALA B 55 -11.81 5.16 -0.12
C ALA B 55 -11.44 5.96 1.12
N ALA B 56 -10.64 6.98 0.93
CA ALA B 56 -10.31 7.91 2.00
C ALA B 56 -10.85 9.29 1.66
N ARG B 57 -12.04 9.58 2.15
CA ARG B 57 -12.72 10.80 1.75
C ARG B 57 -12.61 11.87 2.84
N GLU B 58 -12.74 13.11 2.41
CA GLU B 58 -12.69 14.24 3.29
C GLU B 58 -14.01 14.99 3.20
N HIS B 59 -14.94 14.66 4.09
CA HIS B 59 -16.27 15.21 4.04
C HIS B 59 -16.38 16.40 5.00
N GLY B 60 -15.95 17.56 4.52
CA GLY B 60 -15.93 18.74 5.36
C GLY B 60 -14.79 18.66 6.35
N PRO B 61 -15.08 18.84 7.65
CA PRO B 61 -14.10 18.67 8.71
C PRO B 61 -14.02 17.22 9.19
N ASN B 62 -14.82 16.35 8.58
CA ASN B 62 -14.88 14.95 8.98
C ASN B 62 -14.21 14.07 7.94
N PHE B 63 -13.02 13.60 8.26
CA PHE B 63 -12.25 12.75 7.36
C PHE B 63 -12.57 11.28 7.65
N GLU B 64 -12.77 10.50 6.60
CA GLU B 64 -13.10 9.08 6.75
C GLU B 64 -12.25 8.22 5.84
N ALA B 65 -11.43 7.37 6.45
CA ALA B 65 -10.61 6.42 5.70
C ALA B 65 -11.18 5.02 5.84
N VAL B 66 -11.71 4.50 4.74
CA VAL B 66 -12.32 3.18 4.74
C VAL B 66 -11.41 2.15 4.08
N ALA B 67 -11.18 1.04 4.76
CA ALA B 67 -10.31 -0.01 4.24
C ALA B 67 -10.87 -1.39 4.55
N GLU B 68 -10.44 -2.38 3.80
CA GLU B 68 -10.84 -3.76 4.01
C GLU B 68 -9.73 -4.52 4.73
N VAL B 69 -10.10 -5.24 5.78
CA VAL B 69 -9.13 -5.99 6.57
C VAL B 69 -8.98 -7.41 6.02
N TYR B 70 -7.73 -7.83 5.79
CA TYR B 70 -7.47 -9.15 5.25
C TYR B 70 -6.54 -9.96 6.13
N ASN B 71 -6.89 -11.22 6.30
CA ASN B 71 -6.08 -12.18 7.05
C ASN B 71 -5.37 -13.10 6.07
N ASP B 72 -4.24 -13.66 6.48
CA ASP B 72 -3.42 -14.52 5.60
C ASP B 72 -4.00 -15.94 5.56
N ALA B 73 -5.32 -16.04 5.41
CA ALA B 73 -6.03 -17.31 5.28
C ALA B 73 -6.06 -18.12 6.58
N THR B 74 -5.17 -17.81 7.50
CA THR B 74 -5.07 -18.55 8.75
C THR B 74 -4.42 -17.67 9.83
N LYS B 75 -4.64 -18.04 11.08
CA LYS B 75 -4.00 -17.34 12.19
C LYS B 75 -2.57 -17.82 12.36
N LEU B 76 -2.41 -19.15 12.29
CA LEU B 76 -1.11 -19.81 12.41
C LEU B 76 -1.31 -21.32 12.31
N GLU B 77 -2.27 -21.82 13.07
CA GLU B 77 -2.54 -23.24 13.13
C GLU B 77 -4.03 -23.51 13.28
N HIS B 78 -4.47 -24.64 12.78
CA HIS B 78 -5.81 -25.11 13.05
C HIS B 78 -5.75 -26.17 14.13
N HIS B 79 -6.23 -25.83 15.32
CA HIS B 79 -6.04 -26.63 16.52
C HIS B 79 -6.63 -28.03 16.37
N HIS B 80 -5.86 -29.01 16.83
CA HIS B 80 -6.29 -30.41 16.82
C HIS B 80 -7.07 -30.70 18.08
N HIS B 81 -8.28 -31.19 17.92
CA HIS B 81 -9.15 -31.49 19.06
C HIS B 81 -9.42 -32.98 19.16
N HIS B 82 -9.34 -33.51 20.36
CA HIS B 82 -9.57 -34.92 20.59
C HIS B 82 -10.22 -35.14 21.95
N HIS B 83 -11.38 -35.77 21.95
CA HIS B 83 -12.09 -36.03 23.19
C HIS B 83 -11.76 -37.43 23.70
N ALA A 1 11.39 2.60 0.97
CA ALA A 1 10.19 3.16 0.32
C ALA A 1 8.96 2.32 0.68
N GLU A 2 7.78 2.89 0.46
CA GLU A 2 6.54 2.17 0.76
C GLU A 2 5.45 2.61 -0.22
N GLN A 3 4.37 1.84 -0.31
CA GLN A 3 3.35 2.11 -1.31
C GLN A 3 2.10 2.74 -0.70
N VAL A 4 1.49 3.64 -1.47
CA VAL A 4 0.21 4.24 -1.14
C VAL A 4 -0.67 4.19 -2.37
N SER A 5 -1.97 4.40 -2.23
CA SER A 5 -2.87 4.31 -3.37
C SER A 5 -3.02 5.68 -4.02
N LYS A 6 -3.60 5.71 -5.21
CA LYS A 6 -3.77 6.95 -5.94
C LYS A 6 -4.75 7.85 -5.20
N GLN A 7 -5.49 7.24 -4.28
CA GLN A 7 -6.40 7.96 -3.40
C GLN A 7 -5.62 8.95 -2.53
N GLU A 8 -4.52 8.49 -1.95
CA GLU A 8 -3.65 9.35 -1.15
C GLU A 8 -2.81 10.23 -2.07
N ILE A 9 -2.29 9.62 -3.14
CA ILE A 9 -1.44 10.30 -4.10
C ILE A 9 -2.07 11.59 -4.62
N SER A 10 -3.33 11.49 -5.04
CA SER A 10 -4.04 12.64 -5.61
C SER A 10 -4.31 13.69 -4.54
N HIS A 11 -4.72 13.23 -3.36
CA HIS A 11 -5.14 14.14 -2.29
C HIS A 11 -3.98 14.95 -1.75
N PHE A 12 -2.79 14.37 -1.73
CA PHE A 12 -1.61 15.05 -1.21
C PHE A 12 -0.73 15.59 -2.33
N LYS A 13 -1.11 15.28 -3.58
CA LYS A 13 -0.38 15.71 -4.76
C LYS A 13 1.07 15.25 -4.71
N LEU A 14 1.26 13.94 -4.69
CA LEU A 14 2.60 13.37 -4.67
C LEU A 14 3.29 13.56 -6.01
N VAL A 15 4.60 13.77 -5.96
CA VAL A 15 5.35 14.11 -7.16
C VAL A 15 5.91 12.87 -7.84
N LYS A 16 5.50 12.63 -9.07
CA LYS A 16 5.97 11.51 -9.85
C LYS A 16 7.41 11.73 -10.31
N VAL A 17 8.28 10.80 -9.99
CA VAL A 17 9.69 10.92 -10.32
C VAL A 17 10.05 10.03 -11.52
N GLY A 18 9.39 8.89 -11.62
CA GLY A 18 9.69 7.94 -12.66
C GLY A 18 8.89 6.67 -12.48
N THR A 19 9.20 5.66 -13.28
CA THR A 19 8.47 4.41 -13.23
C THR A 19 9.41 3.24 -12.98
N ILE A 20 8.96 2.27 -12.18
CA ILE A 20 9.75 1.08 -11.92
C ILE A 20 8.95 -0.16 -12.28
N ASN A 21 9.60 -1.10 -12.93
CA ASN A 21 8.92 -2.34 -13.30
C ASN A 21 9.68 -3.55 -12.76
N VAL A 22 8.95 -4.43 -12.13
CA VAL A 22 9.53 -5.66 -11.60
C VAL A 22 9.20 -6.80 -12.54
N SER A 23 10.18 -7.18 -13.33
CA SER A 23 10.03 -8.28 -14.27
C SER A 23 10.93 -9.43 -13.87
N GLN A 24 10.35 -10.44 -13.25
CA GLN A 24 11.14 -11.53 -12.72
C GLN A 24 11.11 -12.74 -13.64
N SER A 25 12.12 -13.57 -13.52
CA SER A 25 12.26 -14.75 -14.35
C SER A 25 11.87 -16.01 -13.59
N GLY A 26 11.31 -15.84 -12.40
CA GLY A 26 10.91 -16.98 -11.61
C GLY A 26 10.78 -16.66 -10.13
N GLY A 27 11.38 -17.50 -9.31
CA GLY A 27 11.17 -17.44 -7.87
C GLY A 27 11.99 -16.38 -7.17
N GLN A 28 11.94 -15.16 -7.67
CA GLN A 28 12.56 -14.04 -6.97
C GLN A 28 11.52 -13.31 -6.13
N ILE A 29 10.25 -13.51 -6.50
CA ILE A 29 9.13 -13.01 -5.72
C ILE A 29 8.31 -14.18 -5.23
N SER A 30 8.48 -14.53 -3.96
CA SER A 30 7.78 -15.68 -3.39
C SER A 30 6.71 -15.21 -2.41
N SER A 31 7.09 -14.29 -1.54
CA SER A 31 6.18 -13.74 -0.55
C SER A 31 5.92 -12.26 -0.85
N PRO A 32 4.87 -11.66 -0.26
CA PRO A 32 4.62 -10.22 -0.37
C PRO A 32 5.83 -9.40 0.07
N SER A 33 6.61 -9.97 0.99
CA SER A 33 7.83 -9.35 1.47
C SER A 33 8.81 -9.12 0.33
N ASP A 34 9.03 -10.15 -0.48
CA ASP A 34 9.95 -10.08 -1.61
C ASP A 34 9.49 -9.02 -2.59
N LEU A 35 8.19 -9.03 -2.86
CA LEU A 35 7.58 -8.05 -3.76
C LEU A 35 7.82 -6.63 -3.24
N ARG A 36 7.50 -6.40 -1.98
CA ARG A 36 7.67 -5.08 -1.38
C ARG A 36 9.13 -4.65 -1.38
N GLU A 37 10.02 -5.58 -1.06
CA GLU A 37 11.45 -5.28 -1.03
C GLU A 37 11.96 -4.85 -2.40
N LYS A 38 11.58 -5.61 -3.43
CA LYS A 38 12.03 -5.33 -4.78
C LYS A 38 11.49 -3.98 -5.26
N LEU A 39 10.25 -3.70 -4.90
CA LEU A 39 9.63 -2.42 -5.24
C LEU A 39 10.37 -1.28 -4.55
N SER A 40 10.66 -1.45 -3.27
CA SER A 40 11.36 -0.44 -2.49
C SER A 40 12.78 -0.25 -3.02
N GLU A 41 13.39 -1.36 -3.45
CA GLU A 41 14.74 -1.34 -4.01
C GLU A 41 14.80 -0.49 -5.27
N LEU A 42 13.86 -0.73 -6.18
CA LEU A 42 13.81 0.00 -7.43
C LEU A 42 13.40 1.45 -7.21
N ALA A 43 12.51 1.68 -6.24
CA ALA A 43 12.09 3.03 -5.90
C ALA A 43 13.28 3.84 -5.39
N ASP A 44 14.13 3.20 -4.60
CA ASP A 44 15.35 3.84 -4.10
C ASP A 44 16.30 4.15 -5.25
N ALA A 45 16.35 3.24 -6.22
CA ALA A 45 17.22 3.40 -7.37
C ALA A 45 16.83 4.61 -8.22
N LYS A 46 15.53 4.87 -8.32
CA LYS A 46 15.03 6.02 -9.08
C LYS A 46 15.04 7.28 -8.22
N GLY A 47 14.72 7.12 -6.94
CA GLY A 47 14.75 8.26 -6.04
C GLY A 47 13.36 8.73 -5.64
N GLY A 48 12.60 7.82 -5.05
CA GLY A 48 11.27 8.16 -4.58
C GLY A 48 10.94 7.46 -3.28
N LYS A 49 10.15 8.12 -2.44
CA LYS A 49 9.78 7.55 -1.14
C LYS A 49 8.54 6.68 -1.28
N TYR A 50 7.68 7.05 -2.21
CA TYR A 50 6.40 6.38 -2.37
C TYR A 50 6.34 5.72 -3.73
N TYR A 51 5.53 4.69 -3.85
CA TYR A 51 5.27 4.06 -5.13
C TYR A 51 3.92 3.37 -5.09
N HIS A 52 3.41 2.99 -6.24
CA HIS A 52 2.19 2.20 -6.29
C HIS A 52 2.16 1.33 -7.54
N ILE A 53 1.86 0.06 -7.36
CA ILE A 53 1.67 -0.83 -8.49
C ILE A 53 0.43 -0.43 -9.26
N ILE A 54 0.61 0.11 -10.45
CA ILE A 54 -0.49 0.57 -11.27
C ILE A 54 -1.02 -0.55 -12.15
N ALA A 55 -0.19 -1.53 -12.42
CA ALA A 55 -0.58 -2.68 -13.22
C ALA A 55 0.37 -3.84 -13.00
N ALA A 56 -0.17 -5.05 -12.85
CA ALA A 56 0.64 -6.23 -12.63
C ALA A 56 -0.10 -7.48 -13.07
N ARG A 57 0.65 -8.48 -13.54
CA ARG A 57 0.07 -9.76 -13.91
C ARG A 57 1.14 -10.85 -13.85
N GLU A 58 0.69 -12.09 -13.71
CA GLU A 58 1.60 -13.23 -13.69
C GLU A 58 1.52 -13.97 -15.03
N HIS A 59 2.52 -13.75 -15.87
CA HIS A 59 2.53 -14.36 -17.20
C HIS A 59 3.53 -15.50 -17.22
N GLY A 60 3.13 -16.63 -16.62
CA GLY A 60 4.00 -17.77 -16.56
C GLY A 60 5.12 -17.56 -15.55
N PRO A 61 6.37 -17.78 -15.96
CA PRO A 61 7.54 -17.50 -15.12
C PRO A 61 7.82 -16.00 -15.06
N ASN A 62 7.26 -15.27 -16.01
CA ASN A 62 7.49 -13.83 -16.08
C ASN A 62 6.46 -13.08 -15.24
N PHE A 63 6.90 -12.61 -14.10
CA PHE A 63 6.07 -11.77 -13.25
C PHE A 63 6.31 -10.32 -13.59
N GLU A 64 5.29 -9.65 -14.11
CA GLU A 64 5.41 -8.25 -14.51
C GLU A 64 4.63 -7.35 -13.57
N ALA A 65 5.34 -6.59 -12.75
CA ALA A 65 4.72 -5.63 -11.86
C ALA A 65 5.17 -4.22 -12.17
N VAL A 66 4.27 -3.40 -12.68
CA VAL A 66 4.60 -2.03 -13.03
C VAL A 66 4.14 -1.09 -11.93
N ALA A 67 5.09 -0.37 -11.34
CA ALA A 67 4.79 0.57 -10.28
C ALA A 67 5.25 1.96 -10.64
N GLU A 68 4.52 2.96 -10.16
CA GLU A 68 4.83 4.34 -10.42
C GLU A 68 5.53 4.95 -9.21
N VAL A 69 6.63 5.66 -9.43
CA VAL A 69 7.46 6.19 -8.35
C VAL A 69 7.08 7.63 -8.01
N TYR A 70 6.83 7.88 -6.74
CA TYR A 70 6.47 9.21 -6.27
C TYR A 70 7.39 9.65 -5.13
N ASN A 71 7.64 10.94 -5.05
CA ASN A 71 8.42 11.50 -3.98
C ASN A 71 7.59 12.54 -3.24
N ASP A 72 8.19 13.20 -2.26
CA ASP A 72 7.52 14.23 -1.50
C ASP A 72 7.24 15.44 -2.40
N ALA A 73 6.37 16.33 -1.97
CA ALA A 73 5.97 17.46 -2.79
C ALA A 73 7.03 18.56 -2.78
N THR A 74 8.02 18.41 -1.91
CA THR A 74 9.12 19.35 -1.87
C THR A 74 10.34 18.75 -2.59
N LYS A 75 10.98 19.54 -3.43
CA LYS A 75 12.09 19.06 -4.23
C LYS A 75 13.30 19.97 -4.10
N LEU A 76 14.45 19.45 -4.46
CA LEU A 76 15.68 20.23 -4.44
C LEU A 76 15.96 20.79 -5.83
N GLU A 77 15.98 22.12 -5.92
CA GLU A 77 16.14 22.78 -7.21
C GLU A 77 17.59 22.80 -7.65
N HIS A 78 18.36 23.74 -7.10
CA HIS A 78 19.76 23.89 -7.47
C HIS A 78 20.65 23.28 -6.41
N HIS A 79 20.26 23.45 -5.16
CA HIS A 79 20.94 22.82 -4.05
C HIS A 79 20.46 21.38 -3.95
N HIS A 80 21.07 20.51 -4.73
CA HIS A 80 20.58 19.15 -4.91
C HIS A 80 20.81 18.29 -3.68
N HIS A 81 22.06 18.20 -3.23
CA HIS A 81 22.45 17.35 -2.12
C HIS A 81 22.13 15.88 -2.44
N HIS A 82 22.94 15.30 -3.30
CA HIS A 82 22.81 13.88 -3.64
C HIS A 82 23.91 13.10 -2.93
N HIS A 83 24.83 13.83 -2.33
CA HIS A 83 25.95 13.23 -1.62
C HIS A 83 25.92 13.67 -0.16
N ALA B 1 0.52 -3.23 10.39
CA ALA B 1 -0.20 -3.73 9.20
C ALA B 1 0.18 -2.91 7.97
N GLU B 2 0.38 -3.57 6.84
CA GLU B 2 0.83 -2.88 5.63
C GLU B 2 -0.31 -2.75 4.64
N GLN B 3 -0.18 -1.76 3.77
CA GLN B 3 -1.21 -1.44 2.78
C GLN B 3 -0.97 -2.24 1.49
N VAL B 4 -2.02 -2.87 0.99
CA VAL B 4 -1.93 -3.67 -0.23
C VAL B 4 -2.99 -3.25 -1.24
N SER B 5 -2.74 -3.55 -2.51
CA SER B 5 -3.68 -3.24 -3.57
C SER B 5 -4.35 -4.51 -4.08
N LYS B 6 -5.28 -4.35 -5.02
CA LYS B 6 -6.02 -5.47 -5.59
C LYS B 6 -5.10 -6.52 -6.19
N GLN B 7 -3.96 -6.06 -6.70
CA GLN B 7 -2.98 -6.96 -7.32
C GLN B 7 -2.49 -7.99 -6.32
N GLU B 8 -2.17 -7.54 -5.11
CA GLU B 8 -1.64 -8.42 -4.09
C GLU B 8 -2.75 -9.31 -3.51
N ILE B 9 -3.93 -8.72 -3.38
CA ILE B 9 -5.08 -9.43 -2.81
C ILE B 9 -5.44 -10.65 -3.65
N SER B 10 -5.68 -10.43 -4.93
CA SER B 10 -6.14 -11.51 -5.81
C SER B 10 -5.00 -12.45 -6.19
N HIS B 11 -3.76 -12.02 -6.01
CA HIS B 11 -2.62 -12.83 -6.39
C HIS B 11 -2.36 -13.92 -5.35
N PHE B 12 -2.46 -13.56 -4.09
CA PHE B 12 -2.16 -14.49 -3.01
C PHE B 12 -3.44 -14.95 -2.30
N LYS B 13 -4.58 -14.44 -2.75
CA LYS B 13 -5.87 -14.74 -2.13
C LYS B 13 -5.86 -14.38 -0.64
N LEU B 14 -5.84 -13.08 -0.36
CA LEU B 14 -5.79 -12.60 1.01
C LEU B 14 -7.13 -12.82 1.71
N VAL B 15 -7.06 -13.14 2.99
CA VAL B 15 -8.25 -13.44 3.78
C VAL B 15 -8.78 -12.19 4.48
N LYS B 16 -9.99 -11.77 4.13
CA LYS B 16 -10.58 -10.58 4.72
C LYS B 16 -11.15 -10.90 6.10
N VAL B 17 -10.43 -10.47 7.12
CA VAL B 17 -10.82 -10.75 8.50
C VAL B 17 -11.97 -9.84 8.93
N GLY B 18 -12.00 -8.63 8.38
CA GLY B 18 -13.04 -7.69 8.71
C GLY B 18 -12.87 -6.38 7.97
N THR B 19 -13.70 -5.40 8.31
CA THR B 19 -13.61 -4.09 7.69
C THR B 19 -13.49 -3.02 8.76
N ILE B 20 -12.71 -1.98 8.49
CA ILE B 20 -12.54 -0.87 9.41
C ILE B 20 -12.74 0.46 8.71
N ASN B 21 -13.28 1.43 9.42
CA ASN B 21 -13.42 2.76 8.87
C ASN B 21 -13.15 3.79 9.96
N VAL B 22 -12.25 4.71 9.67
CA VAL B 22 -11.83 5.71 10.63
C VAL B 22 -12.51 7.03 10.31
N SER B 23 -13.32 7.49 11.25
CA SER B 23 -14.04 8.73 11.09
C SER B 23 -13.46 9.78 12.03
N GLN B 24 -12.89 10.83 11.46
CA GLN B 24 -12.24 11.87 12.25
C GLN B 24 -12.71 13.25 11.81
N SER B 25 -12.68 14.19 12.76
CA SER B 25 -13.08 15.57 12.48
C SER B 25 -11.92 16.37 11.90
N GLY B 26 -10.82 15.69 11.63
CA GLY B 26 -9.63 16.35 11.17
C GLY B 26 -8.63 16.53 12.30
N GLY B 27 -7.51 17.18 12.02
CA GLY B 27 -6.51 17.41 13.04
C GLY B 27 -5.73 16.16 13.39
N GLN B 28 -6.41 15.17 13.94
CA GLN B 28 -5.80 13.91 14.29
C GLN B 28 -5.34 13.18 13.03
N ILE B 29 -5.97 13.50 11.92
CA ILE B 29 -5.55 13.02 10.62
C ILE B 29 -5.06 14.20 9.78
N SER B 30 -3.76 14.40 9.74
CA SER B 30 -3.18 15.51 9.00
C SER B 30 -2.28 15.00 7.90
N SER B 31 -1.38 14.09 8.25
CA SER B 31 -0.45 13.52 7.31
C SER B 31 -0.83 12.08 6.98
N PRO B 32 -0.35 11.55 5.84
CA PRO B 32 -0.59 10.16 5.47
C PRO B 32 -0.07 9.18 6.53
N SER B 33 0.91 9.64 7.29
CA SER B 33 1.46 8.86 8.39
C SER B 33 0.42 8.63 9.48
N ASP B 34 -0.34 9.68 9.79
CA ASP B 34 -1.42 9.58 10.78
C ASP B 34 -2.45 8.58 10.32
N LEU B 35 -2.91 8.76 9.09
CA LEU B 35 -3.90 7.87 8.49
C LEU B 35 -3.42 6.43 8.51
N ARG B 36 -2.14 6.25 8.19
CA ARG B 36 -1.54 4.93 8.12
C ARG B 36 -1.51 4.27 9.50
N GLU B 37 -1.19 5.06 10.52
CA GLU B 37 -1.12 4.59 11.90
C GLU B 37 -2.47 4.03 12.33
N LYS B 38 -3.53 4.79 12.09
CA LYS B 38 -4.87 4.43 12.57
C LYS B 38 -5.32 3.11 11.95
N LEU B 39 -5.13 2.98 10.65
CA LEU B 39 -5.56 1.79 9.92
C LEU B 39 -4.71 0.59 10.32
N SER B 40 -3.42 0.81 10.48
CA SER B 40 -2.50 -0.25 10.87
C SER B 40 -2.87 -0.81 12.24
N GLU B 41 -3.15 0.10 13.17
CA GLU B 41 -3.50 -0.28 14.54
C GLU B 41 -4.78 -1.11 14.57
N LEU B 42 -5.82 -0.60 13.90
CA LEU B 42 -7.12 -1.26 13.91
C LEU B 42 -7.08 -2.61 13.21
N ALA B 43 -6.34 -2.69 12.12
CA ALA B 43 -6.24 -3.93 11.35
C ALA B 43 -5.60 -5.04 12.17
N ASP B 44 -4.51 -4.72 12.86
CA ASP B 44 -3.79 -5.70 13.66
C ASP B 44 -4.63 -6.14 14.86
N ALA B 45 -5.46 -5.22 15.34
CA ALA B 45 -6.35 -5.49 16.48
C ALA B 45 -7.45 -6.47 16.08
N LYS B 46 -7.99 -6.29 14.87
CA LYS B 46 -8.99 -7.20 14.33
C LYS B 46 -8.40 -8.59 14.13
N GLY B 47 -7.17 -8.62 13.64
CA GLY B 47 -6.50 -9.88 13.39
C GLY B 47 -5.99 -9.99 11.97
N GLY B 48 -5.64 -8.84 11.38
CA GLY B 48 -5.09 -8.84 10.04
C GLY B 48 -3.72 -8.19 10.00
N LYS B 49 -2.99 -8.42 8.90
CA LYS B 49 -1.66 -7.85 8.74
C LYS B 49 -1.61 -6.93 7.53
N TYR B 50 -2.65 -7.00 6.71
CA TYR B 50 -2.72 -6.18 5.51
C TYR B 50 -4.02 -5.38 5.54
N TYR B 51 -4.05 -4.23 4.88
CA TYR B 51 -5.29 -3.50 4.76
C TYR B 51 -5.41 -2.88 3.37
N HIS B 52 -6.63 -2.88 2.86
CA HIS B 52 -6.91 -2.34 1.54
C HIS B 52 -7.89 -1.17 1.66
N ILE B 53 -7.38 0.04 1.51
CA ILE B 53 -8.22 1.23 1.61
C ILE B 53 -9.15 1.33 0.40
N ILE B 54 -10.42 1.05 0.63
CA ILE B 54 -11.41 1.10 -0.45
C ILE B 54 -12.05 2.48 -0.54
N ALA B 55 -12.00 3.24 0.55
CA ALA B 55 -12.59 4.56 0.58
C ALA B 55 -11.83 5.49 1.50
N ALA B 56 -10.87 6.21 0.95
CA ALA B 56 -10.21 7.28 1.67
C ALA B 56 -10.84 8.60 1.25
N ARG B 57 -11.97 8.91 1.87
CA ARG B 57 -12.83 9.97 1.37
C ARG B 57 -13.11 11.01 2.44
N GLU B 58 -13.66 12.14 2.00
CA GLU B 58 -13.99 13.23 2.89
C GLU B 58 -15.50 13.42 2.92
N HIS B 59 -16.11 13.21 4.08
CA HIS B 59 -17.55 13.37 4.21
C HIS B 59 -17.87 14.63 5.02
N GLY B 60 -17.63 15.78 4.41
CA GLY B 60 -17.83 17.04 5.08
C GLY B 60 -16.75 17.30 6.10
N PRO B 61 -17.12 17.55 7.36
CA PRO B 61 -16.15 17.69 8.45
C PRO B 61 -15.74 16.34 9.02
N ASN B 62 -16.22 15.27 8.40
CA ASN B 62 -15.93 13.92 8.84
C ASN B 62 -15.08 13.21 7.80
N PHE B 63 -13.83 12.99 8.11
CA PHE B 63 -12.95 12.24 7.22
C PHE B 63 -13.21 10.75 7.40
N GLU B 64 -13.49 10.07 6.30
CA GLU B 64 -13.83 8.66 6.35
C GLU B 64 -12.77 7.82 5.66
N ALA B 65 -12.01 7.07 6.44
CA ALA B 65 -11.05 6.14 5.88
C ALA B 65 -11.54 4.71 6.05
N VAL B 66 -12.04 4.14 4.97
CA VAL B 66 -12.56 2.78 4.99
C VAL B 66 -11.57 1.82 4.35
N ALA B 67 -11.17 0.81 5.10
CA ALA B 67 -10.20 -0.15 4.63
C ALA B 67 -10.65 -1.57 4.96
N GLU B 68 -10.16 -2.52 4.17
CA GLU B 68 -10.47 -3.93 4.39
C GLU B 68 -9.30 -4.59 5.08
N VAL B 69 -9.58 -5.32 6.16
CA VAL B 69 -8.54 -5.97 6.93
C VAL B 69 -8.26 -7.36 6.37
N TYR B 70 -7.05 -7.56 5.89
CA TYR B 70 -6.67 -8.83 5.30
C TYR B 70 -5.56 -9.50 6.09
N ASN B 71 -5.60 -10.82 6.12
CA ASN B 71 -4.52 -11.61 6.68
C ASN B 71 -4.21 -12.75 5.70
N ASP B 72 -3.23 -13.57 6.03
CA ASP B 72 -2.89 -14.71 5.20
C ASP B 72 -3.86 -15.87 5.47
N ALA B 73 -3.80 -16.91 4.64
CA ALA B 73 -4.66 -18.07 4.81
C ALA B 73 -4.32 -18.82 6.10
N THR B 74 -3.19 -18.46 6.69
CA THR B 74 -2.78 -19.03 7.96
C THR B 74 -3.48 -18.32 9.11
N LYS B 75 -4.65 -18.84 9.48
CA LYS B 75 -5.48 -18.21 10.48
C LYS B 75 -5.70 -19.15 11.66
N LEU B 76 -5.19 -18.76 12.82
CA LEU B 76 -5.38 -19.56 14.03
C LEU B 76 -6.75 -19.31 14.63
N GLU B 77 -7.68 -20.19 14.32
CA GLU B 77 -9.05 -20.08 14.83
C GLU B 77 -9.31 -21.14 15.89
N HIS B 78 -10.57 -21.23 16.33
CA HIS B 78 -10.99 -22.20 17.33
C HIS B 78 -10.40 -21.91 18.71
N HIS B 79 -9.11 -22.17 18.85
CA HIS B 79 -8.44 -22.10 20.15
C HIS B 79 -8.39 -20.67 20.67
N HIS B 80 -8.15 -19.73 19.76
CA HIS B 80 -8.02 -18.30 20.10
C HIS B 80 -6.76 -18.05 20.92
N HIS B 81 -5.82 -17.33 20.34
CA HIS B 81 -4.56 -17.02 21.00
C HIS B 81 -4.74 -15.94 22.05
N HIS B 82 -5.42 -16.28 23.13
CA HIS B 82 -5.47 -15.42 24.31
C HIS B 82 -4.45 -15.92 25.33
N HIS B 83 -4.14 -17.20 25.23
CA HIS B 83 -3.12 -17.82 26.07
C HIS B 83 -2.38 -18.89 25.27
N ALA A 1 10.98 2.71 1.06
CA ALA A 1 9.89 3.36 0.30
C ALA A 1 8.54 2.80 0.75
N GLU A 2 7.56 3.69 0.85
CA GLU A 2 6.23 3.30 1.30
C GLU A 2 5.28 3.11 0.12
N GLN A 3 4.32 2.23 0.28
CA GLN A 3 3.31 2.01 -0.75
C GLN A 3 2.16 3.00 -0.56
N VAL A 4 1.88 3.77 -1.60
CA VAL A 4 0.81 4.74 -1.57
C VAL A 4 -0.38 4.27 -2.39
N SER A 5 -1.58 4.43 -1.84
CA SER A 5 -2.79 4.04 -2.54
C SER A 5 -3.35 5.23 -3.31
N LYS A 6 -4.32 4.94 -4.18
CA LYS A 6 -4.92 5.96 -5.05
C LYS A 6 -5.49 7.12 -4.23
N GLN A 7 -6.20 6.77 -3.16
CA GLN A 7 -6.89 7.76 -2.35
C GLN A 7 -5.90 8.64 -1.59
N GLU A 8 -4.69 8.14 -1.37
CA GLU A 8 -3.65 8.90 -0.71
C GLU A 8 -2.98 9.86 -1.70
N ILE A 9 -2.63 9.32 -2.86
CA ILE A 9 -1.97 10.08 -3.91
C ILE A 9 -2.80 11.30 -4.32
N SER A 10 -4.08 11.09 -4.53
CA SER A 10 -4.97 12.13 -5.01
C SER A 10 -5.34 13.12 -3.90
N HIS A 11 -5.21 12.69 -2.65
CA HIS A 11 -5.61 13.53 -1.52
C HIS A 11 -4.53 14.55 -1.21
N PHE A 12 -3.27 14.13 -1.27
CA PHE A 12 -2.16 15.00 -0.93
C PHE A 12 -1.50 15.57 -2.17
N LYS A 13 -1.86 15.01 -3.33
CA LYS A 13 -1.28 15.42 -4.62
C LYS A 13 0.21 15.12 -4.66
N LEU A 14 0.55 13.85 -4.85
CA LEU A 14 1.94 13.43 -4.87
C LEU A 14 2.58 13.70 -6.21
N VAL A 15 3.90 13.83 -6.21
CA VAL A 15 4.67 14.14 -7.41
C VAL A 15 5.20 12.87 -8.05
N LYS A 16 4.69 12.52 -9.23
CA LYS A 16 5.10 11.28 -9.88
C LYS A 16 6.46 11.45 -10.55
N VAL A 17 7.38 10.55 -10.21
CA VAL A 17 8.74 10.60 -10.74
C VAL A 17 8.84 9.74 -12.00
N GLY A 18 8.24 8.56 -11.95
CA GLY A 18 8.28 7.66 -13.09
C GLY A 18 7.52 6.38 -12.80
N THR A 19 7.75 5.37 -13.63
CA THR A 19 7.10 4.08 -13.47
C THR A 19 8.14 2.96 -13.60
N ILE A 20 8.24 2.14 -12.56
CA ILE A 20 9.22 1.06 -12.55
C ILE A 20 8.57 -0.28 -12.88
N ASN A 21 9.36 -1.18 -13.43
CA ASN A 21 8.88 -2.52 -13.77
C ASN A 21 9.93 -3.56 -13.40
N VAL A 22 9.51 -4.55 -12.64
CA VAL A 22 10.36 -5.69 -12.36
C VAL A 22 9.92 -6.84 -13.24
N SER A 23 10.64 -7.06 -14.32
CA SER A 23 10.38 -8.20 -15.17
C SER A 23 11.17 -9.38 -14.62
N GLN A 24 10.50 -10.12 -13.76
CA GLN A 24 11.12 -11.19 -13.00
C GLN A 24 10.60 -12.52 -13.52
N SER A 25 11.04 -13.61 -12.92
CA SER A 25 10.57 -14.93 -13.31
C SER A 25 9.99 -15.66 -12.11
N GLY A 26 9.06 -16.58 -12.36
CA GLY A 26 8.41 -17.32 -11.29
C GLY A 26 9.37 -18.12 -10.46
N GLY A 27 9.66 -17.64 -9.26
CA GLY A 27 10.60 -18.31 -8.39
C GLY A 27 11.39 -17.30 -7.56
N GLN A 28 11.89 -16.27 -8.23
CA GLN A 28 12.63 -15.21 -7.56
C GLN A 28 11.70 -14.45 -6.63
N ILE A 29 10.68 -13.81 -7.21
CA ILE A 29 9.66 -13.18 -6.42
C ILE A 29 8.54 -14.16 -6.12
N SER A 30 8.43 -14.51 -4.87
CA SER A 30 7.44 -15.47 -4.41
C SER A 30 6.72 -14.94 -3.18
N SER A 31 7.45 -14.22 -2.33
CA SER A 31 6.88 -13.61 -1.15
C SER A 31 6.60 -12.13 -1.41
N PRO A 32 5.60 -11.56 -0.72
CA PRO A 32 5.31 -10.13 -0.81
C PRO A 32 6.50 -9.28 -0.39
N SER A 33 7.27 -9.80 0.55
CA SER A 33 8.47 -9.12 1.04
C SER A 33 9.48 -8.91 -0.10
N ASP A 34 9.74 -9.97 -0.85
CA ASP A 34 10.69 -9.90 -1.97
C ASP A 34 10.18 -8.93 -3.02
N LEU A 35 8.86 -8.95 -3.23
CA LEU A 35 8.20 -8.03 -4.15
C LEU A 35 8.42 -6.58 -3.73
N ARG A 36 8.14 -6.27 -2.47
CA ARG A 36 8.31 -4.91 -1.95
C ARG A 36 9.78 -4.52 -1.98
N GLU A 37 10.64 -5.50 -1.78
CA GLU A 37 12.09 -5.29 -1.80
C GLU A 37 12.51 -4.73 -3.16
N LYS A 38 12.17 -5.44 -4.23
CA LYS A 38 12.51 -4.99 -5.58
C LYS A 38 11.85 -3.67 -5.93
N LEU A 39 10.62 -3.48 -5.48
CA LEU A 39 9.88 -2.26 -5.76
C LEU A 39 10.52 -1.07 -5.05
N SER A 40 10.84 -1.23 -3.77
CA SER A 40 11.49 -0.17 -3.01
C SER A 40 12.91 0.03 -3.53
N GLU A 41 13.51 -1.05 -4.01
CA GLU A 41 14.85 -1.02 -4.58
C GLU A 41 14.89 -0.12 -5.81
N LEU A 42 13.97 -0.36 -6.74
CA LEU A 42 13.91 0.41 -7.97
C LEU A 42 13.39 1.82 -7.70
N ALA A 43 12.51 1.96 -6.72
CA ALA A 43 12.02 3.27 -6.31
C ALA A 43 13.17 4.12 -5.80
N ASP A 44 14.02 3.50 -4.99
CA ASP A 44 15.23 4.15 -4.48
C ASP A 44 16.19 4.48 -5.62
N ALA A 45 16.27 3.57 -6.58
CA ALA A 45 17.13 3.75 -7.75
C ALA A 45 16.69 4.94 -8.59
N LYS A 46 15.40 5.23 -8.58
CA LYS A 46 14.88 6.40 -9.28
C LYS A 46 14.98 7.63 -8.39
N GLY A 47 14.79 7.44 -7.11
CA GLY A 47 14.86 8.54 -6.16
C GLY A 47 13.50 8.90 -5.59
N GLY A 48 12.65 7.90 -5.43
CA GLY A 48 11.32 8.13 -4.90
C GLY A 48 11.16 7.56 -3.51
N LYS A 49 10.25 8.14 -2.74
CA LYS A 49 10.01 7.70 -1.37
C LYS A 49 8.76 6.85 -1.29
N TYR A 50 7.89 7.01 -2.29
CA TYR A 50 6.62 6.31 -2.29
C TYR A 50 6.44 5.58 -3.61
N TYR A 51 5.76 4.45 -3.57
CA TYR A 51 5.46 3.70 -4.78
C TYR A 51 4.06 3.14 -4.73
N HIS A 52 3.41 3.06 -5.88
CA HIS A 52 2.08 2.49 -5.99
C HIS A 52 2.10 1.32 -6.96
N ILE A 53 1.76 0.13 -6.48
CA ILE A 53 1.71 -1.05 -7.33
C ILE A 53 0.50 -1.00 -8.25
N ILE A 54 0.75 -0.91 -9.55
CA ILE A 54 -0.32 -0.89 -10.52
C ILE A 54 -0.40 -2.21 -11.27
N ALA A 55 0.61 -3.05 -11.08
CA ALA A 55 0.63 -4.36 -11.69
C ALA A 55 1.50 -5.32 -10.91
N ALA A 56 0.88 -6.27 -10.25
CA ALA A 56 1.59 -7.37 -9.60
C ALA A 56 1.12 -8.67 -10.22
N ARG A 57 1.53 -8.86 -11.46
CA ARG A 57 0.98 -9.93 -12.29
C ARG A 57 2.07 -10.81 -12.85
N GLU A 58 1.66 -11.88 -13.49
CA GLU A 58 2.59 -12.82 -14.08
C GLU A 58 2.40 -12.87 -15.59
N HIS A 59 3.51 -12.97 -16.30
CA HIS A 59 3.48 -13.02 -17.75
C HIS A 59 3.97 -14.39 -18.21
N GLY A 60 3.09 -15.38 -18.10
CA GLY A 60 3.48 -16.74 -18.37
C GLY A 60 4.29 -17.31 -17.23
N PRO A 61 5.53 -17.74 -17.48
CA PRO A 61 6.45 -18.16 -16.43
C PRO A 61 7.19 -16.98 -15.80
N ASN A 62 6.88 -15.78 -16.28
CA ASN A 62 7.53 -14.57 -15.78
C ASN A 62 6.63 -13.84 -14.83
N PHE A 63 7.19 -12.84 -14.16
CA PHE A 63 6.44 -12.00 -13.25
C PHE A 63 6.70 -10.54 -13.60
N GLU A 64 5.64 -9.75 -13.69
CA GLU A 64 5.77 -8.34 -14.06
C GLU A 64 5.27 -7.48 -12.92
N ALA A 65 6.20 -6.82 -12.24
CA ALA A 65 5.85 -5.93 -11.14
C ALA A 65 6.01 -4.48 -11.57
N VAL A 66 4.89 -3.83 -11.84
CA VAL A 66 4.89 -2.45 -12.31
C VAL A 66 4.37 -1.53 -11.21
N ALA A 67 5.14 -0.51 -10.89
CA ALA A 67 4.77 0.42 -9.83
C ALA A 67 5.04 1.85 -10.24
N GLU A 68 4.35 2.77 -9.59
CA GLU A 68 4.52 4.19 -9.86
C GLU A 68 5.38 4.81 -8.77
N VAL A 69 6.46 5.45 -9.18
CA VAL A 69 7.38 6.08 -8.24
C VAL A 69 6.93 7.50 -7.94
N TYR A 70 6.72 7.80 -6.66
CA TYR A 70 6.25 9.11 -6.26
C TYR A 70 7.24 9.80 -5.32
N ASN A 71 7.36 11.10 -5.51
CA ASN A 71 8.22 11.95 -4.71
C ASN A 71 7.35 12.94 -3.95
N ASP A 72 7.88 13.57 -2.92
CA ASP A 72 7.10 14.52 -2.15
C ASP A 72 7.31 15.94 -2.67
N ALA A 73 6.34 16.80 -2.45
CA ALA A 73 6.34 18.15 -3.02
C ALA A 73 7.26 19.11 -2.26
N THR A 74 8.25 18.57 -1.58
CA THR A 74 9.19 19.39 -0.83
C THR A 74 10.46 19.61 -1.65
N LYS A 75 10.61 18.80 -2.69
CA LYS A 75 11.76 18.87 -3.57
C LYS A 75 11.69 20.11 -4.46
N LEU A 76 12.82 20.43 -5.08
CA LEU A 76 12.97 21.65 -5.89
C LEU A 76 12.86 22.87 -4.97
N GLU A 77 13.99 23.43 -4.61
CA GLU A 77 14.03 24.49 -3.61
C GLU A 77 14.12 25.87 -4.24
N HIS A 78 14.36 26.86 -3.40
CA HIS A 78 14.47 28.25 -3.82
C HIS A 78 15.37 29.00 -2.85
N HIS A 79 15.92 30.11 -3.31
CA HIS A 79 16.87 30.88 -2.50
C HIS A 79 16.18 31.51 -1.30
N HIS A 80 16.78 31.33 -0.13
CA HIS A 80 16.27 31.96 1.08
C HIS A 80 16.80 33.39 1.16
N HIS A 81 16.04 34.32 0.61
CA HIS A 81 16.44 35.71 0.57
C HIS A 81 16.14 36.40 1.90
N HIS A 82 17.14 36.45 2.76
CA HIS A 82 17.00 37.05 4.07
C HIS A 82 18.29 37.74 4.46
N HIS A 83 18.18 38.89 5.11
CA HIS A 83 19.34 39.63 5.57
C HIS A 83 19.05 40.26 6.92
N ALA B 1 0.04 -3.42 10.54
CA ALA B 1 -0.43 -4.15 9.35
C ALA B 1 0.22 -3.59 8.10
N GLU B 2 0.26 -4.38 7.05
CA GLU B 2 0.92 -3.99 5.81
C GLU B 2 -0.08 -3.45 4.79
N GLN B 3 0.33 -2.41 4.07
CA GLN B 3 -0.46 -1.87 2.98
C GLN B 3 -0.32 -2.78 1.76
N VAL B 4 -1.43 -3.29 1.27
CA VAL B 4 -1.40 -4.19 0.12
C VAL B 4 -2.25 -3.64 -1.02
N SER B 5 -1.78 -3.84 -2.24
CA SER B 5 -2.53 -3.47 -3.43
C SER B 5 -3.57 -4.52 -3.76
N LYS B 6 -4.45 -4.22 -4.71
CA LYS B 6 -5.52 -5.13 -5.10
C LYS B 6 -4.93 -6.39 -5.72
N GLN B 7 -3.87 -6.23 -6.50
CA GLN B 7 -3.22 -7.34 -7.17
C GLN B 7 -2.34 -8.14 -6.22
N GLU B 8 -2.29 -7.72 -4.96
CA GLU B 8 -1.63 -8.52 -3.93
C GLU B 8 -2.64 -9.46 -3.30
N ILE B 9 -3.74 -8.87 -2.85
CA ILE B 9 -4.82 -9.60 -2.19
C ILE B 9 -5.29 -10.80 -3.03
N SER B 10 -5.61 -10.54 -4.28
CA SER B 10 -6.19 -11.56 -5.14
C SER B 10 -5.10 -12.51 -5.67
N HIS B 11 -3.85 -12.11 -5.57
CA HIS B 11 -2.75 -12.91 -6.09
C HIS B 11 -2.25 -13.91 -5.05
N PHE B 12 -2.11 -13.45 -3.82
CA PHE B 12 -1.65 -14.30 -2.73
C PHE B 12 -2.82 -14.95 -2.01
N LYS B 13 -4.03 -14.51 -2.38
CA LYS B 13 -5.28 -15.02 -1.82
C LYS B 13 -5.36 -14.72 -0.32
N LEU B 14 -5.81 -13.51 -0.01
CA LEU B 14 -5.95 -13.09 1.38
C LEU B 14 -7.38 -13.30 1.84
N VAL B 15 -7.53 -13.63 3.11
CA VAL B 15 -8.83 -13.92 3.70
C VAL B 15 -9.34 -12.71 4.47
N LYS B 16 -10.35 -12.05 3.95
CA LYS B 16 -10.88 -10.83 4.56
C LYS B 16 -11.51 -11.11 5.91
N VAL B 17 -11.12 -10.32 6.91
CA VAL B 17 -11.67 -10.42 8.25
C VAL B 17 -12.88 -9.50 8.39
N GLY B 18 -12.78 -8.34 7.76
CA GLY B 18 -13.85 -7.37 7.83
C GLY B 18 -13.42 -6.04 7.24
N THR B 19 -14.22 -5.01 7.46
CA THR B 19 -13.92 -3.68 6.93
C THR B 19 -13.81 -2.68 8.08
N ILE B 20 -12.75 -1.87 8.05
CA ILE B 20 -12.57 -0.84 9.06
C ILE B 20 -12.95 0.52 8.49
N ASN B 21 -13.44 1.39 9.35
CA ASN B 21 -13.87 2.71 8.94
C ASN B 21 -13.54 3.74 10.01
N VAL B 22 -12.65 4.65 9.70
CA VAL B 22 -12.29 5.69 10.63
C VAL B 22 -13.00 6.98 10.25
N SER B 23 -14.07 7.27 10.96
CA SER B 23 -14.84 8.47 10.73
C SER B 23 -14.46 9.53 11.77
N GLN B 24 -13.66 10.50 11.36
CA GLN B 24 -13.18 11.52 12.27
C GLN B 24 -13.69 12.89 11.89
N SER B 25 -13.71 13.79 12.87
CA SER B 25 -14.16 15.15 12.65
C SER B 25 -12.98 16.07 12.34
N GLY B 26 -11.88 15.47 11.90
CA GLY B 26 -10.69 16.22 11.61
C GLY B 26 -9.77 16.30 12.81
N GLY B 27 -8.59 16.89 12.61
CA GLY B 27 -7.63 17.04 13.69
C GLY B 27 -6.86 15.77 13.98
N GLN B 28 -7.58 14.67 14.15
CA GLN B 28 -6.98 13.37 14.45
C GLN B 28 -6.01 12.96 13.36
N ILE B 29 -6.35 13.27 12.12
CA ILE B 29 -5.49 12.95 10.98
C ILE B 29 -5.02 14.23 10.31
N SER B 30 -3.72 14.33 10.10
CA SER B 30 -3.14 15.50 9.47
C SER B 30 -2.22 15.09 8.33
N SER B 31 -1.51 13.99 8.53
CA SER B 31 -0.61 13.45 7.52
C SER B 31 -0.92 11.97 7.28
N PRO B 32 -0.35 11.36 6.22
CA PRO B 32 -0.53 9.94 5.94
C PRO B 32 -0.12 9.06 7.13
N SER B 33 0.86 9.54 7.90
CA SER B 33 1.32 8.84 9.08
C SER B 33 0.19 8.64 10.09
N ASP B 34 -0.63 9.68 10.27
CA ASP B 34 -1.77 9.61 11.19
C ASP B 34 -2.81 8.63 10.64
N LEU B 35 -3.09 8.78 9.35
CA LEU B 35 -4.07 7.95 8.67
C LEU B 35 -3.71 6.48 8.77
N ARG B 36 -2.52 6.14 8.33
CA ARG B 36 -2.07 4.76 8.28
C ARG B 36 -1.90 4.17 9.69
N GLU B 37 -1.67 5.05 10.66
CA GLU B 37 -1.56 4.60 12.05
C GLU B 37 -2.90 4.04 12.51
N LYS B 38 -3.96 4.85 12.41
CA LYS B 38 -5.30 4.43 12.78
C LYS B 38 -5.76 3.22 11.97
N LEU B 39 -5.40 3.18 10.70
CA LEU B 39 -5.78 2.07 9.83
C LEU B 39 -5.10 0.79 10.28
N SER B 40 -3.79 0.84 10.48
CA SER B 40 -3.04 -0.33 10.95
C SER B 40 -3.50 -0.73 12.35
N GLU B 41 -3.77 0.29 13.16
CA GLU B 41 -4.23 0.10 14.53
C GLU B 41 -5.50 -0.76 14.56
N LEU B 42 -6.47 -0.39 13.74
CA LEU B 42 -7.73 -1.12 13.68
C LEU B 42 -7.57 -2.44 12.93
N ALA B 43 -6.69 -2.47 11.93
CA ALA B 43 -6.45 -3.68 11.15
C ALA B 43 -5.90 -4.80 12.03
N ASP B 44 -4.85 -4.48 12.79
CA ASP B 44 -4.25 -5.46 13.70
C ASP B 44 -5.20 -5.80 14.83
N ALA B 45 -6.07 -4.85 15.17
CA ALA B 45 -7.10 -5.08 16.19
C ALA B 45 -8.15 -6.08 15.69
N LYS B 46 -8.43 -6.05 14.39
CA LYS B 46 -9.34 -7.02 13.77
C LYS B 46 -8.68 -8.39 13.72
N GLY B 47 -7.36 -8.38 13.53
CA GLY B 47 -6.63 -9.63 13.39
C GLY B 47 -6.12 -9.82 11.98
N GLY B 48 -5.97 -8.72 11.25
CA GLY B 48 -5.51 -8.80 9.88
C GLY B 48 -4.14 -8.17 9.71
N LYS B 49 -3.25 -8.88 9.04
CA LYS B 49 -1.89 -8.39 8.83
C LYS B 49 -1.81 -7.53 7.57
N TYR B 50 -2.85 -7.63 6.74
CA TYR B 50 -2.87 -6.92 5.47
C TYR B 50 -4.13 -6.07 5.39
N TYR B 51 -4.02 -4.89 4.81
CA TYR B 51 -5.19 -4.06 4.60
C TYR B 51 -5.03 -3.19 3.34
N HIS B 52 -6.14 -2.81 2.77
CA HIS B 52 -6.12 -1.97 1.58
C HIS B 52 -7.10 -0.81 1.72
N ILE B 53 -6.59 0.40 1.59
CA ILE B 53 -7.43 1.60 1.59
C ILE B 53 -8.25 1.66 0.32
N ILE B 54 -9.56 1.61 0.46
CA ILE B 54 -10.45 1.64 -0.70
C ILE B 54 -11.17 2.98 -0.82
N ALA B 55 -11.32 3.67 0.31
CA ALA B 55 -12.01 4.95 0.31
C ALA B 55 -11.54 5.83 1.46
N ALA B 56 -10.60 6.71 1.18
CA ALA B 56 -10.17 7.70 2.16
C ALA B 56 -10.61 9.08 1.70
N ARG B 57 -11.86 9.40 1.98
CA ARG B 57 -12.46 10.62 1.47
C ARG B 57 -12.60 11.66 2.56
N GLU B 58 -12.72 12.91 2.15
CA GLU B 58 -12.81 14.03 3.05
C GLU B 58 -14.15 14.72 2.87
N HIS B 59 -15.05 14.51 3.81
CA HIS B 59 -16.40 15.04 3.72
C HIS B 59 -16.52 16.30 4.56
N GLY B 60 -16.11 17.41 3.99
CA GLY B 60 -16.11 18.66 4.73
C GLY B 60 -15.00 18.70 5.75
N PRO B 61 -15.33 18.93 7.03
CA PRO B 61 -14.36 18.87 8.12
C PRO B 61 -14.10 17.44 8.55
N ASN B 62 -15.00 16.55 8.18
CA ASN B 62 -14.94 15.15 8.59
C ASN B 62 -14.15 14.33 7.58
N PHE B 63 -13.53 13.26 8.05
CA PHE B 63 -12.73 12.40 7.20
C PHE B 63 -13.22 10.96 7.34
N GLU B 64 -13.37 10.28 6.22
CA GLU B 64 -13.81 8.89 6.20
C GLU B 64 -12.72 7.99 5.64
N ALA B 65 -12.11 7.19 6.51
CA ALA B 65 -11.11 6.24 6.07
C ALA B 65 -11.67 4.82 6.08
N VAL B 66 -11.99 4.33 4.89
CA VAL B 66 -12.52 2.98 4.75
C VAL B 66 -11.46 2.06 4.15
N ALA B 67 -11.16 0.97 4.84
CA ALA B 67 -10.17 0.01 4.38
C ALA B 67 -10.62 -1.40 4.69
N GLU B 68 -10.14 -2.36 3.91
CA GLU B 68 -10.51 -3.76 4.11
C GLU B 68 -9.37 -4.49 4.81
N VAL B 69 -9.73 -5.27 5.83
CA VAL B 69 -8.73 -5.98 6.62
C VAL B 69 -8.66 -7.45 6.18
N TYR B 70 -7.45 -7.91 5.89
CA TYR B 70 -7.24 -9.27 5.41
C TYR B 70 -6.28 -10.05 6.29
N ASN B 71 -6.63 -11.30 6.55
CA ASN B 71 -5.77 -12.21 7.28
C ASN B 71 -5.19 -13.22 6.30
N ASP B 72 -4.09 -13.86 6.67
CA ASP B 72 -3.43 -14.83 5.80
C ASP B 72 -4.28 -16.09 5.68
N ALA B 73 -4.00 -16.92 4.68
CA ALA B 73 -4.71 -18.18 4.50
C ALA B 73 -4.20 -19.24 5.48
N THR B 74 -3.60 -18.79 6.56
CA THR B 74 -3.04 -19.68 7.56
C THR B 74 -3.66 -19.39 8.92
N LYS B 75 -4.52 -20.30 9.38
CA LYS B 75 -5.22 -20.10 10.64
C LYS B 75 -5.24 -21.35 11.50
N LEU B 76 -5.67 -22.47 10.91
CA LEU B 76 -5.95 -23.68 11.67
C LEU B 76 -4.85 -24.72 11.47
N GLU B 77 -4.15 -25.02 12.55
CA GLU B 77 -3.16 -26.10 12.55
C GLU B 77 -3.82 -27.39 13.02
N HIS B 78 -3.29 -28.52 12.57
CA HIS B 78 -3.85 -29.82 12.92
C HIS B 78 -2.77 -30.73 13.48
N HIS B 79 -3.19 -31.88 14.01
CA HIS B 79 -2.27 -32.80 14.65
C HIS B 79 -1.41 -33.52 13.63
N HIS B 80 -0.20 -33.86 14.04
CA HIS B 80 0.69 -34.69 13.25
C HIS B 80 0.97 -35.97 14.04
N HIS B 81 0.60 -37.10 13.47
CA HIS B 81 0.72 -38.36 14.20
C HIS B 81 1.73 -39.29 13.53
N HIS B 82 2.90 -39.38 14.15
CA HIS B 82 3.98 -40.25 13.69
C HIS B 82 5.14 -40.20 14.67
N HIS B 83 5.53 -41.36 15.19
CA HIS B 83 6.64 -41.43 16.12
C HIS B 83 7.72 -42.35 15.55
N ALA A 1 10.71 3.49 1.77
CA ALA A 1 9.63 3.72 0.78
C ALA A 1 8.38 2.97 1.16
N GLU A 2 7.22 3.61 1.00
CA GLU A 2 5.94 3.03 1.38
C GLU A 2 5.04 2.87 0.17
N GLN A 3 4.19 1.84 0.18
CA GLN A 3 3.21 1.67 -0.87
C GLN A 3 1.97 2.47 -0.54
N VAL A 4 1.61 3.37 -1.44
CA VAL A 4 0.41 4.18 -1.28
C VAL A 4 -0.62 3.80 -2.32
N SER A 5 -1.89 3.87 -1.95
CA SER A 5 -2.97 3.59 -2.86
C SER A 5 -3.19 4.78 -3.79
N LYS A 6 -3.86 4.55 -4.91
CA LYS A 6 -4.11 5.62 -5.87
C LYS A 6 -5.07 6.64 -5.26
N GLN A 7 -5.73 6.22 -4.19
CA GLN A 7 -6.66 7.07 -3.46
C GLN A 7 -5.90 8.07 -2.59
N GLU A 8 -4.77 7.63 -2.06
CA GLU A 8 -3.89 8.50 -1.28
C GLU A 8 -3.17 9.47 -2.22
N ILE A 9 -2.79 8.96 -3.38
CA ILE A 9 -2.05 9.74 -4.37
C ILE A 9 -2.84 10.94 -4.86
N SER A 10 -4.10 10.72 -5.24
CA SER A 10 -4.92 11.79 -5.79
C SER A 10 -5.44 12.71 -4.69
N HIS A 11 -5.36 12.25 -3.45
CA HIS A 11 -5.84 13.03 -2.32
C HIS A 11 -4.82 14.10 -1.94
N PHE A 12 -3.61 13.68 -1.62
CA PHE A 12 -2.55 14.60 -1.20
C PHE A 12 -1.83 15.16 -2.43
N LYS A 13 -2.14 14.58 -3.59
CA LYS A 13 -1.57 14.98 -4.86
C LYS A 13 -0.05 14.74 -4.88
N LEU A 14 0.34 13.53 -5.22
CA LEU A 14 1.74 13.16 -5.30
C LEU A 14 2.22 13.27 -6.75
N VAL A 15 3.51 13.52 -6.92
CA VAL A 15 4.10 13.67 -8.24
C VAL A 15 4.80 12.39 -8.66
N LYS A 16 4.48 11.90 -9.84
CA LYS A 16 5.10 10.70 -10.36
C LYS A 16 6.47 11.01 -10.94
N VAL A 17 7.50 10.47 -10.30
CA VAL A 17 8.88 10.69 -10.73
C VAL A 17 9.18 9.85 -11.96
N GLY A 18 8.75 8.60 -11.92
CA GLY A 18 9.00 7.70 -13.04
C GLY A 18 8.27 6.38 -12.85
N THR A 19 8.57 5.43 -13.73
CA THR A 19 7.94 4.12 -13.67
C THR A 19 8.99 3.02 -13.58
N ILE A 20 8.74 2.03 -12.74
CA ILE A 20 9.65 0.91 -12.58
C ILE A 20 8.91 -0.41 -12.77
N ASN A 21 9.65 -1.46 -13.09
CA ASN A 21 9.06 -2.77 -13.24
C ASN A 21 9.99 -3.85 -12.70
N VAL A 22 9.41 -4.85 -12.10
CA VAL A 22 10.17 -6.00 -11.60
C VAL A 22 9.74 -7.25 -12.35
N SER A 23 10.56 -7.66 -13.30
CA SER A 23 10.28 -8.86 -14.07
C SER A 23 11.25 -9.96 -13.67
N GLN A 24 10.84 -10.81 -12.74
CA GLN A 24 11.70 -11.87 -12.25
C GLN A 24 11.06 -13.23 -12.50
N SER A 25 11.89 -14.22 -12.76
CA SER A 25 11.43 -15.54 -13.17
C SER A 25 11.09 -16.42 -11.96
N GLY A 26 10.28 -15.88 -11.05
CA GLY A 26 9.79 -16.65 -9.91
C GLY A 26 10.82 -16.79 -8.79
N GLY A 27 12.04 -17.18 -9.16
CA GLY A 27 13.08 -17.42 -8.17
C GLY A 27 13.34 -16.24 -7.25
N GLN A 28 13.40 -15.04 -7.83
CA GLN A 28 13.66 -13.84 -7.05
C GLN A 28 12.45 -13.44 -6.22
N ILE A 29 11.29 -13.44 -6.85
CA ILE A 29 10.08 -13.00 -6.19
C ILE A 29 9.23 -14.20 -5.76
N SER A 30 9.42 -14.63 -4.53
CA SER A 30 8.69 -15.77 -4.00
C SER A 30 7.59 -15.31 -3.04
N SER A 31 7.63 -14.02 -2.69
CA SER A 31 6.64 -13.44 -1.80
C SER A 31 6.45 -11.96 -2.13
N PRO A 32 5.31 -11.37 -1.74
CA PRO A 32 5.05 -9.94 -1.94
C PRO A 32 6.12 -9.08 -1.27
N SER A 33 6.69 -9.62 -0.19
CA SER A 33 7.77 -8.97 0.54
C SER A 33 8.96 -8.71 -0.37
N ASP A 34 9.36 -9.75 -1.12
CA ASP A 34 10.48 -9.63 -2.05
C ASP A 34 10.13 -8.69 -3.18
N LEU A 35 8.88 -8.77 -3.63
CA LEU A 35 8.40 -7.95 -4.73
C LEU A 35 8.51 -6.48 -4.39
N ARG A 36 7.90 -6.07 -3.29
CA ARG A 36 7.88 -4.67 -2.91
C ARG A 36 9.20 -4.26 -2.25
N GLU A 37 10.08 -5.24 -2.04
CA GLU A 37 11.44 -4.96 -1.61
C GLU A 37 12.20 -4.34 -2.79
N LYS A 38 11.99 -4.91 -3.98
CA LYS A 38 12.57 -4.34 -5.19
C LYS A 38 11.87 -3.04 -5.56
N LEU A 39 10.56 -2.99 -5.33
CA LEU A 39 9.80 -1.80 -5.64
C LEU A 39 10.28 -0.61 -4.82
N SER A 40 10.66 -0.85 -3.57
CA SER A 40 11.23 0.18 -2.74
C SER A 40 12.70 0.43 -3.13
N GLU A 41 13.39 -0.66 -3.49
CA GLU A 41 14.77 -0.59 -3.95
C GLU A 41 14.89 0.34 -5.16
N LEU A 42 14.12 0.05 -6.19
CA LEU A 42 14.21 0.79 -7.45
C LEU A 42 13.64 2.20 -7.29
N ALA A 43 12.60 2.35 -6.46
CA ALA A 43 11.96 3.64 -6.26
C ALA A 43 12.90 4.65 -5.63
N ASP A 44 13.63 4.21 -4.62
CA ASP A 44 14.57 5.09 -3.93
C ASP A 44 15.78 5.37 -4.82
N ALA A 45 16.13 4.40 -5.65
CA ALA A 45 17.21 4.56 -6.62
C ALA A 45 16.82 5.57 -7.69
N LYS A 46 15.53 5.62 -8.02
CA LYS A 46 14.99 6.61 -8.94
C LYS A 46 15.01 7.99 -8.30
N GLY A 47 14.44 8.09 -7.12
CA GLY A 47 14.37 9.36 -6.42
C GLY A 47 12.97 9.65 -5.93
N GLY A 48 12.30 8.62 -5.42
CA GLY A 48 10.96 8.78 -4.91
C GLY A 48 10.83 8.29 -3.48
N LYS A 49 9.67 8.48 -2.89
CA LYS A 49 9.44 8.08 -1.51
C LYS A 49 8.32 7.05 -1.43
N TYR A 50 7.41 7.13 -2.37
CA TYR A 50 6.23 6.27 -2.36
C TYR A 50 6.19 5.45 -3.64
N TYR A 51 5.89 4.18 -3.53
CA TYR A 51 5.76 3.32 -4.70
C TYR A 51 4.34 2.83 -4.81
N HIS A 52 3.87 2.65 -6.04
CA HIS A 52 2.49 2.27 -6.28
C HIS A 52 2.39 1.25 -7.41
N ILE A 53 1.98 0.04 -7.08
CA ILE A 53 1.77 -1.00 -8.08
C ILE A 53 0.53 -0.70 -8.90
N ILE A 54 0.67 -0.70 -10.22
CA ILE A 54 -0.48 -0.49 -11.10
C ILE A 54 -0.88 -1.79 -11.78
N ALA A 55 0.09 -2.65 -12.02
CA ALA A 55 -0.16 -3.92 -12.68
C ALA A 55 0.82 -4.98 -12.20
N ALA A 56 0.30 -6.13 -11.81
CA ALA A 56 1.13 -7.25 -11.40
C ALA A 56 0.72 -8.51 -12.14
N ARG A 57 1.41 -8.80 -13.23
CA ARG A 57 1.02 -9.90 -14.09
C ARG A 57 1.97 -11.07 -13.98
N GLU A 58 1.42 -12.27 -13.90
CA GLU A 58 2.22 -13.47 -13.95
C GLU A 58 2.40 -13.85 -15.42
N HIS A 59 3.43 -13.29 -16.02
CA HIS A 59 3.61 -13.35 -17.46
C HIS A 59 4.51 -14.51 -17.85
N GLY A 60 3.93 -15.70 -17.87
CA GLY A 60 4.68 -16.88 -18.23
C GLY A 60 5.63 -17.30 -17.14
N PRO A 61 6.92 -17.38 -17.43
CA PRO A 61 7.94 -17.72 -16.44
C PRO A 61 8.36 -16.51 -15.61
N ASN A 62 7.92 -15.34 -16.03
CA ASN A 62 8.33 -14.10 -15.38
C ASN A 62 7.15 -13.43 -14.70
N PHE A 63 7.28 -13.20 -13.41
CA PHE A 63 6.32 -12.40 -12.68
C PHE A 63 6.70 -10.94 -12.86
N GLU A 64 5.89 -10.23 -13.63
CA GLU A 64 6.20 -8.86 -13.99
C GLU A 64 5.27 -7.88 -13.27
N ALA A 65 5.82 -7.18 -12.30
CA ALA A 65 5.06 -6.17 -11.58
C ALA A 65 5.52 -4.78 -11.99
N VAL A 66 4.58 -3.99 -12.45
CA VAL A 66 4.87 -2.63 -12.87
C VAL A 66 4.35 -1.65 -11.82
N ALA A 67 5.24 -0.80 -11.33
CA ALA A 67 4.90 0.14 -10.27
C ALA A 67 5.37 1.53 -10.63
N GLU A 68 4.70 2.52 -10.06
CA GLU A 68 5.05 3.91 -10.30
C GLU A 68 5.83 4.46 -9.11
N VAL A 69 6.76 5.35 -9.39
CA VAL A 69 7.54 6.00 -8.34
C VAL A 69 6.99 7.39 -8.06
N TYR A 70 6.44 7.59 -6.87
CA TYR A 70 5.85 8.86 -6.51
C TYR A 70 6.65 9.58 -5.43
N ASN A 71 6.61 10.89 -5.48
CA ASN A 71 7.22 11.74 -4.47
C ASN A 71 6.25 12.88 -4.15
N ASP A 72 6.48 13.59 -3.06
CA ASP A 72 5.60 14.70 -2.68
C ASP A 72 5.68 15.80 -3.72
N ALA A 73 4.62 16.59 -3.85
CA ALA A 73 4.62 17.71 -4.76
C ALA A 73 5.54 18.81 -4.23
N THR A 74 6.81 18.70 -4.58
CA THR A 74 7.82 19.63 -4.11
C THR A 74 8.53 20.31 -5.28
N LYS A 75 9.17 19.50 -6.11
CA LYS A 75 9.91 20.03 -7.26
C LYS A 75 9.00 20.30 -8.44
N LEU A 76 8.15 21.30 -8.31
CA LEU A 76 7.34 21.76 -9.43
C LEU A 76 8.21 22.62 -10.34
N GLU A 77 9.06 23.42 -9.71
CA GLU A 77 10.02 24.24 -10.45
C GLU A 77 11.28 23.44 -10.70
N HIS A 78 11.75 23.49 -11.93
CA HIS A 78 13.03 22.89 -12.28
C HIS A 78 13.95 23.96 -12.86
N HIS A 79 13.34 25.04 -13.35
CA HIS A 79 14.08 26.17 -13.88
C HIS A 79 13.34 27.48 -13.60
N HIS A 80 13.82 28.25 -12.64
CA HIS A 80 13.30 29.60 -12.44
C HIS A 80 14.38 30.63 -12.78
N HIS A 81 14.50 30.94 -14.06
CA HIS A 81 15.55 31.83 -14.52
C HIS A 81 15.13 33.28 -14.32
N HIS A 82 15.50 33.83 -13.17
CA HIS A 82 15.17 35.20 -12.83
C HIS A 82 16.37 35.84 -12.13
N HIS A 83 16.71 37.05 -12.52
CA HIS A 83 17.84 37.74 -11.92
C HIS A 83 17.52 39.21 -11.75
N ALA B 1 0.60 -3.49 10.67
CA ALA B 1 -0.07 -4.01 9.46
C ALA B 1 0.42 -3.28 8.23
N GLU B 2 0.18 -3.86 7.05
CA GLU B 2 0.62 -3.27 5.79
C GLU B 2 -0.59 -3.05 4.87
N GLN B 3 -0.53 -2.01 4.06
CA GLN B 3 -1.57 -1.77 3.08
C GLN B 3 -1.18 -2.44 1.77
N VAL B 4 -2.05 -3.29 1.28
CA VAL B 4 -1.77 -4.05 0.07
C VAL B 4 -2.67 -3.62 -1.09
N SER B 5 -2.16 -3.77 -2.30
CA SER B 5 -2.92 -3.47 -3.50
C SER B 5 -3.83 -4.65 -3.84
N LYS B 6 -4.89 -4.38 -4.60
CA LYS B 6 -5.84 -5.43 -4.95
C LYS B 6 -5.18 -6.51 -5.80
N GLN B 7 -4.12 -6.12 -6.50
CA GLN B 7 -3.33 -7.06 -7.27
C GLN B 7 -2.73 -8.12 -6.36
N GLU B 8 -2.20 -7.68 -5.23
CA GLU B 8 -1.62 -8.58 -4.23
C GLU B 8 -2.72 -9.44 -3.63
N ILE B 9 -3.84 -8.80 -3.29
CA ILE B 9 -4.99 -9.47 -2.69
C ILE B 9 -5.51 -10.60 -3.58
N SER B 10 -5.65 -10.31 -4.86
CA SER B 10 -6.27 -11.23 -5.80
C SER B 10 -5.31 -12.36 -6.20
N HIS B 11 -4.04 -12.04 -6.38
CA HIS B 11 -3.09 -13.01 -6.90
C HIS B 11 -2.56 -13.92 -5.79
N PHE B 12 -2.48 -13.39 -4.57
CA PHE B 12 -1.96 -14.17 -3.45
C PHE B 12 -3.08 -14.67 -2.55
N LYS B 13 -4.30 -14.20 -2.83
CA LYS B 13 -5.49 -14.60 -2.08
C LYS B 13 -5.41 -14.16 -0.62
N LEU B 14 -5.88 -12.96 -0.34
CA LEU B 14 -5.92 -12.45 1.02
C LEU B 14 -7.35 -12.47 1.54
N VAL B 15 -7.53 -13.08 2.70
CA VAL B 15 -8.86 -13.29 3.26
C VAL B 15 -9.34 -12.05 4.01
N LYS B 16 -10.50 -11.54 3.62
CA LYS B 16 -11.08 -10.38 4.28
C LYS B 16 -11.66 -10.76 5.63
N VAL B 17 -11.12 -10.18 6.68
CA VAL B 17 -11.55 -10.46 8.05
C VAL B 17 -12.69 -9.52 8.44
N GLY B 18 -12.54 -8.25 8.10
CA GLY B 18 -13.53 -7.26 8.48
C GLY B 18 -13.29 -5.93 7.80
N THR B 19 -13.94 -4.89 8.32
CA THR B 19 -13.82 -3.55 7.75
C THR B 19 -13.68 -2.53 8.88
N ILE B 20 -12.74 -1.60 8.72
CA ILE B 20 -12.49 -0.58 9.73
C ILE B 20 -12.76 0.82 9.17
N ASN B 21 -13.40 1.65 9.97
CA ASN B 21 -13.73 3.00 9.55
C ASN B 21 -13.06 4.02 10.45
N VAL B 22 -12.16 4.81 9.89
CA VAL B 22 -11.56 5.92 10.61
C VAL B 22 -12.23 7.21 10.17
N SER B 23 -13.08 7.74 11.03
CA SER B 23 -13.77 8.99 10.75
C SER B 23 -13.37 10.03 11.79
N GLN B 24 -12.53 10.97 11.39
CA GLN B 24 -11.96 11.93 12.34
C GLN B 24 -11.90 13.30 11.71
N SER B 25 -12.04 14.32 12.52
CA SER B 25 -11.92 15.68 12.04
C SER B 25 -10.44 16.05 11.92
N GLY B 26 -10.16 17.08 11.12
CA GLY B 26 -8.79 17.54 10.95
C GLY B 26 -8.12 17.82 12.27
N GLY B 27 -7.11 17.02 12.59
CA GLY B 27 -6.44 17.14 13.87
C GLY B 27 -6.06 15.79 14.41
N GLN B 28 -6.95 14.81 14.29
CA GLN B 28 -6.66 13.45 14.72
C GLN B 28 -5.73 12.79 13.71
N ILE B 29 -6.11 12.91 12.44
CA ILE B 29 -5.24 12.49 11.35
C ILE B 29 -4.86 13.72 10.54
N SER B 30 -3.58 14.09 10.61
CA SER B 30 -3.11 15.28 9.92
C SER B 30 -2.08 14.90 8.86
N SER B 31 -1.66 13.65 8.88
CA SER B 31 -0.72 13.13 7.91
C SER B 31 -0.98 11.64 7.67
N PRO B 32 -0.49 11.10 6.53
CA PRO B 32 -0.64 9.67 6.22
C PRO B 32 -0.12 8.79 7.35
N SER B 33 0.86 9.30 8.09
CA SER B 33 1.42 8.61 9.24
C SER B 33 0.34 8.29 10.27
N ASP B 34 -0.50 9.28 10.58
CA ASP B 34 -1.58 9.10 11.54
C ASP B 34 -2.58 8.08 11.02
N LEU B 35 -2.93 8.24 9.76
CA LEU B 35 -3.91 7.36 9.12
C LEU B 35 -3.45 5.91 9.14
N ARG B 36 -2.27 5.65 8.59
CA ARG B 36 -1.76 4.30 8.47
C ARG B 36 -1.50 3.67 9.84
N GLU B 37 -1.20 4.51 10.82
CA GLU B 37 -1.03 4.04 12.19
C GLU B 37 -2.34 3.45 12.71
N LYS B 38 -3.39 4.26 12.64
CA LYS B 38 -4.71 3.86 13.10
C LYS B 38 -5.23 2.66 12.33
N LEU B 39 -5.04 2.67 11.01
CA LEU B 39 -5.47 1.56 10.17
C LEU B 39 -4.78 0.27 10.58
N SER B 40 -3.49 0.35 10.84
CA SER B 40 -2.72 -0.81 11.28
C SER B 40 -3.20 -1.30 12.65
N GLU B 41 -3.44 -0.36 13.56
CA GLU B 41 -3.89 -0.70 14.91
C GLU B 41 -5.26 -1.36 14.87
N LEU B 42 -6.17 -0.79 14.09
CA LEU B 42 -7.53 -1.30 13.98
C LEU B 42 -7.56 -2.63 13.24
N ALA B 43 -6.66 -2.80 12.28
CA ALA B 43 -6.57 -4.06 11.54
C ALA B 43 -6.20 -5.20 12.48
N ASP B 44 -5.21 -4.97 13.32
CA ASP B 44 -4.78 -5.96 14.30
C ASP B 44 -5.83 -6.16 15.38
N ALA B 45 -6.63 -5.12 15.60
CA ALA B 45 -7.72 -5.19 16.56
C ALA B 45 -8.82 -6.14 16.07
N LYS B 46 -8.97 -6.22 14.75
CA LYS B 46 -9.93 -7.14 14.16
C LYS B 46 -9.31 -8.52 14.02
N GLY B 47 -8.03 -8.55 13.65
CA GLY B 47 -7.32 -9.80 13.52
C GLY B 47 -6.69 -9.98 12.15
N GLY B 48 -6.20 -8.90 11.57
CA GLY B 48 -5.57 -8.98 10.27
C GLY B 48 -4.23 -8.29 10.24
N LYS B 49 -3.35 -8.76 9.36
CA LYS B 49 -2.02 -8.19 9.23
C LYS B 49 -1.93 -7.31 7.99
N TYR B 50 -2.97 -7.36 7.16
CA TYR B 50 -3.00 -6.59 5.93
C TYR B 50 -4.29 -5.77 5.90
N TYR B 51 -4.27 -4.68 5.16
CA TYR B 51 -5.47 -3.87 4.97
C TYR B 51 -5.38 -3.08 3.68
N HIS B 52 -6.51 -2.58 3.23
CA HIS B 52 -6.56 -1.71 2.07
C HIS B 52 -7.73 -0.75 2.17
N ILE B 53 -7.46 0.53 2.02
CA ILE B 53 -8.50 1.54 2.04
C ILE B 53 -9.37 1.40 0.79
N ILE B 54 -10.68 1.31 0.98
CA ILE B 54 -11.60 1.21 -0.14
C ILE B 54 -12.33 2.51 -0.37
N ALA B 55 -12.55 3.26 0.70
CA ALA B 55 -13.26 4.52 0.60
C ALA B 55 -12.57 5.59 1.44
N ALA B 56 -11.74 6.40 0.79
CA ALA B 56 -11.06 7.50 1.44
C ALA B 56 -11.66 8.82 1.00
N ARG B 57 -12.55 9.37 1.82
CA ARG B 57 -13.21 10.61 1.48
C ARG B 57 -12.90 11.68 2.52
N GLU B 58 -13.02 12.94 2.11
CA GLU B 58 -12.75 14.06 3.00
C GLU B 58 -13.97 14.95 3.07
N HIS B 59 -14.78 14.74 4.09
CA HIS B 59 -16.03 15.47 4.24
C HIS B 59 -15.77 16.85 4.85
N GLY B 60 -14.97 17.64 4.15
CA GLY B 60 -14.67 18.99 4.61
C GLY B 60 -13.71 18.99 5.78
N PRO B 61 -14.18 19.41 6.97
CA PRO B 61 -13.36 19.40 8.18
C PRO B 61 -13.18 17.98 8.73
N ASN B 62 -13.90 17.03 8.15
CA ASN B 62 -13.82 15.64 8.60
C ASN B 62 -13.12 14.79 7.54
N PHE B 63 -12.55 13.69 7.98
CA PHE B 63 -11.90 12.75 7.07
C PHE B 63 -12.38 11.33 7.39
N GLU B 64 -13.01 10.70 6.41
CA GLU B 64 -13.54 9.35 6.58
C GLU B 64 -12.78 8.36 5.71
N ALA B 65 -12.01 7.50 6.35
CA ALA B 65 -11.25 6.47 5.64
C ALA B 65 -11.76 5.09 6.01
N VAL B 66 -12.39 4.42 5.04
CA VAL B 66 -12.90 3.07 5.23
C VAL B 66 -11.95 2.07 4.59
N ALA B 67 -11.44 1.15 5.38
CA ALA B 67 -10.48 0.16 4.90
C ALA B 67 -10.93 -1.26 5.26
N GLU B 68 -10.52 -2.23 4.46
CA GLU B 68 -10.85 -3.62 4.72
C GLU B 68 -9.64 -4.32 5.33
N VAL B 69 -9.89 -5.16 6.31
CA VAL B 69 -8.83 -5.88 7.00
C VAL B 69 -8.66 -7.28 6.41
N TYR B 70 -7.43 -7.64 6.06
CA TYR B 70 -7.17 -8.93 5.45
C TYR B 70 -6.21 -9.76 6.29
N ASN B 71 -6.33 -11.06 6.16
CA ASN B 71 -5.41 -11.99 6.80
C ASN B 71 -4.83 -12.92 5.74
N ASP B 72 -3.68 -13.51 6.01
CA ASP B 72 -3.00 -14.36 5.03
C ASP B 72 -3.77 -15.67 4.85
N ALA B 73 -3.71 -16.21 3.64
CA ALA B 73 -4.45 -17.42 3.30
C ALA B 73 -3.78 -18.67 3.86
N THR B 74 -3.96 -18.87 5.15
CA THR B 74 -3.53 -20.09 5.81
C THR B 74 -4.72 -20.78 6.46
N LYS B 75 -5.90 -20.19 6.25
CA LYS B 75 -7.11 -20.64 6.88
C LYS B 75 -8.19 -20.88 5.84
N LEU B 76 -8.24 -22.09 5.30
CA LEU B 76 -9.21 -22.45 4.28
C LEU B 76 -10.30 -23.33 4.87
N GLU B 77 -10.03 -23.90 6.04
CA GLU B 77 -11.02 -24.67 6.75
C GLU B 77 -11.80 -23.78 7.71
N HIS B 78 -13.10 -23.71 7.52
CA HIS B 78 -13.96 -22.97 8.44
C HIS B 78 -14.69 -23.95 9.33
N HIS B 79 -14.81 -25.18 8.85
CA HIS B 79 -15.35 -26.27 9.64
C HIS B 79 -14.49 -27.50 9.45
N HIS B 80 -13.93 -28.00 10.54
CA HIS B 80 -13.13 -29.20 10.50
C HIS B 80 -13.88 -30.31 11.24
N HIS B 81 -14.76 -30.98 10.54
CA HIS B 81 -15.63 -31.97 11.15
C HIS B 81 -15.88 -33.13 10.18
N HIS B 82 -15.07 -34.17 10.31
CA HIS B 82 -15.30 -35.41 9.58
C HIS B 82 -15.60 -36.53 10.58
N HIS B 83 -15.53 -36.16 11.86
CA HIS B 83 -15.82 -37.09 12.94
C HIS B 83 -17.29 -36.99 13.32
N ALA A 1 10.33 4.18 2.15
CA ALA A 1 9.42 4.03 0.99
C ALA A 1 8.18 3.24 1.39
N GLU A 2 7.01 3.77 1.11
CA GLU A 2 5.77 3.12 1.50
C GLU A 2 4.84 2.93 0.29
N GLN A 3 3.87 2.06 0.45
CA GLN A 3 2.97 1.70 -0.63
C GLN A 3 1.61 2.36 -0.44
N VAL A 4 1.17 3.10 -1.45
CA VAL A 4 -0.11 3.80 -1.39
C VAL A 4 -0.86 3.68 -2.72
N SER A 5 -2.14 4.01 -2.72
CA SER A 5 -2.92 4.00 -3.94
C SER A 5 -3.21 5.43 -4.39
N LYS A 6 -3.88 5.58 -5.53
CA LYS A 6 -4.12 6.90 -6.12
C LYS A 6 -5.07 7.74 -5.25
N GLN A 7 -5.66 7.13 -4.24
CA GLN A 7 -6.53 7.84 -3.31
C GLN A 7 -5.69 8.77 -2.45
N GLU A 8 -4.58 8.24 -1.96
CA GLU A 8 -3.67 9.01 -1.13
C GLU A 8 -2.87 9.96 -2.00
N ILE A 9 -2.47 9.48 -3.17
CA ILE A 9 -1.64 10.24 -4.10
C ILE A 9 -2.33 11.55 -4.52
N SER A 10 -3.60 11.48 -4.84
CA SER A 10 -4.32 12.66 -5.31
C SER A 10 -4.68 13.59 -4.15
N HIS A 11 -4.96 13.02 -2.99
CA HIS A 11 -5.36 13.81 -1.84
C HIS A 11 -4.19 14.60 -1.27
N PHE A 12 -3.03 13.95 -1.16
CA PHE A 12 -1.84 14.62 -0.63
C PHE A 12 -1.05 15.30 -1.74
N LYS A 13 -1.39 14.96 -2.98
CA LYS A 13 -0.75 15.53 -4.16
C LYS A 13 0.72 15.16 -4.23
N LEU A 14 0.99 13.95 -4.71
CA LEU A 14 2.36 13.46 -4.83
C LEU A 14 2.89 13.70 -6.24
N VAL A 15 4.20 13.88 -6.36
CA VAL A 15 4.81 14.18 -7.65
C VAL A 15 5.33 12.90 -8.31
N LYS A 16 4.80 12.60 -9.49
CA LYS A 16 5.21 11.41 -10.22
C LYS A 16 6.58 11.63 -10.85
N VAL A 17 7.58 10.92 -10.34
CA VAL A 17 8.92 10.99 -10.87
C VAL A 17 9.06 10.11 -12.10
N GLY A 18 8.36 8.98 -12.07
CA GLY A 18 8.42 8.05 -13.16
C GLY A 18 7.69 6.76 -12.86
N THR A 19 8.04 5.70 -13.56
CA THR A 19 7.42 4.40 -13.40
C THR A 19 8.48 3.30 -13.43
N ILE A 20 8.33 2.32 -12.58
CA ILE A 20 9.26 1.20 -12.51
C ILE A 20 8.53 -0.13 -12.74
N ASN A 21 9.23 -1.10 -13.29
CA ASN A 21 8.66 -2.40 -13.52
C ASN A 21 9.64 -3.50 -13.15
N VAL A 22 9.22 -4.40 -12.28
CA VAL A 22 10.04 -5.50 -11.86
C VAL A 22 9.63 -6.77 -12.58
N SER A 23 10.40 -7.12 -13.62
CA SER A 23 10.16 -8.35 -14.35
C SER A 23 11.21 -9.38 -13.98
N GLN A 24 10.79 -10.43 -13.30
CA GLN A 24 11.72 -11.43 -12.80
C GLN A 24 11.19 -12.83 -13.09
N SER A 25 12.05 -13.67 -13.63
CA SER A 25 11.66 -15.02 -13.97
C SER A 25 11.92 -15.98 -12.82
N GLY A 26 11.02 -15.97 -11.83
CA GLY A 26 11.09 -16.88 -10.71
C GLY A 26 12.25 -16.59 -9.77
N GLY A 27 12.15 -17.11 -8.55
CA GLY A 27 13.23 -16.98 -7.58
C GLY A 27 13.30 -15.59 -6.96
N GLN A 28 13.52 -14.59 -7.80
CA GLN A 28 13.69 -13.21 -7.36
C GLN A 28 12.47 -12.72 -6.59
N ILE A 29 11.29 -13.06 -7.09
CA ILE A 29 10.05 -12.71 -6.43
C ILE A 29 9.29 -13.97 -6.04
N SER A 30 9.27 -14.28 -4.75
CA SER A 30 8.61 -15.47 -4.27
C SER A 30 7.58 -15.13 -3.18
N SER A 31 7.97 -14.23 -2.29
CA SER A 31 7.09 -13.78 -1.23
C SER A 31 6.72 -12.31 -1.43
N PRO A 32 5.64 -11.84 -0.76
CA PRO A 32 5.23 -10.43 -0.81
C PRO A 32 6.37 -9.50 -0.38
N SER A 33 7.23 -10.02 0.49
CA SER A 33 8.40 -9.30 0.95
C SER A 33 9.30 -8.89 -0.21
N ASP A 34 9.63 -9.87 -1.06
CA ASP A 34 10.49 -9.62 -2.23
C ASP A 34 9.85 -8.57 -3.11
N LEU A 35 8.57 -8.76 -3.36
CA LEU A 35 7.78 -7.87 -4.21
C LEU A 35 7.92 -6.41 -3.78
N ARG A 36 7.51 -6.12 -2.55
CA ARG A 36 7.46 -4.75 -2.06
C ARG A 36 8.86 -4.18 -1.90
N GLU A 37 9.83 -5.05 -1.61
CA GLU A 37 11.21 -4.61 -1.39
C GLU A 37 11.88 -4.18 -2.70
N LYS A 38 11.59 -4.90 -3.78
CA LYS A 38 12.15 -4.55 -5.07
C LYS A 38 11.53 -3.27 -5.60
N LEU A 39 10.27 -3.05 -5.27
CA LEU A 39 9.58 -1.83 -5.65
C LEU A 39 10.16 -0.63 -4.91
N SER A 40 10.37 -0.78 -3.61
CA SER A 40 10.93 0.30 -2.81
C SER A 40 12.37 0.59 -3.22
N GLU A 41 13.10 -0.48 -3.55
CA GLU A 41 14.49 -0.35 -4.00
C GLU A 41 14.58 0.52 -5.24
N LEU A 42 13.81 0.18 -6.26
CA LEU A 42 13.85 0.91 -7.53
C LEU A 42 13.24 2.30 -7.37
N ALA A 43 12.29 2.42 -6.45
CA ALA A 43 11.67 3.71 -6.16
C ALA A 43 12.69 4.65 -5.53
N ASP A 44 13.49 4.12 -4.61
CA ASP A 44 14.51 4.93 -3.94
C ASP A 44 15.63 5.30 -4.91
N ALA A 45 15.90 4.41 -5.85
CA ALA A 45 16.90 4.66 -6.88
C ALA A 45 16.50 5.86 -7.73
N LYS A 46 15.26 5.87 -8.19
CA LYS A 46 14.72 7.01 -8.92
C LYS A 46 14.59 8.23 -8.04
N GLY A 47 14.21 8.01 -6.78
CA GLY A 47 14.05 9.11 -5.86
C GLY A 47 12.60 9.33 -5.48
N GLY A 48 12.02 8.35 -4.80
CA GLY A 48 10.64 8.45 -4.41
C GLY A 48 10.42 8.07 -2.96
N LYS A 49 9.32 8.55 -2.40
CA LYS A 49 8.95 8.24 -1.03
C LYS A 49 7.86 7.19 -1.01
N TYR A 50 6.99 7.24 -2.00
CA TYR A 50 5.87 6.32 -2.09
C TYR A 50 5.84 5.66 -3.46
N TYR A 51 5.39 4.42 -3.51
CA TYR A 51 5.25 3.72 -4.78
C TYR A 51 3.83 3.19 -4.94
N HIS A 52 3.34 3.26 -6.18
CA HIS A 52 1.98 2.87 -6.49
C HIS A 52 1.95 1.74 -7.51
N ILE A 53 1.59 0.55 -7.06
CA ILE A 53 1.47 -0.59 -7.96
C ILE A 53 0.25 -0.43 -8.85
N ILE A 54 0.47 -0.38 -10.16
CA ILE A 54 -0.64 -0.25 -11.10
C ILE A 54 -1.00 -1.59 -11.71
N ALA A 55 0.00 -2.47 -11.85
CA ALA A 55 -0.22 -3.78 -12.44
C ALA A 55 0.80 -4.79 -11.94
N ALA A 56 0.34 -5.76 -11.17
CA ALA A 56 1.16 -6.89 -10.77
C ALA A 56 0.73 -8.11 -11.56
N ARG A 57 1.32 -8.27 -12.73
CA ARG A 57 0.88 -9.29 -13.67
C ARG A 57 1.85 -10.46 -13.70
N GLU A 58 1.34 -11.61 -14.10
CA GLU A 58 2.13 -12.84 -14.12
C GLU A 58 2.16 -13.41 -15.53
N HIS A 59 3.35 -13.70 -16.03
CA HIS A 59 3.50 -14.33 -17.33
C HIS A 59 4.34 -15.58 -17.22
N GLY A 60 3.71 -16.66 -16.77
CA GLY A 60 4.43 -17.90 -16.60
C GLY A 60 5.33 -17.84 -15.40
N PRO A 61 6.63 -18.11 -15.58
CA PRO A 61 7.61 -17.96 -14.51
C PRO A 61 8.05 -16.51 -14.33
N ASN A 62 7.75 -15.68 -15.31
CA ASN A 62 8.18 -14.29 -15.29
C ASN A 62 7.08 -13.40 -14.72
N PHE A 63 7.32 -12.92 -13.51
CA PHE A 63 6.37 -12.03 -12.84
C PHE A 63 6.76 -10.59 -13.09
N GLU A 64 5.77 -9.74 -13.33
CA GLU A 64 6.02 -8.33 -13.61
C GLU A 64 5.23 -7.43 -12.67
N ALA A 65 5.94 -6.72 -11.82
CA ALA A 65 5.33 -5.77 -10.92
C ALA A 65 5.59 -4.35 -11.39
N VAL A 66 4.58 -3.72 -11.94
CA VAL A 66 4.71 -2.36 -12.43
C VAL A 66 4.17 -1.37 -11.41
N ALA A 67 5.03 -0.48 -10.96
CA ALA A 67 4.66 0.50 -9.94
C ALA A 67 5.17 1.89 -10.33
N GLU A 68 4.52 2.90 -9.81
CA GLU A 68 4.91 4.28 -10.10
C GLU A 68 5.71 4.86 -8.94
N VAL A 69 6.66 5.73 -9.27
CA VAL A 69 7.49 6.37 -8.26
C VAL A 69 7.01 7.78 -7.98
N TYR A 70 6.67 8.06 -6.73
CA TYR A 70 6.18 9.38 -6.35
C TYR A 70 7.08 10.03 -5.30
N ASN A 71 7.40 11.29 -5.53
CA ASN A 71 8.22 12.07 -4.61
C ASN A 71 7.35 13.14 -3.96
N ASP A 72 7.88 13.81 -2.95
CA ASP A 72 7.16 14.86 -2.25
C ASP A 72 7.26 16.16 -3.05
N ALA A 73 6.30 17.06 -2.86
CA ALA A 73 6.32 18.35 -3.54
C ALA A 73 7.39 19.24 -2.94
N THR A 74 8.64 18.96 -3.29
CA THR A 74 9.77 19.65 -2.72
C THR A 74 10.31 20.75 -3.65
N LYS A 75 11.08 20.34 -4.65
CA LYS A 75 11.67 21.29 -5.57
C LYS A 75 10.70 21.72 -6.65
N LEU A 76 9.96 22.78 -6.39
CA LEU A 76 9.13 23.40 -7.40
C LEU A 76 10.00 24.32 -8.25
N GLU A 77 10.72 23.72 -9.18
CA GLU A 77 11.70 24.45 -9.99
C GLU A 77 11.02 25.45 -10.90
N HIS A 78 11.32 26.73 -10.66
CA HIS A 78 10.67 27.81 -11.38
C HIS A 78 11.53 28.28 -12.55
N HIS A 79 12.78 27.83 -12.60
CA HIS A 79 13.68 28.23 -13.67
C HIS A 79 13.52 27.30 -14.86
N HIS A 80 12.34 27.34 -15.46
CA HIS A 80 12.05 26.57 -16.66
C HIS A 80 11.42 27.50 -17.69
N HIS A 81 11.01 26.94 -18.82
CA HIS A 81 10.33 27.73 -19.85
C HIS A 81 8.85 27.81 -19.54
N HIS A 82 8.42 26.98 -18.59
CA HIS A 82 7.05 27.02 -18.10
C HIS A 82 6.96 28.00 -16.94
N HIS A 83 6.29 29.11 -17.18
CA HIS A 83 6.14 30.14 -16.17
C HIS A 83 4.68 30.57 -16.06
N ALA B 1 0.50 -5.35 10.61
CA ALA B 1 -0.41 -5.34 9.46
C ALA B 1 0.03 -4.30 8.43
N GLU B 2 -0.08 -4.64 7.15
CA GLU B 2 0.31 -3.72 6.10
C GLU B 2 -0.71 -3.70 4.97
N GLN B 3 -0.67 -2.65 4.15
CA GLN B 3 -1.63 -2.49 3.08
C GLN B 3 -1.07 -2.99 1.75
N VAL B 4 -1.95 -3.63 0.98
CA VAL B 4 -1.60 -4.12 -0.35
C VAL B 4 -2.61 -3.60 -1.36
N SER B 5 -2.35 -3.81 -2.64
CA SER B 5 -3.27 -3.38 -3.68
C SER B 5 -4.17 -4.54 -4.09
N LYS B 6 -5.13 -4.23 -4.95
CA LYS B 6 -6.13 -5.22 -5.38
C LYS B 6 -5.45 -6.36 -6.15
N GLN B 7 -4.25 -6.09 -6.64
CA GLN B 7 -3.50 -7.07 -7.40
C GLN B 7 -2.95 -8.16 -6.49
N GLU B 8 -2.48 -7.77 -5.31
CA GLU B 8 -1.91 -8.73 -4.37
C GLU B 8 -3.01 -9.56 -3.73
N ILE B 9 -4.11 -8.89 -3.37
CA ILE B 9 -5.23 -9.54 -2.73
C ILE B 9 -5.74 -10.73 -3.55
N SER B 10 -5.89 -10.52 -4.85
CA SER B 10 -6.42 -11.55 -5.73
C SER B 10 -5.37 -12.62 -6.04
N HIS B 11 -4.12 -12.21 -6.18
CA HIS B 11 -3.06 -13.14 -6.55
C HIS B 11 -2.69 -14.05 -5.38
N PHE B 12 -2.64 -13.48 -4.18
CA PHE B 12 -2.22 -14.24 -3.00
C PHE B 12 -3.41 -14.86 -2.28
N LYS B 13 -4.63 -14.45 -2.65
CA LYS B 13 -5.87 -14.97 -2.06
C LYS B 13 -5.99 -14.58 -0.60
N LEU B 14 -6.31 -13.31 -0.35
CA LEU B 14 -6.45 -12.82 1.01
C LEU B 14 -7.89 -12.98 1.50
N VAL B 15 -8.04 -13.40 2.75
CA VAL B 15 -9.34 -13.64 3.33
C VAL B 15 -9.79 -12.44 4.15
N LYS B 16 -10.95 -11.89 3.79
CA LYS B 16 -11.48 -10.73 4.48
C LYS B 16 -12.04 -11.12 5.85
N VAL B 17 -11.48 -10.52 6.89
CA VAL B 17 -11.92 -10.77 8.26
C VAL B 17 -12.96 -9.75 8.69
N GLY B 18 -12.71 -8.48 8.36
CA GLY B 18 -13.61 -7.42 8.76
C GLY B 18 -13.33 -6.13 8.04
N THR B 19 -13.95 -5.05 8.49
CA THR B 19 -13.81 -3.75 7.86
C THR B 19 -13.63 -2.67 8.92
N ILE B 20 -12.77 -1.70 8.63
CA ILE B 20 -12.53 -0.59 9.55
C ILE B 20 -12.73 0.74 8.83
N ASN B 21 -13.11 1.76 9.57
CA ASN B 21 -13.33 3.09 9.00
C ASN B 21 -12.79 4.15 9.96
N VAL B 22 -11.84 4.93 9.48
CA VAL B 22 -11.26 6.00 10.27
C VAL B 22 -11.85 7.34 9.85
N SER B 23 -12.78 7.86 10.65
CA SER B 23 -13.41 9.13 10.35
C SER B 23 -13.06 10.15 11.43
N GLN B 24 -12.23 11.12 11.08
CA GLN B 24 -11.81 12.15 12.02
C GLN B 24 -11.98 13.53 11.41
N SER B 25 -12.28 14.52 12.26
CA SER B 25 -12.51 15.88 11.79
C SER B 25 -11.19 16.63 11.60
N GLY B 26 -10.27 16.02 10.88
CA GLY B 26 -8.97 16.62 10.66
C GLY B 26 -8.12 16.58 11.92
N GLY B 27 -6.92 17.13 11.84
CA GLY B 27 -6.03 17.16 12.98
C GLY B 27 -5.41 15.81 13.27
N GLN B 28 -6.24 14.87 13.72
CA GLN B 28 -5.77 13.53 14.09
C GLN B 28 -5.08 12.86 12.91
N ILE B 29 -5.77 12.83 11.78
CA ILE B 29 -5.20 12.28 10.56
C ILE B 29 -4.77 13.44 9.65
N SER B 30 -3.49 13.76 9.67
CA SER B 30 -2.97 14.86 8.88
C SER B 30 -1.87 14.38 7.95
N SER B 31 -1.06 13.44 8.43
CA SER B 31 -0.01 12.86 7.63
C SER B 31 -0.36 11.41 7.28
N PRO B 32 0.21 10.88 6.18
CA PRO B 32 -0.01 9.48 5.78
C PRO B 32 0.35 8.50 6.89
N SER B 33 1.32 8.91 7.71
CA SER B 33 1.77 8.10 8.84
C SER B 33 0.64 7.93 9.86
N ASP B 34 -0.12 9.00 10.10
CA ASP B 34 -1.24 8.96 11.03
C ASP B 34 -2.31 8.00 10.50
N LEU B 35 -2.54 8.09 9.20
CA LEU B 35 -3.53 7.24 8.55
C LEU B 35 -3.12 5.78 8.64
N ARG B 36 -1.92 5.48 8.17
CA ARG B 36 -1.40 4.11 8.17
C ARG B 36 -1.26 3.57 9.58
N GLU B 37 -1.00 4.45 10.54
CA GLU B 37 -0.99 4.07 11.94
C GLU B 37 -2.33 3.47 12.35
N LYS B 38 -3.37 4.27 12.21
CA LYS B 38 -4.72 3.86 12.61
C LYS B 38 -5.20 2.66 11.82
N LEU B 39 -4.90 2.61 10.54
CA LEU B 39 -5.31 1.50 9.70
C LEU B 39 -4.70 0.19 10.20
N SER B 40 -3.41 0.18 10.45
CA SER B 40 -2.74 -1.01 10.92
C SER B 40 -3.11 -1.29 12.38
N GLU B 41 -3.27 -0.23 13.15
CA GLU B 41 -3.64 -0.33 14.56
C GLU B 41 -5.01 -1.01 14.72
N LEU B 42 -5.96 -0.62 13.89
CA LEU B 42 -7.28 -1.22 13.93
C LEU B 42 -7.27 -2.62 13.34
N ALA B 43 -6.47 -2.82 12.29
CA ALA B 43 -6.32 -4.14 11.69
C ALA B 43 -5.71 -5.11 12.68
N ASP B 44 -4.79 -4.61 13.49
CA ASP B 44 -4.18 -5.37 14.57
C ASP B 44 -5.22 -5.73 15.63
N ALA B 45 -6.04 -4.75 15.97
CA ALA B 45 -7.10 -4.94 16.95
C ALA B 45 -8.11 -5.99 16.46
N LYS B 46 -8.37 -5.99 15.15
CA LYS B 46 -9.23 -7.00 14.56
C LYS B 46 -8.54 -8.35 14.54
N GLY B 47 -7.28 -8.35 14.14
CA GLY B 47 -6.52 -9.59 14.07
C GLY B 47 -6.18 -9.97 12.65
N GLY B 48 -5.87 -8.97 11.83
CA GLY B 48 -5.54 -9.21 10.44
C GLY B 48 -4.08 -8.96 10.15
N LYS B 49 -3.63 -9.40 8.98
CA LYS B 49 -2.24 -9.23 8.59
C LYS B 49 -2.12 -8.18 7.50
N TYR B 50 -3.18 -7.99 6.74
CA TYR B 50 -3.17 -7.05 5.63
C TYR B 50 -4.42 -6.19 5.68
N TYR B 51 -4.37 -5.04 5.04
CA TYR B 51 -5.54 -4.18 4.89
C TYR B 51 -5.49 -3.45 3.56
N HIS B 52 -6.64 -2.94 3.13
CA HIS B 52 -6.72 -2.25 1.86
C HIS B 52 -7.76 -1.13 1.92
N ILE B 53 -7.32 0.10 1.67
CA ILE B 53 -8.23 1.23 1.61
C ILE B 53 -9.12 1.12 0.38
N ILE B 54 -10.41 0.90 0.60
CA ILE B 54 -11.35 0.74 -0.49
C ILE B 54 -12.12 2.02 -0.74
N ALA B 55 -12.14 2.89 0.26
CA ALA B 55 -12.85 4.16 0.14
C ALA B 55 -12.21 5.24 1.00
N ALA B 56 -11.38 6.06 0.37
CA ALA B 56 -10.83 7.23 1.04
C ALA B 56 -11.56 8.48 0.58
N ARG B 57 -12.49 8.95 1.40
CA ARG B 57 -13.32 10.08 1.03
C ARG B 57 -13.20 11.22 2.03
N GLU B 58 -13.71 12.38 1.65
CA GLU B 58 -13.55 13.60 2.42
C GLU B 58 -14.85 14.39 2.45
N HIS B 59 -15.28 14.78 3.65
CA HIS B 59 -16.47 15.61 3.81
C HIS B 59 -16.12 16.87 4.60
N GLY B 60 -15.49 17.82 3.92
CA GLY B 60 -15.04 19.01 4.60
C GLY B 60 -13.82 18.73 5.45
N PRO B 61 -13.93 18.86 6.78
CA PRO B 61 -12.84 18.50 7.69
C PRO B 61 -12.83 17.00 8.01
N ASN B 62 -13.95 16.32 7.75
CA ASN B 62 -14.08 14.91 8.08
C ASN B 62 -13.49 14.04 6.99
N PHE B 63 -12.35 13.44 7.29
CA PHE B 63 -11.73 12.50 6.37
C PHE B 63 -12.10 11.07 6.77
N GLU B 64 -12.57 10.30 5.81
CA GLU B 64 -12.99 8.93 6.07
C GLU B 64 -12.13 7.95 5.30
N ALA B 65 -11.45 7.09 6.03
CA ALA B 65 -10.65 6.04 5.42
C ALA B 65 -11.28 4.68 5.70
N VAL B 66 -11.95 4.13 4.70
CA VAL B 66 -12.56 2.82 4.82
C VAL B 66 -11.63 1.76 4.26
N ALA B 67 -11.23 0.83 5.13
CA ALA B 67 -10.30 -0.22 4.74
C ALA B 67 -10.80 -1.57 5.21
N GLU B 68 -10.46 -2.61 4.47
CA GLU B 68 -10.85 -3.96 4.85
C GLU B 68 -9.67 -4.68 5.48
N VAL B 69 -9.94 -5.46 6.52
CA VAL B 69 -8.91 -6.19 7.23
C VAL B 69 -8.85 -7.62 6.71
N TYR B 70 -7.68 -8.01 6.20
CA TYR B 70 -7.52 -9.34 5.62
C TYR B 70 -6.59 -10.20 6.46
N ASN B 71 -6.85 -11.48 6.44
CA ASN B 71 -5.97 -12.47 7.03
C ASN B 71 -5.61 -13.45 5.92
N ASP B 72 -4.70 -14.38 6.18
CA ASP B 72 -4.37 -15.38 5.18
C ASP B 72 -5.28 -16.59 5.37
N ALA B 73 -5.01 -17.67 4.65
CA ALA B 73 -5.84 -18.87 4.76
C ALA B 73 -5.60 -19.59 6.08
N THR B 74 -5.90 -18.92 7.18
CA THR B 74 -5.80 -19.49 8.51
C THR B 74 -7.20 -19.77 9.06
N LYS B 75 -8.14 -18.90 8.74
CA LYS B 75 -9.50 -19.03 9.26
C LYS B 75 -10.37 -19.91 8.36
N LEU B 76 -9.74 -20.71 7.52
CA LEU B 76 -10.46 -21.70 6.74
C LEU B 76 -10.61 -22.97 7.57
N GLU B 77 -11.36 -22.85 8.66
CA GLU B 77 -11.49 -23.93 9.63
C GLU B 77 -12.76 -24.75 9.37
N HIS B 78 -13.58 -24.28 8.44
CA HIS B 78 -14.81 -24.98 8.01
C HIS B 78 -15.91 -24.95 9.08
N HIS B 79 -15.51 -24.86 10.35
CA HIS B 79 -16.44 -24.99 11.46
C HIS B 79 -17.44 -23.83 11.51
N HIS B 80 -18.58 -24.04 10.88
CA HIS B 80 -19.70 -23.10 10.92
C HIS B 80 -20.99 -23.86 10.65
N HIS B 81 -21.28 -24.06 9.37
CA HIS B 81 -22.41 -24.87 8.94
C HIS B 81 -21.97 -25.68 7.73
N HIS B 82 -20.66 -25.87 7.63
CA HIS B 82 -20.05 -26.47 6.46
C HIS B 82 -18.99 -27.48 6.91
N HIS B 83 -18.71 -28.47 6.09
CA HIS B 83 -17.69 -29.46 6.41
C HIS B 83 -16.77 -29.65 5.21
N ALA A 1 10.63 3.58 2.64
CA ALA A 1 9.81 3.35 1.43
C ALA A 1 8.35 3.22 1.81
N GLU A 2 7.53 4.13 1.32
CA GLU A 2 6.14 4.18 1.74
C GLU A 2 5.24 3.57 0.67
N GLN A 3 4.69 2.40 0.95
CA GLN A 3 3.76 1.76 0.05
C GLN A 3 2.34 2.19 0.41
N VAL A 4 1.79 3.10 -0.37
CA VAL A 4 0.50 3.69 -0.06
C VAL A 4 -0.49 3.52 -1.20
N SER A 5 -1.72 3.92 -0.99
CA SER A 5 -2.75 3.83 -2.02
C SER A 5 -2.74 5.08 -2.89
N LYS A 6 -3.20 4.93 -4.12
CA LYS A 6 -3.25 6.06 -5.05
C LYS A 6 -4.35 7.02 -4.61
N GLN A 7 -5.24 6.54 -3.75
CA GLN A 7 -6.26 7.36 -3.13
C GLN A 7 -5.62 8.42 -2.23
N GLU A 8 -4.57 8.00 -1.51
CA GLU A 8 -3.81 8.92 -0.68
C GLU A 8 -3.02 9.89 -1.57
N ILE A 9 -2.34 9.30 -2.55
CA ILE A 9 -1.51 10.05 -3.49
C ILE A 9 -2.25 11.20 -4.16
N SER A 10 -3.48 10.92 -4.61
CA SER A 10 -4.27 11.93 -5.32
C SER A 10 -4.98 12.87 -4.35
N HIS A 11 -5.17 12.43 -3.11
CA HIS A 11 -5.85 13.25 -2.12
C HIS A 11 -4.91 14.33 -1.59
N PHE A 12 -3.66 13.95 -1.32
CA PHE A 12 -2.70 14.88 -0.74
C PHE A 12 -1.83 15.53 -1.82
N LYS A 13 -1.90 14.98 -3.04
CA LYS A 13 -1.12 15.49 -4.18
C LYS A 13 0.38 15.23 -4.01
N LEU A 14 0.82 14.08 -4.48
CA LEU A 14 2.24 13.75 -4.47
C LEU A 14 2.82 13.89 -5.87
N VAL A 15 4.14 14.04 -5.96
CA VAL A 15 4.79 14.26 -7.24
C VAL A 15 5.29 12.94 -7.83
N LYS A 16 4.81 12.62 -9.04
CA LYS A 16 5.22 11.40 -9.72
C LYS A 16 6.64 11.54 -10.26
N VAL A 17 7.52 10.63 -9.86
CA VAL A 17 8.90 10.62 -10.32
C VAL A 17 9.04 9.71 -11.53
N GLY A 18 8.41 8.55 -11.46
CA GLY A 18 8.50 7.58 -12.53
C GLY A 18 7.66 6.36 -12.27
N THR A 19 7.74 5.39 -13.16
CA THR A 19 7.01 4.16 -13.02
C THR A 19 7.96 2.97 -13.12
N ILE A 20 7.89 2.06 -12.16
CA ILE A 20 8.78 0.91 -12.13
C ILE A 20 8.02 -0.37 -12.43
N ASN A 21 8.73 -1.38 -12.91
CA ASN A 21 8.15 -2.68 -13.14
C ASN A 21 9.16 -3.78 -12.86
N VAL A 22 8.76 -4.74 -12.06
CA VAL A 22 9.60 -5.90 -11.80
C VAL A 22 9.10 -7.09 -12.59
N SER A 23 9.77 -7.37 -13.70
CA SER A 23 9.42 -8.48 -14.55
C SER A 23 10.51 -9.54 -14.53
N GLN A 24 10.29 -10.59 -13.75
CA GLN A 24 11.30 -11.63 -13.57
C GLN A 24 10.72 -13.01 -13.84
N SER A 25 11.58 -13.91 -14.29
CA SER A 25 11.18 -15.27 -14.63
C SER A 25 11.16 -16.17 -13.39
N GLY A 26 10.54 -15.69 -12.32
CA GLY A 26 10.49 -16.45 -11.09
C GLY A 26 11.82 -16.47 -10.36
N GLY A 27 11.88 -17.19 -9.25
CA GLY A 27 13.12 -17.30 -8.47
C GLY A 27 13.43 -16.04 -7.69
N GLN A 28 13.53 -14.91 -8.39
CA GLN A 28 13.84 -13.64 -7.78
C GLN A 28 12.79 -13.25 -6.74
N ILE A 29 11.53 -13.46 -7.09
CA ILE A 29 10.44 -13.19 -6.17
C ILE A 29 9.70 -14.48 -5.84
N SER A 30 9.88 -14.96 -4.61
CA SER A 30 9.21 -16.16 -4.16
C SER A 30 8.06 -15.80 -3.22
N SER A 31 8.21 -14.68 -2.53
CA SER A 31 7.17 -14.18 -1.64
C SER A 31 6.99 -12.68 -1.85
N PRO A 32 5.86 -12.10 -1.38
CA PRO A 32 5.62 -10.65 -1.47
C PRO A 32 6.75 -9.85 -0.82
N SER A 33 7.44 -10.46 0.13
CA SER A 33 8.58 -9.86 0.78
C SER A 33 9.69 -9.56 -0.23
N ASP A 34 9.94 -10.52 -1.12
CA ASP A 34 10.95 -10.36 -2.17
C ASP A 34 10.52 -9.25 -3.11
N LEU A 35 9.24 -9.26 -3.47
CA LEU A 35 8.68 -8.30 -4.40
C LEU A 35 8.89 -6.87 -3.92
N ARG A 36 8.50 -6.60 -2.68
CA ARG A 36 8.61 -5.25 -2.13
C ARG A 36 10.06 -4.83 -2.00
N GLU A 37 10.95 -5.80 -1.77
CA GLU A 37 12.37 -5.53 -1.69
C GLU A 37 12.89 -5.00 -3.04
N LYS A 38 12.40 -5.59 -4.12
CA LYS A 38 12.76 -5.15 -5.46
C LYS A 38 12.20 -3.76 -5.72
N LEU A 39 10.92 -3.59 -5.39
CA LEU A 39 10.21 -2.34 -5.61
C LEU A 39 10.86 -1.19 -4.85
N SER A 40 11.18 -1.42 -3.59
CA SER A 40 11.78 -0.40 -2.74
C SER A 40 13.12 0.05 -3.33
N GLU A 41 13.94 -0.90 -3.74
CA GLU A 41 15.26 -0.60 -4.29
C GLU A 41 15.13 0.27 -5.54
N LEU A 42 14.23 -0.10 -6.43
CA LEU A 42 14.04 0.63 -7.68
C LEU A 42 13.51 2.05 -7.42
N ALA A 43 12.53 2.15 -6.53
CA ALA A 43 11.95 3.45 -6.20
C ALA A 43 12.97 4.36 -5.55
N ASP A 44 13.69 3.82 -4.57
CA ASP A 44 14.68 4.60 -3.83
C ASP A 44 15.86 5.01 -4.71
N ALA A 45 16.18 4.17 -5.69
CA ALA A 45 17.25 4.46 -6.64
C ALA A 45 16.90 5.70 -7.47
N LYS A 46 15.65 5.79 -7.89
CA LYS A 46 15.17 6.93 -8.66
C LYS A 46 15.00 8.16 -7.77
N GLY A 47 14.84 7.92 -6.48
CA GLY A 47 14.69 9.00 -5.53
C GLY A 47 13.28 9.18 -5.06
N GLY A 48 12.50 8.11 -5.15
CA GLY A 48 11.13 8.16 -4.69
C GLY A 48 11.00 7.77 -3.24
N LYS A 49 9.97 8.26 -2.59
CA LYS A 49 9.71 7.94 -1.20
C LYS A 49 8.46 7.08 -1.10
N TYR A 50 7.48 7.40 -1.92
CA TYR A 50 6.23 6.67 -1.95
C TYR A 50 6.17 5.80 -3.19
N TYR A 51 5.60 4.62 -3.07
CA TYR A 51 5.39 3.77 -4.23
C TYR A 51 4.08 3.01 -4.08
N HIS A 52 3.48 2.68 -5.21
CA HIS A 52 2.18 2.02 -5.23
C HIS A 52 2.07 1.06 -6.40
N ILE A 53 1.73 -0.19 -6.12
CA ILE A 53 1.54 -1.19 -7.16
C ILE A 53 0.18 -0.97 -7.82
N ILE A 54 0.18 -0.87 -9.14
CA ILE A 54 -1.06 -0.73 -9.89
C ILE A 54 -1.43 -2.02 -10.61
N ALA A 55 -0.42 -2.76 -11.02
CA ALA A 55 -0.64 -3.98 -11.77
C ALA A 55 0.37 -5.05 -11.38
N ALA A 56 -0.01 -5.91 -10.46
CA ALA A 56 0.77 -7.09 -10.14
C ALA A 56 0.35 -8.21 -11.07
N ARG A 57 0.78 -8.13 -12.32
CA ARG A 57 0.33 -9.05 -13.35
C ARG A 57 1.23 -10.25 -13.47
N GLU A 58 0.66 -11.34 -13.93
CA GLU A 58 1.35 -12.61 -14.04
C GLU A 58 1.46 -13.01 -15.50
N HIS A 59 2.65 -13.43 -15.90
CA HIS A 59 2.90 -13.80 -17.28
C HIS A 59 3.36 -15.25 -17.34
N GLY A 60 2.56 -16.13 -16.74
CA GLY A 60 2.93 -17.52 -16.66
C GLY A 60 4.02 -17.75 -15.64
N PRO A 61 5.18 -18.27 -16.05
CA PRO A 61 6.35 -18.43 -15.18
C PRO A 61 6.98 -17.08 -14.84
N ASN A 62 6.62 -16.06 -15.61
CA ASN A 62 7.13 -14.71 -15.39
C ASN A 62 6.16 -13.91 -14.56
N PHE A 63 6.68 -13.03 -13.73
CA PHE A 63 5.86 -12.15 -12.91
C PHE A 63 6.22 -10.70 -13.20
N GLU A 64 5.23 -9.87 -13.44
CA GLU A 64 5.45 -8.48 -13.76
C GLU A 64 4.69 -7.57 -12.79
N ALA A 65 5.42 -6.92 -11.90
CA ALA A 65 4.80 -6.03 -10.95
C ALA A 65 5.07 -4.58 -11.32
N VAL A 66 4.03 -3.91 -11.82
CA VAL A 66 4.13 -2.52 -12.21
C VAL A 66 3.71 -1.61 -11.06
N ALA A 67 4.61 -0.74 -10.66
CA ALA A 67 4.35 0.15 -9.53
C ALA A 67 4.72 1.59 -9.87
N GLU A 68 4.17 2.51 -9.11
CA GLU A 68 4.40 3.94 -9.32
C GLU A 68 5.42 4.45 -8.31
N VAL A 69 6.16 5.49 -8.69
CA VAL A 69 7.14 6.10 -7.80
C VAL A 69 6.81 7.57 -7.58
N TYR A 70 6.62 7.96 -6.32
CA TYR A 70 6.24 9.33 -5.99
C TYR A 70 7.18 9.95 -4.95
N ASN A 71 7.34 11.26 -5.03
CA ASN A 71 8.15 12.02 -4.09
C ASN A 71 7.26 13.08 -3.42
N ASP A 72 7.77 13.74 -2.38
CA ASP A 72 7.01 14.79 -1.71
C ASP A 72 6.89 16.01 -2.60
N ALA A 73 5.88 16.83 -2.36
CA ALA A 73 5.58 17.96 -3.23
C ALA A 73 5.96 19.29 -2.60
N THR A 74 7.24 19.64 -2.73
CA THR A 74 7.75 20.93 -2.27
C THR A 74 7.76 21.02 -0.74
N LYS A 75 8.95 21.18 -0.18
CA LYS A 75 9.11 21.20 1.27
C LYS A 75 8.76 22.59 1.81
N LEU A 76 7.52 22.72 2.25
CA LEU A 76 7.02 23.99 2.76
C LEU A 76 7.43 24.22 4.20
N GLU A 77 7.88 23.16 4.87
CA GLU A 77 8.28 23.25 6.26
C GLU A 77 9.59 24.02 6.37
N HIS A 78 9.55 25.11 7.11
CA HIS A 78 10.69 26.01 7.21
C HIS A 78 11.34 25.89 8.58
N HIS A 79 10.65 25.22 9.49
CA HIS A 79 11.11 25.10 10.86
C HIS A 79 12.22 24.05 10.98
N HIS A 80 13.46 24.50 10.83
CA HIS A 80 14.62 23.66 11.10
C HIS A 80 15.36 24.24 12.29
N HIS A 81 16.00 25.38 12.07
CA HIS A 81 16.57 26.17 13.14
C HIS A 81 16.03 27.59 13.00
N HIS A 82 15.81 28.27 14.10
CA HIS A 82 15.29 29.63 14.03
C HIS A 82 15.78 30.45 15.21
N HIS A 83 16.13 31.69 14.93
CA HIS A 83 16.59 32.61 15.95
C HIS A 83 15.58 33.75 16.10
N ALA B 1 1.64 -3.87 10.01
CA ALA B 1 0.52 -4.06 9.06
C ALA B 1 0.80 -3.33 7.76
N GLU B 2 0.85 -4.07 6.66
CA GLU B 2 1.24 -3.52 5.38
C GLU B 2 0.00 -3.19 4.56
N GLN B 3 0.08 -2.17 3.71
CA GLN B 3 -1.02 -1.83 2.82
C GLN B 3 -0.71 -2.27 1.40
N VAL B 4 -1.57 -3.12 0.85
CA VAL B 4 -1.45 -3.55 -0.54
C VAL B 4 -2.69 -3.14 -1.31
N SER B 5 -2.69 -3.32 -2.62
CA SER B 5 -3.86 -2.99 -3.40
C SER B 5 -4.66 -4.26 -3.70
N LYS B 6 -5.89 -4.09 -4.16
CA LYS B 6 -6.78 -5.21 -4.40
C LYS B 6 -6.28 -6.02 -5.60
N GLN B 7 -5.26 -5.49 -6.26
CA GLN B 7 -4.61 -6.17 -7.38
C GLN B 7 -3.80 -7.35 -6.87
N GLU B 8 -3.04 -7.11 -5.80
CA GLU B 8 -2.22 -8.15 -5.19
C GLU B 8 -3.12 -9.12 -4.44
N ILE B 9 -4.16 -8.58 -3.83
CA ILE B 9 -5.13 -9.37 -3.07
C ILE B 9 -5.79 -10.42 -3.96
N SER B 10 -6.21 -10.01 -5.15
CA SER B 10 -6.85 -10.91 -6.09
C SER B 10 -5.82 -11.79 -6.80
N HIS B 11 -4.55 -11.56 -6.52
CA HIS B 11 -3.50 -12.38 -7.09
C HIS B 11 -3.13 -13.51 -6.11
N PHE B 12 -2.83 -13.14 -4.88
CA PHE B 12 -2.39 -14.10 -3.86
C PHE B 12 -3.58 -14.72 -3.13
N LYS B 13 -4.78 -14.20 -3.44
CA LYS B 13 -6.03 -14.73 -2.87
C LYS B 13 -6.04 -14.58 -1.36
N LEU B 14 -5.89 -13.36 -0.89
CA LEU B 14 -5.86 -13.08 0.55
C LEU B 14 -7.24 -13.26 1.17
N VAL B 15 -7.26 -13.52 2.46
CA VAL B 15 -8.51 -13.75 3.18
C VAL B 15 -8.93 -12.50 3.95
N LYS B 16 -10.15 -12.05 3.73
CA LYS B 16 -10.64 -10.83 4.36
C LYS B 16 -11.19 -11.11 5.75
N VAL B 17 -10.62 -10.44 6.74
CA VAL B 17 -11.00 -10.65 8.13
C VAL B 17 -12.14 -9.70 8.52
N GLY B 18 -12.13 -8.51 7.93
CA GLY B 18 -13.16 -7.54 8.23
C GLY B 18 -12.94 -6.24 7.50
N THR B 19 -13.66 -5.21 7.90
CA THR B 19 -13.54 -3.89 7.31
C THR B 19 -13.41 -2.84 8.39
N ILE B 20 -12.51 -1.88 8.20
CA ILE B 20 -12.31 -0.82 9.17
C ILE B 20 -12.49 0.54 8.50
N ASN B 21 -13.15 1.46 9.18
CA ASN B 21 -13.30 2.80 8.67
C ASN B 21 -12.91 3.81 9.74
N VAL B 22 -12.03 4.72 9.38
CA VAL B 22 -11.65 5.78 10.28
C VAL B 22 -12.38 7.06 9.87
N SER B 23 -13.43 7.36 10.59
CA SER B 23 -14.22 8.54 10.34
C SER B 23 -13.93 9.60 11.39
N GLN B 24 -13.26 10.67 10.98
CA GLN B 24 -12.86 11.71 11.91
C GLN B 24 -13.45 13.05 11.52
N SER B 25 -13.77 13.83 12.54
CA SER B 25 -14.30 15.17 12.34
C SER B 25 -13.23 16.08 11.75
N GLY B 26 -11.98 15.79 12.11
CA GLY B 26 -10.86 16.58 11.63
C GLY B 26 -9.83 16.78 12.71
N GLY B 27 -8.63 17.18 12.32
CA GLY B 27 -7.59 17.47 13.29
C GLY B 27 -6.80 16.24 13.70
N GLN B 28 -7.51 15.17 14.02
CA GLN B 28 -6.89 13.91 14.44
C GLN B 28 -5.99 13.37 13.34
N ILE B 29 -6.55 13.14 12.17
CA ILE B 29 -5.77 12.70 11.02
C ILE B 29 -5.59 13.85 10.05
N SER B 30 -4.34 14.19 9.78
CA SER B 30 -4.03 15.30 8.90
C SER B 30 -3.08 14.85 7.79
N SER B 31 -2.29 13.83 8.08
CA SER B 31 -1.30 13.33 7.14
C SER B 31 -1.46 11.82 6.93
N PRO B 32 -0.86 11.25 5.88
CA PRO B 32 -0.86 9.80 5.64
C PRO B 32 -0.20 9.04 6.78
N SER B 33 0.56 9.76 7.61
CA SER B 33 1.21 9.17 8.77
C SER B 33 0.17 8.77 9.81
N ASP B 34 -0.75 9.69 10.12
CA ASP B 34 -1.82 9.41 11.06
C ASP B 34 -2.71 8.32 10.49
N LEU B 35 -2.97 8.43 9.20
CA LEU B 35 -3.83 7.49 8.47
C LEU B 35 -3.31 6.06 8.60
N ARG B 36 -2.09 5.82 8.16
CA ARG B 36 -1.51 4.48 8.17
C ARG B 36 -1.45 3.93 9.59
N GLU B 37 -1.22 4.81 10.56
CA GLU B 37 -1.11 4.39 11.94
C GLU B 37 -2.44 3.87 12.46
N LYS B 38 -3.51 4.62 12.20
CA LYS B 38 -4.84 4.21 12.63
C LYS B 38 -5.23 2.90 11.94
N LEU B 39 -4.95 2.81 10.66
CA LEU B 39 -5.27 1.61 9.89
C LEU B 39 -4.53 0.40 10.45
N SER B 40 -3.22 0.56 10.69
CA SER B 40 -2.42 -0.52 11.26
C SER B 40 -2.92 -0.88 12.65
N GLU B 41 -3.24 0.15 13.44
CA GLU B 41 -3.71 -0.02 14.80
C GLU B 41 -4.99 -0.83 14.85
N LEU B 42 -5.96 -0.47 14.01
CA LEU B 42 -7.25 -1.15 13.97
C LEU B 42 -7.12 -2.55 13.37
N ALA B 43 -6.39 -2.66 12.26
CA ALA B 43 -6.21 -3.95 11.59
C ALA B 43 -5.51 -4.94 12.51
N ASP B 44 -4.54 -4.43 13.26
CA ASP B 44 -3.80 -5.25 14.22
C ASP B 44 -4.73 -5.82 15.29
N ALA B 45 -5.63 -4.98 15.78
CA ALA B 45 -6.60 -5.40 16.78
C ALA B 45 -7.60 -6.40 16.21
N LYS B 46 -7.92 -6.25 14.93
CA LYS B 46 -8.85 -7.15 14.26
C LYS B 46 -8.21 -8.51 14.01
N GLY B 47 -6.89 -8.54 13.87
CA GLY B 47 -6.19 -9.77 13.60
C GLY B 47 -5.74 -9.88 12.16
N GLY B 48 -5.57 -8.74 11.52
CA GLY B 48 -5.10 -8.72 10.15
C GLY B 48 -3.65 -8.30 10.07
N LYS B 49 -3.00 -8.65 8.97
CA LYS B 49 -1.61 -8.29 8.75
C LYS B 49 -1.51 -7.33 7.57
N TYR B 50 -2.51 -7.34 6.72
CA TYR B 50 -2.53 -6.49 5.54
C TYR B 50 -3.85 -5.74 5.49
N TYR B 51 -3.82 -4.55 4.91
CA TYR B 51 -5.04 -3.79 4.71
C TYR B 51 -4.98 -3.05 3.38
N HIS B 52 -6.13 -2.58 2.93
CA HIS B 52 -6.23 -1.89 1.66
C HIS B 52 -7.30 -0.81 1.72
N ILE B 53 -6.90 0.43 1.43
CA ILE B 53 -7.84 1.53 1.38
C ILE B 53 -8.66 1.46 0.09
N ILE B 54 -9.98 1.40 0.23
CA ILE B 54 -10.85 1.40 -0.94
C ILE B 54 -11.43 2.79 -1.18
N ALA B 55 -11.53 3.57 -0.11
CA ALA B 55 -12.07 4.91 -0.21
C ALA B 55 -11.47 5.83 0.85
N ALA B 56 -10.55 6.67 0.43
CA ALA B 56 -10.04 7.72 1.29
C ALA B 56 -10.72 9.03 0.94
N ARG B 57 -11.99 9.14 1.35
CA ARG B 57 -12.85 10.21 0.87
C ARG B 57 -12.92 11.35 1.88
N GLU B 58 -12.98 12.55 1.35
CA GLU B 58 -13.10 13.74 2.17
C GLU B 58 -14.57 14.12 2.28
N HIS B 59 -15.11 14.04 3.48
CA HIS B 59 -16.53 14.29 3.70
C HIS B 59 -16.73 15.72 4.17
N GLY B 60 -16.47 16.66 3.28
CA GLY B 60 -16.59 18.07 3.64
C GLY B 60 -15.44 18.49 4.53
N PRO B 61 -15.73 18.91 5.76
CA PRO B 61 -14.69 19.21 6.74
C PRO B 61 -14.22 17.95 7.48
N ASN B 62 -14.88 16.83 7.19
CA ASN B 62 -14.57 15.56 7.84
C ASN B 62 -13.79 14.66 6.89
N PHE B 63 -13.27 13.56 7.41
CA PHE B 63 -12.52 12.61 6.60
C PHE B 63 -12.94 11.18 6.91
N GLU B 64 -13.17 10.41 5.87
CA GLU B 64 -13.55 9.00 6.03
C GLU B 64 -12.55 8.10 5.32
N ALA B 65 -11.81 7.32 6.10
CA ALA B 65 -10.88 6.36 5.54
C ALA B 65 -11.41 4.94 5.66
N VAL B 66 -11.91 4.41 4.56
CA VAL B 66 -12.45 3.06 4.55
C VAL B 66 -11.45 2.08 3.98
N ALA B 67 -11.06 1.10 4.79
CA ALA B 67 -10.07 0.12 4.40
C ALA B 67 -10.53 -1.31 4.68
N GLU B 68 -9.96 -2.25 3.96
CA GLU B 68 -10.29 -3.67 4.11
C GLU B 68 -9.19 -4.35 4.93
N VAL B 69 -9.58 -5.22 5.85
CA VAL B 69 -8.62 -5.95 6.68
C VAL B 69 -8.39 -7.34 6.10
N TYR B 70 -7.14 -7.66 5.79
CA TYR B 70 -6.81 -8.93 5.18
C TYR B 70 -5.73 -9.68 5.97
N ASN B 71 -5.79 -11.00 5.88
CA ASN B 71 -4.75 -11.87 6.37
C ASN B 71 -4.71 -13.08 5.44
N ASP B 72 -3.93 -14.09 5.78
CA ASP B 72 -3.85 -15.30 4.99
C ASP B 72 -4.18 -16.52 5.84
N ALA B 73 -4.93 -17.45 5.26
CA ALA B 73 -5.31 -18.66 5.97
C ALA B 73 -4.38 -19.81 5.62
N THR B 74 -3.61 -19.63 4.55
CA THR B 74 -2.73 -20.68 4.06
C THR B 74 -1.43 -20.72 4.86
N LYS B 75 -1.49 -21.27 6.06
CA LYS B 75 -0.30 -21.35 6.91
C LYS B 75 0.59 -22.49 6.43
N LEU B 76 1.46 -22.17 5.49
CA LEU B 76 2.30 -23.17 4.83
C LEU B 76 3.44 -23.65 5.72
N GLU B 77 3.86 -22.80 6.66
CA GLU B 77 5.00 -23.09 7.52
C GLU B 77 4.76 -24.39 8.29
N HIS B 78 5.64 -25.35 8.09
CA HIS B 78 5.53 -26.66 8.72
C HIS B 78 6.91 -27.26 8.96
N HIS B 79 7.94 -26.42 8.93
CA HIS B 79 9.31 -26.91 9.06
C HIS B 79 9.92 -26.42 10.36
N HIS B 80 9.80 -27.20 11.41
CA HIS B 80 10.38 -26.83 12.69
C HIS B 80 11.46 -27.83 13.09
N HIS B 81 11.04 -29.00 13.56
CA HIS B 81 12.00 -30.02 13.98
C HIS B 81 11.29 -31.34 14.27
N HIS B 82 12.01 -32.43 14.08
CA HIS B 82 11.55 -33.75 14.50
C HIS B 82 12.23 -34.09 15.81
N HIS B 83 13.36 -33.44 16.03
CA HIS B 83 14.11 -33.56 17.28
C HIS B 83 14.88 -32.27 17.52
N ALA A 1 11.09 2.49 1.06
CA ALA A 1 10.05 3.26 0.33
C ALA A 1 8.67 2.84 0.81
N GLU A 2 7.73 3.77 0.79
CA GLU A 2 6.40 3.52 1.32
C GLU A 2 5.41 3.14 0.22
N GLN A 3 4.73 2.02 0.44
CA GLN A 3 3.70 1.57 -0.48
C GLN A 3 2.38 2.24 -0.09
N VAL A 4 1.84 3.03 -1.01
CA VAL A 4 0.60 3.75 -0.75
C VAL A 4 -0.41 3.51 -1.88
N SER A 5 -1.69 3.67 -1.57
CA SER A 5 -2.74 3.42 -2.53
C SER A 5 -3.01 4.66 -3.37
N LYS A 6 -3.81 4.50 -4.42
CA LYS A 6 -4.11 5.59 -5.35
C LYS A 6 -4.86 6.70 -4.63
N GLN A 7 -5.46 6.36 -3.51
CA GLN A 7 -6.18 7.32 -2.70
C GLN A 7 -5.22 8.31 -2.05
N GLU A 8 -4.09 7.81 -1.58
CA GLU A 8 -3.06 8.68 -1.01
C GLU A 8 -2.47 9.58 -2.09
N ILE A 9 -2.21 9.00 -3.26
CA ILE A 9 -1.67 9.78 -4.39
C ILE A 9 -2.59 10.95 -4.74
N SER A 10 -3.88 10.67 -4.85
CA SER A 10 -4.85 11.69 -5.24
C SER A 10 -5.11 12.69 -4.11
N HIS A 11 -5.08 12.20 -2.87
CA HIS A 11 -5.36 13.04 -1.71
C HIS A 11 -4.21 14.02 -1.46
N PHE A 12 -2.98 13.52 -1.50
CA PHE A 12 -1.81 14.33 -1.18
C PHE A 12 -1.23 14.99 -2.42
N LYS A 13 -1.76 14.64 -3.59
CA LYS A 13 -1.28 15.19 -4.85
C LYS A 13 0.19 14.90 -5.04
N LEU A 14 0.53 13.62 -4.99
CA LEU A 14 1.92 13.19 -5.07
C LEU A 14 2.51 13.44 -6.46
N VAL A 15 3.79 13.74 -6.48
CA VAL A 15 4.50 14.03 -7.71
C VAL A 15 4.96 12.75 -8.38
N LYS A 16 4.43 12.50 -9.56
CA LYS A 16 4.76 11.30 -10.32
C LYS A 16 6.17 11.42 -10.90
N VAL A 17 7.08 10.62 -10.36
CA VAL A 17 8.48 10.66 -10.77
C VAL A 17 8.71 9.79 -12.00
N GLY A 18 8.23 8.55 -11.92
CA GLY A 18 8.41 7.61 -13.02
C GLY A 18 7.75 6.30 -12.72
N THR A 19 7.86 5.35 -13.65
CA THR A 19 7.21 4.06 -13.49
C THR A 19 8.25 2.94 -13.52
N ILE A 20 8.29 2.14 -12.45
CA ILE A 20 9.23 1.04 -12.37
C ILE A 20 8.51 -0.29 -12.62
N ASN A 21 9.14 -1.15 -13.40
CA ASN A 21 8.55 -2.44 -13.71
C ASN A 21 9.46 -3.56 -13.21
N VAL A 22 8.93 -4.40 -12.33
CA VAL A 22 9.68 -5.54 -11.85
C VAL A 22 9.21 -6.79 -12.56
N SER A 23 9.98 -7.22 -13.55
CA SER A 23 9.64 -8.40 -14.32
C SER A 23 10.75 -9.43 -14.20
N GLN A 24 10.50 -10.45 -13.39
CA GLN A 24 11.49 -11.48 -13.14
C GLN A 24 11.16 -12.74 -13.91
N SER A 25 12.18 -13.55 -14.15
CA SER A 25 12.03 -14.74 -14.98
C SER A 25 11.31 -15.85 -14.23
N GLY A 26 11.27 -15.73 -12.91
CA GLY A 26 10.59 -16.71 -12.10
C GLY A 26 9.91 -16.07 -10.92
N GLY A 27 9.52 -16.89 -9.96
CA GLY A 27 8.86 -16.39 -8.77
C GLY A 27 9.84 -15.82 -7.78
N GLN A 28 10.48 -14.71 -8.13
CA GLN A 28 11.43 -14.06 -7.24
C GLN A 28 10.70 -13.16 -6.26
N ILE A 29 9.37 -13.11 -6.39
CA ILE A 29 8.52 -12.42 -5.44
C ILE A 29 7.58 -13.43 -4.80
N SER A 30 7.97 -13.94 -3.64
CA SER A 30 7.18 -14.96 -2.96
C SER A 30 6.27 -14.35 -1.91
N SER A 31 6.69 -13.20 -1.36
CA SER A 31 5.92 -12.54 -0.32
C SER A 31 5.87 -11.05 -0.57
N PRO A 32 4.98 -10.31 0.13
CA PRO A 32 4.94 -8.85 0.05
C PRO A 32 6.28 -8.21 0.44
N SER A 33 7.06 -8.93 1.25
CA SER A 33 8.39 -8.49 1.62
C SER A 33 9.29 -8.42 0.39
N ASP A 34 9.26 -9.49 -0.41
CA ASP A 34 10.02 -9.54 -1.67
C ASP A 34 9.55 -8.44 -2.59
N LEU A 35 8.23 -8.28 -2.65
CA LEU A 35 7.60 -7.27 -3.47
C LEU A 35 8.08 -5.88 -3.08
N ARG A 36 8.01 -5.57 -1.79
CA ARG A 36 8.46 -4.28 -1.29
C ARG A 36 9.96 -4.10 -1.50
N GLU A 37 10.73 -5.17 -1.27
CA GLU A 37 12.18 -5.11 -1.39
C GLU A 37 12.60 -4.61 -2.78
N LYS A 38 12.05 -5.22 -3.82
CA LYS A 38 12.35 -4.83 -5.19
C LYS A 38 11.85 -3.42 -5.49
N LEU A 39 10.59 -3.18 -5.18
CA LEU A 39 9.95 -1.90 -5.52
C LEU A 39 10.62 -0.73 -4.81
N SER A 40 10.95 -0.90 -3.54
CA SER A 40 11.59 0.16 -2.76
C SER A 40 12.96 0.49 -3.33
N GLU A 41 13.71 -0.57 -3.63
CA GLU A 41 15.07 -0.43 -4.16
C GLU A 41 15.06 0.38 -5.46
N LEU A 42 14.15 0.04 -6.36
CA LEU A 42 14.08 0.69 -7.66
C LEU A 42 13.49 2.10 -7.53
N ALA A 43 12.50 2.26 -6.66
CA ALA A 43 11.85 3.55 -6.46
C ALA A 43 12.83 4.57 -5.87
N ASP A 44 13.65 4.12 -4.93
CA ASP A 44 14.62 5.00 -4.30
C ASP A 44 15.75 5.33 -5.28
N ALA A 45 16.04 4.39 -6.17
CA ALA A 45 17.06 4.59 -7.19
C ALA A 45 16.62 5.64 -8.20
N LYS A 46 15.31 5.80 -8.34
CA LYS A 46 14.76 6.84 -9.21
C LYS A 46 14.72 8.17 -8.46
N GLY A 47 14.12 8.16 -7.27
CA GLY A 47 14.05 9.37 -6.47
C GLY A 47 12.66 9.61 -5.92
N GLY A 48 12.10 8.60 -5.28
CA GLY A 48 10.77 8.74 -4.72
C GLY A 48 10.70 8.23 -3.29
N LYS A 49 9.76 8.75 -2.53
CA LYS A 49 9.55 8.31 -1.15
C LYS A 49 8.43 7.28 -1.11
N TYR A 50 7.49 7.42 -2.04
CA TYR A 50 6.32 6.57 -2.09
C TYR A 50 6.26 5.86 -3.43
N TYR A 51 5.45 4.82 -3.50
CA TYR A 51 5.19 4.15 -4.77
C TYR A 51 3.85 3.44 -4.68
N HIS A 52 3.21 3.24 -5.82
CA HIS A 52 1.94 2.53 -5.86
C HIS A 52 1.95 1.48 -6.96
N ILE A 53 1.62 0.25 -6.58
CA ILE A 53 1.48 -0.83 -7.54
C ILE A 53 0.22 -0.64 -8.37
N ILE A 54 0.38 -0.33 -9.64
CA ILE A 54 -0.77 -0.05 -10.50
C ILE A 54 -1.14 -1.28 -11.33
N ALA A 55 -0.25 -2.26 -11.37
CA ALA A 55 -0.52 -3.50 -12.08
C ALA A 55 0.39 -4.63 -11.60
N ALA A 56 -0.16 -5.48 -10.74
CA ALA A 56 0.57 -6.66 -10.27
C ALA A 56 0.03 -7.89 -10.98
N ARG A 57 0.76 -8.38 -11.96
CA ARG A 57 0.29 -9.46 -12.80
C ARG A 57 1.37 -10.52 -13.00
N GLU A 58 1.01 -11.59 -13.67
CA GLU A 58 1.92 -12.69 -13.89
C GLU A 58 1.83 -13.15 -15.35
N HIS A 59 2.89 -12.91 -16.10
CA HIS A 59 2.92 -13.24 -17.52
C HIS A 59 3.67 -14.54 -17.73
N GLY A 60 2.94 -15.64 -17.69
CA GLY A 60 3.56 -16.94 -17.80
C GLY A 60 4.28 -17.31 -16.52
N PRO A 61 5.56 -17.70 -16.62
CA PRO A 61 6.40 -17.94 -15.45
C PRO A 61 7.02 -16.65 -14.93
N ASN A 62 6.77 -15.56 -15.65
CA ASN A 62 7.38 -14.27 -15.33
C ASN A 62 6.41 -13.40 -14.55
N PHE A 63 6.75 -13.11 -13.30
CA PHE A 63 5.92 -12.22 -12.50
C PHE A 63 6.26 -10.77 -12.83
N GLU A 64 5.23 -9.97 -13.07
CA GLU A 64 5.43 -8.58 -13.46
C GLU A 64 4.75 -7.64 -12.49
N ALA A 65 5.55 -6.92 -11.72
CA ALA A 65 5.04 -5.95 -10.76
C ALA A 65 5.26 -4.54 -11.29
N VAL A 66 4.19 -3.94 -11.77
CA VAL A 66 4.25 -2.58 -12.28
C VAL A 66 3.84 -1.59 -11.20
N ALA A 67 4.82 -0.87 -10.68
CA ALA A 67 4.57 0.13 -9.66
C ALA A 67 5.06 1.48 -10.12
N GLU A 68 4.36 2.53 -9.73
CA GLU A 68 4.75 3.86 -10.13
C GLU A 68 5.33 4.62 -8.94
N VAL A 69 6.41 5.34 -9.18
CA VAL A 69 7.15 6.03 -8.14
C VAL A 69 6.62 7.44 -7.94
N TYR A 70 6.31 7.78 -6.70
CA TYR A 70 5.78 9.10 -6.38
C TYR A 70 6.56 9.74 -5.25
N ASN A 71 6.68 11.05 -5.29
CA ASN A 71 7.32 11.78 -4.22
C ASN A 71 6.42 12.94 -3.80
N ASP A 72 6.81 13.68 -2.78
CA ASP A 72 6.00 14.79 -2.30
C ASP A 72 6.15 15.98 -3.25
N ALA A 73 5.21 16.91 -3.20
CA ALA A 73 5.26 18.09 -4.06
C ALA A 73 6.25 19.11 -3.52
N THR A 74 6.92 18.73 -2.44
CA THR A 74 7.91 19.58 -1.81
C THR A 74 9.30 19.15 -2.24
N LYS A 75 9.85 19.85 -3.22
CA LYS A 75 11.16 19.50 -3.76
C LYS A 75 11.93 20.77 -4.10
N LEU A 76 11.45 21.51 -5.08
CA LEU A 76 12.10 22.73 -5.52
C LEU A 76 11.05 23.82 -5.74
N GLU A 77 11.52 25.01 -6.08
CA GLU A 77 10.64 26.16 -6.29
C GLU A 77 9.82 25.97 -7.56
N HIS A 78 8.61 26.53 -7.58
CA HIS A 78 7.71 26.39 -8.72
C HIS A 78 6.91 27.67 -8.97
N HIS A 79 7.40 28.81 -8.49
CA HIS A 79 6.70 30.07 -8.74
C HIS A 79 6.97 30.57 -10.15
N HIS A 80 7.82 29.85 -10.87
CA HIS A 80 8.11 30.17 -12.27
C HIS A 80 6.87 29.92 -13.12
N HIS A 81 6.46 30.93 -13.86
CA HIS A 81 5.26 30.82 -14.69
C HIS A 81 5.63 30.26 -16.05
N HIS A 82 4.67 29.64 -16.72
CA HIS A 82 4.92 29.05 -18.02
C HIS A 82 4.86 30.11 -19.12
N HIS A 83 5.37 29.76 -20.29
CA HIS A 83 5.34 30.67 -21.43
C HIS A 83 4.65 30.00 -22.60
N ALA B 1 2.36 -3.56 9.64
CA ALA B 1 1.24 -4.05 8.81
C ALA B 1 1.47 -3.68 7.35
N GLU B 2 1.15 -4.59 6.46
CA GLU B 2 1.46 -4.44 5.04
C GLU B 2 0.28 -3.90 4.28
N GLN B 3 0.53 -2.94 3.40
CA GLN B 3 -0.51 -2.45 2.50
C GLN B 3 -0.31 -3.06 1.13
N VAL B 4 -1.29 -3.82 0.68
CA VAL B 4 -1.23 -4.46 -0.63
C VAL B 4 -2.47 -4.11 -1.44
N SER B 5 -2.34 -4.18 -2.75
CA SER B 5 -3.45 -3.89 -3.64
C SER B 5 -4.21 -5.17 -3.96
N LYS B 6 -5.43 -5.01 -4.48
CA LYS B 6 -6.31 -6.15 -4.70
C LYS B 6 -5.72 -7.12 -5.71
N GLN B 7 -4.81 -6.62 -6.56
CA GLN B 7 -4.12 -7.46 -7.53
C GLN B 7 -3.31 -8.53 -6.80
N GLU B 8 -2.54 -8.10 -5.80
CA GLU B 8 -1.71 -9.01 -5.03
C GLU B 8 -2.58 -9.89 -4.15
N ILE B 9 -3.62 -9.28 -3.57
CA ILE B 9 -4.57 -9.99 -2.72
C ILE B 9 -5.21 -11.14 -3.49
N SER B 10 -5.59 -10.86 -4.72
CA SER B 10 -6.25 -11.85 -5.56
C SER B 10 -5.28 -12.93 -6.02
N HIS B 11 -4.04 -12.53 -6.31
CA HIS B 11 -3.06 -13.46 -6.84
C HIS B 11 -2.55 -14.41 -5.76
N PHE B 12 -2.25 -13.87 -4.58
CA PHE B 12 -1.71 -14.68 -3.49
C PHE B 12 -2.83 -15.28 -2.64
N LYS B 13 -4.06 -14.83 -2.89
CA LYS B 13 -5.24 -15.33 -2.17
C LYS B 13 -5.12 -15.08 -0.67
N LEU B 14 -5.27 -13.81 -0.28
CA LEU B 14 -5.19 -13.44 1.12
C LEU B 14 -6.53 -13.62 1.80
N VAL B 15 -6.52 -13.80 3.12
CA VAL B 15 -7.74 -14.07 3.87
C VAL B 15 -8.42 -12.76 4.27
N LYS B 16 -9.58 -12.50 3.71
CA LYS B 16 -10.32 -11.28 4.00
C LYS B 16 -10.99 -11.38 5.36
N VAL B 17 -10.57 -10.51 6.28
CA VAL B 17 -11.17 -10.46 7.60
C VAL B 17 -12.39 -9.56 7.58
N GLY B 18 -12.27 -8.44 6.91
CA GLY B 18 -13.36 -7.51 6.81
C GLY B 18 -12.93 -6.17 6.24
N THR B 19 -13.70 -5.14 6.52
CA THR B 19 -13.40 -3.80 6.04
C THR B 19 -13.68 -2.79 7.15
N ILE B 20 -12.71 -1.91 7.40
CA ILE B 20 -12.82 -0.95 8.50
C ILE B 20 -13.10 0.45 7.98
N ASN B 21 -13.80 1.23 8.78
CA ASN B 21 -14.13 2.59 8.41
C ASN B 21 -13.62 3.56 9.47
N VAL B 22 -12.70 4.41 9.07
CA VAL B 22 -12.19 5.46 9.94
C VAL B 22 -12.84 6.80 9.62
N SER B 23 -13.81 7.18 10.41
CA SER B 23 -14.43 8.49 10.28
C SER B 23 -13.94 9.39 11.39
N GLN B 24 -12.91 10.17 11.10
CA GLN B 24 -12.29 11.03 12.10
C GLN B 24 -12.54 12.49 11.78
N SER B 25 -12.08 13.37 12.66
CA SER B 25 -12.20 14.79 12.43
C SER B 25 -10.92 15.33 11.78
N GLY B 26 -11.07 16.35 10.95
CA GLY B 26 -9.93 16.97 10.31
C GLY B 26 -8.95 17.55 11.30
N GLY B 27 -7.86 16.83 11.53
CA GLY B 27 -6.88 17.27 12.49
C GLY B 27 -6.18 16.11 13.16
N GLN B 28 -6.91 15.02 13.38
CA GLN B 28 -6.34 13.82 13.99
C GLN B 28 -5.36 13.18 13.02
N ILE B 29 -5.75 13.12 11.76
CA ILE B 29 -4.87 12.63 10.70
C ILE B 29 -4.38 13.81 9.88
N SER B 30 -3.12 14.15 10.03
CA SER B 30 -2.53 15.26 9.27
C SER B 30 -1.43 14.73 8.36
N SER B 31 -0.91 13.56 8.70
CA SER B 31 0.14 12.92 7.94
C SER B 31 -0.31 11.52 7.53
N PRO B 32 0.16 11.01 6.38
CA PRO B 32 -0.12 9.64 5.93
C PRO B 32 0.22 8.60 7.00
N SER B 33 1.18 8.94 7.86
CA SER B 33 1.54 8.09 8.99
C SER B 33 0.35 7.93 9.94
N ASP B 34 -0.35 9.04 10.20
CA ASP B 34 -1.51 9.02 11.08
C ASP B 34 -2.58 8.12 10.50
N LEU B 35 -2.75 8.24 9.18
CA LEU B 35 -3.71 7.43 8.44
C LEU B 35 -3.46 5.94 8.68
N ARG B 36 -2.22 5.51 8.45
CA ARG B 36 -1.87 4.11 8.60
C ARG B 36 -1.91 3.70 10.08
N GLU B 37 -1.60 4.64 10.96
CA GLU B 37 -1.63 4.38 12.40
C GLU B 37 -3.04 3.96 12.84
N LYS B 38 -4.03 4.71 12.41
CA LYS B 38 -5.42 4.41 12.76
C LYS B 38 -5.86 3.10 12.13
N LEU B 39 -5.46 2.91 10.87
CA LEU B 39 -5.85 1.73 10.11
C LEU B 39 -5.22 0.46 10.68
N SER B 40 -3.92 0.49 10.91
CA SER B 40 -3.21 -0.69 11.40
C SER B 40 -3.73 -1.12 12.76
N GLU B 41 -4.06 -0.14 13.60
CA GLU B 41 -4.63 -0.42 14.92
C GLU B 41 -5.94 -1.16 14.79
N LEU B 42 -6.86 -0.60 14.01
CA LEU B 42 -8.18 -1.19 13.83
C LEU B 42 -8.09 -2.52 13.08
N ALA B 43 -7.11 -2.62 12.19
CA ALA B 43 -6.86 -3.86 11.47
C ALA B 43 -6.37 -4.94 12.42
N ASP B 44 -5.50 -4.56 13.34
CA ASP B 44 -4.98 -5.49 14.34
C ASP B 44 -6.09 -5.91 15.30
N ALA B 45 -7.00 -4.99 15.58
CA ALA B 45 -8.16 -5.29 16.42
C ALA B 45 -9.05 -6.33 15.75
N LYS B 46 -9.19 -6.22 14.43
CA LYS B 46 -9.96 -7.19 13.65
C LYS B 46 -9.20 -8.51 13.57
N GLY B 47 -7.88 -8.41 13.59
CA GLY B 47 -7.04 -9.58 13.49
C GLY B 47 -6.45 -9.73 12.10
N GLY B 48 -5.97 -8.63 11.54
CA GLY B 48 -5.38 -8.66 10.22
C GLY B 48 -3.96 -8.14 10.23
N LYS B 49 -3.19 -8.52 9.22
CA LYS B 49 -1.80 -8.09 9.09
C LYS B 49 -1.61 -7.27 7.82
N TYR B 50 -2.53 -7.45 6.88
CA TYR B 50 -2.49 -6.74 5.62
C TYR B 50 -3.71 -5.85 5.52
N TYR B 51 -3.57 -4.71 4.87
CA TYR B 51 -4.69 -3.82 4.66
C TYR B 51 -4.64 -3.18 3.28
N HIS B 52 -5.81 -2.81 2.77
CA HIS B 52 -5.92 -2.20 1.45
C HIS B 52 -6.86 -1.00 1.52
N ILE B 53 -6.31 0.19 1.37
CA ILE B 53 -7.11 1.41 1.39
C ILE B 53 -7.89 1.55 0.10
N ILE B 54 -9.21 1.70 0.21
CA ILE B 54 -10.06 1.85 -0.96
C ILE B 54 -10.67 3.24 -1.02
N ALA B 55 -10.57 3.98 0.08
CA ALA B 55 -11.12 5.32 0.14
C ALA B 55 -10.41 6.14 1.22
N ALA B 56 -9.87 7.28 0.81
CA ALA B 56 -9.26 8.23 1.74
C ALA B 56 -9.75 9.63 1.42
N ARG B 57 -11.01 9.87 1.73
CA ARG B 57 -11.68 11.08 1.29
C ARG B 57 -11.86 12.07 2.43
N GLU B 58 -11.81 13.33 2.09
CA GLU B 58 -11.97 14.40 3.07
C GLU B 58 -13.37 15.00 2.92
N HIS B 59 -14.29 14.51 3.73
CA HIS B 59 -15.69 14.90 3.63
C HIS B 59 -15.99 16.05 4.57
N GLY B 60 -15.56 17.24 4.17
CA GLY B 60 -15.78 18.41 4.99
C GLY B 60 -14.85 18.43 6.19
N PRO B 61 -15.41 18.46 7.40
CA PRO B 61 -14.63 18.39 8.63
C PRO B 61 -14.37 16.94 9.06
N ASN B 62 -14.87 15.99 8.29
CA ASN B 62 -14.74 14.58 8.62
C ASN B 62 -13.84 13.89 7.61
N PHE B 63 -12.87 13.16 8.13
CA PHE B 63 -11.96 12.39 7.30
C PHE B 63 -12.44 10.95 7.23
N GLU B 64 -12.84 10.52 6.03
CA GLU B 64 -13.35 9.19 5.81
C GLU B 64 -12.30 8.30 5.17
N ALA B 65 -11.77 7.38 5.95
CA ALA B 65 -10.78 6.43 5.48
C ALA B 65 -11.32 5.02 5.57
N VAL B 66 -11.56 4.41 4.42
CA VAL B 66 -12.09 3.06 4.37
C VAL B 66 -11.03 2.11 3.83
N ALA B 67 -10.72 1.08 4.60
CA ALA B 67 -9.69 0.13 4.22
C ALA B 67 -10.15 -1.29 4.50
N GLU B 68 -9.57 -2.24 3.78
CA GLU B 68 -9.93 -3.63 3.94
C GLU B 68 -8.87 -4.35 4.78
N VAL B 69 -9.32 -5.23 5.66
CA VAL B 69 -8.41 -5.94 6.56
C VAL B 69 -8.21 -7.37 6.10
N TYR B 70 -6.96 -7.77 5.93
CA TYR B 70 -6.63 -9.12 5.47
C TYR B 70 -5.67 -9.81 6.42
N ASN B 71 -5.95 -11.08 6.66
CA ASN B 71 -5.09 -11.90 7.49
C ASN B 71 -4.17 -12.72 6.60
N ASP B 72 -3.05 -13.18 7.15
CA ASP B 72 -2.09 -13.96 6.36
C ASP B 72 -2.73 -15.26 5.93
N ALA B 73 -2.44 -15.69 4.72
CA ALA B 73 -3.11 -16.84 4.13
C ALA B 73 -2.61 -18.16 4.72
N THR B 74 -3.12 -18.49 5.90
CA THR B 74 -2.85 -19.77 6.53
C THR B 74 -4.00 -20.15 7.45
N LYS B 75 -4.02 -19.55 8.65
CA LYS B 75 -5.02 -19.86 9.68
C LYS B 75 -5.03 -21.35 10.03
N LEU B 76 -6.08 -21.78 10.71
CA LEU B 76 -6.23 -23.19 11.06
C LEU B 76 -6.84 -23.96 9.90
N GLU B 77 -6.75 -25.27 9.94
CA GLU B 77 -7.23 -26.11 8.87
C GLU B 77 -8.70 -26.47 9.08
N HIS B 78 -9.42 -26.65 7.99
CA HIS B 78 -10.79 -27.11 8.04
C HIS B 78 -10.96 -28.33 7.14
N HIS B 79 -11.71 -29.31 7.65
CA HIS B 79 -11.91 -30.57 6.94
C HIS B 79 -13.38 -30.95 6.99
N HIS B 80 -14.22 -29.95 7.21
CA HIS B 80 -15.66 -30.13 7.24
C HIS B 80 -16.18 -30.20 5.80
N HIS B 81 -17.01 -31.18 5.52
CA HIS B 81 -17.40 -31.48 4.14
C HIS B 81 -18.57 -30.61 3.66
N HIS B 82 -19.14 -31.03 2.54
CA HIS B 82 -20.06 -30.21 1.76
C HIS B 82 -21.44 -30.15 2.38
N HIS B 83 -22.05 -28.97 2.31
CA HIS B 83 -23.46 -28.80 2.67
C HIS B 83 -24.13 -27.90 1.65
N ALA A 1 11.55 3.58 0.29
CA ALA A 1 10.28 4.14 -0.22
C ALA A 1 9.10 3.40 0.41
N GLU A 2 7.94 4.06 0.44
CA GLU A 2 6.75 3.45 1.02
C GLU A 2 5.61 3.47 0.00
N GLN A 3 4.60 2.62 0.20
CA GLN A 3 3.50 2.55 -0.75
C GLN A 3 2.24 3.22 -0.21
N VAL A 4 1.62 4.01 -1.07
CA VAL A 4 0.31 4.59 -0.80
C VAL A 4 -0.62 4.27 -1.97
N SER A 5 -1.91 4.44 -1.78
CA SER A 5 -2.86 4.15 -2.84
C SER A 5 -3.32 5.43 -3.53
N LYS A 6 -4.12 5.26 -4.58
CA LYS A 6 -4.66 6.36 -5.37
C LYS A 6 -5.28 7.44 -4.48
N GLN A 7 -5.93 6.99 -3.41
CA GLN A 7 -6.65 7.87 -2.52
C GLN A 7 -5.69 8.84 -1.82
N GLU A 8 -4.56 8.32 -1.35
CA GLU A 8 -3.58 9.15 -0.67
C GLU A 8 -2.86 10.04 -1.67
N ILE A 9 -2.53 9.48 -2.83
CA ILE A 9 -1.83 10.21 -3.88
C ILE A 9 -2.62 11.43 -4.33
N SER A 10 -3.94 11.27 -4.46
CA SER A 10 -4.79 12.35 -4.93
C SER A 10 -5.14 13.33 -3.82
N HIS A 11 -5.04 12.88 -2.57
CA HIS A 11 -5.36 13.74 -1.43
C HIS A 11 -4.16 14.60 -1.04
N PHE A 12 -2.98 13.99 -1.03
CA PHE A 12 -1.77 14.70 -0.65
C PHE A 12 -1.12 15.36 -1.87
N LYS A 13 -1.60 14.97 -3.06
CA LYS A 13 -1.11 15.51 -4.32
C LYS A 13 0.38 15.23 -4.50
N LEU A 14 0.69 14.02 -4.95
CA LEU A 14 2.06 13.61 -5.14
C LEU A 14 2.50 13.84 -6.59
N VAL A 15 3.79 14.10 -6.77
CA VAL A 15 4.34 14.36 -8.09
C VAL A 15 4.71 13.06 -8.78
N LYS A 16 4.17 12.87 -9.98
CA LYS A 16 4.43 11.65 -10.74
C LYS A 16 5.81 11.73 -11.38
N VAL A 17 6.76 11.00 -10.81
CA VAL A 17 8.14 11.02 -11.28
C VAL A 17 8.30 10.10 -12.50
N GLY A 18 7.89 8.86 -12.34
CA GLY A 18 8.03 7.88 -13.39
C GLY A 18 7.33 6.59 -13.04
N THR A 19 7.67 5.53 -13.76
CA THR A 19 7.06 4.23 -13.54
C THR A 19 8.14 3.14 -13.49
N ILE A 20 7.96 2.16 -12.61
CA ILE A 20 8.90 1.05 -12.50
C ILE A 20 8.19 -0.27 -12.69
N ASN A 21 8.92 -1.29 -13.10
CA ASN A 21 8.36 -2.62 -13.23
C ASN A 21 9.39 -3.67 -12.83
N VAL A 22 8.96 -4.58 -11.98
CA VAL A 22 9.80 -5.68 -11.55
C VAL A 22 9.43 -6.94 -12.32
N SER A 23 10.22 -7.27 -13.32
CA SER A 23 10.00 -8.48 -14.09
C SER A 23 10.98 -9.55 -13.61
N GLN A 24 10.46 -10.57 -12.95
CA GLN A 24 11.30 -11.62 -12.41
C GLN A 24 11.05 -12.94 -13.11
N SER A 25 12.05 -13.79 -13.12
CA SER A 25 12.01 -15.05 -13.86
C SER A 25 11.47 -16.19 -12.99
N GLY A 26 10.82 -15.84 -11.89
CA GLY A 26 10.26 -16.85 -11.02
C GLY A 26 9.86 -16.32 -9.68
N GLY A 27 10.17 -17.08 -8.63
CA GLY A 27 9.73 -16.73 -7.31
C GLY A 27 10.74 -15.88 -6.55
N GLN A 28 11.35 -14.93 -7.23
CA GLN A 28 12.17 -13.92 -6.56
C GLN A 28 11.27 -13.13 -5.61
N ILE A 29 10.04 -12.91 -6.06
CA ILE A 29 9.00 -12.38 -5.20
C ILE A 29 8.04 -13.51 -4.84
N SER A 30 8.36 -14.21 -3.76
CA SER A 30 7.55 -15.32 -3.31
C SER A 30 6.60 -14.87 -2.20
N SER A 31 7.00 -13.82 -1.49
CA SER A 31 6.16 -13.23 -0.46
C SER A 31 5.97 -11.74 -0.75
N PRO A 32 4.86 -11.15 -0.29
CA PRO A 32 4.58 -9.72 -0.50
C PRO A 32 5.70 -8.82 0.04
N SER A 33 6.42 -9.33 1.03
CA SER A 33 7.55 -8.61 1.60
C SER A 33 8.67 -8.45 0.56
N ASP A 34 8.89 -9.51 -0.23
CA ASP A 34 9.92 -9.49 -1.26
C ASP A 34 9.51 -8.55 -2.38
N LEU A 35 8.20 -8.50 -2.62
CA LEU A 35 7.65 -7.62 -3.64
C LEU A 35 7.96 -6.17 -3.32
N ARG A 36 7.64 -5.75 -2.11
CA ARG A 36 7.87 -4.37 -1.71
C ARG A 36 9.36 -4.05 -1.65
N GLU A 37 10.16 -5.07 -1.37
CA GLU A 37 11.62 -4.92 -1.31
C GLU A 37 12.15 -4.39 -2.64
N LYS A 38 11.87 -5.13 -3.71
CA LYS A 38 12.33 -4.75 -5.04
C LYS A 38 11.76 -3.40 -5.47
N LEU A 39 10.49 -3.17 -5.15
CA LEU A 39 9.81 -1.94 -5.52
C LEU A 39 10.46 -0.75 -4.83
N SER A 40 10.70 -0.87 -3.52
CA SER A 40 11.34 0.19 -2.77
C SER A 40 12.75 0.44 -3.27
N GLU A 41 13.44 -0.64 -3.58
CA GLU A 41 14.81 -0.56 -4.10
C GLU A 41 14.86 0.24 -5.40
N LEU A 42 13.93 -0.04 -6.31
CA LEU A 42 13.89 0.62 -7.60
C LEU A 42 13.34 2.05 -7.48
N ALA A 43 12.45 2.26 -6.52
CA ALA A 43 11.87 3.57 -6.29
C ALA A 43 12.92 4.55 -5.78
N ASP A 44 13.68 4.11 -4.78
CA ASP A 44 14.76 4.91 -4.23
C ASP A 44 15.88 5.11 -5.25
N ALA A 45 16.01 4.17 -6.17
CA ALA A 45 16.98 4.28 -7.26
C ALA A 45 16.55 5.37 -8.24
N LYS A 46 15.30 5.29 -8.69
CA LYS A 46 14.74 6.30 -9.59
C LYS A 46 14.73 7.67 -8.94
N GLY A 47 14.21 7.74 -7.73
CA GLY A 47 14.13 9.01 -7.02
C GLY A 47 12.72 9.35 -6.60
N GLY A 48 12.07 8.39 -5.95
CA GLY A 48 10.72 8.60 -5.47
C GLY A 48 10.51 7.96 -4.12
N LYS A 49 9.88 8.69 -3.21
CA LYS A 49 9.70 8.21 -1.85
C LYS A 49 8.42 7.40 -1.70
N TYR A 50 7.49 7.57 -2.63
CA TYR A 50 6.20 6.92 -2.54
C TYR A 50 5.87 6.21 -3.84
N TYR A 51 5.48 4.95 -3.74
CA TYR A 51 5.14 4.18 -4.93
C TYR A 51 3.77 3.53 -4.77
N HIS A 52 3.22 3.02 -5.86
CA HIS A 52 1.95 2.32 -5.82
C HIS A 52 1.90 1.22 -6.88
N ILE A 53 1.63 0.00 -6.43
CA ILE A 53 1.49 -1.13 -7.34
C ILE A 53 0.16 -1.04 -8.08
N ILE A 54 0.23 -0.86 -9.39
CA ILE A 54 -0.98 -0.72 -10.19
C ILE A 54 -1.30 -2.04 -10.90
N ALA A 55 -0.29 -2.88 -11.07
CA ALA A 55 -0.47 -4.14 -11.76
C ALA A 55 0.56 -5.17 -11.31
N ALA A 56 0.17 -6.03 -10.40
CA ALA A 56 1.00 -7.15 -9.99
C ALA A 56 0.51 -8.41 -10.68
N ARG A 57 1.00 -8.65 -11.88
CA ARG A 57 0.49 -9.72 -12.71
C ARG A 57 1.47 -10.89 -12.78
N GLU A 58 0.93 -12.07 -12.92
CA GLU A 58 1.74 -13.26 -13.08
C GLU A 58 1.81 -13.64 -14.55
N HIS A 59 3.03 -13.75 -15.06
CA HIS A 59 3.25 -14.02 -16.47
C HIS A 59 3.71 -15.47 -16.64
N GLY A 60 2.92 -16.40 -16.12
CA GLY A 60 3.31 -17.80 -16.16
C GLY A 60 4.39 -18.08 -15.14
N PRO A 61 5.59 -18.47 -15.61
CA PRO A 61 6.75 -18.68 -14.72
C PRO A 61 7.40 -17.35 -14.33
N ASN A 62 7.06 -16.29 -15.05
CA ASN A 62 7.60 -14.97 -14.77
C ASN A 62 6.60 -14.16 -13.96
N PHE A 63 7.10 -13.15 -13.26
CA PHE A 63 6.25 -12.27 -12.48
C PHE A 63 6.51 -10.82 -12.88
N GLU A 64 5.44 -10.06 -13.08
CA GLU A 64 5.57 -8.68 -13.52
C GLU A 64 4.87 -7.75 -12.54
N ALA A 65 5.65 -7.00 -11.78
CA ALA A 65 5.11 -6.05 -10.82
C ALA A 65 5.27 -4.63 -11.32
N VAL A 66 4.17 -4.06 -11.80
CA VAL A 66 4.18 -2.71 -12.32
C VAL A 66 3.72 -1.72 -11.25
N ALA A 67 4.57 -0.77 -10.92
CA ALA A 67 4.27 0.23 -9.92
C ALA A 67 4.72 1.60 -10.39
N GLU A 68 4.00 2.63 -10.02
CA GLU A 68 4.36 3.97 -10.42
C GLU A 68 5.05 4.71 -9.28
N VAL A 69 5.99 5.58 -9.63
CA VAL A 69 6.82 6.26 -8.65
C VAL A 69 6.38 7.71 -8.48
N TYR A 70 6.08 8.07 -7.25
CA TYR A 70 5.66 9.42 -6.92
C TYR A 70 6.59 10.00 -5.86
N ASN A 71 6.68 11.32 -5.81
CA ASN A 71 7.46 11.98 -4.78
C ASN A 71 6.70 13.20 -4.29
N ASP A 72 7.18 13.80 -3.22
CA ASP A 72 6.53 14.97 -2.63
C ASP A 72 6.94 16.23 -3.39
N ALA A 73 6.07 17.24 -3.38
CA ALA A 73 6.35 18.50 -4.04
C ALA A 73 7.32 19.36 -3.24
N THR A 74 8.45 18.75 -2.85
CA THR A 74 9.48 19.44 -2.11
C THR A 74 10.27 20.35 -3.04
N LYS A 75 10.30 19.98 -4.32
CA LYS A 75 10.97 20.78 -5.33
C LYS A 75 10.07 21.92 -5.77
N LEU A 76 10.68 23.05 -6.06
CA LEU A 76 9.94 24.26 -6.36
C LEU A 76 9.74 24.44 -7.86
N GLU A 77 9.99 23.39 -8.64
CA GLU A 77 9.80 23.47 -10.07
C GLU A 77 8.36 23.14 -10.43
N HIS A 78 7.52 24.16 -10.33
CA HIS A 78 6.15 24.09 -10.79
C HIS A 78 5.79 25.45 -11.39
N HIS A 79 6.83 26.12 -11.85
CA HIS A 79 6.72 27.47 -12.39
C HIS A 79 6.12 27.42 -13.80
N HIS A 80 6.14 26.22 -14.37
CA HIS A 80 5.50 25.92 -15.65
C HIS A 80 6.16 26.65 -16.80
N HIS A 81 7.05 25.95 -17.48
CA HIS A 81 7.64 26.45 -18.72
C HIS A 81 7.53 25.37 -19.79
N HIS A 82 8.02 25.67 -20.98
CA HIS A 82 7.96 24.71 -22.07
C HIS A 82 9.24 23.89 -22.12
N HIS A 83 9.09 22.58 -22.07
CA HIS A 83 10.21 21.68 -22.25
C HIS A 83 10.15 21.06 -23.63
N ALA B 1 1.53 -4.59 10.20
CA ALA B 1 0.50 -4.40 9.15
C ALA B 1 1.04 -3.54 8.02
N GLU B 2 0.78 -3.96 6.79
CA GLU B 2 1.24 -3.23 5.61
C GLU B 2 0.09 -3.04 4.62
N GLN B 3 0.23 -2.06 3.74
CA GLN B 3 -0.77 -1.86 2.70
C GLN B 3 -0.32 -2.47 1.38
N VAL B 4 -1.19 -3.28 0.80
CA VAL B 4 -0.99 -3.84 -0.53
C VAL B 4 -2.26 -3.64 -1.34
N SER B 5 -2.20 -3.86 -2.65
CA SER B 5 -3.34 -3.59 -3.49
C SER B 5 -4.06 -4.89 -3.86
N LYS B 6 -5.19 -4.75 -4.53
CA LYS B 6 -6.07 -5.87 -4.80
C LYS B 6 -5.46 -6.83 -5.84
N GLN B 7 -4.31 -6.45 -6.38
CA GLN B 7 -3.60 -7.32 -7.33
C GLN B 7 -2.80 -8.36 -6.57
N GLU B 8 -2.19 -7.94 -5.47
CA GLU B 8 -1.42 -8.85 -4.63
C GLU B 8 -2.36 -9.81 -3.91
N ILE B 9 -3.51 -9.28 -3.49
CA ILE B 9 -4.53 -10.07 -2.81
C ILE B 9 -5.01 -11.22 -3.69
N SER B 10 -5.23 -10.95 -4.97
CA SER B 10 -5.73 -11.97 -5.88
C SER B 10 -4.66 -12.98 -6.23
N HIS B 11 -3.42 -12.51 -6.34
CA HIS B 11 -2.30 -13.39 -6.66
C HIS B 11 -1.98 -14.33 -5.51
N PHE B 12 -1.79 -13.77 -4.32
CA PHE B 12 -1.39 -14.55 -3.16
C PHE B 12 -2.61 -15.20 -2.50
N LYS B 13 -3.79 -14.82 -2.99
CA LYS B 13 -5.05 -15.37 -2.50
C LYS B 13 -5.26 -15.06 -1.02
N LEU B 14 -5.50 -13.79 -0.72
CA LEU B 14 -5.71 -13.36 0.65
C LEU B 14 -7.20 -13.29 0.95
N VAL B 15 -7.53 -13.44 2.23
CA VAL B 15 -8.91 -13.45 2.66
C VAL B 15 -9.36 -12.05 3.07
N LYS B 16 -10.47 -11.60 2.49
CA LYS B 16 -11.04 -10.31 2.84
C LYS B 16 -11.90 -10.49 4.09
N VAL B 17 -11.27 -10.28 5.24
CA VAL B 17 -11.90 -10.53 6.53
C VAL B 17 -13.04 -9.56 6.79
N GLY B 18 -12.76 -8.28 6.59
CA GLY B 18 -13.76 -7.26 6.82
C GLY B 18 -13.32 -5.91 6.33
N THR B 19 -14.10 -4.89 6.63
CA THR B 19 -13.78 -3.54 6.20
C THR B 19 -13.66 -2.61 7.40
N ILE B 20 -12.61 -1.81 7.44
CA ILE B 20 -12.39 -0.87 8.52
C ILE B 20 -12.51 0.56 8.01
N ASN B 21 -13.32 1.35 8.68
CA ASN B 21 -13.52 2.74 8.29
C ASN B 21 -13.13 3.69 9.41
N VAL B 22 -12.18 4.56 9.14
CA VAL B 22 -11.76 5.56 10.09
C VAL B 22 -12.38 6.90 9.72
N SER B 23 -13.45 7.25 10.42
CA SER B 23 -14.10 8.52 10.22
C SER B 23 -13.57 9.51 11.24
N GLN B 24 -12.72 10.42 10.78
CA GLN B 24 -12.03 11.32 11.68
C GLN B 24 -12.68 12.69 11.73
N SER B 25 -12.69 13.25 12.93
CA SER B 25 -13.23 14.58 13.16
C SER B 25 -12.17 15.64 12.88
N GLY B 26 -11.00 15.18 12.46
CA GLY B 26 -9.90 16.09 12.16
C GLY B 26 -9.00 16.31 13.36
N GLY B 27 -7.81 16.80 13.10
CA GLY B 27 -6.88 17.09 14.17
C GLY B 27 -6.06 15.88 14.59
N GLN B 28 -6.74 14.77 14.87
CA GLN B 28 -6.09 13.56 15.32
C GLN B 28 -5.15 13.01 14.25
N ILE B 29 -5.66 12.91 13.03
CA ILE B 29 -4.84 12.48 11.91
C ILE B 29 -4.44 13.68 11.07
N SER B 30 -3.14 13.88 10.95
CA SER B 30 -2.62 14.97 10.15
C SER B 30 -1.45 14.47 9.30
N SER B 31 -0.65 13.60 9.88
CA SER B 31 0.50 13.05 9.20
C SER B 31 0.17 11.66 8.65
N PRO B 32 0.87 11.21 7.61
CA PRO B 32 0.71 9.85 7.08
C PRO B 32 0.92 8.80 8.17
N SER B 33 1.74 9.16 9.14
CA SER B 33 2.00 8.31 10.30
C SER B 33 0.70 7.99 11.04
N ASP B 34 -0.09 9.04 11.32
CA ASP B 34 -1.33 8.87 12.07
C ASP B 34 -2.32 8.02 11.29
N LEU B 35 -2.42 8.30 9.99
CA LEU B 35 -3.35 7.61 9.11
C LEU B 35 -3.06 6.11 9.09
N ARG B 36 -1.82 5.76 8.79
CA ARG B 36 -1.44 4.35 8.67
C ARG B 36 -1.50 3.66 10.03
N GLU B 37 -1.21 4.42 11.09
CA GLU B 37 -1.22 3.88 12.44
C GLU B 37 -2.63 3.44 12.84
N LYS B 38 -3.62 4.24 12.48
CA LYS B 38 -5.01 3.88 12.74
C LYS B 38 -5.42 2.68 11.92
N LEU B 39 -4.97 2.64 10.68
CA LEU B 39 -5.25 1.50 9.80
C LEU B 39 -4.61 0.24 10.37
N SER B 40 -3.36 0.35 10.77
CA SER B 40 -2.63 -0.76 11.37
C SER B 40 -3.29 -1.20 12.67
N GLU B 41 -3.69 -0.22 13.47
CA GLU B 41 -4.33 -0.46 14.76
C GLU B 41 -5.62 -1.27 14.58
N LEU B 42 -6.48 -0.81 13.67
CA LEU B 42 -7.75 -1.48 13.45
C LEU B 42 -7.55 -2.84 12.78
N ALA B 43 -6.61 -2.90 11.84
CA ALA B 43 -6.31 -4.15 11.16
C ALA B 43 -5.78 -5.19 12.14
N ASP B 44 -4.89 -4.77 13.03
CA ASP B 44 -4.33 -5.64 14.05
C ASP B 44 -5.42 -6.16 14.97
N ALA B 45 -6.33 -5.28 15.37
CA ALA B 45 -7.43 -5.65 16.24
C ALA B 45 -8.37 -6.64 15.54
N LYS B 46 -8.52 -6.49 14.24
CA LYS B 46 -9.33 -7.41 13.45
C LYS B 46 -8.61 -8.73 13.23
N GLY B 47 -7.29 -8.67 13.17
CA GLY B 47 -6.50 -9.88 13.03
C GLY B 47 -5.85 -10.00 11.67
N GLY B 48 -5.72 -8.89 10.97
CA GLY B 48 -5.15 -8.91 9.64
C GLY B 48 -3.75 -8.30 9.62
N LYS B 49 -2.90 -8.83 8.75
CA LYS B 49 -1.53 -8.34 8.61
C LYS B 49 -1.43 -7.34 7.46
N TYR B 50 -2.42 -7.36 6.58
CA TYR B 50 -2.40 -6.50 5.41
C TYR B 50 -3.72 -5.79 5.26
N TYR B 51 -3.67 -4.55 4.80
CA TYR B 51 -4.87 -3.78 4.58
C TYR B 51 -4.79 -3.06 3.23
N HIS B 52 -5.95 -2.73 2.69
CA HIS B 52 -6.03 -2.07 1.40
C HIS B 52 -7.07 -0.96 1.44
N ILE B 53 -6.62 0.28 1.36
CA ILE B 53 -7.53 1.41 1.32
C ILE B 53 -8.31 1.41 0.01
N ILE B 54 -9.62 1.57 0.09
CA ILE B 54 -10.45 1.66 -1.10
C ILE B 54 -11.01 3.07 -1.27
N ALA B 55 -11.19 3.75 -0.16
CA ALA B 55 -11.74 5.11 -0.18
C ALA B 55 -11.22 5.93 0.98
N ALA B 56 -10.37 6.89 0.66
CA ALA B 56 -9.90 7.86 1.65
C ALA B 56 -10.24 9.25 1.15
N ARG B 57 -11.41 9.74 1.53
CA ARG B 57 -11.95 10.95 0.96
C ARG B 57 -12.21 12.01 2.02
N GLU B 58 -12.43 13.22 1.54
CA GLU B 58 -12.70 14.35 2.40
C GLU B 58 -14.22 14.52 2.55
N HIS B 59 -14.73 14.24 3.74
CA HIS B 59 -16.16 14.31 3.99
C HIS B 59 -16.50 15.60 4.74
N GLY B 60 -16.20 16.73 4.10
CA GLY B 60 -16.46 18.00 4.73
C GLY B 60 -15.44 18.29 5.82
N PRO B 61 -15.90 18.46 7.07
CA PRO B 61 -15.02 18.62 8.22
C PRO B 61 -14.51 17.28 8.74
N ASN B 62 -14.94 16.20 8.09
CA ASN B 62 -14.54 14.86 8.49
C ASN B 62 -13.63 14.23 7.43
N PHE B 63 -12.88 13.23 7.85
CA PHE B 63 -12.01 12.50 6.94
C PHE B 63 -12.37 11.01 6.99
N GLU B 64 -12.65 10.43 5.83
CA GLU B 64 -13.09 9.05 5.74
C GLU B 64 -11.99 8.16 5.18
N ALA B 65 -11.40 7.34 6.04
CA ALA B 65 -10.42 6.37 5.58
C ALA B 65 -11.00 4.97 5.66
N VAL B 66 -11.38 4.43 4.51
CA VAL B 66 -11.99 3.11 4.45
C VAL B 66 -11.04 2.11 3.80
N ALA B 67 -10.68 1.08 4.55
CA ALA B 67 -9.75 0.07 4.06
C ALA B 67 -10.30 -1.33 4.27
N GLU B 68 -9.74 -2.28 3.54
CA GLU B 68 -10.13 -3.68 3.67
C GLU B 68 -9.09 -4.42 4.49
N VAL B 69 -9.54 -5.30 5.36
CA VAL B 69 -8.65 -6.12 6.16
C VAL B 69 -8.39 -7.46 5.47
N TYR B 70 -7.15 -7.67 5.08
CA TYR B 70 -6.77 -8.91 4.42
C TYR B 70 -5.85 -9.72 5.30
N ASN B 71 -6.17 -11.00 5.42
CA ASN B 71 -5.35 -11.92 6.20
C ASN B 71 -5.12 -13.18 5.38
N ASP B 72 -4.17 -14.00 5.80
CA ASP B 72 -3.86 -15.25 5.10
C ASP B 72 -4.98 -16.26 5.35
N ALA B 73 -4.85 -17.44 4.77
CA ALA B 73 -5.85 -18.48 4.91
C ALA B 73 -5.68 -19.22 6.24
N THR B 74 -5.55 -18.45 7.32
CA THR B 74 -5.32 -19.00 8.64
C THR B 74 -6.41 -20.00 9.03
N LYS B 75 -7.66 -19.67 8.70
CA LYS B 75 -8.78 -20.56 9.00
C LYS B 75 -9.00 -21.50 7.83
N LEU B 76 -9.79 -21.05 6.85
CA LEU B 76 -10.04 -21.82 5.64
C LEU B 76 -10.98 -21.04 4.72
N GLU B 77 -12.15 -20.71 5.25
CA GLU B 77 -13.16 -19.91 4.54
C GLU B 77 -13.82 -20.68 3.39
N HIS B 78 -13.00 -21.32 2.56
CA HIS B 78 -13.50 -22.15 1.46
C HIS B 78 -14.28 -23.34 2.01
N HIS B 79 -13.97 -23.70 3.26
CA HIS B 79 -14.68 -24.77 3.94
C HIS B 79 -16.07 -24.30 4.36
N HIS B 80 -17.09 -24.78 3.67
CA HIS B 80 -18.46 -24.41 3.99
C HIS B 80 -19.46 -25.34 3.29
N HIS B 81 -20.68 -25.36 3.79
CA HIS B 81 -21.75 -26.14 3.18
C HIS B 81 -22.70 -25.20 2.46
N HIS B 82 -23.05 -24.11 3.12
CA HIS B 82 -23.89 -23.08 2.54
C HIS B 82 -23.25 -21.72 2.79
N HIS B 83 -23.14 -21.35 4.06
CA HIS B 83 -22.48 -20.13 4.45
C HIS B 83 -20.98 -20.38 4.56
N ALA A 1 9.47 3.42 2.73
CA ALA A 1 8.95 3.43 1.35
C ALA A 1 7.76 2.50 1.24
N GLU A 2 6.58 3.06 0.97
CA GLU A 2 5.36 2.27 0.97
C GLU A 2 4.54 2.53 -0.29
N GLN A 3 3.51 1.73 -0.47
CA GLN A 3 2.61 1.89 -1.61
C GLN A 3 1.45 2.79 -1.23
N VAL A 4 1.08 3.66 -2.15
CA VAL A 4 -0.03 4.57 -1.95
C VAL A 4 -1.13 4.32 -2.98
N SER A 5 -2.37 4.38 -2.53
CA SER A 5 -3.52 4.27 -3.41
C SER A 5 -3.79 5.63 -4.06
N LYS A 6 -4.54 5.65 -5.15
CA LYS A 6 -4.92 6.91 -5.79
C LYS A 6 -5.71 7.78 -4.82
N GLN A 7 -6.42 7.11 -3.91
CA GLN A 7 -7.20 7.80 -2.89
C GLN A 7 -6.28 8.59 -1.95
N GLU A 8 -5.02 8.16 -1.87
CA GLU A 8 -4.01 8.86 -1.09
C GLU A 8 -3.29 9.87 -1.99
N ILE A 9 -2.91 9.42 -3.17
CA ILE A 9 -2.18 10.24 -4.14
C ILE A 9 -2.95 11.52 -4.48
N SER A 10 -4.21 11.37 -4.84
CA SER A 10 -5.04 12.49 -5.25
C SER A 10 -5.52 13.30 -4.05
N HIS A 11 -5.23 12.83 -2.85
CA HIS A 11 -5.68 13.53 -1.65
C HIS A 11 -4.58 14.44 -1.13
N PHE A 12 -3.34 13.96 -1.17
CA PHE A 12 -2.21 14.72 -0.66
C PHE A 12 -1.39 15.33 -1.79
N LYS A 13 -1.84 15.07 -3.02
CA LYS A 13 -1.21 15.62 -4.23
C LYS A 13 0.23 15.10 -4.37
N LEU A 14 0.39 13.79 -4.41
CA LEU A 14 1.71 13.19 -4.51
C LEU A 14 2.27 13.35 -5.92
N VAL A 15 3.59 13.54 -6.00
CA VAL A 15 4.25 13.79 -7.26
C VAL A 15 4.90 12.53 -7.80
N LYS A 16 4.56 12.18 -9.04
CA LYS A 16 5.15 11.00 -9.69
C LYS A 16 6.54 11.31 -10.22
N VAL A 17 7.47 10.43 -9.92
CA VAL A 17 8.85 10.60 -10.36
C VAL A 17 9.10 9.80 -11.64
N GLY A 18 8.65 8.56 -11.65
CA GLY A 18 8.88 7.69 -12.79
C GLY A 18 8.15 6.37 -12.63
N THR A 19 8.60 5.37 -13.36
CA THR A 19 7.99 4.04 -13.31
C THR A 19 9.07 2.97 -13.26
N ILE A 20 8.82 1.91 -12.51
CA ILE A 20 9.76 0.79 -12.39
C ILE A 20 9.05 -0.52 -12.69
N ASN A 21 9.83 -1.54 -13.02
CA ASN A 21 9.27 -2.87 -13.22
C ASN A 21 10.26 -3.94 -12.79
N VAL A 22 9.78 -4.88 -12.00
CA VAL A 22 10.60 -5.99 -11.55
C VAL A 22 10.27 -7.23 -12.35
N SER A 23 11.13 -7.53 -13.31
CA SER A 23 10.99 -8.73 -14.12
C SER A 23 11.88 -9.83 -13.55
N GLN A 24 11.26 -10.88 -13.05
CA GLN A 24 12.00 -11.95 -12.41
C GLN A 24 11.69 -13.29 -13.04
N SER A 25 12.69 -14.16 -13.04
CA SER A 25 12.54 -15.51 -13.60
C SER A 25 11.85 -16.44 -12.60
N GLY A 26 11.18 -15.84 -11.62
CA GLY A 26 10.45 -16.62 -10.63
C GLY A 26 11.35 -17.28 -9.61
N GLY A 27 12.63 -16.92 -9.62
CA GLY A 27 13.58 -17.55 -8.73
C GLY A 27 14.16 -16.59 -7.71
N GLN A 28 13.33 -15.66 -7.22
CA GLN A 28 13.76 -14.73 -6.19
C GLN A 28 12.59 -14.38 -5.25
N ILE A 29 11.56 -13.77 -5.79
CA ILE A 29 10.39 -13.40 -5.00
C ILE A 29 9.57 -14.63 -4.64
N SER A 30 9.44 -14.91 -3.36
CA SER A 30 8.61 -16.01 -2.88
C SER A 30 7.62 -15.52 -1.83
N SER A 31 7.53 -14.20 -1.68
CA SER A 31 6.65 -13.60 -0.70
C SER A 31 6.28 -12.19 -1.12
N PRO A 32 5.14 -11.66 -0.65
CA PRO A 32 4.76 -10.27 -0.88
C PRO A 32 5.80 -9.32 -0.31
N SER A 33 6.42 -9.74 0.79
CA SER A 33 7.48 -8.96 1.44
C SER A 33 8.62 -8.70 0.46
N ASP A 34 9.10 -9.78 -0.17
CA ASP A 34 10.24 -9.70 -1.08
C ASP A 34 9.91 -8.80 -2.27
N LEU A 35 8.70 -8.95 -2.80
CA LEU A 35 8.25 -8.17 -3.94
C LEU A 35 8.17 -6.69 -3.59
N ARG A 36 7.53 -6.38 -2.48
CA ARG A 36 7.35 -5.00 -2.07
C ARG A 36 8.66 -4.39 -1.61
N GLU A 37 9.59 -5.23 -1.18
CA GLU A 37 10.96 -4.82 -0.90
C GLU A 37 11.60 -4.28 -2.17
N LYS A 38 11.51 -5.07 -3.24
CA LYS A 38 12.06 -4.69 -4.53
C LYS A 38 11.45 -3.37 -5.01
N LEU A 39 10.13 -3.31 -4.99
CA LEU A 39 9.40 -2.15 -5.47
C LEU A 39 9.80 -0.88 -4.71
N SER A 40 9.90 -0.99 -3.39
CA SER A 40 10.20 0.18 -2.57
C SER A 40 11.66 0.62 -2.75
N GLU A 41 12.57 -0.34 -2.82
CA GLU A 41 13.98 -0.05 -2.94
C GLU A 41 14.32 0.54 -4.31
N LEU A 42 13.68 0.02 -5.36
CA LEU A 42 13.91 0.51 -6.71
C LEU A 42 13.29 1.90 -6.87
N ALA A 43 12.20 2.13 -6.15
CA ALA A 43 11.55 3.44 -6.15
C ALA A 43 12.42 4.47 -5.44
N ASP A 44 13.01 4.06 -4.32
CA ASP A 44 13.91 4.92 -3.56
C ASP A 44 15.13 5.26 -4.40
N ALA A 45 15.60 4.27 -5.18
CA ALA A 45 16.73 4.45 -6.07
C ALA A 45 16.39 5.43 -7.20
N LYS A 46 15.15 5.36 -7.70
CA LYS A 46 14.69 6.29 -8.72
C LYS A 46 14.63 7.70 -8.16
N GLY A 47 14.08 7.83 -6.96
CA GLY A 47 13.98 9.13 -6.32
C GLY A 47 12.62 9.36 -5.71
N GLY A 48 12.09 8.35 -5.06
CA GLY A 48 10.79 8.47 -4.43
C GLY A 48 10.73 7.72 -3.11
N LYS A 49 9.70 7.98 -2.33
CA LYS A 49 9.54 7.31 -1.04
C LYS A 49 8.26 6.47 -1.04
N TYR A 50 7.53 6.54 -2.14
CA TYR A 50 6.30 5.80 -2.30
C TYR A 50 6.23 5.19 -3.68
N TYR A 51 5.47 4.11 -3.81
CA TYR A 51 5.27 3.47 -5.10
C TYR A 51 3.82 3.11 -5.28
N HIS A 52 3.45 2.78 -6.50
CA HIS A 52 2.08 2.39 -6.81
C HIS A 52 2.07 1.35 -7.92
N ILE A 53 1.66 0.14 -7.59
CA ILE A 53 1.60 -0.93 -8.57
C ILE A 53 0.47 -0.67 -9.58
N ILE A 54 0.82 -0.69 -10.85
CA ILE A 54 -0.17 -0.48 -11.90
C ILE A 54 -0.36 -1.74 -12.74
N ALA A 55 0.65 -2.59 -12.77
CA ALA A 55 0.59 -3.81 -13.55
C ALA A 55 1.44 -4.91 -12.94
N ALA A 56 0.90 -5.55 -11.91
CA ALA A 56 1.50 -6.75 -11.37
C ALA A 56 0.89 -7.96 -12.06
N ARG A 57 1.55 -8.40 -13.12
CA ARG A 57 1.01 -9.46 -13.95
C ARG A 57 2.01 -10.61 -14.07
N GLU A 58 1.49 -11.81 -14.06
CA GLU A 58 2.32 -13.00 -14.12
C GLU A 58 2.48 -13.44 -15.57
N HIS A 59 3.73 -13.65 -15.98
CA HIS A 59 4.03 -14.00 -17.37
C HIS A 59 4.65 -15.39 -17.42
N GLY A 60 3.83 -16.39 -17.14
CA GLY A 60 4.34 -17.75 -17.07
C GLY A 60 5.12 -17.97 -15.81
N PRO A 61 6.36 -18.49 -15.91
CA PRO A 61 7.26 -18.62 -14.78
C PRO A 61 7.96 -17.30 -14.47
N ASN A 62 7.79 -16.33 -15.36
CA ASN A 62 8.38 -15.02 -15.19
C ASN A 62 7.37 -14.09 -14.53
N PHE A 63 7.84 -13.29 -13.59
CA PHE A 63 6.97 -12.40 -12.86
C PHE A 63 7.26 -10.95 -13.24
N GLU A 64 6.23 -10.24 -13.67
CA GLU A 64 6.38 -8.85 -14.07
C GLU A 64 5.63 -7.95 -13.09
N ALA A 65 6.38 -7.22 -12.27
CA ALA A 65 5.77 -6.28 -11.35
C ALA A 65 6.06 -4.85 -11.77
N VAL A 66 5.06 -4.19 -12.36
CA VAL A 66 5.21 -2.82 -12.81
C VAL A 66 4.56 -1.86 -11.82
N ALA A 67 5.36 -0.94 -11.29
CA ALA A 67 4.88 0.02 -10.32
C ALA A 67 5.44 1.40 -10.64
N GLU A 68 4.76 2.44 -10.18
CA GLU A 68 5.21 3.80 -10.41
C GLU A 68 5.87 4.35 -9.16
N VAL A 69 6.72 5.35 -9.33
CA VAL A 69 7.42 5.97 -8.23
C VAL A 69 6.80 7.32 -7.89
N TYR A 70 6.42 7.49 -6.64
CA TYR A 70 5.83 8.74 -6.17
C TYR A 70 6.64 9.30 -5.02
N ASN A 71 6.81 10.62 -5.02
CA ASN A 71 7.63 11.27 -3.99
C ASN A 71 6.92 12.50 -3.44
N ASP A 72 7.61 13.22 -2.56
CA ASP A 72 7.07 14.43 -1.92
C ASP A 72 6.70 15.50 -2.95
N ALA A 73 5.83 16.42 -2.57
CA ALA A 73 5.36 17.46 -3.47
C ALA A 73 6.45 18.50 -3.72
N THR A 74 7.40 18.61 -2.81
CA THR A 74 8.48 19.55 -2.95
C THR A 74 9.78 18.84 -3.31
N LYS A 75 10.37 19.25 -4.42
CA LYS A 75 11.62 18.66 -4.89
C LYS A 75 12.80 19.25 -4.12
N LEU A 76 13.56 18.39 -3.45
CA LEU A 76 14.73 18.83 -2.71
C LEU A 76 15.84 19.20 -3.68
N GLU A 77 16.09 20.49 -3.79
CA GLU A 77 17.07 20.99 -4.74
C GLU A 77 18.41 21.19 -4.07
N HIS A 78 19.44 21.39 -4.88
CA HIS A 78 20.80 21.52 -4.38
C HIS A 78 21.00 22.91 -3.80
N HIS A 79 20.97 23.00 -2.48
CA HIS A 79 21.10 24.28 -1.80
C HIS A 79 22.57 24.69 -1.73
N HIS A 80 22.86 25.91 -2.17
CA HIS A 80 24.19 26.46 -2.04
C HIS A 80 24.13 27.96 -1.83
N HIS A 81 23.74 28.37 -0.63
CA HIS A 81 23.81 29.77 -0.23
C HIS A 81 24.82 29.90 0.88
N HIS A 82 25.72 30.87 0.76
CA HIS A 82 26.78 31.04 1.74
C HIS A 82 26.28 31.77 2.98
N HIS A 83 26.62 33.06 3.08
CA HIS A 83 26.26 33.90 4.23
C HIS A 83 27.12 35.14 4.21
N ALA B 1 0.86 -3.41 9.27
CA ALA B 1 -0.02 -3.81 8.17
C ALA B 1 0.23 -2.94 6.94
N GLU B 2 0.24 -3.57 5.77
CA GLU B 2 0.57 -2.86 4.53
C GLU B 2 -0.66 -2.63 3.67
N GLN B 3 -0.63 -1.52 2.92
CA GLN B 3 -1.67 -1.21 1.94
C GLN B 3 -1.49 -2.07 0.69
N VAL B 4 -2.48 -2.88 0.37
CA VAL B 4 -2.40 -3.77 -0.78
C VAL B 4 -3.32 -3.33 -1.92
N SER B 5 -2.87 -3.54 -3.13
CA SER B 5 -3.64 -3.21 -4.33
C SER B 5 -4.49 -4.40 -4.76
N LYS B 6 -5.42 -4.15 -5.68
CA LYS B 6 -6.31 -5.20 -6.19
C LYS B 6 -5.52 -6.38 -6.75
N GLN B 7 -4.42 -6.07 -7.42
CA GLN B 7 -3.60 -7.08 -8.06
C GLN B 7 -2.90 -7.97 -7.04
N GLU B 8 -2.58 -7.40 -5.88
CA GLU B 8 -1.95 -8.16 -4.81
C GLU B 8 -2.99 -9.05 -4.13
N ILE B 9 -4.14 -8.46 -3.81
CA ILE B 9 -5.22 -9.17 -3.15
C ILE B 9 -5.67 -10.38 -3.97
N SER B 10 -5.84 -10.16 -5.26
CA SER B 10 -6.36 -11.20 -6.15
C SER B 10 -5.31 -12.28 -6.40
N HIS B 11 -4.05 -11.87 -6.55
CA HIS B 11 -3.00 -12.81 -6.95
C HIS B 11 -2.66 -13.77 -5.82
N PHE B 12 -2.61 -13.26 -4.59
CA PHE B 12 -2.26 -14.08 -3.44
C PHE B 12 -3.51 -14.62 -2.76
N LYS B 13 -4.66 -14.09 -3.15
CA LYS B 13 -5.95 -14.49 -2.58
C LYS B 13 -6.00 -14.19 -1.08
N LEU B 14 -6.13 -12.91 -0.76
CA LEU B 14 -6.19 -12.49 0.63
C LEU B 14 -7.60 -12.66 1.18
N VAL B 15 -7.67 -13.10 2.43
CA VAL B 15 -8.94 -13.40 3.07
C VAL B 15 -9.42 -12.19 3.88
N LYS B 16 -10.70 -11.86 3.74
CA LYS B 16 -11.27 -10.70 4.41
C LYS B 16 -11.52 -11.00 5.89
N VAL B 17 -10.83 -10.28 6.75
CA VAL B 17 -10.98 -10.43 8.19
C VAL B 17 -12.08 -9.51 8.70
N GLY B 18 -12.18 -8.34 8.09
CA GLY B 18 -13.21 -7.39 8.48
C GLY B 18 -13.02 -6.05 7.82
N THR B 19 -13.60 -5.02 8.42
CA THR B 19 -13.49 -3.66 7.91
C THR B 19 -13.24 -2.69 9.06
N ILE B 20 -12.38 -1.71 8.83
CA ILE B 20 -12.04 -0.73 9.85
C ILE B 20 -12.39 0.67 9.39
N ASN B 21 -12.97 1.45 10.29
CA ASN B 21 -13.38 2.80 9.99
C ASN B 21 -12.67 3.79 10.89
N VAL B 22 -11.91 4.68 10.30
CA VAL B 22 -11.32 5.80 11.02
C VAL B 22 -12.12 7.06 10.76
N SER B 23 -12.95 7.43 11.72
CA SER B 23 -13.77 8.62 11.58
C SER B 23 -13.25 9.72 12.50
N GLN B 24 -12.47 10.63 11.93
CA GLN B 24 -11.83 11.68 12.73
C GLN B 24 -12.42 13.03 12.40
N SER B 25 -12.51 13.89 13.41
CA SER B 25 -13.04 15.22 13.22
C SER B 25 -11.92 16.26 13.23
N GLY B 26 -11.61 16.79 12.06
CA GLY B 26 -10.59 17.81 11.95
C GLY B 26 -9.21 17.24 11.68
N GLY B 27 -8.19 17.99 12.09
CA GLY B 27 -6.83 17.59 11.80
C GLY B 27 -6.27 16.62 12.82
N GLN B 28 -6.85 15.44 12.89
CA GLN B 28 -6.33 14.39 13.75
C GLN B 28 -5.21 13.65 13.02
N ILE B 29 -5.32 13.60 11.69
CA ILE B 29 -4.30 13.01 10.85
C ILE B 29 -3.53 14.11 10.12
N SER B 30 -2.23 14.10 10.26
CA SER B 30 -1.39 15.12 9.62
C SER B 30 -0.81 14.59 8.31
N SER B 31 -0.20 13.42 8.37
CA SER B 31 0.49 12.86 7.21
C SER B 31 -0.12 11.52 6.81
N PRO B 32 0.12 11.07 5.57
CA PRO B 32 -0.34 9.76 5.10
C PRO B 32 0.12 8.64 6.02
N SER B 33 1.35 8.76 6.52
CA SER B 33 1.93 7.77 7.42
C SER B 33 1.15 7.71 8.74
N ASP B 34 0.58 8.84 9.13
CA ASP B 34 -0.17 8.94 10.39
C ASP B 34 -1.49 8.18 10.26
N LEU B 35 -2.20 8.43 9.16
CA LEU B 35 -3.41 7.70 8.85
C LEU B 35 -3.08 6.22 8.68
N ARG B 36 -1.97 5.97 8.00
CA ARG B 36 -1.49 4.61 7.75
C ARG B 36 -1.24 3.87 9.06
N GLU B 37 -0.80 4.62 10.07
CA GLU B 37 -0.61 4.06 11.40
C GLU B 37 -1.93 3.53 11.94
N LYS B 38 -2.96 4.37 11.93
CA LYS B 38 -4.27 3.98 12.42
C LYS B 38 -4.85 2.82 11.62
N LEU B 39 -4.65 2.87 10.31
CA LEU B 39 -5.12 1.79 9.45
C LEU B 39 -4.44 0.47 9.81
N SER B 40 -3.14 0.54 10.05
CA SER B 40 -2.38 -0.63 10.47
C SER B 40 -2.82 -1.06 11.87
N GLU B 41 -2.98 -0.08 12.75
CA GLU B 41 -3.33 -0.31 14.14
C GLU B 41 -4.70 -0.99 14.27
N LEU B 42 -5.70 -0.48 13.56
CA LEU B 42 -7.04 -1.04 13.64
C LEU B 42 -7.11 -2.40 12.96
N ALA B 43 -6.32 -2.57 11.90
CA ALA B 43 -6.22 -3.86 11.21
C ALA B 43 -5.55 -4.88 12.12
N ASP B 44 -4.58 -4.41 12.89
CA ASP B 44 -3.89 -5.23 13.87
C ASP B 44 -4.85 -5.68 14.96
N ALA B 45 -5.76 -4.78 15.35
CA ALA B 45 -6.78 -5.10 16.34
C ALA B 45 -7.78 -6.11 15.79
N LYS B 46 -7.97 -6.10 14.48
CA LYS B 46 -8.83 -7.08 13.82
C LYS B 46 -8.13 -8.44 13.75
N GLY B 47 -6.84 -8.40 13.50
CA GLY B 47 -6.08 -9.62 13.34
C GLY B 47 -5.68 -9.85 11.90
N GLY B 48 -5.40 -8.76 11.19
CA GLY B 48 -4.97 -8.85 9.81
C GLY B 48 -3.58 -8.29 9.63
N LYS B 49 -2.96 -8.62 8.51
CA LYS B 49 -1.61 -8.16 8.23
C LYS B 49 -1.59 -7.18 7.06
N TYR B 50 -2.67 -7.15 6.32
CA TYR B 50 -2.78 -6.25 5.17
C TYR B 50 -4.12 -5.55 5.22
N TYR B 51 -4.21 -4.40 4.56
CA TYR B 51 -5.46 -3.67 4.50
C TYR B 51 -5.60 -2.99 3.15
N HIS B 52 -6.82 -2.56 2.84
CA HIS B 52 -7.09 -1.88 1.60
C HIS B 52 -8.17 -0.82 1.81
N ILE B 53 -7.80 0.44 1.66
CA ILE B 53 -8.76 1.53 1.78
C ILE B 53 -9.75 1.48 0.63
N ILE B 54 -11.02 1.29 0.95
CA ILE B 54 -12.05 1.19 -0.07
C ILE B 54 -12.82 2.49 -0.20
N ALA B 55 -12.83 3.27 0.87
CA ALA B 55 -13.55 4.54 0.88
C ALA B 55 -12.80 5.56 1.73
N ALA B 56 -12.09 6.45 1.07
CA ALA B 56 -11.40 7.54 1.75
C ALA B 56 -12.05 8.86 1.39
N ARG B 57 -12.98 9.31 2.20
CA ARG B 57 -13.73 10.51 1.90
C ARG B 57 -13.52 11.59 2.95
N GLU B 58 -13.29 12.80 2.48
CA GLU B 58 -13.12 13.94 3.36
C GLU B 58 -14.37 14.80 3.31
N HIS B 59 -15.32 14.52 4.19
CA HIS B 59 -16.60 15.18 4.16
C HIS B 59 -16.65 16.33 5.15
N GLY B 60 -16.17 17.49 4.70
CA GLY B 60 -16.16 18.66 5.56
C GLY B 60 -15.07 18.56 6.59
N PRO B 61 -15.43 18.65 7.89
CA PRO B 61 -14.50 18.47 8.98
C PRO B 61 -14.32 17.01 9.35
N ASN B 62 -15.24 16.17 8.88
CA ASN B 62 -15.21 14.75 9.20
C ASN B 62 -14.46 13.97 8.14
N PHE B 63 -13.32 13.42 8.52
CA PHE B 63 -12.53 12.60 7.64
C PHE B 63 -12.86 11.13 7.89
N GLU B 64 -13.40 10.48 6.87
CA GLU B 64 -13.84 9.10 6.99
C GLU B 64 -12.93 8.18 6.18
N ALA B 65 -12.10 7.41 6.87
CA ALA B 65 -11.22 6.47 6.22
C ALA B 65 -11.70 5.04 6.45
N VAL B 66 -12.32 4.47 5.42
CA VAL B 66 -12.82 3.11 5.50
C VAL B 66 -11.91 2.15 4.74
N ALA B 67 -11.33 1.21 5.46
CA ALA B 67 -10.43 0.24 4.86
C ALA B 67 -10.82 -1.17 5.28
N GLU B 68 -10.51 -2.14 4.43
CA GLU B 68 -10.80 -3.54 4.75
C GLU B 68 -9.56 -4.25 5.23
N VAL B 69 -9.72 -5.14 6.18
CA VAL B 69 -8.60 -5.87 6.76
C VAL B 69 -8.48 -7.25 6.13
N TYR B 70 -7.29 -7.57 5.66
CA TYR B 70 -7.05 -8.86 5.01
C TYR B 70 -5.95 -9.63 5.72
N ASN B 71 -6.02 -10.95 5.62
CA ASN B 71 -5.00 -11.83 6.13
C ASN B 71 -4.91 -13.04 5.20
N ASP B 72 -4.07 -14.00 5.52
CA ASP B 72 -3.96 -15.21 4.74
C ASP B 72 -5.08 -16.18 5.15
N ALA B 73 -5.24 -17.27 4.42
CA ALA B 73 -6.25 -18.27 4.74
C ALA B 73 -5.94 -18.94 6.07
N THR B 74 -4.66 -18.95 6.43
CA THR B 74 -4.22 -19.55 7.69
C THR B 74 -4.66 -18.68 8.88
N LYS B 75 -4.63 -19.26 10.07
CA LYS B 75 -5.01 -18.55 11.29
C LYS B 75 -4.68 -19.38 12.52
N LEU B 76 -5.03 -18.87 13.68
CA LEU B 76 -4.66 -19.49 14.94
C LEU B 76 -5.80 -20.34 15.49
N GLU B 77 -5.62 -21.64 15.47
CA GLU B 77 -6.53 -22.57 16.15
C GLU B 77 -5.99 -22.87 17.54
N HIS B 78 -6.80 -23.51 18.37
CA HIS B 78 -6.38 -23.83 19.73
C HIS B 78 -5.24 -24.84 19.73
N HIS B 79 -5.16 -25.64 18.68
CA HIS B 79 -4.04 -26.57 18.48
C HIS B 79 -4.00 -27.62 19.59
N HIS B 80 -4.81 -28.67 19.44
CA HIS B 80 -4.90 -29.71 20.45
C HIS B 80 -4.77 -31.10 19.85
N HIS B 81 -3.59 -31.67 19.99
CA HIS B 81 -3.38 -33.08 19.68
C HIS B 81 -2.83 -33.77 20.91
N HIS B 82 -3.68 -34.56 21.55
CA HIS B 82 -3.35 -35.12 22.85
C HIS B 82 -2.47 -36.35 22.71
N HIS B 83 -1.19 -36.18 23.02
CA HIS B 83 -0.25 -37.27 23.00
C HIS B 83 0.80 -37.04 24.08
N ALA A 1 10.05 2.30 0.77
CA ALA A 1 9.05 3.21 0.18
C ALA A 1 7.65 2.69 0.47
N GLU A 2 6.66 3.57 0.41
CA GLU A 2 5.30 3.21 0.78
C GLU A 2 4.43 2.92 -0.44
N GLN A 3 3.38 2.14 -0.23
CA GLN A 3 2.43 1.78 -1.27
C GLN A 3 1.13 2.53 -1.06
N VAL A 4 0.83 3.47 -1.95
CA VAL A 4 -0.34 4.32 -1.79
C VAL A 4 -1.33 4.11 -2.92
N SER A 5 -2.61 4.32 -2.63
CA SER A 5 -3.64 4.23 -3.65
C SER A 5 -3.90 5.61 -4.25
N LYS A 6 -4.74 5.66 -5.28
CA LYS A 6 -5.03 6.92 -5.98
C LYS A 6 -5.61 7.95 -5.02
N GLN A 7 -6.27 7.46 -3.98
CA GLN A 7 -6.82 8.31 -2.94
C GLN A 7 -5.72 9.14 -2.30
N GLU A 8 -4.65 8.48 -1.87
CA GLU A 8 -3.55 9.16 -1.22
C GLU A 8 -2.80 10.04 -2.20
N ILE A 9 -2.67 9.55 -3.44
CA ILE A 9 -1.98 10.29 -4.49
C ILE A 9 -2.65 11.64 -4.75
N SER A 10 -3.96 11.62 -4.97
CA SER A 10 -4.71 12.83 -5.24
C SER A 10 -4.87 13.69 -3.99
N HIS A 11 -5.00 13.04 -2.84
CA HIS A 11 -5.26 13.76 -1.59
C HIS A 11 -4.01 14.50 -1.12
N PHE A 12 -2.88 13.82 -1.12
CA PHE A 12 -1.63 14.41 -0.62
C PHE A 12 -0.84 15.09 -1.73
N LYS A 13 -1.29 14.92 -2.97
CA LYS A 13 -0.67 15.53 -4.15
C LYS A 13 0.71 14.93 -4.40
N LEU A 14 0.75 13.81 -5.10
CA LEU A 14 2.01 13.14 -5.39
C LEU A 14 2.42 13.33 -6.84
N VAL A 15 3.69 13.60 -7.04
CA VAL A 15 4.24 13.91 -8.35
C VAL A 15 4.88 12.68 -8.98
N LYS A 16 4.44 12.34 -10.18
CA LYS A 16 4.99 11.20 -10.92
C LYS A 16 6.42 11.48 -11.36
N VAL A 17 7.35 10.65 -10.90
CA VAL A 17 8.74 10.76 -11.29
C VAL A 17 9.03 9.82 -12.45
N GLY A 18 8.47 8.61 -12.37
CA GLY A 18 8.70 7.61 -13.39
C GLY A 18 7.93 6.34 -13.13
N THR A 19 8.39 5.25 -13.71
CA THR A 19 7.73 3.96 -13.55
C THR A 19 8.77 2.84 -13.44
N ILE A 20 8.52 1.89 -12.55
CA ILE A 20 9.44 0.78 -12.34
C ILE A 20 8.75 -0.55 -12.60
N ASN A 21 9.54 -1.54 -13.00
CA ASN A 21 9.02 -2.87 -13.23
C ASN A 21 9.95 -3.91 -12.63
N VAL A 22 9.40 -4.77 -11.78
CA VAL A 22 10.16 -5.87 -11.22
C VAL A 22 9.81 -7.15 -11.95
N SER A 23 10.69 -7.54 -12.86
CA SER A 23 10.49 -8.76 -13.63
C SER A 23 11.64 -9.72 -13.37
N GLN A 24 11.47 -10.58 -12.38
CA GLN A 24 12.53 -11.52 -11.99
C GLN A 24 12.07 -12.95 -12.19
N SER A 25 13.03 -13.85 -12.35
CA SER A 25 12.75 -15.24 -12.65
C SER A 25 12.50 -16.06 -11.37
N GLY A 26 11.85 -15.43 -10.40
CA GLY A 26 11.59 -16.08 -9.14
C GLY A 26 12.76 -15.90 -8.18
N GLY A 27 12.56 -16.29 -6.92
CA GLY A 27 13.61 -16.17 -5.93
C GLY A 27 13.74 -14.75 -5.40
N GLN A 28 13.84 -13.79 -6.32
CA GLN A 28 13.93 -12.37 -5.97
C GLN A 28 12.61 -11.88 -5.39
N ILE A 29 11.55 -12.63 -5.67
CA ILE A 29 10.25 -12.37 -5.07
C ILE A 29 9.72 -13.67 -4.47
N SER A 30 9.97 -13.87 -3.21
CA SER A 30 9.52 -15.06 -2.51
C SER A 30 8.51 -14.70 -1.42
N SER A 31 8.10 -13.45 -1.42
CA SER A 31 7.20 -12.93 -0.40
C SER A 31 6.64 -11.58 -0.85
N PRO A 32 5.43 -11.22 -0.40
CA PRO A 32 4.86 -9.88 -0.63
C PRO A 32 5.80 -8.79 -0.15
N SER A 33 6.51 -9.06 0.95
CA SER A 33 7.49 -8.13 1.50
C SER A 33 8.71 -8.09 0.58
N ASP A 34 9.12 -9.26 0.12
CA ASP A 34 10.26 -9.40 -0.79
C ASP A 34 10.04 -8.56 -2.05
N LEU A 35 8.81 -8.60 -2.54
CA LEU A 35 8.41 -7.84 -3.71
C LEU A 35 8.44 -6.34 -3.43
N ARG A 36 7.87 -5.93 -2.29
CA ARG A 36 7.80 -4.52 -1.94
C ARG A 36 9.19 -3.96 -1.64
N GLU A 37 10.09 -4.83 -1.21
CA GLU A 37 11.49 -4.45 -1.03
C GLU A 37 12.07 -4.04 -2.37
N LYS A 38 11.80 -4.85 -3.39
CA LYS A 38 12.23 -4.54 -4.76
C LYS A 38 11.64 -3.22 -5.23
N LEU A 39 10.34 -3.05 -4.99
CA LEU A 39 9.65 -1.83 -5.39
C LEU A 39 10.27 -0.61 -4.71
N SER A 40 10.51 -0.71 -3.41
CA SER A 40 11.12 0.37 -2.65
C SER A 40 12.52 0.68 -3.16
N GLU A 41 13.30 -0.36 -3.39
CA GLU A 41 14.67 -0.22 -3.83
C GLU A 41 14.75 0.44 -5.20
N LEU A 42 13.94 -0.01 -6.14
CA LEU A 42 13.95 0.53 -7.48
C LEU A 42 13.36 1.94 -7.52
N ALA A 43 12.41 2.20 -6.63
CA ALA A 43 11.77 3.51 -6.55
C ALA A 43 12.76 4.56 -6.02
N ASP A 44 13.58 4.16 -5.06
CA ASP A 44 14.57 5.06 -4.48
C ASP A 44 15.67 5.34 -5.49
N ALA A 45 15.95 4.34 -6.34
CA ALA A 45 16.92 4.51 -7.42
C ALA A 45 16.42 5.51 -8.45
N LYS A 46 15.10 5.57 -8.62
CA LYS A 46 14.49 6.55 -9.52
C LYS A 46 14.50 7.93 -8.88
N GLY A 47 14.08 7.99 -7.63
CA GLY A 47 14.02 9.26 -6.92
C GLY A 47 12.64 9.54 -6.39
N GLY A 48 12.04 8.55 -5.75
CA GLY A 48 10.71 8.71 -5.19
C GLY A 48 10.57 8.08 -3.83
N LYS A 49 9.50 8.41 -3.13
CA LYS A 49 9.27 7.88 -1.78
C LYS A 49 8.02 7.03 -1.75
N TYR A 50 7.15 7.22 -2.72
CA TYR A 50 5.91 6.48 -2.80
C TYR A 50 5.83 5.73 -4.12
N TYR A 51 5.21 4.57 -4.10
CA TYR A 51 4.97 3.82 -5.32
C TYR A 51 3.55 3.27 -5.33
N HIS A 52 3.03 3.00 -6.51
CA HIS A 52 1.72 2.40 -6.64
C HIS A 52 1.74 1.27 -7.63
N ILE A 53 1.44 0.06 -7.15
CA ILE A 53 1.36 -1.10 -8.01
C ILE A 53 0.15 -0.98 -8.94
N ILE A 54 0.40 -0.87 -10.23
CA ILE A 54 -0.68 -0.73 -11.20
C ILE A 54 -1.01 -2.07 -11.83
N ALA A 55 -0.06 -3.00 -11.79
CA ALA A 55 -0.26 -4.32 -12.34
C ALA A 55 0.75 -5.31 -11.76
N ALA A 56 0.25 -6.29 -11.01
CA ALA A 56 1.09 -7.35 -10.48
C ALA A 56 0.81 -8.63 -11.25
N ARG A 57 1.51 -8.81 -12.35
CA ARG A 57 1.21 -9.89 -13.29
C ARG A 57 2.24 -11.00 -13.19
N GLU A 58 1.91 -12.13 -13.78
CA GLU A 58 2.75 -13.31 -13.71
C GLU A 58 3.09 -13.78 -15.12
N HIS A 59 4.28 -13.43 -15.57
CA HIS A 59 4.70 -13.69 -16.94
C HIS A 59 5.42 -15.03 -17.03
N GLY A 60 4.72 -16.10 -16.65
CA GLY A 60 5.30 -17.42 -16.71
C GLY A 60 6.32 -17.65 -15.63
N PRO A 61 7.58 -17.87 -15.99
CA PRO A 61 8.68 -18.04 -15.03
C PRO A 61 9.09 -16.72 -14.38
N ASN A 62 8.75 -15.61 -15.04
CA ASN A 62 9.11 -14.29 -14.52
C ASN A 62 7.89 -13.57 -13.97
N PHE A 63 7.95 -13.23 -12.69
CA PHE A 63 6.90 -12.44 -12.08
C PHE A 63 7.17 -10.96 -12.36
N GLU A 64 6.15 -10.25 -12.83
CA GLU A 64 6.32 -8.86 -13.21
C GLU A 64 5.42 -7.94 -12.42
N ALA A 65 6.02 -7.16 -11.54
CA ALA A 65 5.30 -6.17 -10.75
C ALA A 65 5.57 -4.78 -11.29
N VAL A 66 4.55 -4.17 -11.87
CA VAL A 66 4.68 -2.84 -12.46
C VAL A 66 4.09 -1.79 -11.54
N ALA A 67 4.90 -0.81 -11.17
CA ALA A 67 4.48 0.24 -10.28
C ALA A 67 5.06 1.58 -10.71
N GLU A 68 4.41 2.67 -10.36
CA GLU A 68 4.94 3.99 -10.68
C GLU A 68 5.59 4.61 -9.46
N VAL A 69 6.54 5.49 -9.70
CA VAL A 69 7.28 6.14 -8.63
C VAL A 69 6.83 7.58 -8.44
N TYR A 70 6.43 7.91 -7.24
CA TYR A 70 5.92 9.25 -6.93
C TYR A 70 6.76 9.90 -5.85
N ASN A 71 6.90 11.22 -5.94
CA ASN A 71 7.60 12.00 -4.93
C ASN A 71 6.83 13.31 -4.69
N ASP A 72 7.40 14.22 -3.93
CA ASP A 72 6.74 15.47 -3.62
C ASP A 72 7.24 16.59 -4.55
N ALA A 73 6.38 17.56 -4.81
CA ALA A 73 6.68 18.63 -5.78
C ALA A 73 7.73 19.62 -5.27
N THR A 74 8.10 19.50 -3.99
CA THR A 74 9.02 20.46 -3.37
C THR A 74 10.45 20.37 -3.97
N LYS A 75 10.68 19.39 -4.84
CA LYS A 75 11.95 19.28 -5.55
C LYS A 75 12.21 20.57 -6.33
N LEU A 76 11.16 21.13 -6.92
CA LEU A 76 11.21 22.42 -7.61
C LEU A 76 12.26 22.44 -8.72
N GLU A 77 12.50 21.29 -9.31
CA GLU A 77 13.52 21.15 -10.36
C GLU A 77 12.99 21.68 -11.70
N HIS A 78 11.80 22.26 -11.67
CA HIS A 78 11.14 22.77 -12.87
C HIS A 78 11.72 24.13 -13.27
N HIS A 79 12.86 24.49 -12.69
CA HIS A 79 13.56 25.70 -13.07
C HIS A 79 14.94 25.34 -13.62
N HIS A 80 15.12 24.06 -13.92
CA HIS A 80 16.44 23.54 -14.23
C HIS A 80 16.49 22.87 -15.62
N HIS A 81 15.39 22.95 -16.35
CA HIS A 81 15.31 22.27 -17.64
C HIS A 81 15.65 23.20 -18.79
N HIS A 82 16.85 23.04 -19.31
CA HIS A 82 17.32 23.81 -20.45
C HIS A 82 18.08 22.89 -21.40
N HIS A 83 17.41 22.44 -22.45
CA HIS A 83 18.03 21.50 -23.37
C HIS A 83 18.08 22.11 -24.76
N ALA B 1 0.17 -3.95 10.03
CA ALA B 1 -0.63 -4.28 8.83
C ALA B 1 -0.29 -3.33 7.68
N GLU B 2 -0.26 -3.87 6.47
CA GLU B 2 0.09 -3.09 5.30
C GLU B 2 -1.10 -2.97 4.35
N GLN B 3 -1.05 -2.01 3.43
CA GLN B 3 -2.13 -1.85 2.46
C GLN B 3 -1.79 -2.58 1.18
N VAL B 4 -2.74 -3.37 0.70
CA VAL B 4 -2.58 -4.09 -0.55
C VAL B 4 -3.72 -3.74 -1.50
N SER B 5 -3.44 -3.78 -2.79
CA SER B 5 -4.44 -3.49 -3.81
C SER B 5 -4.99 -4.79 -4.38
N LYS B 6 -5.93 -4.69 -5.31
CA LYS B 6 -6.52 -5.88 -5.92
C LYS B 6 -5.48 -6.66 -6.70
N GLN B 7 -4.42 -5.97 -7.09
CA GLN B 7 -3.33 -6.59 -7.84
C GLN B 7 -2.73 -7.72 -7.01
N GLU B 8 -2.58 -7.47 -5.71
CA GLU B 8 -2.03 -8.44 -4.79
C GLU B 8 -3.13 -9.34 -4.23
N ILE B 9 -4.22 -8.72 -3.78
CA ILE B 9 -5.33 -9.44 -3.14
C ILE B 9 -5.87 -10.56 -4.03
N SER B 10 -6.10 -10.24 -5.30
CA SER B 10 -6.67 -11.20 -6.23
C SER B 10 -5.62 -12.21 -6.71
N HIS B 11 -4.35 -11.83 -6.61
CA HIS B 11 -3.27 -12.68 -7.08
C HIS B 11 -2.93 -13.74 -6.04
N PHE B 12 -2.80 -13.31 -4.79
CA PHE B 12 -2.42 -14.23 -3.71
C PHE B 12 -3.66 -14.85 -3.06
N LYS B 13 -4.83 -14.32 -3.37
CA LYS B 13 -6.10 -14.79 -2.82
C LYS B 13 -6.14 -14.61 -1.31
N LEU B 14 -6.39 -13.38 -0.88
CA LEU B 14 -6.47 -13.07 0.54
C LEU B 14 -7.89 -13.25 1.06
N VAL B 15 -8.00 -13.69 2.31
CA VAL B 15 -9.31 -13.92 2.93
C VAL B 15 -9.76 -12.69 3.69
N LYS B 16 -10.98 -12.25 3.46
CA LYS B 16 -11.53 -11.08 4.14
C LYS B 16 -11.96 -11.44 5.56
N VAL B 17 -11.49 -10.67 6.53
CA VAL B 17 -11.83 -10.89 7.92
C VAL B 17 -12.98 -9.98 8.35
N GLY B 18 -13.00 -8.77 7.79
CA GLY B 18 -14.01 -7.80 8.14
C GLY B 18 -13.74 -6.45 7.52
N THR B 19 -14.36 -5.42 8.06
CA THR B 19 -14.17 -4.06 7.55
C THR B 19 -13.93 -3.09 8.71
N ILE B 20 -13.00 -2.16 8.53
CA ILE B 20 -12.71 -1.16 9.55
C ILE B 20 -13.00 0.23 9.02
N ASN B 21 -13.31 1.15 9.92
CA ASN B 21 -13.62 2.52 9.54
C ASN B 21 -12.95 3.50 10.49
N VAL B 22 -12.09 4.34 9.94
CA VAL B 22 -11.43 5.37 10.72
C VAL B 22 -12.12 6.69 10.48
N SER B 23 -12.96 7.08 11.40
CA SER B 23 -13.69 8.33 11.30
C SER B 23 -13.17 9.29 12.37
N GLN B 24 -12.47 10.31 11.93
CA GLN B 24 -11.85 11.24 12.86
C GLN B 24 -12.41 12.64 12.64
N SER B 25 -12.70 13.32 13.72
CA SER B 25 -13.27 14.65 13.65
C SER B 25 -12.16 15.68 13.79
N GLY B 26 -11.56 16.02 12.67
CA GLY B 26 -10.49 16.97 12.65
C GLY B 26 -9.27 16.43 11.94
N GLY B 27 -8.21 17.23 11.90
CA GLY B 27 -7.00 16.82 11.23
C GLY B 27 -6.15 15.91 12.09
N GLN B 28 -6.73 14.78 12.48
CA GLN B 28 -6.01 13.77 13.24
C GLN B 28 -4.88 13.19 12.42
N ILE B 29 -5.20 12.80 11.19
CA ILE B 29 -4.21 12.31 10.27
C ILE B 29 -3.48 13.48 9.62
N SER B 30 -2.31 13.79 10.14
CA SER B 30 -1.51 14.89 9.64
C SER B 30 -0.57 14.44 8.51
N SER B 31 -0.26 13.16 8.50
CA SER B 31 0.63 12.59 7.50
C SER B 31 0.26 11.13 7.22
N PRO B 32 0.66 10.60 6.05
CA PRO B 32 0.34 9.23 5.64
C PRO B 32 0.77 8.18 6.67
N SER B 33 1.84 8.49 7.40
CA SER B 33 2.34 7.60 8.45
C SER B 33 1.27 7.36 9.52
N ASP B 34 0.66 8.44 9.98
CA ASP B 34 -0.40 8.35 10.99
C ASP B 34 -1.59 7.58 10.44
N LEU B 35 -1.93 7.87 9.19
CA LEU B 35 -3.03 7.18 8.50
C LEU B 35 -2.80 5.67 8.51
N ARG B 36 -1.60 5.26 8.12
CA ARG B 36 -1.24 3.84 8.11
C ARG B 36 -1.33 3.27 9.52
N GLU B 37 -0.85 4.04 10.49
CA GLU B 37 -0.84 3.60 11.88
C GLU B 37 -2.27 3.33 12.38
N LYS B 38 -3.20 4.22 12.04
CA LYS B 38 -4.59 4.05 12.45
C LYS B 38 -5.16 2.76 11.90
N LEU B 39 -5.04 2.61 10.58
CA LEU B 39 -5.56 1.44 9.89
C LEU B 39 -4.89 0.17 10.40
N SER B 40 -3.57 0.21 10.52
CA SER B 40 -2.80 -0.94 10.98
C SER B 40 -3.22 -1.34 12.38
N GLU B 41 -3.32 -0.37 13.29
CA GLU B 41 -3.65 -0.63 14.68
C GLU B 41 -5.00 -1.35 14.78
N LEU B 42 -5.96 -0.87 14.01
CA LEU B 42 -7.31 -1.42 14.05
C LEU B 42 -7.36 -2.77 13.33
N ALA B 43 -6.63 -2.89 12.23
CA ALA B 43 -6.60 -4.12 11.45
C ALA B 43 -5.89 -5.24 12.23
N ASP B 44 -4.72 -4.93 12.77
CA ASP B 44 -3.96 -5.91 13.56
C ASP B 44 -4.74 -6.31 14.80
N ALA B 45 -5.57 -5.40 15.29
CA ALA B 45 -6.43 -5.69 16.43
C ALA B 45 -7.56 -6.63 16.04
N LYS B 46 -8.14 -6.40 14.86
CA LYS B 46 -9.18 -7.27 14.32
C LYS B 46 -8.62 -8.67 14.05
N GLY B 47 -7.36 -8.71 13.66
CA GLY B 47 -6.70 -9.97 13.41
C GLY B 47 -6.33 -10.15 11.96
N GLY B 48 -6.30 -9.05 11.21
CA GLY B 48 -5.92 -9.11 9.81
C GLY B 48 -4.81 -8.14 9.49
N LYS B 49 -3.72 -8.63 8.93
CA LYS B 49 -2.55 -7.80 8.72
C LYS B 49 -2.49 -7.22 7.31
N TYR B 50 -3.58 -7.37 6.57
CA TYR B 50 -3.69 -6.79 5.24
C TYR B 50 -4.96 -5.96 5.17
N TYR B 51 -4.88 -4.77 4.59
CA TYR B 51 -6.06 -3.95 4.43
C TYR B 51 -6.01 -3.17 3.13
N HIS B 52 -7.15 -2.65 2.72
CA HIS B 52 -7.23 -1.80 1.54
C HIS B 52 -8.21 -0.67 1.79
N ILE B 53 -7.73 0.56 1.67
CA ILE B 53 -8.59 1.72 1.84
C ILE B 53 -9.50 1.84 0.63
N ILE B 54 -10.77 1.57 0.83
CA ILE B 54 -11.72 1.59 -0.28
C ILE B 54 -12.48 2.90 -0.32
N ALA B 55 -12.30 3.72 0.72
CA ALA B 55 -12.91 5.03 0.77
C ALA B 55 -12.14 5.97 1.70
N ALA B 56 -11.16 6.67 1.16
CA ALA B 56 -10.46 7.71 1.90
C ALA B 56 -11.03 9.06 1.54
N ARG B 57 -12.08 9.46 2.24
CA ARG B 57 -12.84 10.64 1.86
C ARG B 57 -12.59 11.78 2.84
N GLU B 58 -12.78 12.98 2.35
CA GLU B 58 -12.60 14.18 3.14
C GLU B 58 -13.95 14.75 3.54
N HIS B 59 -14.25 14.68 4.82
CA HIS B 59 -15.56 15.04 5.34
C HIS B 59 -15.56 16.47 5.85
N GLY B 60 -14.93 17.35 5.08
CA GLY B 60 -14.84 18.74 5.48
C GLY B 60 -13.81 18.92 6.58
N PRO B 61 -14.27 19.28 7.79
CA PRO B 61 -13.40 19.34 8.97
C PRO B 61 -13.08 17.95 9.50
N ASN B 62 -13.86 16.96 9.07
CA ASN B 62 -13.68 15.59 9.51
C ASN B 62 -12.97 14.77 8.42
N PHE B 63 -12.53 13.58 8.78
CA PHE B 63 -11.87 12.70 7.82
C PHE B 63 -12.41 11.27 7.97
N GLU B 64 -12.71 10.64 6.84
CA GLU B 64 -13.29 9.30 6.84
C GLU B 64 -12.41 8.35 6.04
N ALA B 65 -11.84 7.36 6.71
CA ALA B 65 -11.01 6.36 6.04
C ALA B 65 -11.61 4.97 6.23
N VAL B 66 -12.26 4.47 5.19
CA VAL B 66 -12.87 3.16 5.23
C VAL B 66 -11.97 2.15 4.54
N ALA B 67 -11.64 1.08 5.24
CA ALA B 67 -10.76 0.05 4.72
C ALA B 67 -11.27 -1.34 5.09
N GLU B 68 -11.07 -2.31 4.22
CA GLU B 68 -11.47 -3.67 4.50
C GLU B 68 -10.28 -4.50 4.93
N VAL B 69 -10.52 -5.44 5.82
CA VAL B 69 -9.45 -6.24 6.42
C VAL B 69 -9.35 -7.61 5.75
N TYR B 70 -8.15 -7.92 5.28
CA TYR B 70 -7.85 -9.23 4.73
C TYR B 70 -6.74 -9.86 5.54
N ASN B 71 -6.72 -11.18 5.62
CA ASN B 71 -5.69 -11.86 6.38
C ASN B 71 -5.31 -13.17 5.72
N ASP B 72 -4.26 -13.80 6.25
CA ASP B 72 -3.83 -15.12 5.83
C ASP B 72 -4.91 -16.15 6.17
N ALA B 73 -4.93 -17.26 5.45
CA ALA B 73 -5.94 -18.29 5.65
C ALA B 73 -5.66 -19.13 6.90
N THR B 74 -5.04 -18.51 7.90
CA THR B 74 -4.75 -19.18 9.15
C THR B 74 -6.05 -19.56 9.87
N LYS B 75 -7.02 -18.66 9.83
CA LYS B 75 -8.31 -18.91 10.46
C LYS B 75 -9.40 -19.11 9.42
N LEU B 76 -9.77 -20.35 9.21
CA LEU B 76 -10.88 -20.68 8.33
C LEU B 76 -12.08 -21.13 9.17
N GLU B 77 -11.77 -21.57 10.39
CA GLU B 77 -12.78 -22.01 11.37
C GLU B 77 -13.51 -23.27 10.90
N HIS B 78 -13.09 -23.83 9.78
CA HIS B 78 -13.76 -24.99 9.22
C HIS B 78 -13.28 -26.27 9.90
N HIS B 79 -13.69 -26.40 11.16
CA HIS B 79 -13.40 -27.58 11.98
C HIS B 79 -14.27 -27.53 13.22
N HIS B 80 -14.33 -26.35 13.81
CA HIS B 80 -15.14 -26.12 15.00
C HIS B 80 -16.01 -24.90 14.78
N HIS B 81 -17.12 -25.09 14.09
CA HIS B 81 -18.04 -23.99 13.78
C HIS B 81 -19.46 -24.44 14.09
N HIS B 82 -19.90 -24.16 15.29
CA HIS B 82 -21.18 -24.68 15.76
C HIS B 82 -22.10 -23.56 16.21
N HIS B 83 -23.37 -23.68 15.85
CA HIS B 83 -24.39 -22.78 16.33
C HIS B 83 -25.20 -23.48 17.42
N ALA A 1 8.88 3.10 3.22
CA ALA A 1 8.21 3.27 1.90
C ALA A 1 6.75 2.87 2.01
N GLU A 2 5.86 3.77 1.59
CA GLU A 2 4.43 3.51 1.67
C GLU A 2 3.86 3.20 0.29
N GLN A 3 2.84 2.35 0.24
CA GLN A 3 2.12 2.15 -1.01
C GLN A 3 0.84 2.96 -1.00
N VAL A 4 0.79 3.95 -1.86
CA VAL A 4 -0.37 4.83 -1.95
C VAL A 4 -1.21 4.46 -3.16
N SER A 5 -2.51 4.34 -2.94
CA SER A 5 -3.42 3.99 -4.00
C SER A 5 -4.09 5.22 -4.59
N LYS A 6 -5.02 4.99 -5.53
CA LYS A 6 -5.68 6.09 -6.24
C LYS A 6 -6.42 7.02 -5.29
N GLN A 7 -6.80 6.49 -4.12
CA GLN A 7 -7.51 7.27 -3.13
C GLN A 7 -6.58 8.32 -2.51
N GLU A 8 -5.37 7.91 -2.18
CA GLU A 8 -4.42 8.77 -1.49
C GLU A 8 -3.73 9.71 -2.48
N ILE A 9 -3.22 9.15 -3.57
CA ILE A 9 -2.42 9.91 -4.54
C ILE A 9 -3.18 11.14 -5.03
N SER A 10 -4.43 10.94 -5.44
CA SER A 10 -5.24 12.02 -5.99
C SER A 10 -5.62 13.03 -4.91
N HIS A 11 -5.63 12.58 -3.66
CA HIS A 11 -6.05 13.43 -2.54
C HIS A 11 -4.88 14.29 -2.04
N PHE A 12 -3.67 13.75 -2.10
CA PHE A 12 -2.51 14.45 -1.57
C PHE A 12 -1.68 15.11 -2.67
N LYS A 13 -2.07 14.88 -3.93
CA LYS A 13 -1.35 15.43 -5.07
C LYS A 13 0.10 14.98 -5.08
N LEU A 14 0.30 13.68 -4.89
CA LEU A 14 1.65 13.13 -4.80
C LEU A 14 2.39 13.24 -6.12
N VAL A 15 3.63 13.70 -6.06
CA VAL A 15 4.45 13.92 -7.24
C VAL A 15 5.07 12.61 -7.71
N LYS A 16 4.85 12.27 -8.97
CA LYS A 16 5.38 11.05 -9.54
C LYS A 16 6.81 11.26 -10.01
N VAL A 17 7.72 10.47 -9.46
CA VAL A 17 9.13 10.55 -9.81
C VAL A 17 9.43 9.78 -11.09
N GLY A 18 8.97 8.52 -11.13
CA GLY A 18 9.19 7.70 -12.29
C GLY A 18 8.57 6.32 -12.14
N THR A 19 8.36 5.63 -13.25
CA THR A 19 7.81 4.29 -13.22
C THR A 19 8.91 3.24 -13.20
N ILE A 20 8.77 2.25 -12.34
CA ILE A 20 9.73 1.15 -12.24
C ILE A 20 9.12 -0.15 -12.73
N ASN A 21 9.95 -0.99 -13.34
CA ASN A 21 9.48 -2.24 -13.92
C ASN A 21 10.22 -3.42 -13.31
N VAL A 22 9.50 -4.23 -12.53
CA VAL A 22 10.07 -5.45 -11.99
C VAL A 22 9.59 -6.65 -12.80
N SER A 23 10.45 -7.12 -13.68
CA SER A 23 10.15 -8.27 -14.50
C SER A 23 11.17 -9.36 -14.26
N GLN A 24 10.82 -10.32 -13.43
CA GLN A 24 11.76 -11.36 -13.02
C GLN A 24 11.22 -12.75 -13.31
N SER A 25 12.13 -13.70 -13.41
CA SER A 25 11.80 -15.08 -13.76
C SER A 25 11.31 -15.87 -12.54
N GLY A 26 10.64 -15.18 -11.62
CA GLY A 26 10.24 -15.81 -10.38
C GLY A 26 11.40 -15.92 -9.43
N GLY A 27 11.19 -16.61 -8.32
CA GLY A 27 12.24 -16.79 -7.32
C GLY A 27 12.53 -15.52 -6.55
N GLN A 28 13.04 -14.52 -7.26
CA GLN A 28 13.37 -13.22 -6.66
C GLN A 28 12.11 -12.53 -6.15
N ILE A 29 10.96 -12.99 -6.65
CA ILE A 29 9.66 -12.59 -6.11
C ILE A 29 8.82 -13.85 -5.90
N SER A 30 8.71 -14.29 -4.66
CA SER A 30 7.91 -15.46 -4.34
C SER A 30 6.81 -15.10 -3.36
N SER A 31 7.07 -14.08 -2.56
CA SER A 31 6.15 -13.65 -1.53
C SER A 31 5.98 -12.13 -1.59
N PRO A 32 4.89 -11.58 -1.01
CA PRO A 32 4.66 -10.12 -0.96
C PRO A 32 5.87 -9.35 -0.42
N SER A 33 6.63 -9.99 0.47
CA SER A 33 7.84 -9.38 1.02
C SER A 33 8.85 -9.10 -0.09
N ASP A 34 9.04 -10.06 -1.00
CA ASP A 34 9.98 -9.89 -2.11
C ASP A 34 9.52 -8.75 -3.00
N LEU A 35 8.22 -8.67 -3.18
CA LEU A 35 7.61 -7.62 -3.98
C LEU A 35 7.86 -6.25 -3.34
N ARG A 36 7.53 -6.14 -2.05
CA ARG A 36 7.74 -4.91 -1.30
C ARG A 36 9.22 -4.52 -1.33
N GLU A 37 10.07 -5.52 -1.14
CA GLU A 37 11.52 -5.34 -1.17
C GLU A 37 11.95 -4.52 -2.37
N LYS A 38 11.76 -5.08 -3.57
CA LYS A 38 12.27 -4.46 -4.78
C LYS A 38 11.51 -3.20 -5.15
N LEU A 39 10.20 -3.19 -4.94
CA LEU A 39 9.40 -2.01 -5.28
C LEU A 39 9.83 -0.80 -4.46
N SER A 40 10.15 -1.03 -3.18
CA SER A 40 10.59 0.06 -2.32
C SER A 40 12.06 0.36 -2.58
N GLU A 41 12.83 -0.68 -2.90
CA GLU A 41 14.25 -0.51 -3.19
C GLU A 41 14.45 0.34 -4.43
N LEU A 42 13.73 0.00 -5.50
CA LEU A 42 13.84 0.74 -6.75
C LEU A 42 13.27 2.15 -6.60
N ALA A 43 12.23 2.28 -5.77
CA ALA A 43 11.65 3.58 -5.49
C ALA A 43 12.65 4.44 -4.71
N ASP A 44 13.33 3.81 -3.77
CA ASP A 44 14.38 4.47 -2.99
C ASP A 44 15.53 4.87 -3.91
N ALA A 45 15.83 4.01 -4.87
CA ALA A 45 16.87 4.27 -5.85
C ALA A 45 16.49 5.44 -6.77
N LYS A 46 15.21 5.54 -7.08
CA LYS A 46 14.70 6.65 -7.87
C LYS A 46 14.76 7.95 -7.08
N GLY A 47 14.40 7.87 -5.81
CA GLY A 47 14.40 9.04 -4.95
C GLY A 47 13.02 9.38 -4.45
N GLY A 48 12.22 8.35 -4.17
CA GLY A 48 10.89 8.55 -3.66
C GLY A 48 10.65 7.78 -2.38
N LYS A 49 9.52 8.04 -1.74
CA LYS A 49 9.20 7.37 -0.48
C LYS A 49 7.87 6.63 -0.58
N TYR A 50 7.22 6.75 -1.73
CA TYR A 50 5.94 6.12 -1.96
C TYR A 50 5.98 5.34 -3.26
N TYR A 51 5.30 4.20 -3.30
CA TYR A 51 5.20 3.43 -4.52
C TYR A 51 3.76 3.02 -4.77
N HIS A 52 3.42 2.80 -6.03
CA HIS A 52 2.06 2.45 -6.41
C HIS A 52 2.07 1.44 -7.54
N ILE A 53 1.67 0.20 -7.23
CA ILE A 53 1.57 -0.82 -8.26
C ILE A 53 0.37 -0.54 -9.16
N ILE A 54 0.61 -0.46 -10.46
CA ILE A 54 -0.47 -0.27 -11.41
C ILE A 54 -0.80 -1.58 -12.12
N ALA A 55 0.22 -2.42 -12.26
CA ALA A 55 0.04 -3.69 -12.95
C ALA A 55 1.02 -4.73 -12.44
N ALA A 56 0.55 -5.56 -11.52
CA ALA A 56 1.32 -6.71 -11.06
C ALA A 56 0.77 -7.98 -11.72
N ARG A 57 1.21 -8.22 -12.94
CA ARG A 57 0.65 -9.30 -13.74
C ARG A 57 1.60 -10.48 -13.80
N GLU A 58 1.06 -11.64 -14.14
CA GLU A 58 1.85 -12.86 -14.22
C GLU A 58 1.92 -13.33 -15.66
N HIS A 59 3.08 -13.17 -16.28
CA HIS A 59 3.28 -13.59 -17.65
C HIS A 59 4.06 -14.90 -17.68
N GLY A 60 3.50 -15.91 -17.02
CA GLY A 60 4.10 -17.22 -17.03
C GLY A 60 5.35 -17.29 -16.18
N PRO A 61 6.51 -17.56 -16.79
CA PRO A 61 7.79 -17.62 -16.10
C PRO A 61 8.28 -16.24 -15.68
N ASN A 62 7.67 -15.21 -16.24
CA ASN A 62 8.07 -13.84 -15.95
C ASN A 62 6.96 -13.08 -15.24
N PHE A 63 7.19 -12.74 -13.99
CA PHE A 63 6.26 -11.93 -13.24
C PHE A 63 6.56 -10.46 -13.51
N GLU A 64 5.55 -9.71 -13.93
CA GLU A 64 5.75 -8.32 -14.30
C GLU A 64 5.04 -7.41 -13.31
N ALA A 65 5.82 -6.73 -12.48
CA ALA A 65 5.29 -5.79 -11.52
C ALA A 65 5.65 -4.37 -11.91
N VAL A 66 4.69 -3.65 -12.45
CA VAL A 66 4.88 -2.27 -12.84
C VAL A 66 4.37 -1.35 -11.74
N ALA A 67 5.26 -0.54 -11.19
CA ALA A 67 4.90 0.35 -10.10
C ALA A 67 5.40 1.77 -10.36
N GLU A 68 4.69 2.73 -9.81
CA GLU A 68 5.07 4.13 -9.95
C GLU A 68 5.71 4.63 -8.67
N VAL A 69 6.80 5.38 -8.80
CA VAL A 69 7.44 5.99 -7.65
C VAL A 69 6.86 7.37 -7.40
N TYR A 70 6.37 7.59 -6.20
CA TYR A 70 5.83 8.89 -5.81
C TYR A 70 6.63 9.47 -4.66
N ASN A 71 6.72 10.78 -4.64
CA ASN A 71 7.40 11.47 -3.56
C ASN A 71 6.67 12.76 -3.23
N ASP A 72 6.96 13.34 -2.06
CA ASP A 72 6.23 14.52 -1.61
C ASP A 72 6.78 15.77 -2.29
N ALA A 73 6.10 16.90 -2.07
CA ALA A 73 6.39 18.13 -2.80
C ALA A 73 7.52 18.94 -2.17
N THR A 74 8.61 18.27 -1.82
CA THR A 74 9.78 18.95 -1.28
C THR A 74 10.78 19.29 -2.38
N LYS A 75 10.46 18.87 -3.60
CA LYS A 75 11.30 19.17 -4.75
C LYS A 75 11.12 20.63 -5.16
N LEU A 76 12.12 21.44 -4.87
CA LEU A 76 12.02 22.87 -5.09
C LEU A 76 12.24 23.21 -6.56
N GLU A 77 11.39 24.08 -7.07
CA GLU A 77 11.48 24.53 -8.45
C GLU A 77 12.50 25.65 -8.57
N HIS A 78 13.21 25.71 -9.69
CA HIS A 78 14.08 26.85 -9.96
C HIS A 78 13.23 28.02 -10.46
N HIS A 79 12.74 28.80 -9.51
CA HIS A 79 11.80 29.87 -9.79
C HIS A 79 12.54 31.19 -9.96
N HIS A 80 13.83 31.18 -9.64
CA HIS A 80 14.65 32.37 -9.74
C HIS A 80 15.75 32.18 -10.76
N HIS A 81 16.46 33.26 -11.05
CA HIS A 81 17.60 33.20 -11.96
C HIS A 81 18.85 33.70 -11.25
N HIS A 82 19.85 32.86 -11.17
CA HIS A 82 21.11 33.23 -10.53
C HIS A 82 22.07 33.83 -11.55
N HIS A 83 22.85 34.80 -11.10
CA HIS A 83 23.85 35.44 -11.95
C HIS A 83 24.84 34.41 -12.47
N ALA B 1 0.97 -3.28 9.82
CA ALA B 1 0.10 -3.79 8.74
C ALA B 1 0.49 -3.14 7.41
N GLU B 2 0.35 -3.89 6.32
CA GLU B 2 0.72 -3.41 5.00
C GLU B 2 -0.49 -2.87 4.24
N GLN B 3 -0.26 -1.87 3.42
CA GLN B 3 -1.28 -1.33 2.53
C GLN B 3 -1.06 -1.91 1.14
N VAL B 4 -1.95 -2.80 0.72
CA VAL B 4 -1.79 -3.51 -0.56
C VAL B 4 -2.97 -3.28 -1.48
N SER B 5 -2.91 -3.79 -2.69
CA SER B 5 -4.04 -3.69 -3.60
C SER B 5 -4.63 -5.07 -3.88
N LYS B 6 -5.74 -5.10 -4.59
CA LYS B 6 -6.46 -6.35 -4.86
C LYS B 6 -5.58 -7.35 -5.61
N GLN B 7 -4.52 -6.86 -6.23
CA GLN B 7 -3.63 -7.69 -7.02
C GLN B 7 -2.89 -8.69 -6.12
N GLU B 8 -2.40 -8.20 -4.99
CA GLU B 8 -1.71 -9.06 -4.04
C GLU B 8 -2.72 -9.93 -3.32
N ILE B 9 -3.87 -9.33 -3.02
CA ILE B 9 -4.94 -10.00 -2.31
C ILE B 9 -5.49 -11.20 -3.09
N SER B 10 -5.74 -11.00 -4.38
CA SER B 10 -6.36 -12.03 -5.20
C SER B 10 -5.35 -13.11 -5.62
N HIS B 11 -4.11 -12.71 -5.87
CA HIS B 11 -3.10 -13.65 -6.33
C HIS B 11 -2.77 -14.66 -5.24
N PHE B 12 -2.64 -14.17 -4.00
CA PHE B 12 -2.29 -15.03 -2.88
C PHE B 12 -3.54 -15.54 -2.17
N LYS B 13 -4.69 -14.97 -2.53
CA LYS B 13 -5.98 -15.33 -1.93
C LYS B 13 -5.98 -15.14 -0.42
N LEU B 14 -6.10 -13.90 -0.01
CA LEU B 14 -6.10 -13.55 1.41
C LEU B 14 -7.51 -13.66 1.99
N VAL B 15 -7.59 -13.98 3.27
CA VAL B 15 -8.88 -14.14 3.94
C VAL B 15 -9.35 -12.80 4.50
N LYS B 16 -10.48 -12.33 4.03
CA LYS B 16 -11.02 -11.05 4.48
C LYS B 16 -11.57 -11.19 5.90
N VAL B 17 -11.09 -10.34 6.79
CA VAL B 17 -11.49 -10.39 8.20
C VAL B 17 -12.64 -9.41 8.46
N GLY B 18 -12.52 -8.21 7.92
CA GLY B 18 -13.51 -7.19 8.16
C GLY B 18 -13.16 -5.88 7.49
N THR B 19 -13.74 -4.81 8.00
CA THR B 19 -13.50 -3.48 7.45
C THR B 19 -13.23 -2.50 8.58
N ILE B 20 -12.23 -1.64 8.41
CA ILE B 20 -11.92 -0.63 9.41
C ILE B 20 -12.25 0.76 8.88
N ASN B 21 -13.04 1.51 9.64
CA ASN B 21 -13.46 2.84 9.23
C ASN B 21 -12.87 3.88 10.16
N VAL B 22 -12.00 4.72 9.62
CA VAL B 22 -11.42 5.83 10.38
C VAL B 22 -12.13 7.13 10.01
N SER B 23 -12.96 7.62 10.91
CA SER B 23 -13.66 8.87 10.68
C SER B 23 -13.32 9.87 11.79
N GLN B 24 -12.31 10.68 11.56
CA GLN B 24 -11.83 11.61 12.57
C GLN B 24 -12.01 13.05 12.11
N SER B 25 -12.11 13.96 13.07
CA SER B 25 -12.34 15.37 12.78
C SER B 25 -11.07 16.08 12.30
N GLY B 26 -10.53 15.59 11.20
CA GLY B 26 -9.41 16.25 10.55
C GLY B 26 -8.07 16.02 11.23
N GLY B 27 -7.90 16.62 12.41
CA GLY B 27 -6.60 16.69 13.06
C GLY B 27 -6.13 15.40 13.71
N GLN B 28 -6.22 14.28 12.99
CA GLN B 28 -5.62 13.03 13.43
C GLN B 28 -4.93 12.36 12.26
N ILE B 29 -5.34 12.71 11.04
CA ILE B 29 -4.69 12.22 9.83
C ILE B 29 -4.38 13.40 8.90
N SER B 30 -3.11 13.74 8.79
CA SER B 30 -2.69 14.82 7.91
C SER B 30 -1.85 14.27 6.77
N SER B 31 -1.25 13.11 6.99
CA SER B 31 -0.37 12.49 6.01
C SER B 31 -0.62 10.99 5.95
N PRO B 32 -0.09 10.29 4.93
CA PRO B 32 -0.18 8.83 4.83
C PRO B 32 0.44 8.14 6.05
N SER B 33 1.38 8.82 6.70
CA SER B 33 1.98 8.31 7.92
C SER B 33 0.93 8.17 9.02
N ASP B 34 0.14 9.22 9.20
CA ASP B 34 -0.94 9.22 10.18
C ASP B 34 -1.99 8.20 9.77
N LEU B 35 -2.23 8.14 8.47
CA LEU B 35 -3.18 7.21 7.89
C LEU B 35 -2.81 5.77 8.28
N ARG B 36 -1.61 5.33 7.92
CA ARG B 36 -1.18 3.97 8.23
C ARG B 36 -1.13 3.74 9.74
N GLU B 37 -0.76 4.78 10.48
CA GLU B 37 -0.67 4.69 11.94
C GLU B 37 -2.02 4.26 12.53
N LYS B 38 -3.07 5.00 12.19
CA LYS B 38 -4.40 4.73 12.70
C LYS B 38 -4.92 3.40 12.17
N LEU B 39 -4.69 3.15 10.90
CA LEU B 39 -5.17 1.94 10.24
C LEU B 39 -4.52 0.69 10.83
N SER B 40 -3.20 0.73 11.00
CA SER B 40 -2.47 -0.42 11.54
C SER B 40 -2.96 -0.77 12.94
N GLU B 41 -3.20 0.26 13.75
CA GLU B 41 -3.67 0.06 15.11
C GLU B 41 -5.00 -0.70 15.10
N LEU B 42 -5.93 -0.23 14.29
CA LEU B 42 -7.26 -0.84 14.22
C LEU B 42 -7.21 -2.21 13.56
N ALA B 43 -6.51 -2.30 12.43
CA ALA B 43 -6.45 -3.54 11.65
C ALA B 43 -5.78 -4.65 12.46
N ASP B 44 -4.72 -4.31 13.18
CA ASP B 44 -3.98 -5.30 13.96
C ASP B 44 -4.82 -5.75 15.15
N ALA B 45 -5.64 -4.84 15.69
CA ALA B 45 -6.55 -5.18 16.76
C ALA B 45 -7.63 -6.14 16.27
N LYS B 46 -8.03 -5.98 15.02
CA LYS B 46 -8.98 -6.89 14.39
C LYS B 46 -8.33 -8.25 14.14
N GLY B 47 -7.02 -8.22 13.90
CA GLY B 47 -6.30 -9.43 13.63
C GLY B 47 -5.94 -9.56 12.16
N GLY B 48 -5.64 -8.44 11.53
CA GLY B 48 -5.26 -8.43 10.13
C GLY B 48 -3.85 -7.94 9.92
N LYS B 49 -3.23 -8.41 8.86
CA LYS B 49 -1.85 -8.03 8.56
C LYS B 49 -1.80 -7.13 7.32
N TYR B 50 -2.74 -7.33 6.42
CA TYR B 50 -2.77 -6.58 5.18
C TYR B 50 -4.13 -5.92 5.03
N TYR B 51 -4.15 -4.69 4.55
CA TYR B 51 -5.40 -4.00 4.31
C TYR B 51 -5.32 -3.22 3.00
N HIS B 52 -6.47 -2.87 2.47
CA HIS B 52 -6.54 -2.09 1.24
C HIS B 52 -7.46 -0.89 1.42
N ILE B 53 -6.94 0.28 1.08
CA ILE B 53 -7.74 1.51 1.11
C ILE B 53 -8.78 1.48 0.00
N ILE B 54 -10.04 1.58 0.38
CA ILE B 54 -11.12 1.64 -0.59
C ILE B 54 -11.74 3.04 -0.62
N ALA B 55 -11.48 3.80 0.43
CA ALA B 55 -11.97 5.16 0.53
C ALA B 55 -11.08 6.00 1.43
N ALA B 56 -10.63 7.12 0.90
CA ALA B 56 -9.81 8.07 1.65
C ALA B 56 -10.35 9.47 1.44
N ARG B 57 -11.65 9.62 1.61
CA ARG B 57 -12.34 10.84 1.26
C ARG B 57 -12.27 11.86 2.38
N GLU B 58 -12.20 13.13 2.00
CA GLU B 58 -12.19 14.21 2.96
C GLU B 58 -13.61 14.76 3.09
N HIS B 59 -14.37 14.17 4.00
CA HIS B 59 -15.78 14.45 4.16
C HIS B 59 -15.99 15.69 5.01
N GLY B 60 -15.63 16.85 4.47
CA GLY B 60 -15.81 18.08 5.20
C GLY B 60 -14.80 18.23 6.33
N PRO B 61 -15.28 18.36 7.57
CA PRO B 61 -14.44 18.43 8.75
C PRO B 61 -14.08 17.03 9.27
N ASN B 62 -14.48 16.02 8.52
CA ASN B 62 -14.23 14.64 8.91
C ASN B 62 -13.48 13.90 7.81
N PHE B 63 -12.35 13.33 8.15
CA PHE B 63 -11.60 12.52 7.21
C PHE B 63 -12.03 11.08 7.35
N GLU B 64 -12.51 10.48 6.26
CA GLU B 64 -13.00 9.12 6.30
C GLU B 64 -12.07 8.18 5.55
N ALA B 65 -11.35 7.37 6.30
CA ALA B 65 -10.47 6.38 5.72
C ALA B 65 -11.04 4.99 5.95
N VAL B 66 -11.53 4.39 4.89
CA VAL B 66 -12.13 3.06 4.97
C VAL B 66 -11.22 2.05 4.28
N ALA B 67 -10.83 1.02 5.02
CA ALA B 67 -9.94 0.00 4.50
C ALA B 67 -10.49 -1.39 4.77
N GLU B 68 -10.13 -2.33 3.91
CA GLU B 68 -10.58 -3.71 4.05
C GLU B 68 -9.47 -4.56 4.65
N VAL B 69 -9.78 -5.23 5.74
CA VAL B 69 -8.78 -5.98 6.49
C VAL B 69 -8.69 -7.42 6.01
N TYR B 70 -7.47 -7.84 5.68
CA TYR B 70 -7.22 -9.20 5.23
C TYR B 70 -6.17 -9.88 6.09
N ASN B 71 -6.28 -11.19 6.21
CA ASN B 71 -5.33 -11.99 6.95
C ASN B 71 -4.88 -13.16 6.09
N ASP B 72 -3.66 -13.63 6.30
CA ASP B 72 -3.13 -14.75 5.53
C ASP B 72 -3.89 -16.03 5.86
N ALA B 73 -3.86 -17.00 4.94
CA ALA B 73 -4.55 -18.26 5.15
C ALA B 73 -3.88 -19.08 6.25
N THR B 74 -4.21 -18.74 7.48
CA THR B 74 -3.61 -19.36 8.65
C THR B 74 -4.68 -19.96 9.56
N LYS B 75 -5.91 -19.97 9.08
CA LYS B 75 -7.04 -20.42 9.87
C LYS B 75 -7.29 -21.91 9.66
N LEU B 76 -7.08 -22.70 10.69
CA LEU B 76 -7.43 -24.11 10.66
C LEU B 76 -8.91 -24.27 10.97
N GLU B 77 -9.69 -24.68 9.96
CA GLU B 77 -11.12 -24.85 10.12
C GLU B 77 -11.45 -25.86 11.22
N HIS B 78 -12.53 -25.63 11.93
CA HIS B 78 -12.95 -26.53 12.99
C HIS B 78 -13.70 -27.72 12.41
N HIS B 79 -12.95 -28.58 11.75
CA HIS B 79 -13.50 -29.74 11.07
C HIS B 79 -12.77 -31.00 11.52
N HIS B 80 -12.54 -31.10 12.83
CA HIS B 80 -11.81 -32.22 13.39
C HIS B 80 -12.52 -32.75 14.63
N HIS B 81 -12.55 -34.07 14.78
CA HIS B 81 -13.18 -34.69 15.93
C HIS B 81 -12.14 -35.25 16.88
N HIS B 82 -12.13 -34.74 18.10
CA HIS B 82 -11.21 -35.24 19.13
C HIS B 82 -11.68 -36.61 19.60
N HIS B 83 -12.96 -36.87 19.42
CA HIS B 83 -13.56 -38.14 19.78
C HIS B 83 -14.50 -38.59 18.66
N ALA A 1 10.78 3.08 0.60
CA ALA A 1 9.56 3.74 0.06
C ALA A 1 8.31 2.93 0.41
N GLU A 2 7.17 3.61 0.47
CA GLU A 2 5.91 2.98 0.88
C GLU A 2 4.92 2.93 -0.29
N GLN A 3 3.86 2.16 -0.13
CA GLN A 3 2.84 2.04 -1.17
C GLN A 3 1.56 2.73 -0.74
N VAL A 4 0.94 3.43 -1.69
CA VAL A 4 -0.34 4.08 -1.45
C VAL A 4 -1.30 3.77 -2.61
N SER A 5 -2.58 4.03 -2.43
CA SER A 5 -3.54 3.85 -3.49
C SER A 5 -3.72 5.16 -4.25
N LYS A 6 -4.43 5.11 -5.37
CA LYS A 6 -4.55 6.26 -6.25
C LYS A 6 -5.36 7.37 -5.59
N GLN A 7 -6.00 7.04 -4.49
CA GLN A 7 -6.77 8.00 -3.73
C GLN A 7 -5.84 8.88 -2.90
N GLU A 8 -4.84 8.27 -2.27
CA GLU A 8 -3.89 9.04 -1.47
C GLU A 8 -3.08 9.96 -2.37
N ILE A 9 -2.73 9.44 -3.55
CA ILE A 9 -2.01 10.20 -4.55
C ILE A 9 -2.79 11.46 -4.94
N SER A 10 -4.09 11.30 -5.15
CA SER A 10 -4.95 12.38 -5.58
C SER A 10 -5.25 13.35 -4.43
N HIS A 11 -5.38 12.81 -3.22
CA HIS A 11 -5.77 13.60 -2.07
C HIS A 11 -4.58 14.39 -1.51
N PHE A 12 -3.43 13.74 -1.42
CA PHE A 12 -2.23 14.39 -0.88
C PHE A 12 -1.45 15.10 -1.98
N LYS A 13 -1.82 14.82 -3.23
CA LYS A 13 -1.17 15.42 -4.40
C LYS A 13 0.30 15.03 -4.48
N LEU A 14 0.53 13.82 -4.96
CA LEU A 14 1.89 13.31 -5.08
C LEU A 14 2.43 13.56 -6.48
N VAL A 15 3.72 13.83 -6.57
CA VAL A 15 4.36 14.09 -7.86
C VAL A 15 5.07 12.83 -8.35
N LYS A 16 4.75 12.42 -9.57
CA LYS A 16 5.34 11.23 -10.14
C LYS A 16 6.79 11.47 -10.55
N VAL A 17 7.66 10.56 -10.16
CA VAL A 17 9.06 10.62 -10.52
C VAL A 17 9.31 9.80 -11.79
N GLY A 18 8.68 8.64 -11.84
CA GLY A 18 8.83 7.75 -12.98
C GLY A 18 8.08 6.45 -12.76
N THR A 19 8.32 5.47 -13.62
CA THR A 19 7.68 4.18 -13.51
C THR A 19 8.73 3.08 -13.37
N ILE A 20 8.50 2.14 -12.47
CA ILE A 20 9.45 1.05 -12.25
C ILE A 20 8.84 -0.29 -12.67
N ASN A 21 9.69 -1.17 -13.14
CA ASN A 21 9.26 -2.48 -13.59
C ASN A 21 10.14 -3.58 -12.98
N VAL A 22 9.51 -4.50 -12.27
CA VAL A 22 10.23 -5.64 -11.74
C VAL A 22 9.98 -6.85 -12.61
N SER A 23 10.94 -7.16 -13.47
CA SER A 23 10.83 -8.31 -14.36
C SER A 23 11.72 -9.43 -13.87
N GLN A 24 11.10 -10.55 -13.52
CA GLN A 24 11.82 -11.69 -12.97
C GLN A 24 11.79 -12.87 -13.92
N SER A 25 12.76 -13.75 -13.78
CA SER A 25 12.76 -15.01 -14.51
C SER A 25 11.94 -16.05 -13.74
N GLY A 26 11.58 -15.70 -12.51
CA GLY A 26 10.73 -16.57 -11.71
C GLY A 26 11.37 -16.99 -10.41
N GLY A 27 10.57 -17.05 -9.34
CA GLY A 27 11.03 -17.60 -8.08
C GLY A 27 11.75 -16.60 -7.19
N GLN A 28 12.06 -15.42 -7.73
CA GLN A 28 12.81 -14.42 -6.99
C GLN A 28 11.99 -13.84 -5.84
N ILE A 29 10.85 -13.24 -6.17
CA ILE A 29 9.94 -12.72 -5.16
C ILE A 29 9.04 -13.83 -4.63
N SER A 30 8.92 -13.91 -3.32
CA SER A 30 8.13 -14.96 -2.69
C SER A 30 6.92 -14.40 -1.95
N SER A 31 7.15 -13.53 -0.98
CA SER A 31 6.08 -13.02 -0.14
C SER A 31 5.67 -11.61 -0.57
N PRO A 32 4.49 -11.14 -0.12
CA PRO A 32 4.03 -9.76 -0.38
C PRO A 32 5.03 -8.74 0.13
N SER A 33 5.65 -9.04 1.27
CA SER A 33 6.67 -8.18 1.85
C SER A 33 7.89 -8.12 0.94
N ASP A 34 8.23 -9.27 0.36
CA ASP A 34 9.36 -9.36 -0.54
C ASP A 34 9.07 -8.59 -1.83
N LEU A 35 7.84 -8.73 -2.31
CA LEU A 35 7.37 -7.98 -3.47
C LEU A 35 7.45 -6.48 -3.21
N ARG A 36 6.91 -6.06 -2.07
CA ARG A 36 6.90 -4.66 -1.70
C ARG A 36 8.32 -4.11 -1.59
N GLU A 37 9.25 -4.95 -1.12
CA GLU A 37 10.61 -4.52 -0.90
C GLU A 37 11.33 -4.27 -2.23
N LYS A 38 11.05 -5.09 -3.23
CA LYS A 38 11.63 -4.89 -4.56
C LYS A 38 11.11 -3.60 -5.19
N LEU A 39 9.83 -3.32 -4.97
CA LEU A 39 9.24 -2.08 -5.44
C LEU A 39 9.85 -0.90 -4.71
N SER A 40 9.99 -1.05 -3.39
CA SER A 40 10.62 -0.04 -2.57
C SER A 40 12.07 0.19 -3.00
N GLU A 41 12.78 -0.91 -3.22
CA GLU A 41 14.17 -0.86 -3.66
C GLU A 41 14.35 0.06 -4.86
N LEU A 42 13.57 -0.21 -5.91
CA LEU A 42 13.68 0.53 -7.14
C LEU A 42 13.16 1.96 -6.99
N ALA A 43 12.00 2.11 -6.37
CA ALA A 43 11.37 3.42 -6.21
C ALA A 43 12.19 4.35 -5.33
N ASP A 44 12.69 3.81 -4.24
CA ASP A 44 13.48 4.59 -3.28
C ASP A 44 14.78 5.04 -3.94
N ALA A 45 15.32 4.17 -4.81
CA ALA A 45 16.52 4.48 -5.56
C ALA A 45 16.27 5.58 -6.58
N LYS A 46 15.11 5.53 -7.25
CA LYS A 46 14.75 6.55 -8.23
C LYS A 46 14.70 7.92 -7.58
N GLY A 47 14.04 8.00 -6.45
CA GLY A 47 13.89 9.26 -5.75
C GLY A 47 12.46 9.50 -5.32
N GLY A 48 11.74 8.43 -5.04
CA GLY A 48 10.36 8.56 -4.62
C GLY A 48 10.13 7.93 -3.27
N LYS A 49 9.29 8.56 -2.47
CA LYS A 49 9.03 8.07 -1.12
C LYS A 49 7.86 7.11 -1.12
N TYR A 50 7.05 7.19 -2.17
CA TYR A 50 5.87 6.36 -2.29
C TYR A 50 5.76 5.79 -3.69
N TYR A 51 4.94 4.77 -3.84
CA TYR A 51 4.69 4.16 -5.14
C TYR A 51 3.31 3.53 -5.18
N HIS A 52 2.81 3.26 -6.37
CA HIS A 52 1.51 2.62 -6.52
C HIS A 52 1.61 1.49 -7.53
N ILE A 53 1.24 0.29 -7.10
CA ILE A 53 1.21 -0.86 -7.98
C ILE A 53 0.03 -0.72 -8.95
N ILE A 54 0.32 -0.58 -10.22
CA ILE A 54 -0.73 -0.43 -11.22
C ILE A 54 -0.95 -1.74 -11.96
N ALA A 55 0.09 -2.56 -12.05
CA ALA A 55 -0.01 -3.84 -12.73
C ALA A 55 1.08 -4.81 -12.29
N ALA A 56 0.83 -5.52 -11.20
CA ALA A 56 1.71 -6.61 -10.81
C ALA A 56 1.16 -7.90 -11.39
N ARG A 57 1.61 -8.22 -12.60
CA ARG A 57 1.00 -9.28 -13.36
C ARG A 57 1.91 -10.51 -13.44
N GLU A 58 1.29 -11.65 -13.69
CA GLU A 58 2.01 -12.90 -13.82
C GLU A 58 2.22 -13.19 -15.31
N HIS A 59 3.44 -13.56 -15.68
CA HIS A 59 3.78 -13.80 -17.07
C HIS A 59 4.42 -15.17 -17.23
N GLY A 60 3.62 -16.21 -17.08
CA GLY A 60 4.14 -17.55 -17.15
C GLY A 60 4.92 -17.89 -15.89
N PRO A 61 6.18 -18.32 -16.01
CA PRO A 61 7.07 -18.49 -14.88
C PRO A 61 7.62 -17.14 -14.43
N ASN A 62 7.54 -16.16 -15.33
CA ASN A 62 8.06 -14.83 -15.09
C ASN A 62 7.03 -13.98 -14.35
N PHE A 63 7.51 -12.96 -13.67
CA PHE A 63 6.63 -12.05 -12.96
C PHE A 63 7.00 -10.61 -13.30
N GLU A 64 6.00 -9.82 -13.69
CA GLU A 64 6.23 -8.44 -14.06
C GLU A 64 5.43 -7.50 -13.17
N ALA A 65 6.14 -6.76 -12.32
CA ALA A 65 5.49 -5.84 -11.41
C ALA A 65 5.69 -4.40 -11.87
N VAL A 66 4.62 -3.80 -12.35
CA VAL A 66 4.65 -2.42 -12.80
C VAL A 66 4.09 -1.49 -11.73
N ALA A 67 4.91 -0.57 -11.27
CA ALA A 67 4.50 0.40 -10.26
C ALA A 67 5.01 1.78 -10.61
N GLU A 68 4.27 2.81 -10.23
CA GLU A 68 4.67 4.18 -10.49
C GLU A 68 5.25 4.81 -9.23
N VAL A 69 6.33 5.55 -9.39
CA VAL A 69 7.04 6.14 -8.26
C VAL A 69 6.56 7.57 -8.01
N TYR A 70 6.24 7.87 -6.76
CA TYR A 70 5.73 9.18 -6.39
C TYR A 70 6.52 9.79 -5.24
N ASN A 71 6.68 11.11 -5.31
CA ASN A 71 7.31 11.88 -4.25
C ASN A 71 6.36 12.99 -3.84
N ASP A 72 6.22 13.23 -2.55
CA ASP A 72 5.21 14.17 -2.06
C ASP A 72 5.66 15.63 -2.24
N ALA A 73 5.70 16.05 -3.50
CA ALA A 73 6.01 17.43 -3.90
C ALA A 73 7.49 17.78 -3.70
N THR A 74 8.17 17.03 -2.83
CA THR A 74 9.56 17.33 -2.45
C THR A 74 9.58 18.63 -1.63
N LYS A 75 10.76 19.10 -1.25
CA LYS A 75 10.86 20.34 -0.48
C LYS A 75 10.80 21.57 -1.38
N LEU A 76 10.87 21.35 -2.69
CA LEU A 76 10.89 22.43 -3.69
C LEU A 76 12.10 23.35 -3.51
N GLU A 77 13.04 22.92 -2.69
CA GLU A 77 14.23 23.70 -2.43
C GLU A 77 15.39 23.15 -3.26
N HIS A 78 15.54 23.71 -4.46
CA HIS A 78 16.59 23.26 -5.36
C HIS A 78 17.90 23.93 -5.00
N HIS A 79 18.66 23.29 -4.12
CA HIS A 79 19.90 23.87 -3.64
C HIS A 79 21.00 23.66 -4.67
N HIS A 80 20.86 22.62 -5.45
CA HIS A 80 21.78 22.33 -6.54
C HIS A 80 21.13 22.67 -7.87
N HIS A 81 21.65 23.68 -8.53
CA HIS A 81 21.09 24.14 -9.79
C HIS A 81 21.90 23.62 -10.96
N HIS A 82 21.33 23.71 -12.15
CA HIS A 82 22.02 23.43 -13.41
C HIS A 82 21.06 23.69 -14.55
N HIS A 83 21.56 24.28 -15.63
CA HIS A 83 20.70 24.56 -16.76
C HIS A 83 20.84 23.48 -17.81
N ALA B 1 0.81 -3.59 10.14
CA ALA B 1 0.03 -4.13 9.02
C ALA B 1 0.34 -3.36 7.74
N GLU B 2 0.41 -4.07 6.63
CA GLU B 2 0.81 -3.49 5.35
C GLU B 2 -0.39 -3.26 4.45
N GLN B 3 -0.26 -2.36 3.48
CA GLN B 3 -1.30 -2.18 2.48
C GLN B 3 -0.90 -2.85 1.18
N VAL B 4 -1.81 -3.66 0.66
CA VAL B 4 -1.61 -4.33 -0.63
C VAL B 4 -2.74 -3.94 -1.56
N SER B 5 -2.49 -3.98 -2.86
CA SER B 5 -3.51 -3.62 -3.82
C SER B 5 -4.23 -4.86 -4.34
N LYS B 6 -5.16 -4.64 -5.25
CA LYS B 6 -6.01 -5.71 -5.77
C LYS B 6 -5.18 -6.83 -6.40
N GLN B 7 -3.99 -6.48 -6.87
CA GLN B 7 -3.13 -7.43 -7.57
C GLN B 7 -2.57 -8.46 -6.60
N GLU B 8 -2.19 -8.03 -5.40
CA GLU B 8 -1.64 -8.95 -4.41
C GLU B 8 -2.76 -9.80 -3.83
N ILE B 9 -3.88 -9.16 -3.53
CA ILE B 9 -5.03 -9.84 -2.95
C ILE B 9 -5.49 -10.99 -3.85
N SER B 10 -5.57 -10.72 -5.14
CA SER B 10 -6.05 -11.71 -6.10
C SER B 10 -5.02 -12.83 -6.31
N HIS B 11 -3.74 -12.49 -6.25
CA HIS B 11 -2.68 -13.46 -6.51
C HIS B 11 -2.47 -14.36 -5.30
N PHE B 12 -2.36 -13.75 -4.12
CA PHE B 12 -2.06 -14.49 -2.91
C PHE B 12 -3.32 -15.10 -2.30
N LYS B 13 -4.48 -14.73 -2.85
CA LYS B 13 -5.76 -15.29 -2.42
C LYS B 13 -6.03 -14.99 -0.95
N LEU B 14 -5.84 -13.72 -0.60
CA LEU B 14 -5.98 -13.28 0.79
C LEU B 14 -7.40 -13.46 1.30
N VAL B 15 -7.52 -13.86 2.56
CA VAL B 15 -8.81 -14.06 3.19
C VAL B 15 -9.27 -12.76 3.86
N LYS B 16 -10.53 -12.40 3.65
CA LYS B 16 -11.07 -11.18 4.23
C LYS B 16 -11.28 -11.34 5.73
N VAL B 17 -10.72 -10.42 6.50
CA VAL B 17 -10.86 -10.43 7.95
C VAL B 17 -12.01 -9.52 8.37
N GLY B 18 -12.08 -8.35 7.76
CA GLY B 18 -13.11 -7.40 8.09
C GLY B 18 -12.89 -6.07 7.40
N THR B 19 -13.47 -5.02 7.96
CA THR B 19 -13.36 -3.68 7.39
C THR B 19 -13.12 -2.66 8.49
N ILE B 20 -12.12 -1.82 8.30
CA ILE B 20 -11.77 -0.82 9.30
C ILE B 20 -12.09 0.58 8.78
N ASN B 21 -12.58 1.42 9.67
CA ASN B 21 -12.93 2.78 9.31
C ASN B 21 -12.40 3.76 10.35
N VAL B 22 -11.50 4.62 9.91
CA VAL B 22 -11.01 5.68 10.77
C VAL B 22 -11.69 6.98 10.40
N SER B 23 -12.69 7.36 11.18
CA SER B 23 -13.43 8.57 10.93
C SER B 23 -13.29 9.51 12.11
N GLN B 24 -12.55 10.58 11.93
CA GLN B 24 -12.30 11.53 13.00
C GLN B 24 -12.72 12.94 12.61
N SER B 25 -12.70 13.84 13.58
CA SER B 25 -13.26 15.17 13.42
C SER B 25 -12.26 16.11 12.74
N GLY B 26 -10.98 15.84 12.92
CA GLY B 26 -9.97 16.70 12.36
C GLY B 26 -8.83 16.93 13.33
N GLY B 27 -7.66 17.28 12.80
CA GLY B 27 -6.49 17.45 13.65
C GLY B 27 -6.01 16.14 14.20
N GLN B 28 -6.34 15.06 13.50
CA GLN B 28 -5.96 13.72 13.92
C GLN B 28 -5.10 13.06 12.87
N ILE B 29 -5.62 13.00 11.65
CA ILE B 29 -4.88 12.45 10.52
C ILE B 29 -4.54 13.55 9.54
N SER B 30 -3.27 13.66 9.20
CA SER B 30 -2.77 14.73 8.38
C SER B 30 -1.77 14.22 7.32
N SER B 31 -1.23 13.04 7.54
CA SER B 31 -0.17 12.52 6.68
C SER B 31 -0.22 11.00 6.64
N PRO B 32 0.49 10.37 5.70
CA PRO B 32 0.59 8.90 5.64
C PRO B 32 1.10 8.31 6.96
N SER B 33 1.88 9.08 7.72
CA SER B 33 2.43 8.62 8.98
C SER B 33 1.32 8.34 10.00
N ASP B 34 0.48 9.34 10.26
CA ASP B 34 -0.62 9.20 11.21
C ASP B 34 -1.72 8.30 10.66
N LEU B 35 -1.95 8.38 9.35
CA LEU B 35 -2.92 7.53 8.68
C LEU B 35 -2.53 6.06 8.84
N ARG B 36 -1.29 5.73 8.48
CA ARG B 36 -0.78 4.37 8.58
C ARG B 36 -0.89 3.83 10.00
N GLU B 37 -0.67 4.70 10.98
CA GLU B 37 -0.77 4.31 12.38
C GLU B 37 -2.13 3.74 12.69
N LYS B 38 -3.17 4.53 12.45
CA LYS B 38 -4.54 4.12 12.78
C LYS B 38 -5.01 2.95 11.92
N LEU B 39 -4.53 2.90 10.68
CA LEU B 39 -4.88 1.78 9.80
C LEU B 39 -4.28 0.48 10.33
N SER B 40 -2.99 0.51 10.65
CA SER B 40 -2.30 -0.65 11.17
C SER B 40 -2.87 -1.04 12.53
N GLU B 41 -3.20 -0.03 13.32
CA GLU B 41 -3.78 -0.23 14.65
C GLU B 41 -5.05 -1.06 14.58
N LEU B 42 -5.97 -0.64 13.72
CA LEU B 42 -7.27 -1.30 13.60
C LEU B 42 -7.15 -2.65 12.88
N ALA B 43 -6.28 -2.73 11.89
CA ALA B 43 -6.08 -3.97 11.15
C ALA B 43 -5.56 -5.08 12.07
N ASP B 44 -4.65 -4.72 12.95
CA ASP B 44 -4.10 -5.65 13.92
C ASP B 44 -5.17 -6.07 14.93
N ALA B 45 -6.04 -5.13 15.29
CA ALA B 45 -7.11 -5.39 16.23
C ALA B 45 -8.17 -6.32 15.63
N LYS B 46 -8.32 -6.26 14.30
CA LYS B 46 -9.23 -7.16 13.60
C LYS B 46 -8.63 -8.56 13.49
N GLY B 47 -7.31 -8.61 13.41
CA GLY B 47 -6.62 -9.87 13.29
C GLY B 47 -6.15 -10.13 11.87
N GLY B 48 -5.76 -9.07 11.18
CA GLY B 48 -5.26 -9.21 9.82
C GLY B 48 -3.87 -8.64 9.68
N LYS B 49 -3.16 -9.03 8.62
CA LYS B 49 -1.81 -8.54 8.38
C LYS B 49 -1.81 -7.47 7.31
N TYR B 50 -2.82 -7.49 6.46
CA TYR B 50 -2.86 -6.60 5.30
C TYR B 50 -4.19 -5.86 5.22
N TYR B 51 -4.18 -4.74 4.53
CA TYR B 51 -5.39 -3.98 4.29
C TYR B 51 -5.27 -3.20 2.99
N HIS B 52 -6.37 -2.64 2.53
CA HIS B 52 -6.37 -1.80 1.35
C HIS B 52 -7.43 -0.73 1.50
N ILE B 53 -7.02 0.53 1.37
CA ILE B 53 -7.94 1.65 1.47
C ILE B 53 -8.87 1.68 0.28
N ILE B 54 -10.16 1.70 0.53
CA ILE B 54 -11.15 1.76 -0.53
C ILE B 54 -11.79 3.14 -0.59
N ALA B 55 -11.68 3.88 0.50
CA ALA B 55 -12.23 5.22 0.57
C ALA B 55 -11.46 6.09 1.54
N ALA B 56 -10.52 6.87 1.01
CA ALA B 56 -9.82 7.87 1.80
C ALA B 56 -10.40 9.24 1.51
N ARG B 57 -11.64 9.44 1.93
CA ARG B 57 -12.39 10.62 1.54
C ARG B 57 -12.44 11.64 2.67
N GLU B 58 -12.45 12.91 2.31
CA GLU B 58 -12.61 13.96 3.28
C GLU B 58 -14.06 14.43 3.25
N HIS B 59 -14.75 14.25 4.36
CA HIS B 59 -16.19 14.52 4.43
C HIS B 59 -16.42 15.79 5.22
N GLY B 60 -16.34 16.91 4.53
CA GLY B 60 -16.44 18.20 5.18
C GLY B 60 -15.17 18.51 5.93
N PRO B 61 -15.28 18.89 7.22
CA PRO B 61 -14.12 19.06 8.09
C PRO B 61 -13.60 17.72 8.58
N ASN B 62 -14.42 16.69 8.44
CA ASN B 62 -14.10 15.36 8.93
C ASN B 62 -13.36 14.56 7.88
N PHE B 63 -12.58 13.59 8.32
CA PHE B 63 -11.87 12.69 7.41
C PHE B 63 -12.28 11.25 7.67
N GLU B 64 -12.63 10.54 6.62
CA GLU B 64 -13.10 9.16 6.74
C GLU B 64 -12.22 8.23 5.93
N ALA B 65 -11.47 7.38 6.63
CA ALA B 65 -10.62 6.40 5.97
C ALA B 65 -11.24 5.01 6.09
N VAL B 66 -11.73 4.50 4.98
CA VAL B 66 -12.32 3.16 4.94
C VAL B 66 -11.38 2.20 4.25
N ALA B 67 -11.02 1.12 4.94
CA ALA B 67 -10.09 0.15 4.39
C ALA B 67 -10.59 -1.27 4.64
N GLU B 68 -10.22 -2.18 3.74
CA GLU B 68 -10.63 -3.58 3.85
C GLU B 68 -9.46 -4.40 4.38
N VAL B 69 -9.71 -5.18 5.43
CA VAL B 69 -8.66 -5.94 6.09
C VAL B 69 -8.59 -7.36 5.55
N TYR B 70 -7.38 -7.79 5.22
CA TYR B 70 -7.16 -9.14 4.69
C TYR B 70 -6.03 -9.83 5.44
N ASN B 71 -6.02 -11.14 5.37
CA ASN B 71 -4.99 -11.94 6.00
C ASN B 71 -4.69 -13.14 5.11
N ASP B 72 -3.44 -13.55 5.06
CA ASP B 72 -3.07 -14.73 4.29
C ASP B 72 -3.53 -15.99 5.02
N ALA B 73 -3.75 -17.06 4.27
CA ALA B 73 -4.28 -18.29 4.84
C ALA B 73 -3.24 -18.98 5.72
N THR B 74 -3.31 -18.71 7.01
CA THR B 74 -2.41 -19.32 7.97
C THR B 74 -3.08 -19.35 9.35
N LYS B 75 -2.32 -19.75 10.37
CA LYS B 75 -2.83 -19.86 11.73
C LYS B 75 -3.98 -20.87 11.79
N LEU B 76 -3.84 -21.95 11.02
CA LEU B 76 -4.86 -22.99 10.96
C LEU B 76 -4.99 -23.66 12.32
N GLU B 77 -3.87 -23.80 13.01
CA GLU B 77 -3.89 -24.34 14.36
C GLU B 77 -4.47 -23.31 15.32
N HIS B 78 -5.77 -23.39 15.54
CA HIS B 78 -6.39 -22.59 16.58
C HIS B 78 -6.18 -23.29 17.90
N HIS B 79 -5.39 -22.70 18.77
CA HIS B 79 -4.92 -23.38 19.98
C HIS B 79 -6.06 -23.60 20.98
N HIS B 80 -7.24 -23.11 20.64
CA HIS B 80 -8.44 -23.34 21.43
C HIS B 80 -9.62 -23.59 20.50
N HIS B 81 -10.09 -24.83 20.45
CA HIS B 81 -11.24 -25.18 19.62
C HIS B 81 -12.52 -24.99 20.44
N HIS B 82 -13.61 -24.66 19.77
CA HIS B 82 -14.87 -24.40 20.46
C HIS B 82 -16.05 -24.98 19.69
N HIS B 83 -17.18 -25.09 20.36
CA HIS B 83 -18.41 -25.50 19.72
C HIS B 83 -19.58 -24.73 20.32
N ALA A 1 9.08 2.41 2.32
CA ALA A 1 8.28 2.84 1.15
C ALA A 1 6.90 2.17 1.19
N GLU A 2 5.86 2.99 1.32
CA GLU A 2 4.51 2.48 1.45
C GLU A 2 3.79 2.54 0.11
N GLN A 3 2.70 1.81 -0.01
CA GLN A 3 1.92 1.83 -1.24
C GLN A 3 0.61 2.59 -1.03
N VAL A 4 0.29 3.44 -1.98
CA VAL A 4 -0.98 4.16 -1.97
C VAL A 4 -1.65 3.98 -3.34
N SER A 5 -2.97 4.02 -3.36
CA SER A 5 -3.70 3.81 -4.59
C SER A 5 -4.00 5.14 -5.27
N LYS A 6 -4.60 5.06 -6.45
CA LYS A 6 -4.89 6.23 -7.27
C LYS A 6 -5.84 7.20 -6.55
N GLN A 7 -6.51 6.70 -5.53
CA GLN A 7 -7.41 7.52 -4.74
C GLN A 7 -6.63 8.43 -3.80
N GLU A 8 -5.65 7.86 -3.11
CA GLU A 8 -4.85 8.62 -2.15
C GLU A 8 -3.90 9.56 -2.88
N ILE A 9 -3.29 9.05 -3.94
CA ILE A 9 -2.34 9.81 -4.73
C ILE A 9 -2.94 11.13 -5.23
N SER A 10 -4.17 11.05 -5.72
CA SER A 10 -4.83 12.21 -6.30
C SER A 10 -5.50 13.05 -5.22
N HIS A 11 -5.82 12.42 -4.09
CA HIS A 11 -6.50 13.12 -3.00
C HIS A 11 -5.54 14.07 -2.28
N PHE A 12 -4.34 13.60 -2.01
CA PHE A 12 -3.34 14.42 -1.34
C PHE A 12 -2.43 15.10 -2.36
N LYS A 13 -2.48 14.61 -3.59
CA LYS A 13 -1.68 15.11 -4.70
C LYS A 13 -0.19 14.88 -4.44
N LEU A 14 0.27 13.70 -4.79
CA LEU A 14 1.67 13.33 -4.60
C LEU A 14 2.48 13.70 -5.83
N VAL A 15 3.80 13.78 -5.67
CA VAL A 15 4.68 14.18 -6.75
C VAL A 15 5.31 12.96 -7.41
N LYS A 16 4.91 12.67 -8.63
CA LYS A 16 5.42 11.49 -9.34
C LYS A 16 6.85 11.74 -9.80
N VAL A 17 7.70 10.76 -9.56
CA VAL A 17 9.11 10.86 -9.95
C VAL A 17 9.37 10.01 -11.20
N GLY A 18 8.94 8.76 -11.13
CA GLY A 18 9.16 7.84 -12.23
C GLY A 18 8.29 6.61 -12.12
N THR A 19 8.70 5.54 -12.77
CA THR A 19 7.97 4.28 -12.75
C THR A 19 8.96 3.12 -12.65
N ILE A 20 8.66 2.15 -11.81
CA ILE A 20 9.57 1.02 -11.60
C ILE A 20 8.97 -0.27 -12.10
N ASN A 21 9.83 -1.16 -12.58
CA ASN A 21 9.39 -2.43 -13.12
C ASN A 21 10.25 -3.57 -12.59
N VAL A 22 9.62 -4.53 -11.94
CA VAL A 22 10.29 -5.75 -11.52
C VAL A 22 9.91 -6.90 -12.44
N SER A 23 10.86 -7.31 -13.26
CA SER A 23 10.70 -8.52 -14.05
C SER A 23 11.61 -9.59 -13.49
N GLN A 24 11.08 -10.38 -12.58
CA GLN A 24 11.87 -11.32 -11.80
C GLN A 24 11.31 -12.72 -11.96
N SER A 25 12.11 -13.74 -11.71
CA SER A 25 11.65 -15.10 -11.85
C SER A 25 10.79 -15.49 -10.66
N GLY A 26 9.76 -16.31 -10.91
CA GLY A 26 8.90 -16.78 -9.85
C GLY A 26 9.66 -17.57 -8.80
N GLY A 27 9.24 -17.47 -7.56
CA GLY A 27 9.97 -18.10 -6.49
C GLY A 27 10.81 -17.10 -5.73
N GLN A 28 11.40 -16.16 -6.47
CA GLN A 28 12.14 -15.07 -5.85
C GLN A 28 11.17 -14.13 -5.14
N ILE A 29 10.07 -13.84 -5.83
CA ILE A 29 8.99 -13.06 -5.24
C ILE A 29 7.70 -13.85 -5.28
N SER A 30 7.22 -14.21 -4.10
CA SER A 30 6.01 -15.00 -3.97
C SER A 30 5.05 -14.36 -2.98
N SER A 31 5.59 -13.56 -2.07
CA SER A 31 4.79 -12.85 -1.09
C SER A 31 4.91 -11.35 -1.35
N PRO A 32 3.87 -10.56 -1.01
CA PRO A 32 3.90 -9.10 -1.15
C PRO A 32 5.10 -8.49 -0.41
N SER A 33 5.56 -9.18 0.62
CA SER A 33 6.72 -8.75 1.37
C SER A 33 7.98 -8.74 0.49
N ASP A 34 8.17 -9.82 -0.28
CA ASP A 34 9.31 -9.91 -1.21
C ASP A 34 9.23 -8.76 -2.20
N LEU A 35 8.04 -8.58 -2.73
CA LEU A 35 7.78 -7.56 -3.74
C LEU A 35 8.07 -6.17 -3.20
N ARG A 36 7.55 -5.89 -2.00
CA ARG A 36 7.72 -4.58 -1.38
C ARG A 36 9.20 -4.23 -1.23
N GLU A 37 10.02 -5.22 -0.90
CA GLU A 37 11.44 -4.99 -0.71
C GLU A 37 12.11 -4.59 -2.03
N LYS A 38 11.82 -5.33 -3.09
CA LYS A 38 12.37 -5.02 -4.41
C LYS A 38 11.85 -3.68 -4.91
N LEU A 39 10.56 -3.42 -4.67
CA LEU A 39 9.97 -2.16 -5.09
C LEU A 39 10.57 -0.98 -4.32
N SER A 40 10.75 -1.15 -3.02
CA SER A 40 11.30 -0.08 -2.19
C SER A 40 12.74 0.23 -2.60
N GLU A 41 13.47 -0.79 -3.03
CA GLU A 41 14.85 -0.62 -3.50
C GLU A 41 14.86 0.26 -4.75
N LEU A 42 14.09 -0.13 -5.75
CA LEU A 42 14.03 0.60 -7.00
C LEU A 42 13.43 2.00 -6.78
N ALA A 43 12.48 2.09 -5.86
CA ALA A 43 11.85 3.36 -5.53
C ALA A 43 12.85 4.30 -4.87
N ASP A 44 13.68 3.76 -3.98
CA ASP A 44 14.70 4.56 -3.31
C ASP A 44 15.79 4.97 -4.27
N ALA A 45 16.12 4.06 -5.19
CA ALA A 45 17.12 4.33 -6.21
C ALA A 45 16.75 5.56 -7.03
N LYS A 46 15.47 5.65 -7.41
CA LYS A 46 15.02 6.77 -8.22
C LYS A 46 14.64 7.96 -7.33
N GLY A 47 14.04 7.68 -6.18
CA GLY A 47 13.75 8.73 -5.22
C GLY A 47 12.27 8.90 -4.94
N GLY A 48 11.68 7.92 -4.28
CA GLY A 48 10.28 8.00 -3.93
C GLY A 48 9.97 7.35 -2.59
N LYS A 49 8.97 7.87 -1.89
CA LYS A 49 8.56 7.31 -0.61
C LYS A 49 7.42 6.32 -0.79
N TYR A 50 6.63 6.55 -1.83
CA TYR A 50 5.43 5.75 -2.06
C TYR A 50 5.43 5.14 -3.45
N TYR A 51 4.86 3.97 -3.58
CA TYR A 51 4.72 3.34 -4.87
C TYR A 51 3.28 2.93 -5.11
N HIS A 52 2.90 2.80 -6.36
CA HIS A 52 1.56 2.40 -6.74
C HIS A 52 1.59 1.33 -7.82
N ILE A 53 1.26 0.11 -7.44
CA ILE A 53 1.25 -1.01 -8.39
C ILE A 53 0.07 -0.89 -9.34
N ILE A 54 0.38 -0.83 -10.63
CA ILE A 54 -0.64 -0.75 -11.66
C ILE A 54 -0.76 -2.07 -12.40
N ALA A 55 0.21 -2.95 -12.16
CA ALA A 55 0.21 -4.28 -12.77
C ALA A 55 1.09 -5.23 -11.97
N ALA A 56 0.58 -6.41 -11.69
CA ALA A 56 1.34 -7.45 -11.02
C ALA A 56 0.95 -8.80 -11.56
N ARG A 57 1.47 -9.14 -12.72
CA ARG A 57 1.04 -10.33 -13.44
C ARG A 57 1.91 -11.53 -13.15
N GLU A 58 1.30 -12.70 -13.17
CA GLU A 58 2.03 -13.94 -13.03
C GLU A 58 2.23 -14.54 -14.41
N HIS A 59 3.35 -14.18 -15.02
CA HIS A 59 3.66 -14.55 -16.38
C HIS A 59 4.34 -15.92 -16.40
N GLY A 60 3.73 -16.88 -15.73
CA GLY A 60 4.30 -18.21 -15.63
C GLY A 60 5.48 -18.24 -14.69
N PRO A 61 6.67 -18.58 -15.18
CA PRO A 61 7.90 -18.55 -14.38
C PRO A 61 8.44 -17.13 -14.22
N ASN A 62 7.77 -16.17 -14.83
CA ASN A 62 8.15 -14.77 -14.75
C ASN A 62 7.13 -13.97 -13.98
N PHE A 63 7.59 -13.12 -13.08
CA PHE A 63 6.70 -12.22 -12.36
C PHE A 63 7.01 -10.80 -12.75
N GLU A 64 6.01 -10.11 -13.29
CA GLU A 64 6.20 -8.74 -13.75
C GLU A 64 5.37 -7.78 -12.91
N ALA A 65 6.05 -6.96 -12.13
CA ALA A 65 5.40 -5.97 -11.29
C ALA A 65 5.69 -4.57 -11.80
N VAL A 66 4.64 -3.86 -12.15
CA VAL A 66 4.76 -2.50 -12.64
C VAL A 66 4.17 -1.53 -11.63
N ALA A 67 4.99 -0.62 -11.13
CA ALA A 67 4.55 0.32 -10.10
C ALA A 67 5.02 1.74 -10.41
N GLU A 68 4.28 2.71 -9.91
CA GLU A 68 4.61 4.12 -10.13
C GLU A 68 5.27 4.68 -8.87
N VAL A 69 6.31 5.49 -9.07
CA VAL A 69 7.08 6.02 -7.95
C VAL A 69 6.66 7.46 -7.64
N TYR A 70 6.22 7.69 -6.41
CA TYR A 70 5.80 9.01 -5.98
C TYR A 70 6.62 9.48 -4.79
N ASN A 71 7.02 10.74 -4.84
CA ASN A 71 7.81 11.34 -3.76
C ASN A 71 6.95 12.31 -2.97
N ASP A 72 7.32 12.53 -1.73
CA ASP A 72 6.56 13.40 -0.85
C ASP A 72 7.12 14.82 -0.89
N ALA A 73 6.74 15.54 -1.95
CA ALA A 73 7.06 16.97 -2.11
C ALA A 73 8.56 17.25 -2.26
N THR A 74 9.36 16.20 -2.37
CA THR A 74 10.81 16.32 -2.48
C THR A 74 11.44 16.80 -1.17
N LYS A 75 12.41 16.04 -0.67
CA LYS A 75 13.05 16.37 0.59
C LYS A 75 14.00 17.57 0.44
N LEU A 76 14.58 17.72 -0.75
CA LEU A 76 15.54 18.79 -1.03
C LEU A 76 16.78 18.68 -0.15
N GLU A 77 17.63 19.71 -0.22
CA GLU A 77 18.84 19.80 0.61
C GLU A 77 19.77 18.59 0.42
N HIS A 78 20.73 18.47 1.33
CA HIS A 78 21.61 17.32 1.40
C HIS A 78 21.66 16.82 2.83
N HIS A 79 22.70 16.07 3.18
CA HIS A 79 22.88 15.55 4.55
C HIS A 79 21.82 14.48 4.87
N HIS A 80 21.02 14.12 3.88
CA HIS A 80 19.98 13.12 4.07
C HIS A 80 20.46 11.75 3.61
N HIS A 81 21.74 11.66 3.27
CA HIS A 81 22.38 10.39 3.01
C HIS A 81 23.66 10.30 3.83
N HIS A 82 24.63 11.14 3.47
CA HIS A 82 25.88 11.24 4.20
C HIS A 82 26.71 12.40 3.66
N HIS A 83 27.45 13.05 4.53
CA HIS A 83 28.33 14.12 4.11
C HIS A 83 29.72 13.57 3.84
N ALA B 1 1.87 -4.75 9.43
CA ALA B 1 0.67 -4.39 8.65
C ALA B 1 1.06 -3.46 7.50
N GLU B 2 0.87 -3.94 6.28
CA GLU B 2 1.29 -3.20 5.10
C GLU B 2 0.07 -2.91 4.22
N GLN B 3 0.18 -1.88 3.39
CA GLN B 3 -0.91 -1.51 2.51
C GLN B 3 -0.69 -2.06 1.10
N VAL B 4 -1.67 -2.78 0.59
CA VAL B 4 -1.56 -3.43 -0.72
C VAL B 4 -2.62 -2.89 -1.69
N SER B 5 -2.43 -3.17 -2.97
CA SER B 5 -3.37 -2.76 -3.99
C SER B 5 -4.29 -3.93 -4.35
N LYS B 6 -5.32 -3.65 -5.15
CA LYS B 6 -6.33 -4.64 -5.46
C LYS B 6 -5.76 -5.74 -6.36
N GLN B 7 -4.75 -5.40 -7.16
CA GLN B 7 -4.10 -6.36 -8.01
C GLN B 7 -3.41 -7.44 -7.20
N GLU B 8 -2.94 -7.08 -6.00
CA GLU B 8 -2.30 -8.04 -5.12
C GLU B 8 -3.33 -8.91 -4.44
N ILE B 9 -4.44 -8.29 -4.05
CA ILE B 9 -5.54 -8.99 -3.42
C ILE B 9 -6.10 -10.08 -4.34
N SER B 10 -6.29 -9.73 -5.61
CA SER B 10 -6.83 -10.67 -6.58
C SER B 10 -5.77 -11.67 -7.03
N HIS B 11 -4.51 -11.30 -6.87
CA HIS B 11 -3.41 -12.16 -7.27
C HIS B 11 -3.18 -13.26 -6.23
N PHE B 12 -3.03 -12.86 -4.99
CA PHE B 12 -2.73 -13.80 -3.91
C PHE B 12 -4.01 -14.36 -3.29
N LYS B 13 -5.16 -13.84 -3.74
CA LYS B 13 -6.46 -14.31 -3.29
C LYS B 13 -6.59 -14.20 -1.78
N LEU B 14 -6.33 -13.01 -1.26
CA LEU B 14 -6.35 -12.76 0.17
C LEU B 14 -7.78 -12.83 0.70
N VAL B 15 -7.91 -13.26 1.95
CA VAL B 15 -9.22 -13.36 2.59
C VAL B 15 -9.49 -12.12 3.43
N LYS B 16 -10.68 -11.56 3.29
CA LYS B 16 -11.05 -10.36 4.04
C LYS B 16 -11.45 -10.74 5.46
N VAL B 17 -10.61 -10.37 6.41
CA VAL B 17 -10.85 -10.66 7.82
C VAL B 17 -11.91 -9.71 8.38
N GLY B 18 -11.88 -8.48 7.91
CA GLY B 18 -12.82 -7.48 8.35
C GLY B 18 -12.53 -6.13 7.74
N THR B 19 -13.18 -5.10 8.26
CA THR B 19 -12.99 -3.75 7.75
C THR B 19 -12.56 -2.83 8.88
N ILE B 20 -11.72 -1.85 8.56
CA ILE B 20 -11.31 -0.87 9.54
C ILE B 20 -11.76 0.53 9.10
N ASN B 21 -12.32 1.28 10.03
CA ASN B 21 -12.90 2.58 9.71
C ASN B 21 -12.43 3.63 10.71
N VAL B 22 -11.63 4.57 10.24
CA VAL B 22 -11.19 5.67 11.07
C VAL B 22 -11.97 6.92 10.72
N SER B 23 -12.96 7.26 11.53
CA SER B 23 -13.72 8.48 11.35
C SER B 23 -13.27 9.51 12.38
N GLN B 24 -12.40 10.41 11.95
CA GLN B 24 -11.86 11.42 12.85
C GLN B 24 -12.13 12.80 12.29
N SER B 25 -12.09 13.81 13.13
CA SER B 25 -12.22 15.18 12.69
C SER B 25 -10.92 15.63 12.01
N GLY B 26 -11.00 16.74 11.28
CA GLY B 26 -9.84 17.27 10.59
C GLY B 26 -8.81 17.85 11.55
N GLY B 27 -8.11 16.96 12.25
CA GLY B 27 -7.12 17.38 13.22
C GLY B 27 -6.36 16.19 13.78
N GLN B 28 -7.06 15.07 13.94
CA GLN B 28 -6.43 13.84 14.42
C GLN B 28 -5.50 13.26 13.35
N ILE B 29 -5.99 13.25 12.12
CA ILE B 29 -5.18 12.82 10.99
C ILE B 29 -4.82 14.01 10.14
N SER B 30 -3.53 14.21 9.91
CA SER B 30 -3.06 15.35 9.13
C SER B 30 -2.31 14.90 7.89
N SER B 31 -1.46 13.90 8.04
CA SER B 31 -0.67 13.40 6.93
C SER B 31 -1.05 11.94 6.63
N PRO B 32 -0.65 11.41 5.46
CA PRO B 32 -0.84 10.00 5.12
C PRO B 32 -0.11 9.08 6.11
N SER B 33 0.84 9.63 6.85
CA SER B 33 1.53 8.88 7.89
C SER B 33 0.55 8.54 9.01
N ASP B 34 -0.21 9.53 9.46
CA ASP B 34 -1.23 9.32 10.48
C ASP B 34 -2.27 8.34 9.97
N LEU B 35 -2.60 8.49 8.69
CA LEU B 35 -3.53 7.59 8.01
C LEU B 35 -3.07 6.15 8.13
N ARG B 36 -1.85 5.88 7.67
CA ARG B 36 -1.28 4.55 7.75
C ARG B 36 -1.17 4.07 9.20
N GLU B 37 -0.71 4.96 10.07
CA GLU B 37 -0.49 4.63 11.48
C GLU B 37 -1.74 4.04 12.10
N LYS B 38 -2.86 4.74 11.94
CA LYS B 38 -4.13 4.28 12.51
C LYS B 38 -4.58 2.97 11.88
N LEU B 39 -4.52 2.88 10.56
CA LEU B 39 -4.96 1.69 9.86
C LEU B 39 -4.07 0.49 10.19
N SER B 40 -2.77 0.72 10.28
CA SER B 40 -1.82 -0.33 10.60
C SER B 40 -2.10 -0.89 12.00
N GLU B 41 -2.38 -0.01 12.94
CA GLU B 41 -2.66 -0.42 14.31
C GLU B 41 -3.97 -1.19 14.39
N LEU B 42 -5.00 -0.68 13.70
CA LEU B 42 -6.31 -1.31 13.72
C LEU B 42 -6.28 -2.66 13.00
N ALA B 43 -5.52 -2.75 11.92
CA ALA B 43 -5.38 -4.00 11.18
C ALA B 43 -4.68 -5.04 12.04
N ASP B 44 -3.69 -4.60 12.80
CA ASP B 44 -2.95 -5.48 13.70
C ASP B 44 -3.85 -5.97 14.84
N ALA B 45 -4.76 -5.10 15.26
CA ALA B 45 -5.73 -5.45 16.29
C ALA B 45 -6.75 -6.45 15.78
N LYS B 46 -7.06 -6.35 14.48
CA LYS B 46 -7.98 -7.29 13.85
C LYS B 46 -7.29 -8.62 13.57
N GLY B 47 -5.97 -8.58 13.45
CA GLY B 47 -5.21 -9.78 13.19
C GLY B 47 -5.00 -10.02 11.72
N GLY B 48 -4.82 -8.94 10.97
CA GLY B 48 -4.56 -9.05 9.55
C GLY B 48 -3.15 -8.61 9.20
N LYS B 49 -2.70 -8.95 8.02
CA LYS B 49 -1.35 -8.59 7.58
C LYS B 49 -1.39 -7.36 6.68
N TYR B 50 -2.23 -7.43 5.66
CA TYR B 50 -2.27 -6.39 4.66
C TYR B 50 -3.63 -5.72 4.65
N TYR B 51 -3.64 -4.41 4.49
CA TYR B 51 -4.88 -3.68 4.41
C TYR B 51 -4.93 -2.87 3.12
N HIS B 52 -6.14 -2.68 2.61
CA HIS B 52 -6.32 -1.92 1.38
C HIS B 52 -7.36 -0.84 1.60
N ILE B 53 -6.91 0.41 1.51
CA ILE B 53 -7.83 1.54 1.61
C ILE B 53 -8.77 1.56 0.43
N ILE B 54 -10.06 1.51 0.70
CA ILE B 54 -11.06 1.57 -0.36
C ILE B 54 -11.69 2.95 -0.42
N ALA B 55 -11.60 3.68 0.67
CA ALA B 55 -12.15 5.03 0.74
C ALA B 55 -11.26 5.93 1.59
N ALA B 56 -10.47 6.75 0.92
CA ALA B 56 -9.69 7.78 1.59
C ALA B 56 -10.27 9.14 1.25
N ARG B 57 -11.26 9.55 2.01
CA ARG B 57 -12.05 10.71 1.66
C ARG B 57 -12.21 11.66 2.84
N GLU B 58 -12.54 12.89 2.52
CA GLU B 58 -12.80 13.90 3.52
C GLU B 58 -14.27 14.29 3.46
N HIS B 59 -14.92 14.24 4.61
CA HIS B 59 -16.35 14.48 4.68
C HIS B 59 -16.64 15.74 5.49
N GLY B 60 -16.39 16.89 4.87
CA GLY B 60 -16.62 18.15 5.56
C GLY B 60 -15.55 18.43 6.58
N PRO B 61 -15.94 18.54 7.86
CA PRO B 61 -15.00 18.76 8.96
C PRO B 61 -14.37 17.46 9.45
N ASN B 62 -14.75 16.36 8.85
CA ASN B 62 -14.30 15.04 9.27
C ASN B 62 -13.57 14.34 8.14
N PHE B 63 -12.75 13.36 8.50
CA PHE B 63 -12.01 12.56 7.53
C PHE B 63 -12.40 11.10 7.68
N GLU B 64 -12.64 10.43 6.56
CA GLU B 64 -13.07 9.04 6.58
C GLU B 64 -12.00 8.15 5.98
N ALA B 65 -11.40 7.31 6.81
CA ALA B 65 -10.44 6.33 6.34
C ALA B 65 -11.04 4.93 6.44
N VAL B 66 -11.46 4.40 5.31
CA VAL B 66 -12.05 3.07 5.26
C VAL B 66 -11.15 2.11 4.48
N ALA B 67 -10.70 1.07 5.16
CA ALA B 67 -9.81 0.09 4.55
C ALA B 67 -10.27 -1.33 4.87
N GLU B 68 -9.93 -2.26 3.99
CA GLU B 68 -10.28 -3.65 4.19
C GLU B 68 -9.07 -4.42 4.69
N VAL B 69 -9.26 -5.27 5.69
CA VAL B 69 -8.18 -6.05 6.27
C VAL B 69 -8.12 -7.44 5.67
N TYR B 70 -6.96 -7.81 5.13
CA TYR B 70 -6.81 -9.08 4.46
C TYR B 70 -5.74 -9.96 5.12
N ASN B 71 -5.96 -11.25 5.02
CA ASN B 71 -4.99 -12.25 5.48
C ASN B 71 -4.79 -13.28 4.38
N ASP B 72 -3.72 -14.06 4.46
CA ASP B 72 -3.47 -15.14 3.50
C ASP B 72 -4.69 -16.03 3.40
N ALA B 73 -5.19 -16.44 4.55
CA ALA B 73 -6.37 -17.28 4.66
C ALA B 73 -6.88 -17.24 6.09
N THR B 74 -6.18 -17.94 6.96
CA THR B 74 -6.50 -17.98 8.39
C THR B 74 -5.29 -18.45 9.17
N LYS B 75 -4.84 -17.65 10.13
CA LYS B 75 -3.71 -18.01 10.96
C LYS B 75 -4.19 -18.79 12.19
N LEU B 76 -3.82 -20.06 12.23
CA LEU B 76 -4.24 -20.94 13.32
C LEU B 76 -3.26 -20.88 14.48
N GLU B 77 -2.15 -20.17 14.28
CA GLU B 77 -1.10 -20.08 15.27
C GLU B 77 -1.57 -19.33 16.51
N HIS B 78 -1.73 -20.05 17.61
CA HIS B 78 -2.06 -19.41 18.87
C HIS B 78 -0.80 -19.05 19.63
N HIS B 79 0.28 -19.77 19.33
CA HIS B 79 1.56 -19.55 19.99
C HIS B 79 2.21 -18.27 19.48
N HIS B 80 1.65 -17.72 18.40
CA HIS B 80 2.13 -16.46 17.85
C HIS B 80 1.39 -15.29 18.48
N HIS B 81 0.58 -15.59 19.49
CA HIS B 81 -0.14 -14.57 20.24
C HIS B 81 0.37 -14.53 21.67
N HIS B 82 -0.08 -13.55 22.43
CA HIS B 82 0.26 -13.48 23.85
C HIS B 82 -0.69 -14.36 24.65
N HIS B 83 -0.46 -14.43 25.96
CA HIS B 83 -1.33 -15.20 26.83
C HIS B 83 -2.29 -14.26 27.53
N ALA A 1 11.00 3.30 0.58
CA ALA A 1 9.74 3.85 0.04
C ALA A 1 8.55 3.15 0.67
N GLU A 2 7.42 3.84 0.72
CA GLU A 2 6.21 3.30 1.32
C GLU A 2 5.15 3.05 0.25
N GLN A 3 4.21 2.16 0.54
CA GLN A 3 3.18 1.79 -0.41
C GLN A 3 1.89 2.55 -0.13
N VAL A 4 1.42 3.30 -1.12
CA VAL A 4 0.20 4.07 -0.99
C VAL A 4 -0.78 3.73 -2.11
N SER A 5 -2.06 3.97 -1.86
CA SER A 5 -3.08 3.69 -2.84
C SER A 5 -3.49 4.98 -3.55
N LYS A 6 -4.39 4.86 -4.51
CA LYS A 6 -4.81 5.97 -5.36
C LYS A 6 -5.34 7.12 -4.52
N GLN A 7 -5.99 6.79 -3.42
CA GLN A 7 -6.62 7.77 -2.56
C GLN A 7 -5.59 8.65 -1.87
N GLU A 8 -4.48 8.06 -1.44
CA GLU A 8 -3.43 8.82 -0.77
C GLU A 8 -2.72 9.70 -1.78
N ILE A 9 -2.45 9.14 -2.95
CA ILE A 9 -1.78 9.87 -4.02
C ILE A 9 -2.57 11.13 -4.38
N SER A 10 -3.88 10.96 -4.53
CA SER A 10 -4.75 12.05 -4.95
C SER A 10 -4.97 13.06 -3.83
N HIS A 11 -4.98 12.60 -2.58
CA HIS A 11 -5.27 13.48 -1.46
C HIS A 11 -4.01 14.26 -1.04
N PHE A 12 -2.86 13.60 -1.09
CA PHE A 12 -1.60 14.24 -0.69
C PHE A 12 -0.94 14.95 -1.87
N LYS A 13 -1.49 14.73 -3.08
CA LYS A 13 -1.00 15.38 -4.29
C LYS A 13 0.45 14.98 -4.58
N LEU A 14 0.69 13.67 -4.55
CA LEU A 14 2.03 13.12 -4.76
C LEU A 14 2.50 13.37 -6.19
N VAL A 15 3.77 13.71 -6.32
CA VAL A 15 4.35 14.04 -7.62
C VAL A 15 4.89 12.78 -8.31
N LYS A 16 4.45 12.55 -9.54
CA LYS A 16 4.90 11.42 -10.33
C LYS A 16 6.31 11.66 -10.85
N VAL A 17 7.24 10.82 -10.41
CA VAL A 17 8.63 10.95 -10.80
C VAL A 17 8.97 10.04 -11.96
N GLY A 18 8.59 8.77 -11.84
CA GLY A 18 8.93 7.79 -12.85
C GLY A 18 8.15 6.51 -12.72
N THR A 19 8.56 5.50 -13.46
CA THR A 19 7.89 4.20 -13.46
C THR A 19 8.92 3.09 -13.27
N ILE A 20 8.57 2.09 -12.47
CA ILE A 20 9.46 0.95 -12.24
C ILE A 20 8.71 -0.36 -12.46
N ASN A 21 9.29 -1.23 -13.27
CA ASN A 21 8.67 -2.52 -13.56
C ASN A 21 9.49 -3.64 -12.92
N VAL A 22 8.88 -4.37 -12.02
CA VAL A 22 9.55 -5.49 -11.39
C VAL A 22 9.09 -6.79 -12.03
N SER A 23 9.91 -7.33 -12.92
CA SER A 23 9.63 -8.57 -13.58
C SER A 23 10.66 -9.63 -13.20
N GLN A 24 10.26 -10.55 -12.34
CA GLN A 24 11.16 -11.59 -11.88
C GLN A 24 10.49 -12.95 -11.98
N SER A 25 11.29 -13.99 -12.16
CA SER A 25 10.79 -15.35 -12.20
C SER A 25 10.42 -15.82 -10.79
N GLY A 26 9.60 -16.87 -10.72
CA GLY A 26 9.23 -17.45 -9.45
C GLY A 26 10.46 -17.88 -8.64
N GLY A 27 10.78 -17.09 -7.64
CA GLY A 27 11.96 -17.35 -6.84
C GLY A 27 12.49 -16.07 -6.21
N GLN A 28 12.45 -15.00 -6.98
CA GLN A 28 12.82 -13.69 -6.47
C GLN A 28 11.71 -13.13 -5.60
N ILE A 29 10.60 -12.76 -6.23
CA ILE A 29 9.46 -12.23 -5.51
C ILE A 29 8.63 -13.38 -4.93
N SER A 30 9.26 -14.12 -4.01
CA SER A 30 8.62 -15.22 -3.33
C SER A 30 7.83 -14.70 -2.14
N SER A 31 8.42 -13.71 -1.46
CA SER A 31 7.81 -13.09 -0.32
C SER A 31 7.58 -11.61 -0.59
N PRO A 32 6.54 -11.01 0.00
CA PRO A 32 6.26 -9.58 -0.13
C PRO A 32 7.44 -8.73 0.32
N SER A 33 8.25 -9.29 1.20
CA SER A 33 9.46 -8.65 1.69
C SER A 33 10.45 -8.37 0.56
N ASP A 34 10.44 -9.24 -0.46
CA ASP A 34 11.34 -9.07 -1.60
C ASP A 34 10.72 -8.10 -2.59
N LEU A 35 9.40 -8.22 -2.77
CA LEU A 35 8.67 -7.31 -3.64
C LEU A 35 8.87 -5.86 -3.21
N ARG A 36 8.66 -5.60 -1.92
CA ARG A 36 8.83 -4.26 -1.38
C ARG A 36 10.29 -3.84 -1.43
N GLU A 37 11.19 -4.81 -1.32
CA GLU A 37 12.63 -4.52 -1.41
C GLU A 37 12.97 -3.96 -2.78
N LYS A 38 12.53 -4.67 -3.82
CA LYS A 38 12.73 -4.21 -5.20
C LYS A 38 12.13 -2.82 -5.39
N LEU A 39 10.86 -2.68 -5.04
CA LEU A 39 10.14 -1.42 -5.21
C LEU A 39 10.83 -0.27 -4.48
N SER A 40 11.28 -0.52 -3.26
CA SER A 40 11.94 0.50 -2.46
C SER A 40 13.32 0.82 -3.04
N GLU A 41 14.00 -0.21 -3.53
CA GLU A 41 15.34 -0.06 -4.11
C GLU A 41 15.27 0.76 -5.39
N LEU A 42 14.32 0.40 -6.26
CA LEU A 42 14.16 1.09 -7.53
C LEU A 42 13.66 2.51 -7.32
N ALA A 43 12.86 2.71 -6.27
CA ALA A 43 12.34 4.03 -5.93
C ALA A 43 13.47 4.97 -5.52
N ASP A 44 14.48 4.42 -4.84
CA ASP A 44 15.65 5.21 -4.46
C ASP A 44 16.45 5.60 -5.69
N ALA A 45 16.56 4.66 -6.62
CA ALA A 45 17.29 4.88 -7.86
C ALA A 45 16.60 5.92 -8.74
N LYS A 46 15.30 6.09 -8.55
CA LYS A 46 14.55 7.10 -9.30
C LYS A 46 14.44 8.40 -8.51
N GLY A 47 14.39 8.28 -7.20
CA GLY A 47 14.28 9.45 -6.37
C GLY A 47 12.86 9.73 -5.94
N GLY A 48 12.23 8.73 -5.31
CA GLY A 48 10.87 8.88 -4.84
C GLY A 48 10.71 8.38 -3.42
N LYS A 49 9.62 8.77 -2.77
CA LYS A 49 9.38 8.37 -1.39
C LYS A 49 8.27 7.32 -1.31
N TYR A 50 7.38 7.32 -2.28
CA TYR A 50 6.25 6.41 -2.28
C TYR A 50 6.15 5.67 -3.61
N TYR A 51 5.59 4.48 -3.58
CA TYR A 51 5.38 3.72 -4.79
C TYR A 51 3.94 3.21 -4.85
N HIS A 52 3.45 2.97 -6.05
CA HIS A 52 2.10 2.46 -6.24
C HIS A 52 2.04 1.52 -7.42
N ILE A 53 1.79 0.25 -7.15
CA ILE A 53 1.65 -0.75 -8.21
C ILE A 53 0.34 -0.53 -8.95
N ILE A 54 0.42 -0.27 -10.24
CA ILE A 54 -0.76 -0.01 -11.05
C ILE A 54 -1.18 -1.28 -11.79
N ALA A 55 -0.22 -2.12 -12.13
CA ALA A 55 -0.51 -3.35 -12.86
C ALA A 55 0.43 -4.47 -12.42
N ALA A 56 -0.11 -5.41 -11.67
CA ALA A 56 0.66 -6.57 -11.24
C ALA A 56 0.05 -7.83 -11.82
N ARG A 57 0.78 -8.48 -12.72
CA ARG A 57 0.26 -9.66 -13.39
C ARG A 57 1.31 -10.77 -13.44
N GLU A 58 0.82 -12.00 -13.35
CA GLU A 58 1.67 -13.17 -13.31
C GLU A 58 1.63 -13.89 -14.65
N HIS A 59 2.62 -13.62 -15.49
CA HIS A 59 2.64 -14.17 -16.84
C HIS A 59 3.51 -15.42 -16.88
N GLY A 60 2.90 -16.55 -16.58
CA GLY A 60 3.62 -17.80 -16.60
C GLY A 60 4.56 -17.93 -15.42
N PRO A 61 5.86 -18.12 -15.68
CA PRO A 61 6.87 -18.22 -14.62
C PRO A 61 7.39 -16.85 -14.18
N ASN A 62 7.00 -15.79 -14.87
CA ASN A 62 7.47 -14.45 -14.55
C ASN A 62 6.34 -13.59 -14.00
N PHE A 63 6.60 -12.97 -12.86
CA PHE A 63 5.64 -12.04 -12.27
C PHE A 63 6.10 -10.61 -12.55
N GLU A 64 5.22 -9.84 -13.18
CA GLU A 64 5.54 -8.45 -13.52
C GLU A 64 4.69 -7.49 -12.72
N ALA A 65 5.34 -6.72 -11.86
CA ALA A 65 4.66 -5.70 -11.08
C ALA A 65 5.07 -4.32 -11.58
N VAL A 66 4.14 -3.64 -12.23
CA VAL A 66 4.39 -2.30 -12.74
C VAL A 66 3.93 -1.26 -11.72
N ALA A 67 4.88 -0.49 -11.23
CA ALA A 67 4.59 0.50 -10.20
C ALA A 67 5.08 1.88 -10.61
N GLU A 68 4.43 2.90 -10.06
CA GLU A 68 4.81 4.28 -10.31
C GLU A 68 5.59 4.81 -9.12
N VAL A 69 6.61 5.63 -9.39
CA VAL A 69 7.42 6.22 -8.34
C VAL A 69 6.94 7.63 -8.07
N TYR A 70 6.51 7.88 -6.84
CA TYR A 70 6.01 9.19 -6.46
C TYR A 70 6.87 9.81 -5.37
N ASN A 71 6.97 11.13 -5.40
CA ASN A 71 7.68 11.87 -4.39
C ASN A 71 6.81 13.04 -3.94
N ASP A 72 7.31 13.84 -3.02
CA ASP A 72 6.56 14.97 -2.49
C ASP A 72 6.86 16.23 -3.31
N ALA A 73 6.12 17.30 -3.03
CA ALA A 73 6.25 18.55 -3.80
C ALA A 73 7.56 19.28 -3.49
N THR A 74 8.46 18.61 -2.77
CA THR A 74 9.77 19.18 -2.47
C THR A 74 10.71 19.01 -3.66
N LYS A 75 10.14 18.58 -4.78
CA LYS A 75 10.84 18.46 -6.05
C LYS A 75 11.52 19.77 -6.44
N LEU A 76 10.97 20.88 -5.96
CA LEU A 76 11.48 22.21 -6.25
C LEU A 76 12.83 22.46 -5.55
N GLU A 77 13.05 21.77 -4.45
CA GLU A 77 14.25 22.00 -3.64
C GLU A 77 15.42 21.13 -4.11
N HIS A 78 16.62 21.62 -3.89
CA HIS A 78 17.83 20.90 -4.26
C HIS A 78 18.56 20.45 -3.00
N HIS A 79 17.81 20.20 -1.94
CA HIS A 79 18.39 19.73 -0.68
C HIS A 79 18.79 18.26 -0.80
N HIS A 80 19.94 18.01 -1.40
CA HIS A 80 20.43 16.65 -1.54
C HIS A 80 21.95 16.59 -1.58
N HIS A 81 22.56 16.85 -0.44
CA HIS A 81 23.97 16.55 -0.23
C HIS A 81 24.02 15.45 0.82
N HIS A 82 23.83 15.87 2.07
CA HIS A 82 23.37 14.98 3.11
C HIS A 82 21.97 15.45 3.48
N HIS A 83 21.82 16.76 3.40
CA HIS A 83 20.53 17.41 3.47
C HIS A 83 20.64 18.79 2.85
N ALA B 1 0.14 -4.29 10.34
CA ALA B 1 -0.62 -4.65 9.11
C ALA B 1 -0.23 -3.72 7.99
N GLU B 2 0.11 -4.29 6.84
CA GLU B 2 0.56 -3.49 5.70
C GLU B 2 -0.53 -3.36 4.65
N GLN B 3 -0.30 -2.50 3.67
CA GLN B 3 -1.29 -2.23 2.63
C GLN B 3 -1.09 -3.15 1.44
N VAL B 4 -2.19 -3.61 0.87
CA VAL B 4 -2.16 -4.39 -0.36
C VAL B 4 -3.18 -3.85 -1.36
N SER B 5 -2.85 -3.94 -2.63
CA SER B 5 -3.76 -3.50 -3.68
C SER B 5 -4.59 -4.69 -4.17
N LYS B 6 -5.54 -4.39 -5.06
CA LYS B 6 -6.51 -5.39 -5.51
C LYS B 6 -5.80 -6.51 -6.29
N GLN B 7 -4.65 -6.18 -6.86
CA GLN B 7 -3.87 -7.16 -7.62
C GLN B 7 -3.33 -8.24 -6.69
N GLU B 8 -2.87 -7.82 -5.52
CA GLU B 8 -2.28 -8.76 -4.57
C GLU B 8 -3.37 -9.59 -3.91
N ILE B 9 -4.50 -8.95 -3.61
CA ILE B 9 -5.63 -9.64 -3.01
C ILE B 9 -6.09 -10.80 -3.87
N SER B 10 -6.19 -10.55 -5.17
CA SER B 10 -6.67 -11.56 -6.10
C SER B 10 -5.56 -12.56 -6.46
N HIS B 11 -4.32 -12.14 -6.30
CA HIS B 11 -3.19 -13.02 -6.61
C HIS B 11 -3.00 -14.06 -5.51
N PHE B 12 -3.09 -13.64 -4.26
CA PHE B 12 -2.86 -14.53 -3.14
C PHE B 12 -4.17 -15.08 -2.59
N LYS B 13 -5.29 -14.56 -3.09
CA LYS B 13 -6.62 -14.93 -2.61
C LYS B 13 -6.73 -14.66 -1.10
N LEU B 14 -6.73 -13.38 -0.76
CA LEU B 14 -6.74 -12.98 0.63
C LEU B 14 -8.13 -13.13 1.25
N VAL B 15 -8.14 -13.62 2.47
CA VAL B 15 -9.38 -13.82 3.22
C VAL B 15 -9.68 -12.57 4.05
N LYS B 16 -10.86 -12.00 3.86
CA LYS B 16 -11.21 -10.76 4.55
C LYS B 16 -11.62 -11.03 5.99
N VAL B 17 -11.07 -10.25 6.90
CA VAL B 17 -11.39 -10.37 8.32
C VAL B 17 -12.58 -9.48 8.67
N GLY B 18 -12.60 -8.30 8.09
CA GLY B 18 -13.66 -7.36 8.34
C GLY B 18 -13.40 -6.02 7.67
N THR B 19 -14.30 -5.07 7.89
CA THR B 19 -14.16 -3.75 7.31
C THR B 19 -14.01 -2.71 8.42
N ILE B 20 -13.01 -1.85 8.30
CA ILE B 20 -12.74 -0.84 9.32
C ILE B 20 -13.00 0.56 8.76
N ASN B 21 -13.48 1.44 9.63
CA ASN B 21 -13.81 2.80 9.23
C ASN B 21 -13.02 3.82 10.04
N VAL B 22 -12.14 4.54 9.39
CA VAL B 22 -11.40 5.62 10.03
C VAL B 22 -12.01 6.96 9.66
N SER B 23 -12.77 7.53 10.59
CA SER B 23 -13.37 8.84 10.38
C SER B 23 -12.83 9.82 11.39
N GLN B 24 -11.98 10.73 10.92
CA GLN B 24 -11.29 11.66 11.80
C GLN B 24 -11.68 13.10 11.46
N SER B 25 -11.96 13.88 12.49
CA SER B 25 -12.37 15.26 12.28
C SER B 25 -11.14 16.17 12.27
N GLY B 26 -10.91 16.79 11.12
CA GLY B 26 -9.82 17.74 10.98
C GLY B 26 -8.45 17.10 11.08
N GLY B 27 -7.61 17.67 11.95
CA GLY B 27 -6.23 17.24 12.04
C GLY B 27 -6.02 16.06 12.96
N GLN B 28 -6.88 15.06 12.86
CA GLN B 28 -6.69 13.82 13.61
C GLN B 28 -5.92 12.82 12.75
N ILE B 29 -5.68 13.22 11.52
CA ILE B 29 -4.78 12.50 10.62
C ILE B 29 -3.82 13.52 10.01
N SER B 30 -2.70 13.74 10.68
CA SER B 30 -1.75 14.75 10.27
C SER B 30 -0.95 14.29 9.06
N SER B 31 -0.26 13.17 9.22
CA SER B 31 0.61 12.66 8.19
C SER B 31 0.05 11.35 7.62
N PRO B 32 0.57 10.90 6.46
CA PRO B 32 0.22 9.59 5.91
C PRO B 32 0.55 8.46 6.89
N SER B 33 1.49 8.74 7.79
CA SER B 33 1.85 7.80 8.83
C SER B 33 0.70 7.63 9.81
N ASP B 34 -0.02 8.72 10.09
CA ASP B 34 -1.18 8.66 10.98
C ASP B 34 -2.26 7.79 10.36
N LEU B 35 -2.48 7.98 9.06
CA LEU B 35 -3.43 7.16 8.32
C LEU B 35 -2.98 5.69 8.35
N ARG B 36 -1.70 5.48 8.07
CA ARG B 36 -1.10 4.16 8.10
C ARG B 36 -1.27 3.51 9.47
N GLU B 37 -0.97 4.29 10.51
CA GLU B 37 -1.13 3.85 11.89
C GLU B 37 -2.55 3.37 12.16
N LYS B 38 -3.52 4.25 11.90
CA LYS B 38 -4.93 3.96 12.15
C LYS B 38 -5.37 2.67 11.47
N LEU B 39 -5.03 2.54 10.20
CA LEU B 39 -5.43 1.37 9.42
C LEU B 39 -4.76 0.10 9.95
N SER B 40 -3.47 0.19 10.25
CA SER B 40 -2.73 -0.95 10.77
C SER B 40 -3.22 -1.32 12.17
N GLU B 41 -3.48 -0.30 12.99
CA GLU B 41 -3.93 -0.50 14.36
C GLU B 41 -5.27 -1.24 14.41
N LEU B 42 -6.21 -0.80 13.59
CA LEU B 42 -7.52 -1.41 13.56
C LEU B 42 -7.44 -2.83 12.99
N ALA B 43 -6.61 -3.01 11.97
CA ALA B 43 -6.41 -4.31 11.37
C ALA B 43 -5.72 -5.27 12.33
N ASP B 44 -4.80 -4.72 13.11
CA ASP B 44 -4.08 -5.48 14.13
C ASP B 44 -5.05 -6.06 15.15
N ALA B 45 -5.99 -5.23 15.59
CA ALA B 45 -6.99 -5.64 16.56
C ALA B 45 -7.91 -6.71 15.99
N LYS B 46 -8.17 -6.63 14.69
CA LYS B 46 -9.05 -7.60 14.03
C LYS B 46 -8.32 -8.91 13.79
N GLY B 47 -7.01 -8.85 13.72
CA GLY B 47 -6.21 -10.03 13.46
C GLY B 47 -5.97 -10.22 11.97
N GLY B 48 -5.68 -9.12 11.28
CA GLY B 48 -5.37 -9.19 9.87
C GLY B 48 -3.94 -8.83 9.58
N LYS B 49 -3.39 -9.37 8.51
CA LYS B 49 -2.01 -9.11 8.14
C LYS B 49 -1.92 -7.91 7.21
N TYR B 50 -2.96 -7.71 6.41
CA TYR B 50 -2.97 -6.65 5.41
C TYR B 50 -4.27 -5.88 5.48
N TYR B 51 -4.28 -4.70 4.87
CA TYR B 51 -5.50 -3.93 4.73
C TYR B 51 -5.59 -3.33 3.33
N HIS B 52 -6.80 -3.09 2.86
CA HIS B 52 -7.01 -2.50 1.54
C HIS B 52 -8.03 -1.37 1.63
N ILE B 53 -7.57 -0.16 1.32
CA ILE B 53 -8.46 1.00 1.29
C ILE B 53 -9.40 0.90 0.10
N ILE B 54 -10.69 1.01 0.35
CA ILE B 54 -11.68 0.96 -0.72
C ILE B 54 -12.30 2.34 -0.95
N ALA B 55 -12.33 3.16 0.09
CA ALA B 55 -12.90 4.49 -0.01
C ALA B 55 -12.29 5.43 1.02
N ALA B 56 -11.28 6.18 0.61
CA ALA B 56 -10.69 7.20 1.46
C ALA B 56 -10.96 8.57 0.87
N ARG B 57 -11.85 9.31 1.52
CA ARG B 57 -12.30 10.59 0.98
C ARG B 57 -12.30 11.67 2.05
N GLU B 58 -12.33 12.91 1.60
CA GLU B 58 -12.42 14.05 2.49
C GLU B 58 -13.85 14.57 2.51
N HIS B 59 -14.57 14.21 3.57
CA HIS B 59 -15.99 14.52 3.66
C HIS B 59 -16.21 15.75 4.54
N GLY B 60 -16.12 16.92 3.94
CA GLY B 60 -16.30 18.14 4.67
C GLY B 60 -15.09 18.45 5.55
N PRO B 61 -15.30 18.63 6.86
CA PRO B 61 -14.22 18.84 7.80
C PRO B 61 -13.60 17.53 8.29
N ASN B 62 -14.22 16.42 7.91
CA ASN B 62 -13.80 15.11 8.36
C ASN B 62 -13.12 14.34 7.24
N PHE B 63 -12.19 13.49 7.62
CA PHE B 63 -11.55 12.59 6.69
C PHE B 63 -12.03 11.16 6.93
N GLU B 64 -12.55 10.53 5.90
CA GLU B 64 -13.15 9.21 6.05
C GLU B 64 -12.39 8.18 5.22
N ALA B 65 -11.66 7.32 5.91
CA ALA B 65 -10.91 6.27 5.25
C ALA B 65 -11.54 4.91 5.55
N VAL B 66 -12.20 4.35 4.56
CA VAL B 66 -12.80 3.03 4.68
C VAL B 66 -11.89 1.98 4.06
N ALA B 67 -11.43 1.06 4.88
CA ALA B 67 -10.52 0.02 4.42
C ALA B 67 -10.98 -1.34 4.92
N GLU B 68 -10.63 -2.38 4.19
CA GLU B 68 -11.01 -3.73 4.59
C GLU B 68 -9.77 -4.52 5.00
N VAL B 69 -9.90 -5.28 6.07
CA VAL B 69 -8.79 -6.03 6.63
C VAL B 69 -8.70 -7.42 6.01
N TYR B 70 -7.51 -7.80 5.58
CA TYR B 70 -7.31 -9.09 4.93
C TYR B 70 -6.22 -9.90 5.62
N ASN B 71 -6.40 -11.21 5.61
CA ASN B 71 -5.41 -12.15 6.11
C ASN B 71 -5.34 -13.32 5.13
N ASP B 72 -4.58 -14.35 5.45
CA ASP B 72 -4.54 -15.53 4.58
C ASP B 72 -5.46 -16.61 5.14
N ALA B 73 -5.49 -17.76 4.49
CA ALA B 73 -6.45 -18.81 4.83
C ALA B 73 -6.12 -19.51 6.14
N THR B 74 -4.93 -19.25 6.68
CA THR B 74 -4.52 -19.89 7.92
C THR B 74 -5.04 -19.10 9.11
N LYS B 75 -6.29 -19.35 9.47
CA LYS B 75 -6.93 -18.63 10.57
C LYS B 75 -8.14 -19.41 11.06
N LEU B 76 -8.07 -20.73 10.94
CA LEU B 76 -9.14 -21.61 11.39
C LEU B 76 -8.60 -22.66 12.35
N GLU B 77 -7.28 -22.70 12.42
CA GLU B 77 -6.58 -23.65 13.27
C GLU B 77 -6.72 -23.26 14.74
N HIS B 78 -6.89 -24.26 15.60
CA HIS B 78 -7.00 -24.01 17.03
C HIS B 78 -5.61 -23.85 17.63
N HIS B 79 -5.01 -22.70 17.41
CA HIS B 79 -3.64 -22.46 17.84
C HIS B 79 -3.42 -21.02 18.27
N HIS B 80 -3.36 -20.82 19.58
CA HIS B 80 -2.93 -19.56 20.18
C HIS B 80 -2.90 -19.69 21.69
N HIS B 81 -1.70 -19.81 22.25
CA HIS B 81 -1.55 -19.91 23.69
C HIS B 81 -1.27 -18.52 24.24
N HIS B 82 0.01 -18.14 24.19
CA HIS B 82 0.39 -16.74 24.28
C HIS B 82 0.82 -16.32 22.89
N HIS B 83 1.25 -17.33 22.13
CA HIS B 83 1.52 -17.21 20.71
C HIS B 83 1.39 -18.61 20.09
N ALA A 1 10.82 2.52 0.48
CA ALA A 1 9.61 3.24 0.01
C ALA A 1 8.36 2.48 0.41
N GLU A 2 7.27 3.21 0.63
CA GLU A 2 6.02 2.60 1.04
C GLU A 2 4.97 2.74 -0.05
N GLN A 3 3.97 1.87 -0.03
CA GLN A 3 2.95 1.85 -1.06
C GLN A 3 1.68 2.56 -0.61
N VAL A 4 1.25 3.54 -1.40
CA VAL A 4 0.02 4.26 -1.15
C VAL A 4 -0.94 4.09 -2.31
N SER A 5 -2.23 4.22 -2.06
CA SER A 5 -3.22 4.09 -3.11
C SER A 5 -3.54 5.46 -3.69
N LYS A 6 -4.29 5.50 -4.78
CA LYS A 6 -4.62 6.78 -5.42
C LYS A 6 -5.37 7.69 -4.47
N GLN A 7 -6.08 7.09 -3.52
CA GLN A 7 -6.80 7.83 -2.49
C GLN A 7 -5.83 8.74 -1.74
N GLU A 8 -4.69 8.20 -1.33
CA GLU A 8 -3.66 8.97 -0.65
C GLU A 8 -2.95 9.88 -1.64
N ILE A 9 -2.59 9.31 -2.79
CA ILE A 9 -1.83 10.04 -3.82
C ILE A 9 -2.50 11.35 -4.22
N SER A 10 -3.77 11.28 -4.62
CA SER A 10 -4.46 12.46 -5.12
C SER A 10 -4.93 13.37 -3.98
N HIS A 11 -4.97 12.84 -2.76
CA HIS A 11 -5.37 13.63 -1.61
C HIS A 11 -4.20 14.46 -1.09
N PHE A 12 -3.05 13.82 -0.96
CA PHE A 12 -1.86 14.50 -0.45
C PHE A 12 -1.12 15.20 -1.58
N LYS A 13 -1.60 14.97 -2.81
CA LYS A 13 -1.05 15.62 -4.00
C LYS A 13 0.39 15.20 -4.24
N LEU A 14 0.58 13.93 -4.55
CA LEU A 14 1.91 13.38 -4.78
C LEU A 14 2.34 13.60 -6.23
N VAL A 15 3.65 13.65 -6.44
CA VAL A 15 4.20 13.83 -7.77
C VAL A 15 4.80 12.52 -8.27
N LYS A 16 4.59 12.23 -9.54
CA LYS A 16 5.10 11.02 -10.16
C LYS A 16 6.58 11.16 -10.50
N VAL A 17 7.40 10.33 -9.88
CA VAL A 17 8.84 10.35 -10.10
C VAL A 17 9.20 9.54 -11.34
N GLY A 18 8.46 8.47 -11.56
CA GLY A 18 8.71 7.62 -12.71
C GLY A 18 7.97 6.31 -12.60
N THR A 19 8.05 5.50 -13.63
CA THR A 19 7.40 4.20 -13.63
C THR A 19 8.43 3.08 -13.64
N ILE A 20 8.29 2.12 -12.74
CA ILE A 20 9.23 1.02 -12.65
C ILE A 20 8.59 -0.30 -13.07
N ASN A 21 9.32 -1.06 -13.86
CA ASN A 21 8.85 -2.36 -14.33
C ASN A 21 9.73 -3.46 -13.75
N VAL A 22 9.16 -4.30 -12.91
CA VAL A 22 9.89 -5.43 -12.36
C VAL A 22 9.50 -6.69 -13.10
N SER A 23 10.34 -7.11 -14.02
CA SER A 23 10.11 -8.34 -14.75
C SER A 23 11.22 -9.34 -14.43
N GLN A 24 10.88 -10.34 -13.63
CA GLN A 24 11.83 -11.35 -13.22
C GLN A 24 11.41 -12.72 -13.73
N SER A 25 12.35 -13.45 -14.30
CA SER A 25 12.05 -14.78 -14.80
C SER A 25 12.13 -15.80 -13.67
N GLY A 26 11.08 -16.58 -13.52
CA GLY A 26 11.06 -17.64 -12.53
C GLY A 26 10.79 -17.16 -11.13
N GLY A 27 11.35 -17.86 -10.15
CA GLY A 27 11.05 -17.60 -8.77
C GLY A 27 11.97 -16.58 -8.12
N GLN A 28 12.29 -15.52 -8.85
CA GLN A 28 13.01 -14.39 -8.27
C GLN A 28 12.14 -13.76 -7.21
N ILE A 29 10.89 -13.55 -7.55
CA ILE A 29 9.89 -13.09 -6.60
C ILE A 29 8.96 -14.26 -6.26
N SER A 30 9.04 -14.75 -5.04
CA SER A 30 8.19 -15.84 -4.60
C SER A 30 7.45 -15.44 -3.33
N SER A 31 8.13 -14.71 -2.46
CA SER A 31 7.54 -14.19 -1.26
C SER A 31 7.16 -12.73 -1.46
N PRO A 32 6.14 -12.22 -0.73
CA PRO A 32 5.78 -10.80 -0.74
C PRO A 32 7.00 -9.92 -0.49
N SER A 33 7.95 -10.47 0.28
CA SER A 33 9.20 -9.77 0.57
C SER A 33 9.95 -9.47 -0.72
N ASP A 34 10.16 -10.50 -1.53
CA ASP A 34 10.90 -10.36 -2.79
C ASP A 34 10.27 -9.28 -3.67
N LEU A 35 8.95 -9.37 -3.79
CA LEU A 35 8.19 -8.46 -4.64
C LEU A 35 8.37 -7.02 -4.22
N ARG A 36 8.01 -6.73 -2.98
CA ARG A 36 7.94 -5.36 -2.51
C ARG A 36 9.31 -4.77 -2.23
N GLU A 37 10.30 -5.62 -1.94
CA GLU A 37 11.66 -5.13 -1.72
C GLU A 37 12.30 -4.68 -3.02
N LYS A 38 11.99 -5.36 -4.12
CA LYS A 38 12.49 -4.94 -5.43
C LYS A 38 11.79 -3.66 -5.87
N LEU A 39 10.50 -3.58 -5.58
CA LEU A 39 9.73 -2.38 -5.86
C LEU A 39 10.28 -1.20 -5.07
N SER A 40 10.51 -1.42 -3.78
CA SER A 40 11.06 -0.38 -2.92
C SER A 40 12.48 -0.02 -3.36
N GLU A 41 13.25 -1.03 -3.75
CA GLU A 41 14.61 -0.84 -4.21
C GLU A 41 14.66 0.15 -5.37
N LEU A 42 13.84 -0.11 -6.38
CA LEU A 42 13.79 0.74 -7.56
C LEU A 42 13.20 2.11 -7.22
N ALA A 43 12.21 2.14 -6.35
CA ALA A 43 11.56 3.38 -5.96
C ALA A 43 12.55 4.34 -5.30
N ASP A 44 13.30 3.84 -4.35
CA ASP A 44 14.31 4.65 -3.67
C ASP A 44 15.47 4.97 -4.60
N ALA A 45 15.73 4.08 -5.56
CA ALA A 45 16.76 4.32 -6.55
C ALA A 45 16.37 5.45 -7.49
N LYS A 46 15.10 5.50 -7.86
CA LYS A 46 14.57 6.57 -8.70
C LYS A 46 14.61 7.90 -7.96
N GLY A 47 14.20 7.87 -6.69
CA GLY A 47 14.20 9.08 -5.89
C GLY A 47 12.81 9.45 -5.42
N GLY A 48 12.03 8.43 -5.04
CA GLY A 48 10.69 8.67 -4.53
C GLY A 48 10.49 8.00 -3.19
N LYS A 49 9.53 8.50 -2.42
CA LYS A 49 9.26 7.95 -1.10
C LYS A 49 8.09 6.97 -1.14
N TYR A 50 7.26 7.12 -2.16
CA TYR A 50 6.05 6.34 -2.26
C TYR A 50 6.03 5.58 -3.58
N TYR A 51 5.26 4.53 -3.65
CA TYR A 51 5.03 3.82 -4.90
C TYR A 51 3.67 3.13 -4.86
N HIS A 52 3.20 2.68 -6.01
CA HIS A 52 1.94 1.96 -6.07
C HIS A 52 1.93 0.98 -7.23
N ILE A 53 1.61 -0.27 -6.94
CA ILE A 53 1.49 -1.29 -7.97
C ILE A 53 0.24 -1.05 -8.81
N ILE A 54 0.44 -0.91 -10.11
CA ILE A 54 -0.68 -0.72 -11.02
C ILE A 54 -0.99 -2.01 -11.76
N ALA A 55 -0.01 -2.90 -11.80
CA ALA A 55 -0.18 -4.21 -12.43
C ALA A 55 0.81 -5.20 -11.87
N ALA A 56 0.33 -6.38 -11.48
CA ALA A 56 1.18 -7.42 -10.96
C ALA A 56 0.70 -8.76 -11.48
N ARG A 57 1.41 -9.30 -12.45
CA ARG A 57 0.95 -10.48 -13.15
C ARG A 57 2.07 -11.48 -13.41
N GLU A 58 1.68 -12.74 -13.53
CA GLU A 58 2.56 -13.77 -14.04
C GLU A 58 2.37 -13.84 -15.55
N HIS A 59 3.45 -13.72 -16.29
CA HIS A 59 3.36 -13.65 -17.73
C HIS A 59 4.35 -14.60 -18.36
N GLY A 60 3.92 -15.84 -18.56
CA GLY A 60 4.79 -16.85 -19.11
C GLY A 60 5.81 -17.30 -18.09
N PRO A 61 7.10 -17.30 -18.45
CA PRO A 61 8.17 -17.63 -17.53
C PRO A 61 8.69 -16.41 -16.77
N ASN A 62 7.94 -15.32 -16.83
CA ASN A 62 8.33 -14.08 -16.17
C ASN A 62 7.23 -13.56 -15.27
N PHE A 63 7.63 -12.99 -14.15
CA PHE A 63 6.72 -12.31 -13.25
C PHE A 63 6.88 -10.80 -13.42
N GLU A 64 5.80 -10.12 -13.77
CA GLU A 64 5.86 -8.69 -14.05
C GLU A 64 5.10 -7.87 -13.03
N ALA A 65 5.84 -7.02 -12.33
CA ALA A 65 5.24 -6.09 -11.37
C ALA A 65 5.50 -4.67 -11.80
N VAL A 66 4.45 -3.97 -12.20
CA VAL A 66 4.57 -2.60 -12.67
C VAL A 66 4.05 -1.64 -11.61
N ALA A 67 4.90 -0.71 -11.19
CA ALA A 67 4.53 0.25 -10.16
C ALA A 67 5.02 1.64 -10.54
N GLU A 68 4.33 2.66 -10.05
CA GLU A 68 4.76 4.03 -10.27
C GLU A 68 5.36 4.59 -8.99
N VAL A 69 6.42 5.35 -9.13
CA VAL A 69 7.10 5.95 -7.99
C VAL A 69 6.58 7.35 -7.76
N TYR A 70 6.32 7.70 -6.51
CA TYR A 70 5.79 9.00 -6.17
C TYR A 70 6.63 9.67 -5.09
N ASN A 71 6.54 10.99 -5.02
CA ASN A 71 7.20 11.77 -3.99
C ASN A 71 6.31 12.97 -3.64
N ASP A 72 6.68 13.72 -2.63
CA ASP A 72 5.91 14.89 -2.22
C ASP A 72 6.09 16.01 -3.22
N ALA A 73 5.22 17.01 -3.18
CA ALA A 73 5.31 18.14 -4.09
C ALA A 73 6.41 19.10 -3.66
N THR A 74 7.66 18.73 -3.94
CA THR A 74 8.79 19.54 -3.59
C THR A 74 10.03 19.03 -4.34
N LYS A 75 11.17 19.70 -4.13
CA LYS A 75 12.43 19.35 -4.80
C LYS A 75 12.30 19.46 -6.31
N LEU A 76 11.51 20.44 -6.75
CA LEU A 76 11.33 20.69 -8.17
C LEU A 76 12.59 21.33 -8.75
N GLU A 77 12.96 20.89 -9.94
CA GLU A 77 14.18 21.37 -10.57
C GLU A 77 14.07 22.86 -10.88
N HIS A 78 15.09 23.60 -10.47
CA HIS A 78 15.07 25.06 -10.57
C HIS A 78 16.28 25.56 -11.34
N HIS A 79 16.03 26.29 -12.43
CA HIS A 79 17.11 26.79 -13.28
C HIS A 79 17.06 28.30 -13.43
N HIS A 80 16.33 28.98 -12.55
CA HIS A 80 16.21 30.43 -12.64
C HIS A 80 17.53 31.10 -12.26
N HIS A 81 18.04 31.91 -13.19
CA HIS A 81 19.35 32.53 -13.03
C HIS A 81 19.24 33.97 -12.55
N HIS A 82 18.30 34.72 -13.13
CA HIS A 82 18.23 36.16 -12.92
C HIS A 82 17.56 36.48 -11.59
N HIS A 83 18.29 36.25 -10.50
CA HIS A 83 17.84 36.61 -9.17
C HIS A 83 18.95 36.31 -8.17
N ALA B 1 0.54 -4.32 10.84
CA ALA B 1 -0.46 -4.21 9.74
C ALA B 1 0.19 -3.66 8.49
N GLU B 2 0.05 -4.38 7.39
CA GLU B 2 0.69 -4.01 6.13
C GLU B 2 -0.38 -3.66 5.09
N GLN B 3 -0.12 -2.61 4.32
CA GLN B 3 -1.06 -2.18 3.29
C GLN B 3 -0.72 -2.80 1.94
N VAL B 4 -1.66 -3.58 1.41
CA VAL B 4 -1.48 -4.24 0.13
C VAL B 4 -2.52 -3.77 -0.89
N SER B 5 -2.18 -3.88 -2.16
CA SER B 5 -3.09 -3.48 -3.23
C SER B 5 -3.93 -4.66 -3.71
N LYS B 6 -4.90 -4.36 -4.57
CA LYS B 6 -5.84 -5.35 -5.08
C LYS B 6 -5.12 -6.52 -5.78
N GLN B 7 -4.01 -6.22 -6.42
CA GLN B 7 -3.22 -7.25 -7.11
C GLN B 7 -2.58 -8.19 -6.10
N GLU B 8 -2.11 -7.63 -5.00
CA GLU B 8 -1.48 -8.42 -3.95
C GLU B 8 -2.51 -9.32 -3.28
N ILE B 9 -3.65 -8.73 -2.93
CA ILE B 9 -4.75 -9.47 -2.30
C ILE B 9 -5.15 -10.67 -3.14
N SER B 10 -5.32 -10.45 -4.43
CA SER B 10 -5.78 -11.49 -5.34
C SER B 10 -4.73 -12.60 -5.51
N HIS B 11 -3.47 -12.26 -5.35
CA HIS B 11 -2.39 -13.23 -5.53
C HIS B 11 -2.13 -14.00 -4.25
N PHE B 12 -2.18 -13.31 -3.12
CA PHE B 12 -1.90 -13.94 -1.84
C PHE B 12 -3.14 -14.63 -1.27
N LYS B 13 -4.27 -14.45 -1.96
CA LYS B 13 -5.53 -15.11 -1.62
C LYS B 13 -6.00 -14.70 -0.22
N LEU B 14 -5.82 -13.43 0.09
CA LEU B 14 -6.14 -12.91 1.41
C LEU B 14 -7.63 -13.04 1.73
N VAL B 15 -7.91 -13.44 2.96
CA VAL B 15 -9.28 -13.63 3.43
C VAL B 15 -9.79 -12.36 4.09
N LYS B 16 -10.95 -11.88 3.69
CA LYS B 16 -11.46 -10.62 4.20
C LYS B 16 -12.13 -10.81 5.56
N VAL B 17 -11.51 -10.24 6.59
CA VAL B 17 -12.00 -10.36 7.96
C VAL B 17 -13.11 -9.35 8.21
N GLY B 18 -13.00 -8.19 7.59
CA GLY B 18 -13.99 -7.15 7.76
C GLY B 18 -13.56 -5.85 7.13
N THR B 19 -14.27 -4.78 7.43
CA THR B 19 -13.95 -3.47 6.89
C THR B 19 -13.89 -2.43 8.02
N ILE B 20 -12.75 -1.78 8.16
CA ILE B 20 -12.57 -0.77 9.18
C ILE B 20 -12.78 0.62 8.61
N ASN B 21 -13.18 1.54 9.46
CA ASN B 21 -13.40 2.91 9.03
C ASN B 21 -12.92 3.87 10.10
N VAL B 22 -12.16 4.87 9.69
CA VAL B 22 -11.70 5.90 10.59
C VAL B 22 -12.34 7.23 10.22
N SER B 23 -13.36 7.60 10.96
CA SER B 23 -14.08 8.84 10.71
C SER B 23 -13.63 9.89 11.73
N GLN B 24 -12.85 10.85 11.27
CA GLN B 24 -12.33 11.88 12.14
C GLN B 24 -12.81 13.25 11.69
N SER B 25 -13.67 13.85 12.49
CA SER B 25 -14.20 15.18 12.19
C SER B 25 -13.15 16.24 12.50
N GLY B 26 -12.56 16.80 11.46
CA GLY B 26 -11.57 17.84 11.64
C GLY B 26 -10.16 17.31 11.48
N GLY B 27 -9.19 18.17 11.76
CA GLY B 27 -7.80 17.81 11.58
C GLY B 27 -7.24 16.97 12.71
N GLN B 28 -7.97 15.92 13.09
CA GLN B 28 -7.49 14.98 14.09
C GLN B 28 -6.48 14.03 13.43
N ILE B 29 -6.65 13.85 12.13
CA ILE B 29 -5.67 13.16 11.30
C ILE B 29 -4.99 14.19 10.40
N SER B 30 -3.78 14.56 10.74
CA SER B 30 -3.11 15.65 10.06
C SER B 30 -2.15 15.15 8.98
N SER B 31 -1.41 14.11 9.29
CA SER B 31 -0.40 13.58 8.38
C SER B 31 -0.80 12.18 7.93
N PRO B 32 -0.31 11.73 6.74
CA PRO B 32 -0.50 10.35 6.29
C PRO B 32 -0.02 9.34 7.32
N SER B 33 0.88 9.78 8.19
CA SER B 33 1.34 8.96 9.30
C SER B 33 0.17 8.60 10.21
N ASP B 34 -0.66 9.60 10.52
CA ASP B 34 -1.83 9.38 11.38
C ASP B 34 -2.85 8.49 10.69
N LEU B 35 -2.96 8.67 9.38
CA LEU B 35 -3.84 7.86 8.56
C LEU B 35 -3.47 6.38 8.67
N ARG B 36 -2.23 6.06 8.30
CA ARG B 36 -1.77 4.68 8.31
C ARG B 36 -1.63 4.17 9.74
N GLU B 37 -1.52 5.09 10.68
CA GLU B 37 -1.49 4.77 12.10
C GLU B 37 -2.81 4.13 12.52
N LYS B 38 -3.91 4.82 12.27
CA LYS B 38 -5.23 4.33 12.66
C LYS B 38 -5.62 3.10 11.87
N LEU B 39 -5.15 3.02 10.63
CA LEU B 39 -5.37 1.84 9.80
C LEU B 39 -4.71 0.62 10.42
N SER B 40 -3.44 0.75 10.79
CA SER B 40 -2.71 -0.35 11.40
C SER B 40 -3.23 -0.62 12.81
N GLU B 41 -3.59 0.44 13.51
CA GLU B 41 -4.13 0.33 14.86
C GLU B 41 -5.37 -0.54 14.87
N LEU B 42 -6.29 -0.27 13.94
CA LEU B 42 -7.54 -1.02 13.86
C LEU B 42 -7.32 -2.40 13.25
N ALA B 43 -6.43 -2.49 12.26
CA ALA B 43 -6.14 -3.76 11.59
C ALA B 43 -5.59 -4.79 12.58
N ASP B 44 -4.54 -4.41 13.31
CA ASP B 44 -3.94 -5.28 14.31
C ASP B 44 -4.96 -5.60 15.42
N ALA B 45 -5.80 -4.63 15.74
CA ALA B 45 -6.86 -4.84 16.73
C ALA B 45 -7.85 -5.91 16.27
N LYS B 46 -8.25 -5.83 14.99
CA LYS B 46 -9.18 -6.81 14.42
C LYS B 46 -8.53 -8.19 14.33
N GLY B 47 -7.23 -8.20 14.06
CA GLY B 47 -6.52 -9.46 13.93
C GLY B 47 -6.09 -9.72 12.50
N GLY B 48 -6.37 -8.77 11.63
CA GLY B 48 -5.99 -8.91 10.24
C GLY B 48 -4.74 -8.12 9.93
N LYS B 49 -3.67 -8.81 9.57
CA LYS B 49 -2.39 -8.18 9.35
C LYS B 49 -2.38 -7.30 8.11
N TYR B 50 -3.17 -7.66 7.12
CA TYR B 50 -3.14 -6.95 5.85
C TYR B 50 -4.40 -6.12 5.68
N TYR B 51 -4.26 -4.96 5.08
CA TYR B 51 -5.40 -4.11 4.81
C TYR B 51 -5.23 -3.37 3.50
N HIS B 52 -6.34 -3.02 2.88
CA HIS B 52 -6.33 -2.25 1.65
C HIS B 52 -7.35 -1.13 1.73
N ILE B 53 -6.86 0.10 1.61
CA ILE B 53 -7.73 1.26 1.60
C ILE B 53 -8.60 1.25 0.36
N ILE B 54 -9.90 1.33 0.55
CA ILE B 54 -10.83 1.39 -0.57
C ILE B 54 -11.35 2.80 -0.74
N ALA B 55 -11.35 3.57 0.34
CA ALA B 55 -11.82 4.94 0.30
C ALA B 55 -11.22 5.79 1.42
N ALA B 56 -10.06 6.37 1.14
CA ALA B 56 -9.48 7.38 2.02
C ALA B 56 -9.91 8.75 1.51
N ARG B 57 -11.01 9.23 2.03
CA ARG B 57 -11.67 10.38 1.45
C ARG B 57 -11.88 11.50 2.44
N GLU B 58 -11.97 12.70 1.90
CA GLU B 58 -12.21 13.89 2.67
C GLU B 58 -13.60 14.42 2.36
N HIS B 59 -14.49 14.35 3.34
CA HIS B 59 -15.88 14.72 3.14
C HIS B 59 -16.22 15.94 4.00
N GLY B 60 -15.96 17.12 3.46
CA GLY B 60 -16.22 18.34 4.19
C GLY B 60 -15.19 18.54 5.28
N PRO B 61 -15.62 18.63 6.54
CA PRO B 61 -14.72 18.68 7.69
C PRO B 61 -14.32 17.29 8.13
N ASN B 62 -15.02 16.27 7.63
CA ASN B 62 -14.77 14.90 8.04
C ASN B 62 -13.69 14.26 7.19
N PHE B 63 -12.77 13.58 7.85
CA PHE B 63 -11.80 12.75 7.17
C PHE B 63 -12.19 11.29 7.34
N GLU B 64 -12.56 10.67 6.24
CA GLU B 64 -13.12 9.33 6.27
C GLU B 64 -12.14 8.34 5.66
N ALA B 65 -11.53 7.51 6.49
CA ALA B 65 -10.60 6.49 6.02
C ALA B 65 -11.24 5.11 6.08
N VAL B 66 -11.65 4.61 4.92
CA VAL B 66 -12.28 3.29 4.85
C VAL B 66 -11.32 2.29 4.21
N ALA B 67 -11.04 1.21 4.93
CA ALA B 67 -10.13 0.18 4.45
C ALA B 67 -10.66 -1.20 4.80
N GLU B 68 -10.32 -2.18 3.99
CA GLU B 68 -10.77 -3.55 4.25
C GLU B 68 -9.65 -4.37 4.86
N VAL B 69 -10.00 -5.17 5.86
CA VAL B 69 -9.03 -5.96 6.59
C VAL B 69 -8.95 -7.37 6.03
N TYR B 70 -7.74 -7.81 5.71
CA TYR B 70 -7.51 -9.12 5.16
C TYR B 70 -6.55 -9.91 6.02
N ASN B 71 -6.77 -11.21 6.09
CA ASN B 71 -5.89 -12.10 6.82
C ASN B 71 -5.34 -13.15 5.88
N ASP B 72 -4.35 -13.90 6.32
CA ASP B 72 -3.71 -14.90 5.46
C ASP B 72 -4.64 -16.09 5.24
N ALA B 73 -4.51 -16.73 4.08
CA ALA B 73 -5.39 -17.82 3.68
C ALA B 73 -5.04 -19.14 4.38
N THR B 74 -4.57 -19.03 5.60
CA THR B 74 -4.18 -20.20 6.37
C THR B 74 -5.16 -20.45 7.51
N LYS B 75 -5.83 -19.40 7.94
CA LYS B 75 -6.74 -19.49 9.07
C LYS B 75 -8.13 -19.94 8.62
N LEU B 76 -8.42 -21.21 8.81
CA LEU B 76 -9.72 -21.77 8.47
C LEU B 76 -10.61 -21.85 9.71
N GLU B 77 -11.86 -22.21 9.50
CA GLU B 77 -12.81 -22.33 10.61
C GLU B 77 -12.57 -23.62 11.38
N HIS B 78 -12.29 -23.49 12.67
CA HIS B 78 -12.01 -24.65 13.51
C HIS B 78 -13.30 -25.24 14.06
N HIS B 79 -14.08 -25.85 13.19
CA HIS B 79 -15.33 -26.48 13.60
C HIS B 79 -15.60 -27.73 12.77
N HIS B 80 -15.02 -28.85 13.18
CA HIS B 80 -15.28 -30.13 12.54
C HIS B 80 -15.45 -31.22 13.59
N HIS B 81 -16.63 -31.80 13.65
CA HIS B 81 -16.93 -32.85 14.61
C HIS B 81 -17.16 -34.18 13.92
N HIS B 82 -16.15 -35.04 13.93
CA HIS B 82 -16.28 -36.36 13.34
C HIS B 82 -15.14 -37.27 13.78
N HIS B 83 -13.94 -36.72 13.76
CA HIS B 83 -12.74 -37.49 14.09
C HIS B 83 -11.99 -36.79 15.21
N ALA A 1 11.62 2.98 0.04
CA ALA A 1 10.34 3.60 -0.35
C ALA A 1 9.16 2.81 0.19
N GLU A 2 8.04 3.50 0.40
CA GLU A 2 6.81 2.88 0.90
C GLU A 2 5.77 2.79 -0.22
N GLN A 3 4.70 2.05 0.01
CA GLN A 3 3.59 2.02 -0.93
C GLN A 3 2.41 2.79 -0.35
N VAL A 4 1.75 3.55 -1.21
CA VAL A 4 0.55 4.28 -0.84
C VAL A 4 -0.54 4.07 -1.88
N SER A 5 -1.78 4.34 -1.52
CA SER A 5 -2.88 4.19 -2.44
C SER A 5 -3.05 5.43 -3.29
N LYS A 6 -3.70 5.28 -4.45
CA LYS A 6 -3.87 6.38 -5.39
C LYS A 6 -4.69 7.49 -4.73
N GLN A 7 -5.58 7.10 -3.82
CA GLN A 7 -6.42 8.04 -3.11
C GLN A 7 -5.58 8.94 -2.20
N GLU A 8 -4.56 8.35 -1.57
CA GLU A 8 -3.67 9.11 -0.69
C GLU A 8 -2.83 10.06 -1.53
N ILE A 9 -2.33 9.55 -2.65
CA ILE A 9 -1.52 10.33 -3.58
C ILE A 9 -2.26 11.57 -4.06
N SER A 10 -3.53 11.38 -4.42
CA SER A 10 -4.33 12.48 -4.94
C SER A 10 -4.72 13.46 -3.83
N HIS A 11 -4.89 12.95 -2.61
CA HIS A 11 -5.30 13.78 -1.48
C HIS A 11 -4.17 14.71 -1.04
N PHE A 12 -2.98 14.15 -0.87
CA PHE A 12 -1.84 14.94 -0.41
C PHE A 12 -1.13 15.59 -1.59
N LYS A 13 -1.45 15.12 -2.78
CA LYS A 13 -0.89 15.64 -4.03
C LYS A 13 0.61 15.39 -4.11
N LEU A 14 0.97 14.21 -4.61
CA LEU A 14 2.37 13.84 -4.75
C LEU A 14 2.82 13.99 -6.21
N VAL A 15 4.11 14.22 -6.41
CA VAL A 15 4.67 14.43 -7.74
C VAL A 15 5.24 13.13 -8.28
N LYS A 16 4.74 12.68 -9.43
CA LYS A 16 5.18 11.41 -10.00
C LYS A 16 6.50 11.57 -10.75
N VAL A 17 7.45 10.72 -10.41
CA VAL A 17 8.76 10.72 -11.05
C VAL A 17 8.71 9.86 -12.31
N GLY A 18 8.24 8.62 -12.14
CA GLY A 18 8.17 7.70 -13.26
C GLY A 18 7.43 6.44 -12.89
N THR A 19 7.48 5.45 -13.76
CA THR A 19 6.81 4.17 -13.53
C THR A 19 7.84 3.04 -13.57
N ILE A 20 7.86 2.24 -12.51
CA ILE A 20 8.77 1.12 -12.44
C ILE A 20 8.02 -0.19 -12.66
N ASN A 21 8.72 -1.19 -13.14
CA ASN A 21 8.11 -2.49 -13.38
C ASN A 21 9.07 -3.61 -13.00
N VAL A 22 8.58 -4.54 -12.21
CA VAL A 22 9.35 -5.70 -11.80
C VAL A 22 8.89 -6.92 -12.57
N SER A 23 9.74 -7.43 -13.45
CA SER A 23 9.44 -8.66 -14.15
C SER A 23 10.47 -9.72 -13.80
N GLN A 24 10.12 -10.60 -12.87
CA GLN A 24 11.03 -11.62 -12.39
C GLN A 24 10.51 -13.01 -12.69
N SER A 25 11.43 -13.93 -12.89
CA SER A 25 11.06 -15.30 -13.21
C SER A 25 11.16 -16.20 -11.98
N GLY A 26 10.01 -16.53 -11.42
CA GLY A 26 9.92 -17.51 -10.36
C GLY A 26 10.43 -17.04 -9.01
N GLY A 27 11.64 -17.46 -8.65
CA GLY A 27 12.12 -17.32 -7.30
C GLY A 27 12.75 -15.97 -7.00
N GLN A 28 12.00 -14.90 -7.18
CA GLN A 28 12.44 -13.57 -6.78
C GLN A 28 11.41 -12.94 -5.86
N ILE A 29 10.16 -13.00 -6.27
CA ILE A 29 9.05 -12.51 -5.46
C ILE A 29 8.16 -13.68 -5.06
N SER A 30 8.12 -13.96 -3.77
CA SER A 30 7.26 -15.02 -3.26
C SER A 30 6.49 -14.53 -2.04
N SER A 31 7.13 -13.67 -1.27
CA SER A 31 6.50 -13.02 -0.14
C SER A 31 6.27 -11.55 -0.46
N PRO A 32 5.35 -10.88 0.24
CA PRO A 32 5.13 -9.45 0.09
C PRO A 32 6.41 -8.66 0.37
N SER A 33 7.25 -9.23 1.23
CA SER A 33 8.54 -8.66 1.55
C SER A 33 9.43 -8.55 0.31
N ASP A 34 9.49 -9.64 -0.47
CA ASP A 34 10.30 -9.67 -1.68
C ASP A 34 9.86 -8.59 -2.65
N LEU A 35 8.57 -8.60 -2.95
CA LEU A 35 8.00 -7.65 -3.91
C LEU A 35 8.24 -6.22 -3.45
N ARG A 36 7.96 -5.98 -2.19
CA ARG A 36 8.06 -4.64 -1.62
C ARG A 36 9.51 -4.16 -1.59
N GLU A 37 10.43 -5.10 -1.38
CA GLU A 37 11.85 -4.76 -1.31
C GLU A 37 12.39 -4.47 -2.72
N LYS A 38 11.96 -5.25 -3.71
CA LYS A 38 12.36 -5.02 -5.09
C LYS A 38 11.81 -3.68 -5.58
N LEU A 39 10.53 -3.43 -5.32
CA LEU A 39 9.90 -2.17 -5.68
C LEU A 39 10.60 -1.00 -4.99
N SER A 40 10.91 -1.18 -3.71
CA SER A 40 11.63 -0.15 -2.97
C SER A 40 12.99 0.11 -3.61
N GLU A 41 13.71 -0.96 -3.93
CA GLU A 41 15.03 -0.86 -4.55
C GLU A 41 14.98 0.00 -5.81
N LEU A 42 13.97 -0.27 -6.64
CA LEU A 42 13.83 0.45 -7.90
C LEU A 42 13.32 1.86 -7.68
N ALA A 43 12.41 2.03 -6.73
CA ALA A 43 11.86 3.34 -6.42
C ALA A 43 12.92 4.23 -5.78
N ASP A 44 13.70 3.66 -4.86
CA ASP A 44 14.76 4.40 -4.18
C ASP A 44 15.88 4.73 -5.16
N ALA A 45 16.01 3.91 -6.21
CA ALA A 45 16.98 4.17 -7.26
C ALA A 45 16.55 5.37 -8.10
N LYS A 46 15.23 5.56 -8.20
CA LYS A 46 14.69 6.74 -8.85
C LYS A 46 14.70 7.93 -7.90
N GLY A 47 14.56 7.63 -6.62
CA GLY A 47 14.54 8.67 -5.61
C GLY A 47 13.14 8.94 -5.10
N GLY A 48 12.22 8.04 -5.44
CA GLY A 48 10.84 8.21 -5.02
C GLY A 48 10.61 7.65 -3.63
N LYS A 49 9.95 8.43 -2.80
CA LYS A 49 9.73 8.03 -1.41
C LYS A 49 8.54 7.07 -1.31
N TYR A 50 7.58 7.25 -2.20
CA TYR A 50 6.38 6.43 -2.19
C TYR A 50 6.09 5.92 -3.60
N TYR A 51 5.51 4.73 -3.67
CA TYR A 51 5.09 4.18 -4.94
C TYR A 51 3.71 3.56 -4.80
N HIS A 52 3.06 3.32 -5.93
CA HIS A 52 1.73 2.72 -5.93
C HIS A 52 1.65 1.65 -7.03
N ILE A 53 1.36 0.42 -6.62
CA ILE A 53 1.19 -0.66 -7.57
C ILE A 53 -0.13 -0.50 -8.31
N ILE A 54 -0.07 -0.53 -9.63
CA ILE A 54 -1.27 -0.44 -10.45
C ILE A 54 -1.60 -1.78 -11.09
N ALA A 55 -0.58 -2.62 -11.23
CA ALA A 55 -0.76 -3.93 -11.84
C ALA A 55 0.31 -4.92 -11.39
N ALA A 56 -0.09 -5.87 -10.56
CA ALA A 56 0.81 -6.93 -10.13
C ALA A 56 0.27 -8.28 -10.60
N ARG A 57 0.71 -8.69 -11.78
CA ARG A 57 0.15 -9.88 -12.42
C ARG A 57 1.24 -10.84 -12.85
N GLU A 58 0.99 -12.12 -12.63
CA GLU A 58 1.95 -13.16 -12.96
C GLU A 58 1.65 -13.77 -14.32
N HIS A 59 2.52 -13.51 -15.26
CA HIS A 59 2.42 -14.11 -16.58
C HIS A 59 3.21 -15.42 -16.59
N GLY A 60 2.55 -16.49 -16.20
CA GLY A 60 3.23 -17.76 -16.06
C GLY A 60 4.08 -17.77 -14.81
N PRO A 61 5.38 -18.04 -14.94
CA PRO A 61 6.32 -17.95 -13.82
C PRO A 61 6.89 -16.54 -13.67
N ASN A 62 6.52 -15.66 -14.59
CA ASN A 62 7.05 -14.31 -14.61
C ASN A 62 6.07 -13.34 -13.96
N PHE A 63 6.38 -12.93 -12.75
CA PHE A 63 5.55 -12.01 -12.02
C PHE A 63 5.87 -10.58 -12.41
N GLU A 64 4.89 -9.88 -12.94
CA GLU A 64 5.07 -8.51 -13.42
C GLU A 64 4.38 -7.52 -12.50
N ALA A 65 5.17 -6.76 -11.76
CA ALA A 65 4.63 -5.75 -10.86
C ALA A 65 4.93 -4.35 -11.38
N VAL A 66 3.90 -3.66 -11.81
CA VAL A 66 4.05 -2.30 -12.34
C VAL A 66 3.55 -1.29 -11.30
N ALA A 67 4.41 -0.35 -10.94
CA ALA A 67 4.08 0.62 -9.91
C ALA A 67 4.48 2.04 -10.33
N GLU A 68 3.82 3.02 -9.76
CA GLU A 68 4.11 4.42 -10.05
C GLU A 68 4.93 5.02 -8.91
N VAL A 69 6.02 5.68 -9.26
CA VAL A 69 6.93 6.25 -8.27
C VAL A 69 6.64 7.73 -8.06
N TYR A 70 6.44 8.11 -6.80
CA TYR A 70 6.12 9.49 -6.46
C TYR A 70 7.15 10.09 -5.49
N ASN A 71 7.32 11.40 -5.61
CA ASN A 71 8.25 12.14 -4.76
C ASN A 71 7.52 13.34 -4.16
N ASP A 72 8.22 14.14 -3.36
CA ASP A 72 7.63 15.29 -2.69
C ASP A 72 7.64 16.50 -3.62
N ALA A 73 6.77 17.46 -3.34
CA ALA A 73 6.62 18.64 -4.20
C ALA A 73 7.57 19.76 -3.77
N THR A 74 8.66 19.39 -3.11
CA THR A 74 9.62 20.36 -2.61
C THR A 74 10.71 20.66 -3.64
N LYS A 75 10.58 20.08 -4.83
CA LYS A 75 11.59 20.26 -5.86
C LYS A 75 11.39 21.58 -6.61
N LEU A 76 11.89 22.65 -6.00
CA LEU A 76 11.90 23.97 -6.63
C LEU A 76 13.20 24.13 -7.41
N GLU A 77 13.09 24.20 -8.72
CA GLU A 77 14.27 24.17 -9.59
C GLU A 77 14.82 25.55 -9.89
N HIS A 78 13.99 26.59 -9.76
CA HIS A 78 14.45 27.95 -10.00
C HIS A 78 15.21 28.50 -8.80
N HIS A 79 16.42 28.00 -8.59
CA HIS A 79 17.29 28.50 -7.54
C HIS A 79 17.54 29.99 -7.74
N HIS A 80 17.07 30.80 -6.81
CA HIS A 80 17.09 32.24 -6.99
C HIS A 80 18.40 32.87 -6.55
N HIS A 81 19.46 32.58 -7.31
CA HIS A 81 20.74 33.31 -7.22
C HIS A 81 21.49 33.05 -5.91
N HIS A 82 20.92 33.50 -4.80
CA HIS A 82 21.62 33.50 -3.52
C HIS A 82 21.45 32.18 -2.78
N HIS A 83 22.45 31.83 -1.98
CA HIS A 83 22.38 30.68 -1.10
C HIS A 83 23.17 30.97 0.16
N ALA B 1 0.70 -4.49 10.67
CA ALA B 1 0.00 -4.63 9.37
C ALA B 1 0.66 -3.75 8.32
N GLU B 2 0.36 -4.03 7.06
CA GLU B 2 0.91 -3.26 5.95
C GLU B 2 -0.15 -3.07 4.87
N GLN B 3 0.05 -2.05 4.04
CA GLN B 3 -0.90 -1.72 2.99
C GLN B 3 -0.57 -2.51 1.72
N VAL B 4 -1.50 -3.33 1.29
CA VAL B 4 -1.31 -4.11 0.07
C VAL B 4 -2.29 -3.66 -1.00
N SER B 5 -1.84 -3.70 -2.24
CA SER B 5 -2.68 -3.33 -3.36
C SER B 5 -3.66 -4.46 -3.68
N LYS B 6 -4.76 -4.12 -4.36
CA LYS B 6 -5.77 -5.09 -4.75
C LYS B 6 -5.12 -6.18 -5.62
N GLN B 7 -4.07 -5.79 -6.31
CA GLN B 7 -3.32 -6.69 -7.17
C GLN B 7 -2.52 -7.69 -6.33
N GLU B 8 -1.91 -7.22 -5.25
CA GLU B 8 -1.15 -8.09 -4.37
C GLU B 8 -2.06 -9.10 -3.70
N ILE B 9 -3.22 -8.61 -3.27
CA ILE B 9 -4.23 -9.44 -2.64
C ILE B 9 -4.65 -10.60 -3.56
N SER B 10 -4.76 -10.30 -4.85
CA SER B 10 -5.18 -11.29 -5.83
C SER B 10 -4.10 -12.36 -6.05
N HIS B 11 -2.84 -11.94 -6.03
CA HIS B 11 -1.72 -12.87 -6.24
C HIS B 11 -1.60 -13.85 -5.08
N PHE B 12 -1.60 -13.33 -3.86
CA PHE B 12 -1.44 -14.18 -2.68
C PHE B 12 -2.75 -14.88 -2.32
N LYS B 13 -3.85 -14.34 -2.84
CA LYS B 13 -5.19 -14.85 -2.56
C LYS B 13 -5.46 -14.78 -1.07
N LEU B 14 -5.47 -13.55 -0.55
CA LEU B 14 -5.66 -13.31 0.87
C LEU B 14 -7.14 -13.42 1.23
N VAL B 15 -7.40 -13.76 2.48
CA VAL B 15 -8.77 -13.88 2.97
C VAL B 15 -9.21 -12.55 3.58
N LYS B 16 -10.36 -12.05 3.15
CA LYS B 16 -10.88 -10.80 3.66
C LYS B 16 -11.54 -11.04 5.01
N VAL B 17 -10.88 -10.60 6.07
CA VAL B 17 -11.37 -10.79 7.42
C VAL B 17 -12.55 -9.87 7.70
N GLY B 18 -12.40 -8.60 7.29
CA GLY B 18 -13.45 -7.63 7.50
C GLY B 18 -13.13 -6.31 6.84
N THR B 19 -13.91 -5.28 7.16
CA THR B 19 -13.71 -3.96 6.59
C THR B 19 -13.65 -2.91 7.70
N ILE B 20 -12.66 -2.04 7.63
CA ILE B 20 -12.48 -1.01 8.63
C ILE B 20 -12.67 0.37 8.03
N ASN B 21 -13.22 1.29 8.81
CA ASN B 21 -13.41 2.66 8.37
C ASN B 21 -12.89 3.64 9.42
N VAL B 22 -12.04 4.55 8.99
CA VAL B 22 -11.48 5.55 9.87
C VAL B 22 -12.20 6.87 9.68
N SER B 23 -13.08 7.20 10.61
CA SER B 23 -13.82 8.45 10.56
C SER B 23 -13.25 9.42 11.60
N GLN B 24 -12.54 10.44 11.14
CA GLN B 24 -11.92 11.39 12.05
C GLN B 24 -12.35 12.82 11.71
N SER B 25 -12.52 13.64 12.73
CA SER B 25 -12.98 15.00 12.54
C SER B 25 -11.82 16.00 12.51
N GLY B 26 -11.57 16.58 11.35
CA GLY B 26 -10.51 17.57 11.22
C GLY B 26 -9.15 16.92 11.09
N GLY B 27 -8.13 17.62 11.59
CA GLY B 27 -6.77 17.14 11.48
C GLY B 27 -6.43 16.08 12.51
N GLN B 28 -7.25 15.04 12.57
CA GLN B 28 -6.97 13.91 13.45
C GLN B 28 -6.18 12.85 12.69
N ILE B 29 -5.91 13.17 11.42
CA ILE B 29 -4.85 12.50 10.66
C ILE B 29 -3.79 13.54 10.36
N SER B 30 -2.80 13.65 11.23
CA SER B 30 -1.85 14.74 11.14
C SER B 30 -0.90 14.55 9.96
N SER B 31 -0.57 13.30 9.66
CA SER B 31 0.36 13.00 8.58
C SER B 31 -0.12 11.76 7.82
N PRO B 32 0.39 11.51 6.60
CA PRO B 32 0.10 10.27 5.87
C PRO B 32 0.50 9.06 6.69
N SER B 33 1.56 9.21 7.49
CA SER B 33 2.01 8.18 8.41
C SER B 33 0.92 7.88 9.44
N ASP B 34 0.21 8.92 9.87
CA ASP B 34 -0.86 8.78 10.86
C ASP B 34 -2.01 7.97 10.26
N LEU B 35 -2.26 8.18 8.98
CA LEU B 35 -3.26 7.41 8.26
C LEU B 35 -2.87 5.94 8.23
N ARG B 36 -1.60 5.67 7.94
CA ARG B 36 -1.08 4.31 7.95
C ARG B 36 -1.23 3.71 9.36
N GLU B 37 -0.91 4.52 10.38
CA GLU B 37 -1.06 4.11 11.76
C GLU B 37 -2.48 3.64 12.04
N LYS B 38 -3.44 4.51 11.75
CA LYS B 38 -4.86 4.21 11.98
C LYS B 38 -5.26 2.89 11.33
N LEU B 39 -4.98 2.77 10.04
CA LEU B 39 -5.38 1.60 9.28
C LEU B 39 -4.72 0.34 9.81
N SER B 40 -3.43 0.41 10.10
CA SER B 40 -2.69 -0.73 10.61
C SER B 40 -3.20 -1.13 12.00
N GLU B 41 -3.49 -0.13 12.81
CA GLU B 41 -3.94 -0.35 14.18
C GLU B 41 -5.28 -1.10 14.18
N LEU B 42 -6.19 -0.67 13.32
CA LEU B 42 -7.51 -1.28 13.25
C LEU B 42 -7.42 -2.67 12.61
N ALA B 43 -6.48 -2.82 11.68
CA ALA B 43 -6.27 -4.11 11.02
C ALA B 43 -5.75 -5.14 12.01
N ASP B 44 -4.79 -4.74 12.83
CA ASP B 44 -4.24 -5.61 13.87
C ASP B 44 -5.28 -5.93 14.92
N ALA B 45 -6.24 -5.02 15.10
CA ALA B 45 -7.33 -5.23 16.05
C ALA B 45 -8.34 -6.24 15.52
N LYS B 46 -8.43 -6.35 14.20
CA LYS B 46 -9.31 -7.33 13.56
C LYS B 46 -8.62 -8.68 13.44
N GLY B 47 -7.32 -8.64 13.17
CA GLY B 47 -6.57 -9.86 13.00
C GLY B 47 -6.12 -10.04 11.56
N GLY B 48 -5.88 -8.94 10.87
CA GLY B 48 -5.42 -9.00 9.50
C GLY B 48 -4.02 -8.43 9.38
N LYS B 49 -3.16 -9.15 8.67
CA LYS B 49 -1.77 -8.73 8.52
C LYS B 49 -1.65 -7.65 7.44
N TYR B 50 -2.64 -7.58 6.57
CA TYR B 50 -2.59 -6.68 5.43
C TYR B 50 -3.89 -5.88 5.33
N TYR B 51 -3.82 -4.66 4.83
CA TYR B 51 -5.01 -3.86 4.61
C TYR B 51 -4.92 -3.16 3.26
N HIS B 52 -6.08 -2.81 2.71
CA HIS B 52 -6.13 -2.12 1.42
C HIS B 52 -7.22 -1.06 1.42
N ILE B 53 -6.83 0.20 1.21
CA ILE B 53 -7.79 1.29 1.15
C ILE B 53 -8.59 1.21 -0.15
N ILE B 54 -9.91 1.20 -0.02
CA ILE B 54 -10.79 1.17 -1.19
C ILE B 54 -11.44 2.53 -1.42
N ALA B 55 -11.75 3.22 -0.34
CA ALA B 55 -12.41 4.52 -0.43
C ALA B 55 -11.88 5.48 0.62
N ALA B 56 -10.99 6.37 0.20
CA ALA B 56 -10.49 7.42 1.08
C ALA B 56 -11.06 8.75 0.65
N ARG B 57 -12.00 9.26 1.42
CA ARG B 57 -12.72 10.46 1.03
C ARG B 57 -12.77 11.48 2.16
N GLU B 58 -12.84 12.73 1.77
CA GLU B 58 -12.85 13.84 2.70
C GLU B 58 -14.19 14.55 2.66
N HIS B 59 -15.04 14.27 3.65
CA HIS B 59 -16.40 14.80 3.64
C HIS B 59 -16.54 15.91 4.67
N GLY B 60 -16.04 17.08 4.33
CA GLY B 60 -16.22 18.25 5.17
C GLY B 60 -15.36 18.19 6.42
N PRO B 61 -15.98 18.09 7.60
CA PRO B 61 -15.26 17.97 8.87
C PRO B 61 -14.79 16.55 9.13
N ASN B 62 -15.43 15.57 8.51
CA ASN B 62 -15.11 14.17 8.77
C ASN B 62 -14.37 13.56 7.61
N PHE B 63 -13.19 13.03 7.89
CA PHE B 63 -12.41 12.30 6.91
C PHE B 63 -12.77 10.82 7.02
N GLU B 64 -13.09 10.22 5.89
CA GLU B 64 -13.54 8.84 5.87
C GLU B 64 -12.56 7.96 5.09
N ALA B 65 -11.82 7.13 5.82
CA ALA B 65 -10.91 6.20 5.19
C ALA B 65 -11.43 4.77 5.33
N VAL B 66 -11.99 4.25 4.24
CA VAL B 66 -12.53 2.90 4.24
C VAL B 66 -11.54 1.93 3.62
N ALA B 67 -11.17 0.91 4.36
CA ALA B 67 -10.18 -0.06 3.91
C ALA B 67 -10.64 -1.49 4.15
N GLU B 68 -9.97 -2.42 3.50
CA GLU B 68 -10.26 -3.84 3.65
C GLU B 68 -9.21 -4.47 4.56
N VAL B 69 -9.63 -5.41 5.38
CA VAL B 69 -8.70 -6.18 6.21
C VAL B 69 -8.49 -7.56 5.61
N TYR B 70 -7.29 -7.81 5.12
CA TYR B 70 -6.98 -9.10 4.51
C TYR B 70 -5.91 -9.82 5.30
N ASN B 71 -6.05 -11.13 5.38
CA ASN B 71 -5.11 -11.96 6.08
C ASN B 71 -5.04 -13.32 5.41
N ASP B 72 -3.86 -13.91 5.37
CA ASP B 72 -3.68 -15.21 4.74
C ASP B 72 -4.38 -16.29 5.55
N ALA B 73 -4.43 -17.49 5.01
CA ALA B 73 -5.14 -18.58 5.66
C ALA B 73 -4.31 -19.19 6.78
N THR B 74 -4.17 -18.44 7.87
CA THR B 74 -3.49 -18.96 9.05
C THR B 74 -4.46 -19.84 9.84
N LYS B 75 -5.08 -19.28 10.90
CA LYS B 75 -6.12 -19.96 11.68
C LYS B 75 -5.69 -21.36 12.13
N LEU B 76 -6.66 -22.11 12.66
CA LEU B 76 -6.46 -23.51 13.01
C LEU B 76 -7.79 -24.15 13.36
N GLU B 77 -8.41 -24.80 12.38
CA GLU B 77 -9.68 -25.48 12.61
C GLU B 77 -9.57 -26.95 12.22
N HIS B 78 -10.35 -27.79 12.88
CA HIS B 78 -10.36 -29.22 12.61
C HIS B 78 -8.96 -29.82 12.75
N HIS B 79 -8.21 -29.34 13.74
CA HIS B 79 -6.87 -29.85 13.99
C HIS B 79 -6.96 -31.18 14.73
N HIS B 80 -5.83 -31.87 14.85
CA HIS B 80 -5.81 -33.12 15.57
C HIS B 80 -5.59 -32.87 17.05
N HIS B 81 -6.01 -33.81 17.89
CA HIS B 81 -5.86 -33.66 19.33
C HIS B 81 -4.40 -33.78 19.74
N HIS B 82 -3.58 -34.23 18.80
CA HIS B 82 -2.14 -34.24 18.96
C HIS B 82 -1.53 -33.58 17.72
N HIS B 83 -0.85 -32.46 17.91
CA HIS B 83 -0.23 -31.76 16.79
C HIS B 83 1.04 -32.48 16.34
N ALA A 1 10.00 2.11 1.46
CA ALA A 1 8.94 2.80 0.69
C ALA A 1 7.60 2.14 0.95
N GLU A 2 6.54 2.96 0.99
CA GLU A 2 5.22 2.45 1.29
C GLU A 2 4.33 2.50 0.04
N GLN A 3 3.35 1.60 -0.03
CA GLN A 3 2.44 1.60 -1.16
C GLN A 3 1.17 2.35 -0.81
N VAL A 4 0.68 3.15 -1.74
CA VAL A 4 -0.55 3.88 -1.57
C VAL A 4 -1.51 3.59 -2.71
N SER A 5 -2.80 3.72 -2.44
CA SER A 5 -3.81 3.50 -3.45
C SER A 5 -4.14 4.81 -4.17
N LYS A 6 -4.88 4.72 -5.27
CA LYS A 6 -5.11 5.86 -6.14
C LYS A 6 -5.90 6.96 -5.42
N GLN A 7 -6.63 6.59 -4.37
CA GLN A 7 -7.38 7.57 -3.59
C GLN A 7 -6.42 8.51 -2.88
N GLU A 8 -5.40 7.94 -2.25
CA GLU A 8 -4.42 8.71 -1.52
C GLU A 8 -3.59 9.56 -2.48
N ILE A 9 -3.23 8.94 -3.60
CA ILE A 9 -2.48 9.62 -4.65
C ILE A 9 -3.21 10.89 -5.11
N SER A 10 -4.51 10.76 -5.31
CA SER A 10 -5.33 11.87 -5.78
C SER A 10 -5.60 12.86 -4.64
N HIS A 11 -5.81 12.34 -3.44
CA HIS A 11 -6.15 13.16 -2.28
C HIS A 11 -4.96 14.04 -1.86
N PHE A 12 -3.78 13.44 -1.76
CA PHE A 12 -2.59 14.17 -1.34
C PHE A 12 -1.88 14.80 -2.53
N LYS A 13 -2.29 14.40 -3.73
CA LYS A 13 -1.73 14.92 -4.97
C LYS A 13 -0.24 14.59 -5.05
N LEU A 14 0.06 13.31 -4.96
CA LEU A 14 1.44 12.84 -5.04
C LEU A 14 2.01 13.04 -6.44
N VAL A 15 3.32 13.23 -6.52
CA VAL A 15 3.98 13.46 -7.79
C VAL A 15 4.71 12.20 -8.24
N LYS A 16 4.36 11.70 -9.41
CA LYS A 16 5.03 10.52 -9.96
C LYS A 16 6.41 10.89 -10.49
N VAL A 17 7.42 10.23 -9.97
CA VAL A 17 8.79 10.49 -10.38
C VAL A 17 9.11 9.69 -11.64
N GLY A 18 8.53 8.50 -11.72
CA GLY A 18 8.75 7.63 -12.86
C GLY A 18 8.03 6.32 -12.69
N THR A 19 8.23 5.42 -13.64
CA THR A 19 7.58 4.12 -13.60
C THR A 19 8.64 3.01 -13.58
N ILE A 20 8.49 2.08 -12.66
CA ILE A 20 9.43 0.98 -12.52
C ILE A 20 8.75 -0.35 -12.78
N ASN A 21 9.46 -1.26 -13.42
CA ASN A 21 8.91 -2.58 -13.69
C ASN A 21 9.91 -3.65 -13.25
N VAL A 22 9.45 -4.57 -12.41
CA VAL A 22 10.29 -5.64 -11.92
C VAL A 22 10.00 -6.93 -12.67
N SER A 23 10.86 -7.25 -13.63
CA SER A 23 10.70 -8.46 -14.40
C SER A 23 11.78 -9.47 -14.00
N GLN A 24 11.34 -10.61 -13.49
CA GLN A 24 12.28 -11.60 -12.94
C GLN A 24 11.95 -12.99 -13.47
N SER A 25 12.99 -13.73 -13.81
CA SER A 25 12.84 -15.04 -14.41
C SER A 25 12.39 -16.10 -13.39
N GLY A 26 11.32 -16.80 -13.72
CA GLY A 26 10.88 -17.91 -12.90
C GLY A 26 10.24 -17.48 -11.59
N GLY A 27 9.78 -16.23 -11.54
CA GLY A 27 9.16 -15.74 -10.34
C GLY A 27 10.11 -15.71 -9.16
N GLN A 28 11.16 -14.91 -9.27
CA GLN A 28 12.15 -14.77 -8.21
C GLN A 28 11.53 -14.15 -6.97
N ILE A 29 10.42 -13.46 -7.17
CA ILE A 29 9.65 -12.89 -6.07
C ILE A 29 8.80 -13.98 -5.43
N SER A 30 9.21 -14.44 -4.26
CA SER A 30 8.54 -15.53 -3.59
C SER A 30 7.40 -15.04 -2.68
N SER A 31 7.45 -13.77 -2.31
CA SER A 31 6.48 -13.23 -1.38
C SER A 31 6.20 -11.76 -1.69
N PRO A 32 5.08 -11.21 -1.19
CA PRO A 32 4.78 -9.78 -1.32
C PRO A 32 5.84 -8.94 -0.60
N SER A 33 6.45 -9.54 0.42
CA SER A 33 7.52 -8.88 1.16
C SER A 33 8.75 -8.71 0.28
N ASP A 34 9.11 -9.77 -0.43
CA ASP A 34 10.26 -9.74 -1.33
C ASP A 34 10.05 -8.73 -2.45
N LEU A 35 8.83 -8.70 -2.99
CA LEU A 35 8.46 -7.74 -4.01
C LEU A 35 8.55 -6.32 -3.48
N ARG A 36 8.08 -6.13 -2.26
CA ARG A 36 8.08 -4.82 -1.61
C ARG A 36 9.51 -4.28 -1.51
N GLU A 37 10.46 -5.18 -1.26
CA GLU A 37 11.86 -4.81 -1.15
C GLU A 37 12.39 -4.30 -2.49
N LYS A 38 12.05 -5.00 -3.58
CA LYS A 38 12.48 -4.60 -4.92
C LYS A 38 11.85 -3.28 -5.32
N LEU A 39 10.57 -3.13 -5.02
CA LEU A 39 9.86 -1.91 -5.35
C LEU A 39 10.43 -0.72 -4.57
N SER A 40 10.72 -0.94 -3.29
CA SER A 40 11.31 0.08 -2.46
C SER A 40 12.68 0.48 -2.98
N GLU A 41 13.45 -0.51 -3.41
CA GLU A 41 14.79 -0.30 -3.94
C GLU A 41 14.74 0.64 -5.14
N LEU A 42 13.92 0.30 -6.12
CA LEU A 42 13.83 1.08 -7.35
C LEU A 42 13.17 2.43 -7.10
N ALA A 43 12.22 2.46 -6.17
CA ALA A 43 11.54 3.70 -5.83
C ALA A 43 12.51 4.69 -5.19
N ASP A 44 13.33 4.20 -4.27
CA ASP A 44 14.29 5.05 -3.59
C ASP A 44 15.43 5.42 -4.54
N ALA A 45 15.75 4.51 -5.46
CA ALA A 45 16.75 4.77 -6.48
C ALA A 45 16.34 5.99 -7.32
N LYS A 46 15.05 6.16 -7.51
CA LYS A 46 14.53 7.35 -8.18
C LYS A 46 14.43 8.50 -7.19
N GLY A 47 13.97 8.19 -5.99
CA GLY A 47 13.90 9.20 -4.94
C GLY A 47 12.48 9.38 -4.41
N GLY A 48 11.66 8.35 -4.54
CA GLY A 48 10.28 8.43 -4.10
C GLY A 48 10.07 7.73 -2.78
N LYS A 49 9.19 8.28 -1.95
CA LYS A 49 8.85 7.67 -0.67
C LYS A 49 7.74 6.64 -0.84
N TYR A 50 6.93 6.80 -1.88
CA TYR A 50 5.79 5.93 -2.09
C TYR A 50 5.82 5.31 -3.47
N TYR A 51 4.98 4.32 -3.67
CA TYR A 51 4.82 3.70 -4.98
C TYR A 51 3.42 3.11 -5.11
N HIS A 52 3.05 2.75 -6.32
CA HIS A 52 1.74 2.16 -6.57
C HIS A 52 1.85 1.09 -7.65
N ILE A 53 1.56 -0.14 -7.29
CA ILE A 53 1.57 -1.24 -8.25
C ILE A 53 0.39 -1.10 -9.21
N ILE A 54 0.67 -1.13 -10.50
CA ILE A 54 -0.37 -0.94 -11.51
C ILE A 54 -0.57 -2.19 -12.35
N ALA A 55 0.46 -3.00 -12.48
CA ALA A 55 0.38 -4.21 -13.30
C ALA A 55 1.33 -5.27 -12.79
N ALA A 56 0.81 -6.17 -11.97
CA ALA A 56 1.59 -7.28 -11.47
C ALA A 56 1.09 -8.57 -12.09
N ARG A 57 1.82 -9.08 -13.07
CA ARG A 57 1.39 -10.25 -13.82
C ARG A 57 2.52 -11.27 -13.95
N GLU A 58 2.15 -12.54 -13.98
CA GLU A 58 3.10 -13.60 -14.24
C GLU A 58 3.11 -13.93 -15.72
N HIS A 59 4.13 -13.44 -16.40
CA HIS A 59 4.24 -13.59 -17.86
C HIS A 59 4.68 -15.01 -18.19
N GLY A 60 3.76 -15.95 -18.10
CA GLY A 60 4.09 -17.34 -18.31
C GLY A 60 4.86 -17.90 -17.14
N PRO A 61 6.09 -18.38 -17.36
CA PRO A 61 6.96 -18.83 -16.28
C PRO A 61 7.72 -17.66 -15.64
N ASN A 62 7.53 -16.48 -16.20
CA ASN A 62 8.25 -15.29 -15.75
C ASN A 62 7.34 -14.42 -14.88
N PHE A 63 7.90 -13.42 -14.22
CA PHE A 63 7.11 -12.52 -13.39
C PHE A 63 7.49 -11.08 -13.66
N GLU A 64 6.49 -10.24 -13.87
CA GLU A 64 6.71 -8.82 -14.13
C GLU A 64 5.71 -7.96 -13.37
N ALA A 65 6.23 -7.19 -12.43
CA ALA A 65 5.40 -6.30 -11.64
C ALA A 65 5.75 -4.84 -11.92
N VAL A 66 4.83 -4.13 -12.55
CA VAL A 66 5.02 -2.74 -12.88
C VAL A 66 4.37 -1.84 -11.83
N ALA A 67 5.13 -0.86 -11.34
CA ALA A 67 4.65 0.06 -10.33
C ALA A 67 5.10 1.48 -10.64
N GLU A 68 4.34 2.45 -10.19
CA GLU A 68 4.69 3.85 -10.40
C GLU A 68 5.28 4.44 -9.13
N VAL A 69 6.35 5.20 -9.28
CA VAL A 69 7.04 5.81 -8.15
C VAL A 69 6.42 7.16 -7.82
N TYR A 70 5.96 7.31 -6.60
CA TYR A 70 5.32 8.55 -6.17
C TYR A 70 6.10 9.20 -5.04
N ASN A 71 6.33 10.49 -5.17
CA ASN A 71 7.08 11.22 -4.17
C ASN A 71 6.31 12.47 -3.78
N ASP A 72 6.75 13.09 -2.69
CA ASP A 72 6.14 14.30 -2.16
C ASP A 72 6.19 15.44 -3.18
N ALA A 73 5.12 16.23 -3.21
CA ALA A 73 4.91 17.23 -4.26
C ALA A 73 5.88 18.40 -4.17
N THR A 74 6.70 18.42 -3.14
CA THR A 74 7.66 19.51 -2.93
C THR A 74 8.80 19.43 -3.94
N LYS A 75 9.28 18.21 -4.16
CA LYS A 75 10.43 17.94 -5.04
C LYS A 75 11.64 18.76 -4.60
N LEU A 76 12.26 18.34 -3.50
CA LEU A 76 13.49 18.97 -3.05
C LEU A 76 14.65 18.02 -3.30
N GLU A 77 15.87 18.55 -3.28
CA GLU A 77 17.06 17.74 -3.51
C GLU A 77 17.30 16.81 -2.33
N HIS A 78 18.06 15.76 -2.55
CA HIS A 78 18.38 14.83 -1.49
C HIS A 78 19.83 15.00 -1.07
N HIS A 79 20.03 15.61 0.10
CA HIS A 79 21.38 15.81 0.62
C HIS A 79 21.77 14.63 1.51
N HIS A 80 20.93 13.62 1.54
CA HIS A 80 21.27 12.34 2.14
C HIS A 80 21.35 11.29 1.04
N HIS A 81 22.51 11.20 0.42
CA HIS A 81 22.70 10.32 -0.73
C HIS A 81 23.13 8.93 -0.30
N HIS A 82 22.31 7.95 -0.62
CA HIS A 82 22.60 6.56 -0.28
C HIS A 82 22.03 5.66 -1.36
N HIS A 83 22.72 4.58 -1.67
CA HIS A 83 22.24 3.65 -2.69
C HIS A 83 21.81 2.34 -2.05
N ALA B 1 0.60 -3.49 10.49
CA ALA B 1 -0.19 -3.85 9.30
C ALA B 1 0.13 -2.91 8.15
N GLU B 2 0.44 -3.48 7.00
CA GLU B 2 0.86 -2.70 5.83
C GLU B 2 -0.27 -2.65 4.81
N GLN B 3 -0.11 -1.84 3.77
CA GLN B 3 -1.13 -1.76 2.73
C GLN B 3 -0.68 -2.49 1.47
N VAL B 4 -1.59 -3.27 0.92
CA VAL B 4 -1.39 -3.93 -0.36
C VAL B 4 -2.54 -3.57 -1.28
N SER B 5 -2.32 -3.69 -2.59
CA SER B 5 -3.37 -3.36 -3.53
C SER B 5 -4.25 -4.59 -3.76
N LYS B 6 -5.40 -4.38 -4.38
CA LYS B 6 -6.36 -5.46 -4.60
C LYS B 6 -5.77 -6.52 -5.54
N GLN B 7 -4.62 -6.18 -6.12
CA GLN B 7 -3.87 -7.11 -6.95
C GLN B 7 -3.18 -8.16 -6.08
N GLU B 8 -2.45 -7.71 -5.06
CA GLU B 8 -1.72 -8.62 -4.20
C GLU B 8 -2.70 -9.48 -3.40
N ILE B 9 -3.78 -8.85 -2.98
CA ILE B 9 -4.83 -9.52 -2.24
C ILE B 9 -5.32 -10.76 -2.97
N SER B 10 -5.65 -10.61 -4.24
CA SER B 10 -6.19 -11.71 -5.01
C SER B 10 -5.08 -12.66 -5.47
N HIS B 11 -3.96 -12.08 -5.89
CA HIS B 11 -2.85 -12.88 -6.43
C HIS B 11 -2.24 -13.78 -5.36
N PHE B 12 -2.08 -13.26 -4.15
CA PHE B 12 -1.51 -14.06 -3.07
C PHE B 12 -2.63 -14.72 -2.27
N LYS B 13 -3.87 -14.32 -2.57
CA LYS B 13 -5.07 -14.95 -2.03
C LYS B 13 -5.23 -14.65 -0.54
N LEU B 14 -5.81 -13.50 -0.24
CA LEU B 14 -6.01 -13.07 1.14
C LEU B 14 -7.50 -13.11 1.51
N VAL B 15 -7.77 -13.30 2.79
CA VAL B 15 -9.13 -13.35 3.30
C VAL B 15 -9.45 -12.05 4.04
N LYS B 16 -10.57 -11.42 3.72
CA LYS B 16 -10.96 -10.20 4.41
C LYS B 16 -11.59 -10.53 5.75
N VAL B 17 -10.98 -10.04 6.81
CA VAL B 17 -11.50 -10.24 8.15
C VAL B 17 -12.66 -9.30 8.40
N GLY B 18 -12.57 -8.10 7.82
CA GLY B 18 -13.60 -7.11 7.97
C GLY B 18 -13.21 -5.79 7.33
N THR B 19 -14.01 -4.77 7.56
CA THR B 19 -13.76 -3.46 6.98
C THR B 19 -13.63 -2.42 8.09
N ILE B 20 -12.57 -1.62 8.04
CA ILE B 20 -12.33 -0.61 9.06
C ILE B 20 -12.55 0.78 8.51
N ASN B 21 -13.06 1.67 9.36
CA ASN B 21 -13.34 3.04 8.95
C ASN B 21 -12.93 4.00 10.06
N VAL B 22 -12.02 4.90 9.74
CA VAL B 22 -11.58 5.91 10.69
C VAL B 22 -12.15 7.26 10.31
N SER B 23 -13.20 7.66 11.01
CA SER B 23 -13.79 8.97 10.81
C SER B 23 -13.28 9.93 11.87
N GLN B 24 -12.53 10.92 11.45
CA GLN B 24 -11.96 11.89 12.35
C GLN B 24 -12.65 13.24 12.18
N SER B 25 -13.30 13.69 13.25
CA SER B 25 -14.05 14.94 13.22
C SER B 25 -13.13 16.15 13.31
N GLY B 26 -12.13 16.19 12.45
CA GLY B 26 -11.17 17.25 12.46
C GLY B 26 -9.83 16.80 11.92
N GLY B 27 -8.86 17.69 11.92
CA GLY B 27 -7.56 17.37 11.36
C GLY B 27 -6.70 16.57 12.33
N GLN B 28 -7.24 15.50 12.88
CA GLN B 28 -6.50 14.64 13.79
C GLN B 28 -5.56 13.74 13.00
N ILE B 29 -5.84 13.59 11.71
CA ILE B 29 -4.92 12.92 10.79
C ILE B 29 -4.07 13.99 10.10
N SER B 30 -2.89 14.21 10.64
CA SER B 30 -2.03 15.28 10.16
C SER B 30 -1.10 14.79 9.04
N SER B 31 -0.71 13.54 9.11
CA SER B 31 0.20 12.98 8.13
C SER B 31 -0.19 11.55 7.77
N PRO B 32 0.37 11.00 6.67
CA PRO B 32 0.14 9.61 6.27
C PRO B 32 0.51 8.64 7.39
N SER B 33 1.46 9.03 8.24
CA SER B 33 1.86 8.22 9.37
C SER B 33 0.70 8.03 10.34
N ASP B 34 -0.08 9.08 10.55
CA ASP B 34 -1.28 9.00 11.39
C ASP B 34 -2.25 8.00 10.78
N LEU B 35 -2.47 8.16 9.48
CA LEU B 35 -3.37 7.28 8.75
C LEU B 35 -2.91 5.82 8.82
N ARG B 36 -1.60 5.62 8.65
CA ARG B 36 -1.02 4.29 8.73
C ARG B 36 -1.22 3.68 10.10
N GLU B 37 -0.96 4.47 11.14
CA GLU B 37 -1.08 4.00 12.52
C GLU B 37 -2.51 3.57 12.84
N LYS B 38 -3.46 4.47 12.63
CA LYS B 38 -4.86 4.22 12.96
C LYS B 38 -5.37 2.95 12.30
N LEU B 39 -5.12 2.83 11.01
CA LEU B 39 -5.59 1.67 10.25
C LEU B 39 -4.86 0.40 10.67
N SER B 40 -3.56 0.52 10.94
CA SER B 40 -2.74 -0.63 11.31
C SER B 40 -3.18 -1.20 12.65
N GLU B 41 -3.38 -0.31 13.63
CA GLU B 41 -3.73 -0.73 14.98
C GLU B 41 -5.11 -1.38 15.01
N LEU B 42 -6.01 -0.87 14.17
CA LEU B 42 -7.36 -1.43 14.06
C LEU B 42 -7.34 -2.76 13.30
N ALA B 43 -6.51 -2.84 12.27
CA ALA B 43 -6.39 -4.05 11.47
C ALA B 43 -5.94 -5.22 12.33
N ASP B 44 -4.96 -4.97 13.19
CA ASP B 44 -4.44 -6.00 14.09
C ASP B 44 -5.51 -6.37 15.13
N ALA B 45 -6.26 -5.36 15.56
CA ALA B 45 -7.35 -5.57 16.51
C ALA B 45 -8.42 -6.48 15.91
N LYS B 46 -8.72 -6.29 14.64
CA LYS B 46 -9.66 -7.15 13.94
C LYS B 46 -9.06 -8.54 13.76
N GLY B 47 -7.88 -8.58 13.14
CA GLY B 47 -7.20 -9.84 12.94
C GLY B 47 -6.59 -9.95 11.56
N GLY B 48 -6.01 -8.86 11.08
CA GLY B 48 -5.40 -8.85 9.77
C GLY B 48 -4.02 -8.24 9.78
N LYS B 49 -3.16 -8.69 8.87
CA LYS B 49 -1.79 -8.19 8.80
C LYS B 49 -1.67 -7.13 7.70
N TYR B 50 -2.60 -7.17 6.77
CA TYR B 50 -2.57 -6.27 5.62
C TYR B 50 -3.89 -5.55 5.50
N TYR B 51 -3.88 -4.35 4.99
CA TYR B 51 -5.12 -3.65 4.72
C TYR B 51 -5.03 -2.92 3.38
N HIS B 52 -6.17 -2.45 2.91
CA HIS B 52 -6.24 -1.75 1.63
C HIS B 52 -7.25 -0.62 1.71
N ILE B 53 -6.81 0.60 1.47
CA ILE B 53 -7.68 1.76 1.54
C ILE B 53 -8.56 1.83 0.30
N ILE B 54 -9.86 1.96 0.51
CA ILE B 54 -10.80 2.06 -0.59
C ILE B 54 -11.47 3.43 -0.62
N ALA B 55 -11.39 4.15 0.50
CA ALA B 55 -11.99 5.46 0.60
C ALA B 55 -11.17 6.38 1.49
N ALA B 56 -10.46 7.30 0.86
CA ALA B 56 -9.73 8.33 1.59
C ALA B 56 -10.32 9.68 1.24
N ARG B 57 -11.43 10.02 1.88
CA ARG B 57 -12.21 11.17 1.49
C ARG B 57 -12.23 12.24 2.58
N GLU B 58 -12.56 13.45 2.18
CA GLU B 58 -12.64 14.57 3.09
C GLU B 58 -14.09 15.06 3.17
N HIS B 59 -14.74 14.76 4.26
CA HIS B 59 -16.15 15.09 4.44
C HIS B 59 -16.27 16.40 5.22
N GLY B 60 -15.81 17.48 4.61
CA GLY B 60 -15.79 18.76 5.27
C GLY B 60 -14.71 18.82 6.33
N PRO B 61 -15.09 18.98 7.61
CA PRO B 61 -14.14 18.93 8.71
C PRO B 61 -13.76 17.49 9.06
N ASN B 62 -14.66 16.57 8.71
CA ASN B 62 -14.49 15.16 9.03
C ASN B 62 -13.67 14.45 7.97
N PHE B 63 -12.60 13.81 8.39
CA PHE B 63 -11.80 13.01 7.49
C PHE B 63 -12.22 11.55 7.62
N GLU B 64 -12.63 10.94 6.52
CA GLU B 64 -13.15 9.58 6.56
C GLU B 64 -12.25 8.65 5.76
N ALA B 65 -11.55 7.78 6.47
CA ALA B 65 -10.67 6.80 5.83
C ALA B 65 -11.22 5.39 6.03
N VAL B 66 -11.61 4.76 4.93
CA VAL B 66 -12.16 3.42 4.98
C VAL B 66 -11.22 2.44 4.28
N ALA B 67 -10.94 1.33 4.95
CA ALA B 67 -10.01 0.34 4.43
C ALA B 67 -10.51 -1.08 4.66
N GLU B 68 -9.95 -2.03 3.92
CA GLU B 68 -10.30 -3.43 4.04
C GLU B 68 -9.22 -4.15 4.84
N VAL B 69 -9.62 -5.02 5.76
CA VAL B 69 -8.66 -5.77 6.57
C VAL B 69 -8.49 -7.18 6.00
N TYR B 70 -7.26 -7.52 5.63
CA TYR B 70 -7.00 -8.84 5.04
C TYR B 70 -5.96 -9.63 5.82
N ASN B 71 -6.20 -10.92 5.90
CA ASN B 71 -5.28 -11.86 6.52
C ASN B 71 -4.88 -12.89 5.46
N ASP B 72 -3.68 -13.47 5.59
CA ASP B 72 -3.18 -14.44 4.61
C ASP B 72 -4.23 -15.52 4.38
N ALA B 73 -4.45 -16.29 5.43
CA ALA B 73 -5.47 -17.34 5.47
C ALA B 73 -5.49 -17.90 6.87
N THR B 74 -4.95 -17.10 7.80
CA THR B 74 -4.65 -17.56 9.14
C THR B 74 -5.88 -17.58 10.02
N LYS B 75 -6.51 -18.74 10.12
CA LYS B 75 -7.59 -18.96 11.07
C LYS B 75 -7.00 -19.55 12.34
N LEU B 76 -5.73 -19.90 12.25
CA LEU B 76 -4.98 -20.35 13.41
C LEU B 76 -4.97 -19.25 14.47
N GLU B 77 -5.22 -19.64 15.71
CA GLU B 77 -5.34 -18.68 16.79
C GLU B 77 -3.99 -18.02 17.07
N HIS B 78 -3.93 -16.72 16.88
CA HIS B 78 -2.72 -15.97 17.13
C HIS B 78 -2.79 -15.36 18.52
N HIS B 79 -2.31 -16.10 19.51
CA HIS B 79 -2.38 -15.67 20.90
C HIS B 79 -1.43 -14.52 21.18
N HIS B 80 -1.85 -13.34 20.78
CA HIS B 80 -1.13 -12.12 21.07
C HIS B 80 -2.12 -11.06 21.53
N HIS B 81 -2.61 -11.23 22.74
CA HIS B 81 -3.60 -10.32 23.29
C HIS B 81 -2.95 -9.02 23.71
N HIS B 82 -3.29 -7.94 23.03
CA HIS B 82 -2.67 -6.66 23.27
C HIS B 82 -3.70 -5.53 23.25
N HIS B 83 -4.36 -5.38 22.11
CA HIS B 83 -5.28 -4.25 21.88
C HIS B 83 -4.53 -2.93 21.90
N ALA A 1 11.56 3.59 0.07
CA ALA A 1 10.45 4.30 -0.60
C ALA A 1 9.12 3.90 0.03
N GLU A 2 8.19 4.83 0.08
CA GLU A 2 6.91 4.61 0.74
C GLU A 2 5.84 4.21 -0.26
N GLN A 3 5.05 3.22 0.10
CA GLN A 3 3.90 2.84 -0.70
C GLN A 3 2.74 3.76 -0.37
N VAL A 4 2.11 4.30 -1.39
CA VAL A 4 0.96 5.19 -1.21
C VAL A 4 -0.16 4.81 -2.16
N SER A 5 -1.36 4.63 -1.62
CA SER A 5 -2.51 4.23 -2.41
C SER A 5 -2.93 5.33 -3.37
N LYS A 6 -3.75 4.97 -4.35
CA LYS A 6 -4.21 5.92 -5.36
C LYS A 6 -4.98 7.06 -4.71
N GLN A 7 -5.72 6.71 -3.67
CA GLN A 7 -6.52 7.67 -2.92
C GLN A 7 -5.63 8.59 -2.11
N GLU A 8 -4.43 8.11 -1.78
CA GLU A 8 -3.46 8.90 -1.03
C GLU A 8 -2.73 9.85 -1.99
N ILE A 9 -2.28 9.30 -3.12
CA ILE A 9 -1.57 10.07 -4.14
C ILE A 9 -2.41 11.26 -4.61
N SER A 10 -3.70 11.01 -4.85
CA SER A 10 -4.59 12.03 -5.35
C SER A 10 -5.07 12.97 -4.24
N HIS A 11 -4.90 12.55 -3.00
CA HIS A 11 -5.36 13.35 -1.86
C HIS A 11 -4.31 14.38 -1.51
N PHE A 12 -3.05 13.96 -1.45
CA PHE A 12 -1.96 14.85 -1.08
C PHE A 12 -1.35 15.52 -2.30
N LYS A 13 -1.72 15.03 -3.49
CA LYS A 13 -1.21 15.55 -4.76
C LYS A 13 0.31 15.38 -4.83
N LEU A 14 0.74 14.17 -5.14
CA LEU A 14 2.17 13.86 -5.20
C LEU A 14 2.75 14.22 -6.56
N VAL A 15 4.08 14.31 -6.61
CA VAL A 15 4.78 14.66 -7.84
C VAL A 15 5.18 13.39 -8.59
N LYS A 16 4.74 13.28 -9.84
CA LYS A 16 5.01 12.09 -10.64
C LYS A 16 6.44 12.13 -11.17
N VAL A 17 7.19 11.05 -10.95
CA VAL A 17 8.57 10.97 -11.39
C VAL A 17 8.72 10.07 -12.61
N GLY A 18 8.27 8.83 -12.48
CA GLY A 18 8.40 7.87 -13.56
C GLY A 18 7.69 6.57 -13.26
N THR A 19 8.11 5.50 -13.91
CA THR A 19 7.48 4.19 -13.73
C THR A 19 8.55 3.11 -13.56
N ILE A 20 8.28 2.14 -12.70
CA ILE A 20 9.16 1.00 -12.52
C ILE A 20 8.40 -0.30 -12.76
N ASN A 21 9.14 -1.34 -13.13
CA ASN A 21 8.53 -2.64 -13.37
C ASN A 21 9.46 -3.74 -12.88
N VAL A 22 8.88 -4.76 -12.27
CA VAL A 22 9.65 -5.91 -11.81
C VAL A 22 9.12 -7.17 -12.49
N SER A 23 9.83 -7.63 -13.50
CA SER A 23 9.48 -8.86 -14.18
C SER A 23 10.59 -9.89 -13.99
N GLN A 24 10.37 -10.82 -13.08
CA GLN A 24 11.36 -11.84 -12.77
C GLN A 24 10.75 -13.23 -12.82
N SER A 25 11.51 -14.18 -13.33
CA SER A 25 11.06 -15.55 -13.45
C SER A 25 11.36 -16.36 -12.20
N GLY A 26 10.32 -16.67 -11.45
CA GLY A 26 10.47 -17.57 -10.32
C GLY A 26 10.64 -16.87 -8.99
N GLY A 27 11.55 -17.38 -8.18
CA GLY A 27 11.64 -16.97 -6.79
C GLY A 27 12.48 -15.73 -6.56
N GLN A 28 12.37 -14.75 -7.45
CA GLN A 28 12.95 -13.44 -7.18
C GLN A 28 11.97 -12.65 -6.34
N ILE A 29 10.70 -12.99 -6.52
CA ILE A 29 9.63 -12.52 -5.64
C ILE A 29 8.91 -13.75 -5.08
N SER A 30 9.32 -14.18 -3.90
CA SER A 30 8.73 -15.33 -3.26
C SER A 30 7.58 -14.89 -2.35
N SER A 31 7.77 -13.75 -1.71
CA SER A 31 6.79 -13.21 -0.80
C SER A 31 6.58 -11.72 -1.07
N PRO A 32 5.55 -11.10 -0.46
CA PRO A 32 5.34 -9.66 -0.57
C PRO A 32 6.59 -8.87 -0.17
N SER A 33 7.37 -9.44 0.75
CA SER A 33 8.60 -8.84 1.21
C SER A 33 9.62 -8.73 0.07
N ASP A 34 9.78 -9.83 -0.68
CA ASP A 34 10.69 -9.84 -1.82
C ASP A 34 10.29 -8.78 -2.84
N LEU A 35 8.99 -8.68 -3.06
CA LEU A 35 8.44 -7.72 -4.02
C LEU A 35 8.68 -6.29 -3.55
N ARG A 36 8.34 -6.02 -2.31
CA ARG A 36 8.46 -4.67 -1.75
C ARG A 36 9.91 -4.27 -1.55
N GLU A 37 10.78 -5.27 -1.42
CA GLU A 37 12.21 -5.02 -1.42
C GLU A 37 12.64 -4.46 -2.76
N LYS A 38 12.25 -5.16 -3.82
CA LYS A 38 12.56 -4.73 -5.19
C LYS A 38 11.96 -3.36 -5.46
N LEU A 39 10.66 -3.24 -5.26
CA LEU A 39 9.93 -2.02 -5.58
C LEU A 39 10.52 -0.80 -4.88
N SER A 40 10.76 -0.90 -3.58
CA SER A 40 11.28 0.22 -2.81
C SER A 40 12.71 0.56 -3.27
N GLU A 41 13.51 -0.46 -3.48
CA GLU A 41 14.91 -0.29 -3.86
C GLU A 41 15.01 0.37 -5.25
N LEU A 42 14.21 -0.10 -6.19
CA LEU A 42 14.22 0.43 -7.54
C LEU A 42 13.66 1.85 -7.56
N ALA A 43 12.70 2.12 -6.68
CA ALA A 43 12.08 3.44 -6.59
C ALA A 43 13.07 4.47 -6.07
N ASP A 44 13.76 4.15 -4.97
CA ASP A 44 14.77 5.03 -4.40
C ASP A 44 15.94 5.21 -5.36
N ALA A 45 16.23 4.16 -6.11
CA ALA A 45 17.28 4.21 -7.13
C ALA A 45 16.92 5.20 -8.24
N LYS A 46 15.63 5.30 -8.52
CA LYS A 46 15.13 6.30 -9.47
C LYS A 46 15.15 7.68 -8.82
N GLY A 47 14.82 7.72 -7.54
CA GLY A 47 14.81 8.97 -6.81
C GLY A 47 13.49 9.23 -6.12
N GLY A 48 12.48 8.45 -6.50
CA GLY A 48 11.15 8.66 -5.98
C GLY A 48 11.02 8.24 -4.52
N LYS A 49 10.23 8.99 -3.77
CA LYS A 49 10.03 8.70 -2.36
C LYS A 49 8.78 7.86 -2.15
N TYR A 50 7.90 7.86 -3.14
CA TYR A 50 6.64 7.13 -3.05
C TYR A 50 6.43 6.30 -4.30
N TYR A 51 5.73 5.19 -4.16
CA TYR A 51 5.35 4.38 -5.31
C TYR A 51 4.10 3.56 -5.00
N HIS A 52 3.41 3.11 -6.04
CA HIS A 52 2.29 2.20 -5.87
C HIS A 52 2.14 1.30 -7.08
N ILE A 53 1.83 0.03 -6.84
CA ILE A 53 1.58 -0.91 -7.91
C ILE A 53 0.27 -0.57 -8.63
N ILE A 54 0.30 -0.56 -9.95
CA ILE A 54 -0.90 -0.30 -10.73
C ILE A 54 -1.35 -1.56 -11.45
N ALA A 55 -0.41 -2.45 -11.71
CA ALA A 55 -0.70 -3.70 -12.38
C ALA A 55 0.22 -4.81 -11.89
N ALA A 56 -0.34 -5.73 -11.12
CA ALA A 56 0.42 -6.89 -10.63
C ALA A 56 -0.13 -8.15 -11.25
N ARG A 57 0.60 -8.70 -12.20
CA ARG A 57 0.14 -9.86 -12.93
C ARG A 57 1.22 -10.92 -13.02
N GLU A 58 0.80 -12.17 -12.96
CA GLU A 58 1.72 -13.29 -13.06
C GLU A 58 1.76 -13.82 -14.47
N HIS A 59 2.82 -13.46 -15.18
CA HIS A 59 3.00 -13.81 -16.58
C HIS A 59 3.68 -15.17 -16.69
N GLY A 60 3.01 -16.19 -16.20
CA GLY A 60 3.62 -17.51 -16.16
C GLY A 60 4.66 -17.59 -15.07
N PRO A 61 5.91 -17.92 -15.42
CA PRO A 61 7.03 -17.89 -14.47
C PRO A 61 7.46 -16.46 -14.17
N ASN A 62 7.15 -15.56 -15.10
CA ASN A 62 7.51 -14.16 -14.96
C ASN A 62 6.51 -13.41 -14.11
N PHE A 63 6.87 -13.13 -12.88
CA PHE A 63 6.03 -12.30 -12.03
C PHE A 63 6.29 -10.84 -12.38
N GLU A 64 5.26 -10.17 -12.89
CA GLU A 64 5.43 -8.81 -13.37
C GLU A 64 4.62 -7.82 -12.53
N ALA A 65 5.34 -7.02 -11.76
CA ALA A 65 4.73 -5.98 -10.96
C ALA A 65 5.06 -4.60 -11.55
N VAL A 66 4.02 -3.91 -12.02
CA VAL A 66 4.21 -2.59 -12.59
C VAL A 66 3.74 -1.53 -11.60
N ALA A 67 4.63 -0.61 -11.26
CA ALA A 67 4.34 0.42 -10.27
C ALA A 67 4.82 1.79 -10.76
N GLU A 68 4.13 2.84 -10.34
CA GLU A 68 4.52 4.19 -10.72
C GLU A 68 5.27 4.86 -9.58
N VAL A 69 6.25 5.67 -9.93
CA VAL A 69 7.11 6.31 -8.94
C VAL A 69 6.73 7.78 -8.76
N TYR A 70 6.56 8.17 -7.51
CA TYR A 70 6.19 9.53 -7.16
C TYR A 70 7.17 10.11 -6.16
N ASN A 71 7.18 11.43 -6.06
CA ASN A 71 8.03 12.11 -5.09
C ASN A 71 7.23 13.21 -4.40
N ASP A 72 7.84 13.86 -3.43
CA ASP A 72 7.19 14.93 -2.69
C ASP A 72 7.52 16.26 -3.36
N ALA A 73 7.02 17.35 -2.80
CA ALA A 73 7.29 18.68 -3.33
C ALA A 73 8.64 19.19 -2.84
N THR A 74 9.42 18.27 -2.28
CA THR A 74 10.77 18.56 -1.81
C THR A 74 11.67 18.96 -2.98
N LYS A 75 11.33 18.48 -4.17
CA LYS A 75 12.05 18.86 -5.38
C LYS A 75 11.08 19.52 -6.36
N LEU A 76 10.65 20.72 -6.01
CA LEU A 76 9.74 21.49 -6.83
C LEU A 76 10.50 22.56 -7.60
N GLU A 77 10.57 22.40 -8.90
CA GLU A 77 11.26 23.35 -9.75
C GLU A 77 10.35 24.53 -10.06
N HIS A 78 10.81 25.72 -9.69
CA HIS A 78 10.03 26.94 -9.89
C HIS A 78 9.91 27.27 -11.37
N HIS A 79 11.04 27.35 -12.05
CA HIS A 79 11.04 27.64 -13.47
C HIS A 79 11.89 26.63 -14.23
N HIS A 80 11.23 25.75 -14.94
CA HIS A 80 11.94 24.78 -15.78
C HIS A 80 11.38 24.80 -17.20
N HIS A 81 12.26 24.67 -18.16
CA HIS A 81 11.87 24.68 -19.57
C HIS A 81 12.75 23.70 -20.33
N HIS A 82 12.33 22.44 -20.33
CA HIS A 82 13.20 21.30 -20.69
C HIS A 82 14.25 21.13 -19.60
N HIS A 83 14.97 22.21 -19.33
CA HIS A 83 15.84 22.30 -18.18
C HIS A 83 15.95 23.77 -17.76
N ALA B 1 0.62 -2.80 10.45
CA ALA B 1 0.17 -3.58 9.28
C ALA B 1 0.58 -2.87 8.00
N GLU B 2 0.63 -3.61 6.89
CA GLU B 2 1.06 -3.01 5.63
C GLU B 2 -0.11 -2.94 4.65
N GLN B 3 -0.03 -2.00 3.71
CA GLN B 3 -1.07 -1.86 2.71
C GLN B 3 -0.75 -2.71 1.48
N VAL B 4 -1.74 -3.41 0.98
CA VAL B 4 -1.56 -4.25 -0.20
C VAL B 4 -2.51 -3.83 -1.31
N SER B 5 -2.11 -4.12 -2.54
CA SER B 5 -2.95 -3.84 -3.69
C SER B 5 -3.99 -4.94 -3.84
N LYS B 6 -5.12 -4.63 -4.44
CA LYS B 6 -6.21 -5.59 -4.55
C LYS B 6 -5.80 -6.77 -5.44
N GLN B 7 -4.88 -6.49 -6.36
CA GLN B 7 -4.34 -7.52 -7.24
C GLN B 7 -3.52 -8.53 -6.43
N GLU B 8 -2.80 -8.03 -5.43
CA GLU B 8 -1.99 -8.87 -4.56
C GLU B 8 -2.91 -9.80 -3.77
N ILE B 9 -4.04 -9.24 -3.35
CA ILE B 9 -5.05 -9.99 -2.61
C ILE B 9 -5.54 -11.18 -3.44
N SER B 10 -5.82 -10.93 -4.71
CA SER B 10 -6.29 -11.98 -5.61
C SER B 10 -5.18 -12.98 -5.94
N HIS B 11 -3.93 -12.49 -5.97
CA HIS B 11 -2.80 -13.32 -6.32
C HIS B 11 -2.43 -14.29 -5.20
N PHE B 12 -2.39 -13.79 -3.98
CA PHE B 12 -2.05 -14.62 -2.83
C PHE B 12 -3.29 -15.32 -2.30
N LYS B 13 -4.46 -14.81 -2.70
CA LYS B 13 -5.74 -15.34 -2.27
C LYS B 13 -5.87 -15.26 -0.75
N LEU B 14 -5.86 -14.03 -0.24
CA LEU B 14 -5.94 -13.78 1.18
C LEU B 14 -7.37 -13.97 1.68
N VAL B 15 -7.51 -14.08 2.99
CA VAL B 15 -8.82 -14.24 3.61
C VAL B 15 -9.28 -12.89 4.15
N LYS B 16 -10.48 -12.47 3.74
CA LYS B 16 -11.01 -11.19 4.17
C LYS B 16 -11.60 -11.31 5.57
N VAL B 17 -10.95 -10.66 6.51
CA VAL B 17 -11.38 -10.71 7.90
C VAL B 17 -12.57 -9.77 8.10
N GLY B 18 -12.53 -8.64 7.43
CA GLY B 18 -13.61 -7.67 7.53
C GLY B 18 -13.26 -6.37 6.85
N THR B 19 -14.00 -5.32 7.17
CA THR B 19 -13.78 -4.01 6.58
C THR B 19 -13.79 -2.95 7.68
N ILE B 20 -12.88 -2.00 7.59
CA ILE B 20 -12.77 -0.96 8.61
C ILE B 20 -12.94 0.42 8.00
N ASN B 21 -13.54 1.33 8.75
CA ASN B 21 -13.67 2.71 8.34
C ASN B 21 -13.17 3.64 9.44
N VAL B 22 -12.23 4.50 9.08
CA VAL B 22 -11.68 5.46 10.03
C VAL B 22 -12.30 6.82 9.82
N SER B 23 -13.26 7.16 10.66
CA SER B 23 -13.96 8.43 10.55
C SER B 23 -13.47 9.35 11.67
N GLN B 24 -12.62 10.30 11.31
CA GLN B 24 -12.04 11.20 12.28
C GLN B 24 -12.58 12.61 12.11
N SER B 25 -13.45 13.01 13.01
CA SER B 25 -14.01 14.34 12.99
C SER B 25 -12.94 15.38 13.36
N GLY B 26 -12.39 16.02 12.35
CA GLY B 26 -11.45 17.11 12.57
C GLY B 26 -10.01 16.67 12.64
N GLY B 27 -9.23 17.38 13.43
CA GLY B 27 -7.79 17.18 13.46
C GLY B 27 -7.36 16.04 14.35
N GLN B 28 -7.80 14.83 14.03
CA GLN B 28 -7.33 13.64 14.73
C GLN B 28 -6.32 12.91 13.85
N ILE B 29 -6.18 13.40 12.62
CA ILE B 29 -5.19 12.91 11.68
C ILE B 29 -4.57 14.09 10.94
N SER B 30 -3.25 14.19 10.98
CA SER B 30 -2.56 15.28 10.31
C SER B 30 -1.59 14.74 9.27
N SER B 31 -1.12 13.53 9.51
CA SER B 31 -0.16 12.90 8.62
C SER B 31 -0.65 11.51 8.21
N PRO B 32 -0.12 10.98 7.09
CA PRO B 32 -0.38 9.59 6.68
C PRO B 32 0.01 8.62 7.78
N SER B 33 0.93 9.05 8.63
CA SER B 33 1.36 8.28 9.77
C SER B 33 0.17 8.01 10.70
N ASP B 34 -0.52 9.08 11.11
CA ASP B 34 -1.68 8.96 12.00
C ASP B 34 -2.71 8.02 11.40
N LEU B 35 -2.96 8.22 10.11
CA LEU B 35 -3.91 7.39 9.37
C LEU B 35 -3.56 5.92 9.49
N ARG B 36 -2.33 5.57 9.14
CA ARG B 36 -1.90 4.18 9.11
C ARG B 36 -1.73 3.60 10.50
N GLU B 37 -1.65 4.48 11.50
CA GLU B 37 -1.67 4.04 12.90
C GLU B 37 -2.99 3.34 13.20
N LYS B 38 -4.08 4.08 13.02
CA LYS B 38 -5.41 3.52 13.22
C LYS B 38 -5.71 2.39 12.23
N LEU B 39 -5.25 2.55 10.98
CA LEU B 39 -5.45 1.51 9.97
C LEU B 39 -4.88 0.18 10.44
N SER B 40 -3.62 0.20 10.86
CA SER B 40 -2.96 -1.00 11.35
C SER B 40 -3.64 -1.52 12.62
N GLU B 41 -4.03 -0.59 13.48
CA GLU B 41 -4.65 -0.93 14.76
C GLU B 41 -5.99 -1.62 14.54
N LEU B 42 -6.84 -1.03 13.71
CA LEU B 42 -8.17 -1.56 13.47
C LEU B 42 -8.10 -2.86 12.65
N ALA B 43 -7.13 -2.94 11.75
CA ALA B 43 -6.92 -4.15 10.96
C ALA B 43 -6.54 -5.31 11.87
N ASP B 44 -5.58 -5.07 12.75
CA ASP B 44 -5.12 -6.10 13.68
C ASP B 44 -6.21 -6.41 14.70
N ALA B 45 -7.01 -5.40 15.03
CA ALA B 45 -8.13 -5.55 15.95
C ALA B 45 -9.13 -6.56 15.40
N LYS B 46 -9.39 -6.48 14.10
CA LYS B 46 -10.26 -7.45 13.44
C LYS B 46 -9.54 -8.79 13.35
N GLY B 47 -8.30 -8.76 12.86
CA GLY B 47 -7.52 -9.97 12.76
C GLY B 47 -6.80 -10.08 11.43
N GLY B 48 -6.34 -8.95 10.90
CA GLY B 48 -5.60 -8.97 9.66
C GLY B 48 -4.28 -8.23 9.77
N LYS B 49 -3.30 -8.64 8.97
CA LYS B 49 -1.97 -8.04 9.02
C LYS B 49 -1.74 -7.15 7.80
N TYR B 50 -2.66 -7.22 6.85
CA TYR B 50 -2.59 -6.40 5.65
C TYR B 50 -3.90 -5.67 5.42
N TYR B 51 -3.82 -4.41 5.04
CA TYR B 51 -5.01 -3.64 4.77
C TYR B 51 -4.94 -3.03 3.37
N HIS B 52 -6.09 -2.73 2.80
CA HIS B 52 -6.16 -2.11 1.48
C HIS B 52 -7.14 -0.95 1.51
N ILE B 53 -6.63 0.27 1.42
CA ILE B 53 -7.48 1.45 1.39
C ILE B 53 -8.33 1.47 0.13
N ILE B 54 -9.64 1.59 0.31
CA ILE B 54 -10.55 1.61 -0.83
C ILE B 54 -11.12 3.02 -1.05
N ALA B 55 -11.23 3.79 0.02
CA ALA B 55 -11.76 5.15 -0.07
C ALA B 55 -11.27 6.01 1.08
N ALA B 56 -10.28 6.86 0.82
CA ALA B 56 -9.81 7.81 1.80
C ALA B 56 -10.35 9.19 1.48
N ARG B 57 -11.55 9.47 1.97
CA ARG B 57 -12.26 10.67 1.58
C ARG B 57 -12.09 11.78 2.60
N GLU B 58 -12.16 13.01 2.13
CA GLU B 58 -12.16 14.16 3.01
C GLU B 58 -13.58 14.71 3.06
N HIS B 59 -14.37 14.18 3.99
CA HIS B 59 -15.79 14.49 4.07
C HIS B 59 -15.99 15.78 4.85
N GLY B 60 -15.58 16.88 4.25
CA GLY B 60 -15.65 18.16 4.93
C GLY B 60 -14.59 18.27 5.99
N PRO B 61 -14.99 18.45 7.25
CA PRO B 61 -14.09 18.44 8.38
C PRO B 61 -13.87 17.03 8.92
N ASN B 62 -14.66 16.10 8.42
CA ASN B 62 -14.60 14.71 8.86
C ASN B 62 -13.81 13.88 7.87
N PHE B 63 -12.62 13.49 8.25
CA PHE B 63 -11.79 12.66 7.40
C PHE B 63 -12.17 11.20 7.57
N GLU B 64 -12.56 10.55 6.48
CA GLU B 64 -13.03 9.18 6.55
C GLU B 64 -12.26 8.28 5.59
N ALA B 65 -11.41 7.44 6.14
CA ALA B 65 -10.64 6.50 5.34
C ALA B 65 -11.12 5.08 5.56
N VAL B 66 -11.67 4.48 4.52
CA VAL B 66 -12.19 3.13 4.59
C VAL B 66 -11.23 2.15 3.90
N ALA B 67 -10.99 1.02 4.55
CA ALA B 67 -10.04 0.04 4.03
C ALA B 67 -10.54 -1.39 4.25
N GLU B 68 -9.90 -2.33 3.58
CA GLU B 68 -10.23 -3.75 3.72
C GLU B 68 -9.23 -4.42 4.64
N VAL B 69 -9.68 -5.42 5.38
CA VAL B 69 -8.80 -6.16 6.29
C VAL B 69 -8.63 -7.59 5.79
N TYR B 70 -7.39 -7.95 5.44
CA TYR B 70 -7.11 -9.29 4.95
C TYR B 70 -6.00 -9.95 5.77
N ASN B 71 -6.09 -11.26 5.90
CA ASN B 71 -5.05 -12.04 6.56
C ASN B 71 -4.80 -13.31 5.74
N ASP B 72 -3.66 -13.94 5.98
CA ASP B 72 -3.33 -15.18 5.29
C ASP B 72 -3.95 -16.35 6.05
N ALA B 73 -3.89 -17.55 5.47
CA ALA B 73 -4.46 -18.73 6.09
C ALA B 73 -3.61 -19.22 7.28
N THR B 74 -3.51 -18.37 8.30
CA THR B 74 -2.75 -18.68 9.49
C THR B 74 -3.51 -19.69 10.36
N LYS B 75 -4.63 -19.24 10.92
CA LYS B 75 -5.51 -20.11 11.69
C LYS B 75 -6.74 -20.44 10.85
N LEU B 76 -6.69 -21.59 10.18
CA LEU B 76 -7.73 -21.95 9.23
C LEU B 76 -8.49 -23.19 9.69
N GLU B 77 -9.80 -23.17 9.46
CA GLU B 77 -10.65 -24.31 9.75
C GLU B 77 -10.88 -25.13 8.50
N HIS B 78 -11.56 -26.26 8.63
CA HIS B 78 -11.82 -27.14 7.49
C HIS B 78 -13.29 -27.55 7.43
N HIS B 79 -13.99 -27.40 8.55
CA HIS B 79 -15.40 -27.77 8.63
C HIS B 79 -16.16 -26.69 9.38
N HIS B 80 -16.72 -25.74 8.63
CA HIS B 80 -17.32 -24.55 9.22
C HIS B 80 -18.56 -24.87 10.04
N HIS B 81 -19.61 -25.34 9.34
CA HIS B 81 -20.92 -25.55 9.97
C HIS B 81 -21.55 -24.19 10.32
N HIS B 82 -22.83 -24.04 10.08
CA HIS B 82 -23.50 -22.77 10.32
C HIS B 82 -23.91 -22.65 11.79
N HIS B 83 -23.18 -21.82 12.52
CA HIS B 83 -23.49 -21.55 13.90
C HIS B 83 -23.27 -20.07 14.18
#